data_2CQ9
#
_entry.id   2CQ9
#
_entity_poly.entity_id   1
_entity_poly.type   'polypeptide(L)'
_entity_poly.pdbx_seq_one_letter_code
;GSSGSSGSLENLATAPVNQIQETISDNCVVIFSKTSCSYCTMAKKLFHDMNVNYKVVELDLLEYGNQFQDALYKMTGERT
VPRIFVNGTFIGGATDTHRLHKEGKLLPLVHQCYLKKSKRKEFQSGPSSG
;
_entity_poly.pdbx_strand_id   A
#
# COMPACT_ATOMS: atom_id res chain seq x y z
N GLY A 1 5.46 -7.44 -24.39
CA GLY A 1 6.48 -8.47 -24.37
C GLY A 1 7.65 -8.14 -25.28
N SER A 2 8.86 -8.38 -24.78
CA SER A 2 10.07 -8.10 -25.55
C SER A 2 11.12 -9.18 -25.33
N SER A 3 11.65 -9.73 -26.42
CA SER A 3 12.66 -10.78 -26.34
C SER A 3 13.98 -10.29 -26.92
N GLY A 4 15.06 -10.99 -26.58
CA GLY A 4 16.38 -10.62 -27.07
C GLY A 4 16.92 -9.38 -26.39
N SER A 5 18.21 -9.13 -26.57
CA SER A 5 18.86 -7.97 -25.97
C SER A 5 18.33 -7.72 -24.55
N SER A 6 18.17 -8.81 -23.80
CA SER A 6 17.67 -8.72 -22.43
C SER A 6 18.65 -9.37 -21.46
N GLY A 7 18.47 -9.07 -20.17
CA GLY A 7 19.34 -9.63 -19.16
C GLY A 7 20.45 -8.68 -18.75
N SER A 8 20.13 -7.39 -18.69
CA SER A 8 21.12 -6.37 -18.32
C SER A 8 20.44 -5.04 -18.04
N LEU A 9 20.54 -4.58 -16.80
CA LEU A 9 19.94 -3.31 -16.40
C LEU A 9 20.96 -2.43 -15.68
N GLU A 10 20.89 -1.13 -15.94
CA GLU A 10 21.80 -0.18 -15.32
C GLU A 10 21.86 -0.39 -13.81
N ASN A 11 23.03 -0.15 -13.23
CA ASN A 11 23.20 -0.32 -11.78
C ASN A 11 22.99 1.01 -11.06
N LEU A 12 22.16 0.99 -10.02
CA LEU A 12 21.87 2.18 -9.24
C LEU A 12 21.47 1.81 -7.81
N ALA A 13 21.61 2.78 -6.90
CA ALA A 13 21.26 2.56 -5.50
C ALA A 13 19.94 3.24 -5.16
N THR A 14 19.12 3.49 -6.18
CA THR A 14 17.83 4.14 -5.98
C THR A 14 16.70 3.29 -6.53
N ALA A 15 16.73 1.99 -6.22
CA ALA A 15 15.69 1.07 -6.69
C ALA A 15 14.31 1.64 -6.45
N PRO A 16 13.34 1.21 -7.30
CA PRO A 16 11.95 1.67 -7.20
C PRO A 16 11.25 1.12 -5.97
N VAL A 17 11.83 0.09 -5.37
CA VAL A 17 11.25 -0.54 -4.19
C VAL A 17 11.37 0.38 -2.97
N ASN A 18 12.56 0.95 -2.79
CA ASN A 18 12.81 1.85 -1.67
C ASN A 18 11.90 3.07 -1.74
N GLN A 19 11.69 3.57 -2.95
CA GLN A 19 10.83 4.74 -3.15
C GLN A 19 9.43 4.49 -2.62
N ILE A 20 8.99 3.23 -2.70
CA ILE A 20 7.66 2.86 -2.24
C ILE A 20 7.62 2.77 -0.73
N GLN A 21 8.61 2.09 -0.15
CA GLN A 21 8.68 1.94 1.30
C GLN A 21 8.44 3.27 2.01
N GLU A 22 8.97 4.34 1.44
CA GLU A 22 8.81 5.68 2.01
C GLU A 22 7.38 6.17 1.87
N THR A 23 6.75 5.82 0.73
CA THR A 23 5.38 6.23 0.47
C THR A 23 4.42 5.63 1.49
N ILE A 24 4.57 4.33 1.73
CA ILE A 24 3.71 3.63 2.68
C ILE A 24 4.00 4.08 4.11
N SER A 25 5.24 4.48 4.36
CA SER A 25 5.65 4.94 5.68
C SER A 25 5.00 6.28 6.02
N ASP A 26 5.08 7.23 5.09
CA ASP A 26 4.49 8.55 5.29
C ASP A 26 2.97 8.49 5.22
N ASN A 27 2.46 7.99 4.09
CA ASN A 27 1.02 7.89 3.89
C ASN A 27 0.40 6.96 4.93
N CYS A 28 -0.92 6.79 4.85
CA CYS A 28 -1.64 5.93 5.78
C CYS A 28 -2.13 4.67 5.07
N VAL A 29 -2.60 4.82 3.84
CA VAL A 29 -3.10 3.70 3.06
C VAL A 29 -2.83 3.90 1.57
N VAL A 30 -2.08 2.99 0.98
CA VAL A 30 -1.75 3.07 -0.44
C VAL A 30 -2.23 1.83 -1.19
N ILE A 31 -2.96 2.05 -2.28
CA ILE A 31 -3.48 0.95 -3.08
C ILE A 31 -2.83 0.92 -4.46
N PHE A 32 -1.84 0.04 -4.61
CA PHE A 32 -1.13 -0.10 -5.88
C PHE A 32 -1.84 -1.11 -6.79
N SER A 33 -2.54 -0.58 -7.80
CA SER A 33 -3.26 -1.43 -8.74
C SER A 33 -3.10 -0.92 -10.16
N LYS A 34 -3.55 -1.72 -11.13
CA LYS A 34 -3.46 -1.34 -12.54
C LYS A 34 -4.85 -1.24 -13.16
N THR A 35 -4.89 -1.02 -14.47
CA THR A 35 -6.16 -0.89 -15.18
C THR A 35 -6.37 -2.07 -16.13
N SER A 36 -6.04 -3.27 -15.66
CA SER A 36 -6.19 -4.47 -16.45
C SER A 36 -7.04 -5.51 -15.72
N CYS A 37 -7.37 -5.21 -14.46
CA CYS A 37 -8.18 -6.12 -13.65
C CYS A 37 -9.46 -5.44 -13.19
N SER A 38 -10.40 -6.23 -12.71
CA SER A 38 -11.69 -5.70 -12.24
C SER A 38 -11.64 -5.40 -10.74
N TYR A 39 -11.05 -6.31 -9.98
CA TYR A 39 -10.93 -6.13 -8.53
C TYR A 39 -10.39 -4.75 -8.20
N CYS A 40 -9.69 -4.14 -9.16
CA CYS A 40 -9.12 -2.81 -8.96
C CYS A 40 -10.17 -1.85 -8.41
N THR A 41 -11.41 -1.99 -8.87
CA THR A 41 -12.50 -1.12 -8.43
C THR A 41 -12.99 -1.53 -7.05
N MET A 42 -13.04 -2.85 -6.80
CA MET A 42 -13.49 -3.36 -5.52
C MET A 42 -12.82 -2.63 -4.36
N ALA A 43 -11.49 -2.65 -4.34
CA ALA A 43 -10.73 -1.98 -3.29
C ALA A 43 -11.22 -0.55 -3.10
N LYS A 44 -11.28 0.20 -4.19
CA LYS A 44 -11.73 1.60 -4.14
C LYS A 44 -13.11 1.69 -3.53
N LYS A 45 -14.03 0.86 -4.01
CA LYS A 45 -15.40 0.85 -3.50
C LYS A 45 -15.44 0.52 -2.02
N LEU A 46 -14.57 -0.40 -1.60
CA LEU A 46 -14.50 -0.80 -0.20
C LEU A 46 -14.18 0.39 0.69
N PHE A 47 -13.05 1.03 0.43
CA PHE A 47 -12.63 2.19 1.21
C PHE A 47 -13.59 3.36 1.02
N HIS A 48 -13.86 3.70 -0.25
CA HIS A 48 -14.75 4.80 -0.57
C HIS A 48 -16.03 4.73 0.27
N ASP A 49 -16.62 3.54 0.35
CA ASP A 49 -17.83 3.34 1.12
C ASP A 49 -17.56 3.53 2.61
N MET A 50 -16.36 3.16 3.04
CA MET A 50 -15.98 3.29 4.44
C MET A 50 -15.64 4.74 4.78
N ASN A 51 -15.57 5.58 3.75
CA ASN A 51 -15.25 6.99 3.95
C ASN A 51 -13.86 7.16 4.55
N VAL A 52 -12.95 6.24 4.20
CA VAL A 52 -11.59 6.29 4.69
C VAL A 52 -10.63 6.79 3.62
N ASN A 53 -10.18 8.05 3.77
CA ASN A 53 -9.26 8.65 2.82
C ASN A 53 -8.22 7.63 2.36
N TYR A 54 -8.30 7.25 1.08
CA TYR A 54 -7.35 6.29 0.52
C TYR A 54 -6.54 6.92 -0.61
N LYS A 55 -5.47 6.24 -1.00
CA LYS A 55 -4.61 6.72 -2.07
C LYS A 55 -4.27 5.61 -3.06
N VAL A 56 -4.89 5.65 -4.23
CA VAL A 56 -4.65 4.65 -5.26
C VAL A 56 -3.65 5.14 -6.29
N VAL A 57 -2.96 4.20 -6.94
CA VAL A 57 -1.97 4.54 -7.95
C VAL A 57 -2.00 3.54 -9.11
N GLU A 58 -2.30 4.04 -10.31
CA GLU A 58 -2.36 3.20 -11.49
C GLU A 58 -0.97 3.03 -12.12
N LEU A 59 -0.44 1.82 -12.04
CA LEU A 59 0.88 1.54 -12.60
C LEU A 59 0.80 1.35 -14.12
N ASP A 60 -0.26 0.70 -14.58
CA ASP A 60 -0.46 0.46 -15.99
C ASP A 60 -0.25 1.74 -16.80
N LEU A 61 -0.83 2.84 -16.31
CA LEU A 61 -0.70 4.13 -16.98
C LEU A 61 0.68 4.74 -16.74
N LEU A 62 1.22 4.50 -15.56
CA LEU A 62 2.54 5.02 -15.21
C LEU A 62 3.61 4.50 -16.17
N GLU A 63 4.40 5.41 -16.72
CA GLU A 63 5.46 5.05 -17.64
C GLU A 63 6.39 4.00 -17.02
N TYR A 64 6.78 4.23 -15.78
CA TYR A 64 7.67 3.31 -15.08
C TYR A 64 6.87 2.31 -14.24
N GLY A 65 5.74 1.86 -14.79
CA GLY A 65 4.91 0.90 -14.08
C GLY A 65 5.56 -0.46 -13.95
N ASN A 66 6.06 -0.99 -15.07
CA ASN A 66 6.72 -2.28 -15.07
C ASN A 66 7.79 -2.36 -13.99
N GLN A 67 8.26 -1.20 -13.54
CA GLN A 67 9.28 -1.13 -12.50
C GLN A 67 8.67 -1.34 -11.12
N PHE A 68 7.93 -0.34 -10.65
CA PHE A 68 7.30 -0.40 -9.34
C PHE A 68 6.43 -1.66 -9.23
N GLN A 69 6.13 -2.28 -10.36
CA GLN A 69 5.31 -3.47 -10.40
C GLN A 69 6.05 -4.66 -9.79
N ASP A 70 7.33 -4.80 -10.14
CA ASP A 70 8.15 -5.89 -9.65
C ASP A 70 8.49 -5.68 -8.17
N ALA A 71 9.07 -4.52 -7.86
CA ALA A 71 9.43 -4.19 -6.49
C ALA A 71 8.37 -4.67 -5.51
N LEU A 72 7.11 -4.41 -5.83
CA LEU A 72 6.00 -4.81 -4.98
C LEU A 72 5.88 -6.33 -4.92
N TYR A 73 5.88 -6.95 -6.10
CA TYR A 73 5.76 -8.41 -6.19
C TYR A 73 6.72 -9.09 -5.21
N LYS A 74 7.81 -8.42 -4.88
CA LYS A 74 8.80 -8.96 -3.95
C LYS A 74 8.38 -8.68 -2.50
N MET A 75 7.74 -7.55 -2.27
CA MET A 75 7.30 -7.18 -0.94
C MET A 75 6.04 -7.95 -0.56
N THR A 76 5.36 -8.50 -1.55
CA THR A 76 4.13 -9.26 -1.33
C THR A 76 4.33 -10.73 -1.65
N GLY A 77 5.13 -11.01 -2.67
CA GLY A 77 5.39 -12.39 -3.06
C GLY A 77 4.50 -12.85 -4.19
N GLU A 78 3.55 -12.00 -4.58
CA GLU A 78 2.63 -12.33 -5.66
C GLU A 78 2.53 -11.18 -6.67
N ARG A 79 1.78 -11.40 -7.74
CA ARG A 79 1.61 -10.39 -8.77
C ARG A 79 0.13 -10.17 -9.09
N THR A 80 -0.67 -9.98 -8.06
CA THR A 80 -2.11 -9.77 -8.22
C THR A 80 -2.50 -8.34 -7.85
N VAL A 81 -3.61 -7.88 -8.42
CA VAL A 81 -4.09 -6.52 -8.14
C VAL A 81 -5.60 -6.52 -7.93
N PRO A 82 -6.10 -5.47 -7.26
CA PRO A 82 -5.26 -4.38 -6.75
C PRO A 82 -4.38 -4.83 -5.59
N ARG A 83 -3.60 -3.89 -5.07
CA ARG A 83 -2.70 -4.18 -3.95
C ARG A 83 -2.84 -3.13 -2.85
N ILE A 84 -3.36 -3.55 -1.70
CA ILE A 84 -3.55 -2.65 -0.57
C ILE A 84 -2.40 -2.78 0.43
N PHE A 85 -1.82 -1.65 0.81
CA PHE A 85 -0.72 -1.63 1.76
C PHE A 85 -1.06 -0.77 2.98
N VAL A 86 -1.08 -1.39 4.15
CA VAL A 86 -1.38 -0.68 5.38
C VAL A 86 -0.27 -0.84 6.40
N ASN A 87 0.29 0.28 6.84
CA ASN A 87 1.37 0.26 7.82
C ASN A 87 2.58 -0.49 7.28
N GLY A 88 2.88 -0.28 5.99
CA GLY A 88 4.01 -0.95 5.38
C GLY A 88 3.89 -2.46 5.44
N THR A 89 2.67 -2.95 5.50
CA THR A 89 2.42 -4.39 5.56
C THR A 89 1.30 -4.79 4.61
N PHE A 90 1.60 -5.73 3.71
CA PHE A 90 0.63 -6.21 2.74
C PHE A 90 -0.47 -7.02 3.43
N ILE A 91 -1.37 -6.32 4.11
CA ILE A 91 -2.47 -6.97 4.81
C ILE A 91 -3.22 -7.93 3.90
N GLY A 92 -3.08 -7.72 2.59
CA GLY A 92 -3.74 -8.58 1.63
C GLY A 92 -4.19 -7.83 0.39
N GLY A 93 -4.97 -8.49 -0.46
CA GLY A 93 -5.44 -7.86 -1.68
C GLY A 93 -6.86 -7.33 -1.54
N ALA A 94 -7.53 -7.14 -2.67
CA ALA A 94 -8.89 -6.63 -2.68
C ALA A 94 -9.80 -7.49 -1.81
N THR A 95 -9.87 -8.78 -2.14
CA THR A 95 -10.70 -9.71 -1.38
C THR A 95 -10.32 -9.72 0.09
N ASP A 96 -9.08 -10.07 0.38
CA ASP A 96 -8.59 -10.11 1.76
C ASP A 96 -8.98 -8.84 2.51
N THR A 97 -8.55 -7.70 1.99
CA THR A 97 -8.86 -6.42 2.62
C THR A 97 -10.35 -6.29 2.93
N HIS A 98 -11.17 -6.78 2.01
CA HIS A 98 -12.62 -6.72 2.20
C HIS A 98 -13.05 -7.58 3.37
N ARG A 99 -12.48 -8.78 3.48
CA ARG A 99 -12.82 -9.69 4.57
C ARG A 99 -12.43 -9.10 5.92
N LEU A 100 -11.22 -8.53 5.98
CA LEU A 100 -10.73 -7.93 7.21
C LEU A 100 -11.77 -6.98 7.80
N HIS A 101 -12.13 -5.95 7.06
CA HIS A 101 -13.11 -4.97 7.51
C HIS A 101 -14.28 -5.67 8.21
N LYS A 102 -14.71 -6.79 7.64
CA LYS A 102 -15.82 -7.56 8.21
C LYS A 102 -15.47 -8.09 9.59
N GLU A 103 -14.31 -8.73 9.70
CA GLU A 103 -13.85 -9.29 10.96
C GLU A 103 -13.27 -8.19 11.86
N GLY A 104 -13.18 -6.98 11.33
CA GLY A 104 -12.64 -5.87 12.08
C GLY A 104 -11.14 -5.97 12.27
N LYS A 105 -10.46 -6.57 11.31
CA LYS A 105 -9.02 -6.73 11.37
C LYS A 105 -8.32 -5.72 10.45
N LEU A 106 -9.08 -4.74 9.99
CA LEU A 106 -8.54 -3.71 9.11
C LEU A 106 -8.65 -2.32 9.74
N LEU A 107 -9.76 -2.08 10.42
CA LEU A 107 -9.99 -0.80 11.07
C LEU A 107 -8.95 -0.56 12.17
N PRO A 108 -8.68 -1.60 12.97
CA PRO A 108 -7.70 -1.52 14.06
C PRO A 108 -6.38 -0.90 13.61
N LEU A 109 -6.07 -1.01 12.33
CA LEU A 109 -4.85 -0.45 11.79
C LEU A 109 -5.09 0.94 11.20
N VAL A 110 -6.21 1.10 10.51
CA VAL A 110 -6.57 2.38 9.90
C VAL A 110 -6.54 3.50 10.94
N HIS A 111 -6.82 3.15 12.19
CA HIS A 111 -6.81 4.13 13.27
C HIS A 111 -5.47 4.14 13.99
N GLN A 112 -4.42 3.77 13.27
CA GLN A 112 -3.08 3.75 13.84
C GLN A 112 -2.13 4.67 13.08
N CYS A 113 -2.19 4.60 11.76
CA CYS A 113 -1.34 5.42 10.91
C CYS A 113 -1.34 6.86 11.38
N TYR A 114 -2.54 7.41 11.59
CA TYR A 114 -2.67 8.79 12.04
C TYR A 114 -2.38 8.90 13.54
N LEU A 115 -2.79 7.90 14.30
CA LEU A 115 -2.58 7.89 15.73
C LEU A 115 -1.08 7.88 16.07
N LYS A 116 -0.73 8.48 17.19
CA LYS A 116 0.66 8.54 17.62
C LYS A 116 1.48 9.43 16.69
N LYS A 117 0.93 10.60 16.39
CA LYS A 117 1.62 11.56 15.53
C LYS A 117 1.82 12.90 16.22
N SER A 118 0.74 13.42 16.80
CA SER A 118 0.80 14.70 17.51
C SER A 118 2.13 14.85 18.25
N LYS A 119 2.68 16.06 18.23
CA LYS A 119 3.95 16.33 18.91
C LYS A 119 3.92 15.84 20.35
N ARG A 120 4.91 15.04 20.72
CA ARG A 120 4.99 14.50 22.07
C ARG A 120 6.44 14.16 22.43
N LYS A 121 6.69 13.97 23.71
CA LYS A 121 8.03 13.63 24.19
C LYS A 121 8.47 12.27 23.68
N GLU A 122 9.00 12.25 22.45
CA GLU A 122 9.46 11.02 21.84
C GLU A 122 10.58 11.29 20.83
N PHE A 123 11.61 10.45 20.86
CA PHE A 123 12.74 10.61 19.95
C PHE A 123 12.50 9.84 18.65
N GLN A 124 12.59 10.56 17.53
CA GLN A 124 12.38 9.94 16.22
C GLN A 124 13.62 10.09 15.34
N SER A 125 13.90 9.08 14.54
CA SER A 125 15.06 9.09 13.65
C SER A 125 14.90 10.15 12.57
N GLY A 126 15.79 11.15 12.59
CA GLY A 126 15.73 12.21 11.60
C GLY A 126 17.11 12.60 11.10
N PRO A 127 17.19 13.00 9.82
CA PRO A 127 18.44 13.42 9.19
C PRO A 127 18.96 14.74 9.73
N SER A 128 20.25 14.96 9.62
CA SER A 128 20.87 16.19 10.10
C SER A 128 22.32 16.29 9.63
N SER A 129 22.71 17.49 9.21
CA SER A 129 24.07 17.73 8.73
C SER A 129 24.72 18.90 9.46
N GLY A 130 24.10 20.08 9.35
CA GLY A 130 24.62 21.26 10.01
C GLY A 130 23.54 22.16 10.54
N GLY A 1 17.47 -15.29 9.30
CA GLY A 1 17.75 -15.88 8.01
C GLY A 1 16.48 -16.28 7.27
N SER A 2 16.60 -17.25 6.36
CA SER A 2 15.46 -17.70 5.58
C SER A 2 14.99 -16.62 4.62
N SER A 3 15.95 -15.95 3.97
CA SER A 3 15.64 -14.89 3.03
C SER A 3 16.15 -15.23 1.64
N GLY A 4 15.51 -14.66 0.62
CA GLY A 4 15.92 -14.93 -0.75
C GLY A 4 16.73 -13.79 -1.34
N SER A 5 17.71 -13.31 -0.59
CA SER A 5 18.55 -12.22 -1.03
C SER A 5 20.02 -12.63 -1.07
N SER A 6 20.77 -12.07 -2.00
CA SER A 6 22.19 -12.39 -2.14
C SER A 6 23.04 -11.15 -1.93
N GLY A 7 23.94 -11.21 -0.95
CA GLY A 7 24.80 -10.08 -0.66
C GLY A 7 24.05 -8.90 -0.06
N SER A 8 24.36 -8.58 1.19
CA SER A 8 23.70 -7.48 1.88
C SER A 8 24.66 -6.31 2.05
N LEU A 9 24.80 -5.51 1.00
CA LEU A 9 25.68 -4.34 1.03
C LEU A 9 24.88 -3.05 1.04
N GLU A 10 25.30 -2.10 1.86
CA GLU A 10 24.61 -0.82 1.96
C GLU A 10 24.95 0.08 0.78
N ASN A 11 24.08 0.07 -0.23
CA ASN A 11 24.30 0.88 -1.42
C ASN A 11 23.16 1.89 -1.61
N LEU A 12 23.39 2.86 -2.48
CA LEU A 12 22.39 3.90 -2.75
C LEU A 12 22.15 4.04 -4.24
N ALA A 13 21.35 3.15 -4.80
CA ALA A 13 21.04 3.18 -6.23
C ALA A 13 19.62 3.68 -6.46
N THR A 14 19.08 4.41 -5.49
CA THR A 14 17.74 4.95 -5.59
C THR A 14 16.79 3.94 -6.25
N ALA A 15 16.78 2.72 -5.73
CA ALA A 15 15.92 1.68 -6.26
C ALA A 15 14.45 2.10 -6.23
N PRO A 16 13.61 1.39 -6.99
CA PRO A 16 12.17 1.67 -7.07
C PRO A 16 11.44 1.33 -5.77
N VAL A 17 11.75 0.16 -5.22
CA VAL A 17 11.12 -0.28 -3.98
C VAL A 17 11.16 0.81 -2.92
N ASN A 18 12.28 1.53 -2.87
CA ASN A 18 12.46 2.60 -1.90
C ASN A 18 11.40 3.68 -2.09
N GLN A 19 11.21 4.10 -3.35
CA GLN A 19 10.22 5.12 -3.67
C GLN A 19 8.84 4.71 -3.20
N ILE A 20 8.62 3.41 -3.06
CA ILE A 20 7.34 2.89 -2.60
C ILE A 20 7.24 2.88 -1.09
N GLN A 21 8.32 2.49 -0.44
CA GLN A 21 8.37 2.43 1.02
C GLN A 21 8.09 3.81 1.63
N GLU A 22 8.58 4.84 0.96
CA GLU A 22 8.39 6.21 1.44
C GLU A 22 6.93 6.65 1.27
N THR A 23 6.28 6.13 0.23
CA THR A 23 4.90 6.48 -0.05
C THR A 23 3.96 5.81 0.95
N ILE A 24 4.18 4.51 1.20
CA ILE A 24 3.36 3.76 2.14
C ILE A 24 3.60 4.23 3.57
N SER A 25 4.84 4.62 3.86
CA SER A 25 5.20 5.09 5.19
C SER A 25 4.56 6.44 5.48
N ASP A 26 4.61 7.33 4.50
CA ASP A 26 4.04 8.66 4.64
C ASP A 26 2.51 8.62 4.56
N ASN A 27 2.00 7.85 3.60
CA ASN A 27 0.56 7.73 3.41
C ASN A 27 0.00 6.61 4.29
N CYS A 28 -1.31 6.65 4.51
CA CYS A 28 -1.98 5.64 5.33
C CYS A 28 -2.30 4.40 4.50
N VAL A 29 -3.00 4.61 3.39
CA VAL A 29 -3.37 3.50 2.51
C VAL A 29 -2.94 3.78 1.08
N VAL A 30 -2.47 2.73 0.40
CA VAL A 30 -2.02 2.86 -0.99
C VAL A 30 -2.56 1.73 -1.84
N ILE A 31 -3.27 2.07 -2.91
CA ILE A 31 -3.85 1.09 -3.80
C ILE A 31 -3.18 1.13 -5.17
N PHE A 32 -2.40 0.09 -5.48
CA PHE A 32 -1.70 0.02 -6.75
C PHE A 32 -2.46 -0.87 -7.73
N SER A 33 -2.98 -0.25 -8.79
CA SER A 33 -3.74 -0.98 -9.80
C SER A 33 -3.08 -0.84 -11.17
N LYS A 34 -3.45 -1.74 -12.09
CA LYS A 34 -2.91 -1.72 -13.44
C LYS A 34 -4.02 -1.59 -14.47
N THR A 35 -5.10 -0.91 -14.10
CA THR A 35 -6.23 -0.72 -15.00
C THR A 35 -6.42 -1.94 -15.91
N SER A 36 -6.44 -3.12 -15.31
CA SER A 36 -6.60 -4.36 -16.07
C SER A 36 -7.63 -5.27 -15.40
N CYS A 37 -7.52 -5.40 -14.08
CA CYS A 37 -8.44 -6.24 -13.31
C CYS A 37 -9.65 -5.44 -12.85
N SER A 38 -10.68 -6.16 -12.41
CA SER A 38 -11.91 -5.52 -11.94
C SER A 38 -11.83 -5.20 -10.45
N TYR A 39 -11.17 -6.09 -9.71
CA TYR A 39 -11.02 -5.92 -8.26
C TYR A 39 -10.42 -4.56 -7.94
N CYS A 40 -9.79 -3.94 -8.94
CA CYS A 40 -9.18 -2.63 -8.76
C CYS A 40 -10.18 -1.64 -8.15
N THR A 41 -11.41 -1.70 -8.61
CA THR A 41 -12.46 -0.81 -8.12
C THR A 41 -12.92 -1.22 -6.73
N MET A 42 -13.09 -2.52 -6.53
CA MET A 42 -13.53 -3.03 -5.23
C MET A 42 -12.78 -2.34 -4.09
N ALA A 43 -11.46 -2.29 -4.20
CA ALA A 43 -10.63 -1.66 -3.18
C ALA A 43 -11.03 -0.20 -2.98
N LYS A 44 -10.99 0.58 -4.05
CA LYS A 44 -11.35 1.99 -3.98
C LYS A 44 -12.71 2.18 -3.33
N LYS A 45 -13.72 1.50 -3.88
CA LYS A 45 -15.08 1.58 -3.35
C LYS A 45 -15.11 1.19 -1.87
N LEU A 46 -14.41 0.12 -1.53
CA LEU A 46 -14.36 -0.35 -0.15
C LEU A 46 -13.98 0.77 0.80
N PHE A 47 -12.77 1.30 0.63
CA PHE A 47 -12.28 2.39 1.47
C PHE A 47 -13.17 3.62 1.32
N HIS A 48 -13.50 3.96 0.08
CA HIS A 48 -14.34 5.12 -0.19
C HIS A 48 -15.57 5.13 0.72
N ASP A 49 -16.27 4.01 0.78
CA ASP A 49 -17.46 3.89 1.62
C ASP A 49 -17.09 4.02 3.09
N MET A 50 -15.86 3.64 3.43
CA MET A 50 -15.40 3.70 4.81
C MET A 50 -14.96 5.12 5.16
N ASN A 51 -14.83 5.97 4.16
CA ASN A 51 -14.42 7.35 4.37
C ASN A 51 -12.99 7.42 4.88
N VAL A 52 -12.13 6.54 4.36
CA VAL A 52 -10.73 6.50 4.77
C VAL A 52 -9.83 6.97 3.64
N ASN A 53 -9.44 8.24 3.69
CA ASN A 53 -8.57 8.82 2.67
C ASN A 53 -7.56 7.79 2.17
N TYR A 54 -7.65 7.45 0.89
CA TYR A 54 -6.75 6.48 0.28
C TYR A 54 -5.93 7.11 -0.83
N LYS A 55 -4.96 6.36 -1.34
CA LYS A 55 -4.10 6.84 -2.42
C LYS A 55 -3.90 5.76 -3.48
N VAL A 56 -4.55 5.93 -4.63
CA VAL A 56 -4.43 4.97 -5.71
C VAL A 56 -3.33 5.37 -6.68
N VAL A 57 -2.66 4.37 -7.24
CA VAL A 57 -1.57 4.62 -8.19
C VAL A 57 -1.61 3.62 -9.33
N GLU A 58 -1.97 4.11 -10.52
CA GLU A 58 -2.05 3.25 -11.70
C GLU A 58 -0.66 2.98 -12.27
N LEU A 59 -0.25 1.72 -12.23
CA LEU A 59 1.06 1.32 -12.74
C LEU A 59 1.02 1.15 -14.25
N ASP A 60 0.08 0.34 -14.73
CA ASP A 60 -0.06 0.08 -16.15
C ASP A 60 0.21 1.34 -16.96
N LEU A 61 -0.23 2.48 -16.44
CA LEU A 61 -0.05 3.76 -17.11
C LEU A 61 1.35 4.32 -16.84
N LEU A 62 1.84 4.10 -15.63
CA LEU A 62 3.17 4.57 -15.25
C LEU A 62 4.23 4.08 -16.23
N GLU A 63 5.01 5.02 -16.76
CA GLU A 63 6.06 4.70 -17.72
C GLU A 63 6.95 3.57 -17.19
N TYR A 64 7.30 3.67 -15.91
CA TYR A 64 8.15 2.67 -15.28
C TYR A 64 7.32 1.66 -14.49
N GLY A 65 6.18 1.27 -15.05
CA GLY A 65 5.31 0.32 -14.39
C GLY A 65 5.97 -1.03 -14.18
N ASN A 66 6.47 -1.61 -15.26
CA ASN A 66 7.13 -2.91 -15.20
C ASN A 66 8.16 -2.94 -14.08
N GLN A 67 8.65 -1.76 -13.70
CA GLN A 67 9.65 -1.66 -12.64
C GLN A 67 9.00 -1.79 -11.27
N PHE A 68 8.24 -0.78 -10.88
CA PHE A 68 7.56 -0.78 -9.60
C PHE A 68 6.71 -2.02 -9.43
N GLN A 69 6.45 -2.71 -10.52
CA GLN A 69 5.65 -3.93 -10.51
C GLN A 69 6.40 -5.07 -9.83
N ASP A 70 7.66 -5.26 -10.22
CA ASP A 70 8.49 -6.30 -9.65
C ASP A 70 8.75 -6.06 -8.16
N ALA A 71 9.20 -4.86 -7.85
CA ALA A 71 9.48 -4.49 -6.47
C ALA A 71 8.30 -4.82 -5.55
N LEU A 72 7.10 -4.51 -6.01
CA LEU A 72 5.89 -4.78 -5.23
C LEU A 72 5.73 -6.29 -5.01
N TYR A 73 5.73 -7.04 -6.10
CA TYR A 73 5.57 -8.49 -6.02
C TYR A 73 6.36 -9.07 -4.86
N LYS A 74 7.51 -8.46 -4.57
CA LYS A 74 8.37 -8.90 -3.47
C LYS A 74 7.83 -8.42 -2.13
N MET A 75 7.29 -7.20 -2.12
CA MET A 75 6.74 -6.61 -0.91
C MET A 75 5.31 -7.08 -0.68
N THR A 76 4.73 -7.73 -1.69
CA THR A 76 3.36 -8.22 -1.60
C THR A 76 3.33 -9.75 -1.57
N GLY A 77 4.34 -10.36 -2.19
CA GLY A 77 4.41 -11.82 -2.23
C GLY A 77 3.09 -12.45 -2.65
N GLU A 78 2.33 -11.73 -3.46
CA GLU A 78 1.04 -12.24 -3.93
C GLU A 78 0.99 -12.28 -5.46
N ARG A 79 1.50 -11.22 -6.09
CA ARG A 79 1.51 -11.15 -7.55
C ARG A 79 0.09 -10.98 -8.09
N THR A 80 -0.66 -10.05 -7.51
CA THR A 80 -2.03 -9.80 -7.94
C THR A 80 -2.43 -8.35 -7.65
N VAL A 81 -3.55 -7.93 -8.22
CA VAL A 81 -4.05 -6.57 -8.03
C VAL A 81 -5.56 -6.57 -7.80
N PRO A 82 -6.05 -5.48 -7.20
CA PRO A 82 -5.23 -4.36 -6.76
C PRO A 82 -4.33 -4.73 -5.58
N ARG A 83 -3.48 -3.79 -5.18
CA ARG A 83 -2.57 -4.02 -4.06
C ARG A 83 -2.81 -2.99 -2.95
N ILE A 84 -3.22 -3.47 -1.79
CA ILE A 84 -3.49 -2.60 -0.65
C ILE A 84 -2.33 -2.62 0.33
N PHE A 85 -1.99 -1.44 0.87
CA PHE A 85 -0.90 -1.33 1.83
C PHE A 85 -1.31 -0.48 3.03
N VAL A 86 -1.28 -1.09 4.21
CA VAL A 86 -1.65 -0.39 5.43
C VAL A 86 -0.45 -0.24 6.37
N ASN A 87 -0.14 1.00 6.72
CA ASN A 87 0.99 1.28 7.61
C ASN A 87 2.27 0.65 7.07
N GLY A 88 2.42 0.68 5.76
CA GLY A 88 3.61 0.12 5.14
C GLY A 88 3.69 -1.39 5.29
N THR A 89 2.56 -2.06 5.11
CA THR A 89 2.50 -3.51 5.25
C THR A 89 1.42 -4.10 4.34
N PHE A 90 1.75 -5.21 3.69
CA PHE A 90 0.81 -5.87 2.79
C PHE A 90 -0.15 -6.76 3.57
N ILE A 91 -1.30 -6.20 3.94
CA ILE A 91 -2.30 -6.94 4.69
C ILE A 91 -3.08 -7.89 3.78
N GLY A 92 -3.04 -7.61 2.49
CA GLY A 92 -3.74 -8.45 1.53
C GLY A 92 -4.17 -7.69 0.30
N GLY A 93 -5.14 -8.23 -0.43
CA GLY A 93 -5.63 -7.57 -1.62
C GLY A 93 -7.10 -7.21 -1.54
N ALA A 94 -7.72 -6.96 -2.69
CA ALA A 94 -9.13 -6.61 -2.73
C ALA A 94 -9.96 -7.54 -1.87
N THR A 95 -9.96 -8.83 -2.22
CA THR A 95 -10.72 -9.82 -1.47
C THR A 95 -10.34 -9.82 0.00
N ASP A 96 -9.14 -10.26 0.30
CA ASP A 96 -8.65 -10.30 1.67
C ASP A 96 -9.00 -9.02 2.42
N THR A 97 -8.45 -7.91 1.95
CA THR A 97 -8.71 -6.61 2.57
C THR A 97 -10.19 -6.42 2.86
N HIS A 98 -11.03 -6.84 1.93
CA HIS A 98 -12.49 -6.72 2.09
C HIS A 98 -12.95 -7.55 3.29
N ARG A 99 -12.37 -8.73 3.46
CA ARG A 99 -12.74 -9.61 4.56
C ARG A 99 -12.25 -9.05 5.89
N LEU A 100 -11.00 -8.62 5.93
CA LEU A 100 -10.42 -8.06 7.15
C LEU A 100 -11.39 -7.09 7.81
N HIS A 101 -11.91 -6.15 7.03
CA HIS A 101 -12.86 -5.16 7.54
C HIS A 101 -14.07 -5.85 8.17
N LYS A 102 -14.50 -6.94 7.56
CA LYS A 102 -15.66 -7.69 8.05
C LYS A 102 -15.36 -8.29 9.43
N GLU A 103 -14.34 -9.14 9.50
CA GLU A 103 -13.97 -9.77 10.75
C GLU A 103 -13.45 -8.74 11.76
N GLY A 104 -12.98 -7.61 11.24
CA GLY A 104 -12.46 -6.56 12.09
C GLY A 104 -10.95 -6.61 12.23
N LYS A 105 -10.30 -7.30 11.31
CA LYS A 105 -8.85 -7.43 11.32
C LYS A 105 -8.19 -6.33 10.49
N LEU A 106 -8.99 -5.36 10.07
CA LEU A 106 -8.49 -4.26 9.26
C LEU A 106 -8.55 -2.94 10.04
N LEU A 107 -9.64 -2.72 10.75
CA LEU A 107 -9.82 -1.51 11.54
C LEU A 107 -8.71 -1.37 12.57
N PRO A 108 -8.38 -2.48 13.24
CA PRO A 108 -7.32 -2.50 14.26
C PRO A 108 -6.04 -1.83 13.79
N LEU A 109 -5.80 -1.86 12.47
CA LEU A 109 -4.61 -1.25 11.90
C LEU A 109 -4.87 0.21 11.55
N VAL A 110 -5.99 0.47 10.89
CA VAL A 110 -6.36 1.82 10.50
C VAL A 110 -6.13 2.80 11.64
N HIS A 111 -6.47 2.39 12.85
CA HIS A 111 -6.30 3.24 14.03
C HIS A 111 -4.82 3.50 14.29
N GLN A 112 -4.02 2.44 14.27
CA GLN A 112 -2.58 2.56 14.51
C GLN A 112 -1.95 3.56 13.54
N CYS A 113 -2.47 3.60 12.32
CA CYS A 113 -1.96 4.52 11.30
C CYS A 113 -2.09 5.97 11.76
N TYR A 114 -3.30 6.36 12.14
CA TYR A 114 -3.55 7.72 12.60
C TYR A 114 -3.89 7.74 14.09
N LEU A 115 -3.26 6.84 14.84
CA LEU A 115 -3.49 6.76 16.28
C LEU A 115 -3.11 8.05 16.97
N LYS A 116 -4.09 8.69 17.61
CA LYS A 116 -3.86 9.95 18.32
C LYS A 116 -2.72 9.80 19.31
N LYS A 117 -2.49 10.86 20.09
CA LYS A 117 -1.44 10.85 21.10
C LYS A 117 -1.62 9.71 22.09
N SER A 118 -0.63 8.84 22.19
CA SER A 118 -0.69 7.70 23.09
C SER A 118 0.63 7.52 23.83
N LYS A 119 0.55 7.29 25.14
CA LYS A 119 1.74 7.09 25.96
C LYS A 119 2.08 5.61 26.09
N ARG A 120 3.37 5.29 26.10
CA ARG A 120 3.82 3.92 26.21
C ARG A 120 4.96 3.80 27.21
N LYS A 121 5.43 2.58 27.44
CA LYS A 121 6.53 2.34 28.36
C LYS A 121 7.04 0.90 28.23
N GLU A 122 8.35 0.77 28.02
CA GLU A 122 8.97 -0.53 27.87
C GLU A 122 10.22 -0.65 28.74
N PHE A 123 10.44 -1.82 29.31
CA PHE A 123 11.61 -2.06 30.16
C PHE A 123 12.90 -2.03 29.34
N GLN A 124 13.99 -1.61 29.97
CA GLN A 124 15.28 -1.53 29.31
C GLN A 124 16.07 -2.81 29.51
N SER A 125 16.39 -3.49 28.42
CA SER A 125 17.15 -4.73 28.48
C SER A 125 18.59 -4.52 28.04
N GLY A 126 19.53 -4.68 28.97
CA GLY A 126 20.94 -4.51 28.67
C GLY A 126 21.48 -5.61 27.78
N PRO A 127 22.70 -5.41 27.27
CA PRO A 127 23.36 -6.38 26.40
C PRO A 127 23.77 -7.65 27.14
N SER A 128 22.94 -8.68 27.02
CA SER A 128 23.22 -9.95 27.70
C SER A 128 23.98 -10.90 26.77
N SER A 129 24.47 -12.00 27.33
CA SER A 129 25.22 -12.98 26.56
C SER A 129 24.46 -14.30 26.49
N GLY A 130 23.53 -14.38 25.54
CA GLY A 130 22.75 -15.60 25.38
C GLY A 130 23.08 -16.34 24.10
N GLY A 1 25.68 -1.88 -13.86
CA GLY A 1 24.65 -2.68 -14.50
C GLY A 1 23.26 -2.12 -14.26
N SER A 2 22.32 -2.49 -15.12
CA SER A 2 20.94 -2.02 -15.00
C SER A 2 19.95 -3.17 -15.15
N SER A 3 20.00 -3.85 -16.30
CA SER A 3 19.12 -4.97 -16.57
C SER A 3 19.38 -6.12 -15.59
N GLY A 4 18.35 -6.50 -14.84
CA GLY A 4 18.49 -7.58 -13.89
C GLY A 4 19.19 -7.14 -12.61
N SER A 5 20.31 -7.77 -12.31
CA SER A 5 21.07 -7.44 -11.10
C SER A 5 20.24 -7.70 -9.84
N SER A 6 19.53 -8.83 -9.84
CA SER A 6 18.69 -9.19 -8.70
C SER A 6 19.48 -10.00 -7.68
N GLY A 7 20.22 -9.29 -6.82
CA GLY A 7 21.02 -9.96 -5.80
C GLY A 7 21.53 -9.00 -4.75
N SER A 8 22.61 -9.38 -4.08
CA SER A 8 23.19 -8.55 -3.03
C SER A 8 23.73 -7.25 -3.61
N LEU A 9 24.02 -6.30 -2.74
CA LEU A 9 24.54 -5.01 -3.17
C LEU A 9 25.58 -4.48 -2.17
N GLU A 10 26.53 -3.70 -2.67
CA GLU A 10 27.57 -3.13 -1.82
C GLU A 10 27.16 -1.75 -1.30
N ASN A 11 26.64 -0.92 -2.20
CA ASN A 11 26.21 0.43 -1.84
C ASN A 11 24.76 0.66 -2.24
N LEU A 12 24.19 1.74 -1.73
CA LEU A 12 22.79 2.08 -2.03
C LEU A 12 22.63 2.42 -3.51
N ALA A 13 21.62 1.83 -4.14
CA ALA A 13 21.35 2.08 -5.55
C ALA A 13 20.00 2.75 -5.74
N THR A 14 19.51 3.39 -4.69
CA THR A 14 18.23 4.08 -4.73
C THR A 14 17.19 3.27 -5.53
N ALA A 15 17.25 1.95 -5.37
CA ALA A 15 16.33 1.06 -6.05
C ALA A 15 14.91 1.61 -6.02
N PRO A 16 14.04 1.06 -6.87
CA PRO A 16 12.63 1.48 -6.96
C PRO A 16 11.83 1.08 -5.73
N VAL A 17 11.96 -0.17 -5.31
CA VAL A 17 11.24 -0.67 -4.14
C VAL A 17 11.35 0.31 -2.98
N ASN A 18 12.56 0.82 -2.75
CA ASN A 18 12.79 1.77 -1.66
C ASN A 18 11.85 2.96 -1.77
N GLN A 19 11.76 3.54 -2.97
CA GLN A 19 10.88 4.69 -3.20
C GLN A 19 9.46 4.39 -2.73
N ILE A 20 9.00 3.16 -2.96
CA ILE A 20 7.66 2.76 -2.56
C ILE A 20 7.55 2.66 -1.04
N GLN A 21 8.46 1.90 -0.43
CA GLN A 21 8.46 1.73 1.02
C GLN A 21 8.17 3.05 1.72
N GLU A 22 8.66 4.14 1.15
CA GLU A 22 8.46 5.47 1.73
C GLU A 22 7.04 5.96 1.47
N THR A 23 6.55 5.70 0.26
CA THR A 23 5.20 6.13 -0.11
C THR A 23 4.15 5.44 0.75
N ILE A 24 4.35 4.17 1.03
CA ILE A 24 3.43 3.41 1.85
C ILE A 24 3.60 3.74 3.33
N SER A 25 4.77 4.25 3.68
CA SER A 25 5.05 4.61 5.07
C SER A 25 4.36 5.92 5.44
N ASP A 26 4.44 6.91 4.56
CA ASP A 26 3.81 8.20 4.79
C ASP A 26 2.30 8.10 4.69
N ASN A 27 1.82 7.57 3.57
CA ASN A 27 0.38 7.42 3.35
C ASN A 27 -0.21 6.38 4.29
N CYS A 28 -1.49 6.53 4.60
CA CYS A 28 -2.18 5.60 5.49
C CYS A 28 -2.55 4.31 4.75
N VAL A 29 -2.87 4.45 3.47
CA VAL A 29 -3.24 3.29 2.65
C VAL A 29 -2.99 3.57 1.18
N VAL A 30 -2.20 2.69 0.55
CA VAL A 30 -1.88 2.84 -0.86
C VAL A 30 -2.42 1.67 -1.68
N ILE A 31 -3.11 1.98 -2.77
CA ILE A 31 -3.69 0.95 -3.62
C ILE A 31 -3.04 0.96 -5.01
N PHE A 32 -2.10 0.04 -5.22
CA PHE A 32 -1.40 -0.06 -6.50
C PHE A 32 -2.15 -0.97 -7.46
N SER A 33 -2.78 -0.37 -8.46
CA SER A 33 -3.54 -1.11 -9.45
C SER A 33 -2.92 -0.98 -10.83
N LYS A 34 -3.41 -1.77 -11.78
CA LYS A 34 -2.90 -1.74 -13.14
C LYS A 34 -4.05 -1.73 -14.15
N THR A 35 -5.18 -1.16 -13.75
CA THR A 35 -6.35 -1.07 -14.61
C THR A 35 -6.47 -2.30 -15.51
N SER A 36 -6.31 -3.48 -14.91
CA SER A 36 -6.39 -4.74 -15.65
C SER A 36 -7.46 -5.64 -15.07
N CYS A 37 -7.49 -5.73 -13.74
CA CYS A 37 -8.47 -6.57 -13.05
C CYS A 37 -9.72 -5.77 -12.70
N SER A 38 -10.78 -6.47 -12.32
CA SER A 38 -12.04 -5.84 -11.96
C SER A 38 -12.06 -5.47 -10.49
N TYR A 39 -11.24 -6.15 -9.70
CA TYR A 39 -11.16 -5.90 -8.26
C TYR A 39 -10.54 -4.54 -7.98
N CYS A 40 -9.85 -4.00 -8.98
CA CYS A 40 -9.20 -2.70 -8.85
C CYS A 40 -10.22 -1.61 -8.50
N THR A 41 -11.48 -1.86 -8.83
CA THR A 41 -12.54 -0.91 -8.55
C THR A 41 -13.25 -1.23 -7.24
N MET A 42 -13.37 -2.52 -6.95
CA MET A 42 -14.02 -2.98 -5.72
C MET A 42 -13.19 -2.61 -4.51
N ALA A 43 -11.87 -2.58 -4.67
CA ALA A 43 -10.95 -2.24 -3.59
C ALA A 43 -11.15 -0.80 -3.14
N LYS A 44 -11.22 0.12 -4.10
CA LYS A 44 -11.40 1.53 -3.80
C LYS A 44 -12.75 1.78 -3.15
N LYS A 45 -13.81 1.27 -3.77
CA LYS A 45 -15.16 1.43 -3.25
C LYS A 45 -15.22 1.05 -1.78
N LEU A 46 -14.63 -0.09 -1.43
CA LEU A 46 -14.61 -0.56 -0.06
C LEU A 46 -14.18 0.55 0.90
N PHE A 47 -12.97 1.06 0.68
CA PHE A 47 -12.44 2.12 1.52
C PHE A 47 -13.28 3.40 1.39
N HIS A 48 -13.74 3.66 0.17
CA HIS A 48 -14.55 4.85 -0.09
C HIS A 48 -15.74 4.92 0.87
N ASP A 49 -16.54 3.86 0.89
CA ASP A 49 -17.71 3.80 1.75
C ASP A 49 -17.30 3.93 3.23
N MET A 50 -16.08 3.50 3.53
CA MET A 50 -15.58 3.57 4.91
C MET A 50 -15.11 4.98 5.23
N ASN A 51 -15.11 5.86 4.23
CA ASN A 51 -14.69 7.23 4.41
C ASN A 51 -13.24 7.31 4.90
N VAL A 52 -12.46 6.29 4.55
CA VAL A 52 -11.06 6.24 4.94
C VAL A 52 -10.15 6.75 3.83
N ASN A 53 -9.81 8.03 3.89
CA ASN A 53 -8.94 8.64 2.89
C ASN A 53 -7.89 7.65 2.40
N TYR A 54 -7.98 7.28 1.12
CA TYR A 54 -7.04 6.33 0.54
C TYR A 54 -6.26 6.98 -0.60
N LYS A 55 -5.25 6.27 -1.10
CA LYS A 55 -4.42 6.77 -2.18
C LYS A 55 -4.18 5.67 -3.23
N VAL A 56 -4.84 5.80 -4.37
CA VAL A 56 -4.71 4.83 -5.45
C VAL A 56 -3.61 5.26 -6.43
N VAL A 57 -2.77 4.31 -6.82
CA VAL A 57 -1.68 4.59 -7.76
C VAL A 57 -1.62 3.54 -8.86
N GLU A 58 -2.17 3.88 -10.02
CA GLU A 58 -2.18 2.96 -11.15
C GLU A 58 -0.81 2.93 -11.84
N LEU A 59 -0.16 1.78 -11.79
CA LEU A 59 1.15 1.61 -12.41
C LEU A 59 1.02 1.39 -13.91
N ASP A 60 0.04 0.60 -14.30
CA ASP A 60 -0.20 0.30 -15.71
C ASP A 60 -0.20 1.59 -16.54
N LEU A 61 -0.79 2.64 -15.99
CA LEU A 61 -0.86 3.93 -16.67
C LEU A 61 0.43 4.72 -16.48
N LEU A 62 1.15 4.42 -15.40
CA LEU A 62 2.40 5.09 -15.10
C LEU A 62 3.47 4.75 -16.14
N GLU A 63 4.44 5.65 -16.30
CA GLU A 63 5.52 5.43 -17.27
C GLU A 63 6.51 4.39 -16.75
N TYR A 64 6.78 4.44 -15.45
CA TYR A 64 7.71 3.50 -14.83
C TYR A 64 6.96 2.40 -14.08
N GLY A 65 5.87 1.94 -14.68
CA GLY A 65 5.08 0.88 -14.05
C GLY A 65 5.84 -0.43 -13.96
N ASN A 66 6.24 -0.95 -15.11
CA ASN A 66 6.98 -2.22 -15.14
C ASN A 66 8.05 -2.25 -14.06
N GLN A 67 8.50 -1.08 -13.63
CA GLN A 67 9.52 -0.97 -12.60
C GLN A 67 8.94 -1.30 -11.23
N PHE A 68 8.15 -0.39 -10.70
CA PHE A 68 7.53 -0.57 -9.39
C PHE A 68 6.74 -1.87 -9.35
N GLN A 69 6.27 -2.32 -10.52
CA GLN A 69 5.50 -3.55 -10.60
C GLN A 69 6.31 -4.74 -10.09
N ASP A 70 7.58 -4.78 -10.44
CA ASP A 70 8.47 -5.86 -10.02
C ASP A 70 8.83 -5.73 -8.54
N ALA A 71 9.40 -4.58 -8.18
CA ALA A 71 9.79 -4.32 -6.80
C ALA A 71 8.67 -4.69 -5.84
N LEU A 72 7.43 -4.51 -6.28
CA LEU A 72 6.27 -4.81 -5.46
C LEU A 72 6.06 -6.33 -5.34
N TYR A 73 6.23 -7.02 -6.46
CA TYR A 73 6.07 -8.47 -6.49
C TYR A 73 6.92 -9.13 -5.41
N LYS A 74 8.02 -8.48 -5.04
CA LYS A 74 8.91 -9.01 -4.02
C LYS A 74 8.33 -8.80 -2.62
N MET A 75 7.97 -7.55 -2.32
CA MET A 75 7.40 -7.21 -1.02
C MET A 75 6.17 -8.07 -0.73
N THR A 76 5.36 -8.31 -1.76
CA THR A 76 4.15 -9.11 -1.62
C THR A 76 4.44 -10.58 -1.87
N GLY A 77 5.12 -10.88 -2.97
CA GLY A 77 5.45 -12.25 -3.31
C GLY A 77 4.56 -12.80 -4.41
N GLU A 78 3.86 -11.91 -5.10
CA GLU A 78 2.97 -12.32 -6.19
C GLU A 78 2.65 -11.14 -7.10
N ARG A 79 2.08 -11.44 -8.27
CA ARG A 79 1.73 -10.40 -9.22
C ARG A 79 0.22 -10.27 -9.35
N THR A 80 -0.45 -10.16 -8.21
CA THR A 80 -1.91 -10.02 -8.19
C THR A 80 -2.33 -8.57 -7.94
N VAL A 81 -3.54 -8.24 -8.36
CA VAL A 81 -4.06 -6.89 -8.19
C VAL A 81 -5.57 -6.90 -7.98
N PRO A 82 -6.09 -5.83 -7.37
CA PRO A 82 -5.27 -4.68 -6.93
C PRO A 82 -4.39 -5.04 -5.75
N ARG A 83 -3.57 -4.08 -5.32
CA ARG A 83 -2.66 -4.29 -4.21
C ARG A 83 -2.86 -3.22 -3.13
N ILE A 84 -3.38 -3.63 -1.98
CA ILE A 84 -3.62 -2.71 -0.88
C ILE A 84 -2.50 -2.77 0.15
N PHE A 85 -2.00 -1.60 0.54
CA PHE A 85 -0.93 -1.52 1.52
C PHE A 85 -1.30 -0.58 2.67
N VAL A 86 -1.31 -1.13 3.89
CA VAL A 86 -1.65 -0.35 5.07
C VAL A 86 -0.42 -0.08 5.93
N ASN A 87 -0.21 1.18 6.27
CA ASN A 87 0.93 1.56 7.10
C ASN A 87 2.20 0.86 6.63
N GLY A 88 2.31 0.67 5.32
CA GLY A 88 3.49 0.01 4.76
C GLY A 88 3.54 -1.47 5.10
N THR A 89 2.41 -2.16 4.93
CA THR A 89 2.33 -3.58 5.23
C THR A 89 1.24 -4.26 4.42
N PHE A 90 1.60 -5.31 3.70
CA PHE A 90 0.65 -6.06 2.87
C PHE A 90 -0.32 -6.85 3.75
N ILE A 91 -1.56 -6.40 3.81
CA ILE A 91 -2.58 -7.08 4.61
C ILE A 91 -3.43 -8.00 3.75
N GLY A 92 -3.36 -7.80 2.43
CA GLY A 92 -4.14 -8.62 1.51
C GLY A 92 -4.60 -7.84 0.30
N GLY A 93 -5.23 -8.55 -0.64
CA GLY A 93 -5.72 -7.90 -1.84
C GLY A 93 -7.11 -7.34 -1.68
N ALA A 94 -7.77 -7.06 -2.79
CA ALA A 94 -9.13 -6.51 -2.77
C ALA A 94 -10.06 -7.40 -1.95
N THR A 95 -9.84 -8.70 -2.02
CA THR A 95 -10.66 -9.66 -1.29
C THR A 95 -10.30 -9.66 0.19
N ASP A 96 -9.12 -10.18 0.51
CA ASP A 96 -8.66 -10.24 1.89
C ASP A 96 -8.97 -8.95 2.63
N THR A 97 -8.50 -7.83 2.08
CA THR A 97 -8.73 -6.53 2.69
C THR A 97 -10.21 -6.32 3.01
N HIS A 98 -11.06 -6.73 2.09
CA HIS A 98 -12.50 -6.59 2.27
C HIS A 98 -12.98 -7.39 3.48
N ARG A 99 -12.43 -8.58 3.65
CA ARG A 99 -12.79 -9.44 4.78
C ARG A 99 -12.33 -8.83 6.10
N LEU A 100 -11.05 -8.51 6.18
CA LEU A 100 -10.48 -7.92 7.38
C LEU A 100 -11.45 -6.93 8.02
N HIS A 101 -11.85 -5.91 7.25
CA HIS A 101 -12.77 -4.91 7.72
C HIS A 101 -13.95 -5.55 8.45
N LYS A 102 -14.46 -6.63 7.88
CA LYS A 102 -15.59 -7.35 8.47
C LYS A 102 -15.20 -8.00 9.79
N GLU A 103 -13.98 -8.54 9.83
CA GLU A 103 -13.49 -9.20 11.04
C GLU A 103 -12.82 -8.19 11.98
N GLY A 104 -12.92 -6.91 11.62
CA GLY A 104 -12.32 -5.87 12.44
C GLY A 104 -10.80 -5.98 12.50
N LYS A 105 -10.22 -6.58 11.48
CA LYS A 105 -8.77 -6.75 11.41
C LYS A 105 -8.14 -5.66 10.55
N LEU A 106 -8.97 -4.76 10.04
CA LEU A 106 -8.49 -3.67 9.20
C LEU A 106 -8.55 -2.35 9.94
N LEU A 107 -9.61 -2.15 10.72
CA LEU A 107 -9.79 -0.93 11.48
C LEU A 107 -8.64 -0.73 12.46
N PRO A 108 -8.25 -1.82 13.15
CA PRO A 108 -7.15 -1.78 14.12
C PRO A 108 -5.91 -1.08 13.58
N LEU A 109 -5.78 -1.05 12.26
CA LEU A 109 -4.65 -0.40 11.61
C LEU A 109 -5.01 1.00 11.14
N VAL A 110 -6.19 1.14 10.53
CA VAL A 110 -6.65 2.43 10.04
C VAL A 110 -6.44 3.53 11.09
N HIS A 111 -6.68 3.18 12.35
CA HIS A 111 -6.53 4.13 13.45
C HIS A 111 -5.06 4.35 13.77
N GLN A 112 -4.37 3.28 14.13
CA GLN A 112 -2.94 3.36 14.46
C GLN A 112 -2.25 4.41 13.59
N CYS A 113 -2.70 4.54 12.35
CA CYS A 113 -2.11 5.51 11.43
C CYS A 113 -2.33 6.94 11.93
N TYR A 114 -3.59 7.33 12.03
CA TYR A 114 -3.93 8.67 12.49
C TYR A 114 -4.34 8.65 13.96
N LEU A 115 -3.90 7.62 14.67
CA LEU A 115 -4.21 7.49 16.09
C LEU A 115 -3.51 8.57 16.90
N LYS A 116 -3.99 8.78 18.12
CA LYS A 116 -3.41 9.79 19.01
C LYS A 116 -1.90 9.83 18.86
N LYS A 117 -1.31 10.99 19.18
CA LYS A 117 0.13 11.16 19.10
C LYS A 117 0.58 11.21 17.64
N SER A 118 -0.16 11.96 16.82
CA SER A 118 0.17 12.09 15.40
C SER A 118 0.23 13.56 15.00
N LYS A 119 0.68 13.81 13.78
CA LYS A 119 0.81 15.18 13.27
C LYS A 119 -0.34 16.04 13.76
N ARG A 120 -0.07 17.32 13.94
CA ARG A 120 -1.09 18.27 14.41
C ARG A 120 -2.31 18.24 13.50
N LYS A 121 -3.44 18.68 14.04
CA LYS A 121 -4.69 18.72 13.28
C LYS A 121 -5.80 19.40 14.07
N GLU A 122 -6.47 20.35 13.44
CA GLU A 122 -7.55 21.09 14.09
C GLU A 122 -8.91 20.57 13.63
N PHE A 123 -9.32 19.44 14.21
CA PHE A 123 -10.61 18.84 13.86
C PHE A 123 -10.93 17.67 14.79
N GLN A 124 -12.08 17.05 14.57
CA GLN A 124 -12.51 15.91 15.40
C GLN A 124 -12.19 14.60 14.71
N SER A 125 -12.61 14.47 13.45
CA SER A 125 -12.36 13.25 12.69
C SER A 125 -12.45 12.02 13.59
N GLY A 126 -13.42 12.02 14.49
CA GLY A 126 -13.58 10.89 15.40
C GLY A 126 -14.78 11.06 16.30
N PRO A 127 -15.96 10.67 15.80
CA PRO A 127 -17.22 10.77 16.55
C PRO A 127 -17.28 9.76 17.69
N SER A 128 -18.42 9.72 18.38
CA SER A 128 -18.61 8.81 19.50
C SER A 128 -18.09 7.42 19.16
N SER A 129 -17.20 6.90 19.99
CA SER A 129 -16.62 5.58 19.77
C SER A 129 -17.21 4.56 20.75
N GLY A 130 -16.81 3.31 20.61
CA GLY A 130 -17.31 2.25 21.47
C GLY A 130 -16.21 1.32 21.93
N GLY A 1 8.14 -14.71 10.32
CA GLY A 1 9.20 -14.49 9.34
C GLY A 1 10.52 -15.11 9.74
N SER A 2 11.36 -15.41 8.76
CA SER A 2 12.65 -16.01 9.02
C SER A 2 13.48 -15.15 9.98
N SER A 3 14.05 -15.80 11.00
CA SER A 3 14.85 -15.10 11.99
C SER A 3 16.21 -14.71 11.41
N GLY A 4 16.74 -13.57 11.86
CA GLY A 4 18.02 -13.11 11.38
C GLY A 4 18.18 -13.27 9.88
N SER A 5 17.62 -12.33 9.13
CA SER A 5 17.69 -12.37 7.68
C SER A 5 17.57 -10.97 7.09
N SER A 6 18.53 -10.62 6.22
CA SER A 6 18.54 -9.31 5.59
C SER A 6 19.40 -9.32 4.33
N GLY A 7 19.33 -8.23 3.57
CA GLY A 7 20.11 -8.14 2.35
C GLY A 7 21.31 -7.23 2.50
N SER A 8 22.23 -7.30 1.53
CA SER A 8 23.44 -6.48 1.56
C SER A 8 23.70 -5.84 0.19
N LEU A 9 23.73 -4.51 0.17
CA LEU A 9 23.98 -3.79 -1.07
C LEU A 9 25.38 -3.19 -1.08
N GLU A 10 26.01 -3.21 -2.25
CA GLU A 10 27.36 -2.67 -2.40
C GLU A 10 27.32 -1.16 -2.64
N ASN A 11 26.18 -0.68 -3.14
CA ASN A 11 26.01 0.74 -3.42
C ASN A 11 24.53 1.09 -3.56
N LEU A 12 24.24 2.38 -3.55
CA LEU A 12 22.86 2.86 -3.67
C LEU A 12 22.45 2.97 -5.14
N ALA A 13 21.75 1.95 -5.64
CA ALA A 13 21.30 1.94 -7.02
C ALA A 13 19.93 2.60 -7.15
N THR A 14 19.58 3.43 -6.18
CA THR A 14 18.29 4.11 -6.18
C THR A 14 17.17 3.17 -6.61
N ALA A 15 17.12 1.99 -6.00
CA ALA A 15 16.10 1.01 -6.33
C ALA A 15 14.70 1.61 -6.20
N PRO A 16 13.76 1.08 -7.00
CA PRO A 16 12.37 1.55 -7.00
C PRO A 16 11.63 1.16 -5.73
N VAL A 17 11.73 -0.11 -5.35
CA VAL A 17 11.07 -0.60 -4.15
C VAL A 17 11.19 0.39 -3.01
N ASN A 18 12.31 1.10 -2.95
CA ASN A 18 12.54 2.09 -1.92
C ASN A 18 11.59 3.28 -2.05
N GLN A 19 11.48 3.80 -3.27
CA GLN A 19 10.60 4.93 -3.53
C GLN A 19 9.18 4.64 -3.07
N ILE A 20 8.85 3.36 -2.96
CA ILE A 20 7.52 2.95 -2.53
C ILE A 20 7.44 2.89 -1.01
N GLN A 21 8.43 2.23 -0.39
CA GLN A 21 8.46 2.11 1.06
C GLN A 21 8.19 3.45 1.73
N GLU A 22 8.63 4.52 1.09
CA GLU A 22 8.43 5.86 1.64
C GLU A 22 6.97 6.29 1.50
N THR A 23 6.36 5.98 0.36
CA THR A 23 4.97 6.33 0.11
C THR A 23 4.05 5.66 1.11
N ILE A 24 4.33 4.40 1.41
CA ILE A 24 3.53 3.63 2.36
C ILE A 24 3.84 4.04 3.80
N SER A 25 4.98 4.71 3.99
CA SER A 25 5.39 5.14 5.31
C SER A 25 4.63 6.40 5.73
N ASP A 26 4.67 7.42 4.89
CA ASP A 26 3.99 8.67 5.17
C ASP A 26 2.47 8.48 5.20
N ASN A 27 1.97 7.65 4.28
CA ASN A 27 0.55 7.37 4.20
C ASN A 27 0.16 6.19 5.09
N CYS A 28 -1.11 5.82 5.07
CA CYS A 28 -1.60 4.71 5.87
C CYS A 28 -2.09 3.57 4.97
N VAL A 29 -2.71 3.94 3.85
CA VAL A 29 -3.22 2.95 2.91
C VAL A 29 -2.80 3.27 1.48
N VAL A 30 -2.11 2.33 0.84
CA VAL A 30 -1.65 2.51 -0.52
C VAL A 30 -2.17 1.40 -1.44
N ILE A 31 -3.08 1.76 -2.33
CA ILE A 31 -3.65 0.79 -3.26
C ILE A 31 -2.98 0.87 -4.63
N PHE A 32 -2.17 -0.11 -4.95
CA PHE A 32 -1.47 -0.14 -6.23
C PHE A 32 -2.21 -1.03 -7.24
N SER A 33 -2.82 -0.39 -8.23
CA SER A 33 -3.56 -1.13 -9.26
C SER A 33 -2.96 -0.90 -10.64
N LYS A 34 -3.39 -1.69 -11.60
CA LYS A 34 -2.90 -1.59 -12.97
C LYS A 34 -4.03 -1.65 -13.97
N THR A 35 -5.17 -1.05 -13.62
CA THR A 35 -6.34 -1.04 -14.48
C THR A 35 -6.40 -2.29 -15.34
N SER A 36 -6.14 -3.44 -14.72
CA SER A 36 -6.17 -4.72 -15.43
C SER A 36 -7.07 -5.72 -14.72
N CYS A 37 -7.00 -5.73 -13.40
CA CYS A 37 -7.82 -6.65 -12.60
C CYS A 37 -9.08 -5.95 -12.09
N SER A 38 -10.22 -6.59 -12.32
CA SER A 38 -11.50 -6.03 -11.89
C SER A 38 -11.46 -5.64 -10.42
N TYR A 39 -10.83 -6.48 -9.61
CA TYR A 39 -10.72 -6.23 -8.18
C TYR A 39 -10.30 -4.79 -7.91
N CYS A 40 -9.67 -4.17 -8.91
CA CYS A 40 -9.21 -2.80 -8.78
C CYS A 40 -10.29 -1.91 -8.19
N THR A 41 -11.51 -2.04 -8.71
CA THR A 41 -12.63 -1.24 -8.23
C THR A 41 -13.07 -1.70 -6.85
N MET A 42 -13.00 -3.00 -6.61
CA MET A 42 -13.39 -3.57 -5.32
C MET A 42 -12.67 -2.88 -4.18
N ALA A 43 -11.38 -2.62 -4.37
CA ALA A 43 -10.58 -1.95 -3.34
C ALA A 43 -10.93 -0.46 -3.26
N LYS A 44 -10.75 0.24 -4.37
CA LYS A 44 -11.04 1.67 -4.41
C LYS A 44 -12.42 1.96 -3.82
N LYS A 45 -13.40 1.15 -4.18
CA LYS A 45 -14.76 1.32 -3.68
C LYS A 45 -14.84 0.95 -2.20
N LEU A 46 -14.25 -0.18 -1.85
CA LEU A 46 -14.27 -0.66 -0.46
C LEU A 46 -13.99 0.50 0.50
N PHE A 47 -12.83 1.12 0.35
CA PHE A 47 -12.44 2.24 1.21
C PHE A 47 -13.40 3.42 1.02
N HIS A 48 -13.70 3.72 -0.24
CA HIS A 48 -14.60 4.83 -0.57
C HIS A 48 -15.85 4.79 0.31
N ASP A 49 -16.50 3.63 0.33
CA ASP A 49 -17.72 3.45 1.12
C ASP A 49 -17.42 3.62 2.61
N MET A 50 -16.26 3.14 3.03
CA MET A 50 -15.86 3.23 4.44
C MET A 50 -15.42 4.66 4.79
N ASN A 51 -15.34 5.51 3.77
CA ASN A 51 -14.93 6.90 3.97
C ASN A 51 -13.54 6.97 4.59
N VAL A 52 -12.67 6.04 4.22
CA VAL A 52 -11.32 6.00 4.74
C VAL A 52 -10.31 6.51 3.72
N ASN A 53 -9.88 7.76 3.89
CA ASN A 53 -8.91 8.36 2.97
C ASN A 53 -7.92 7.32 2.47
N TYR A 54 -8.00 7.01 1.18
CA TYR A 54 -7.10 6.03 0.57
C TYR A 54 -6.22 6.68 -0.50
N LYS A 55 -5.24 5.94 -0.98
CA LYS A 55 -4.32 6.43 -1.99
C LYS A 55 -4.09 5.38 -3.08
N VAL A 56 -4.69 5.60 -4.24
CA VAL A 56 -4.54 4.67 -5.36
C VAL A 56 -3.46 5.13 -6.31
N VAL A 57 -2.55 4.21 -6.66
CA VAL A 57 -1.46 4.53 -7.57
C VAL A 57 -1.42 3.54 -8.73
N GLU A 58 -1.95 3.97 -9.87
CA GLU A 58 -1.97 3.12 -11.06
C GLU A 58 -0.57 2.93 -11.62
N LEU A 59 -0.19 1.67 -11.83
CA LEU A 59 1.13 1.34 -12.35
C LEU A 59 1.08 1.17 -13.86
N ASP A 60 0.10 0.41 -14.33
CA ASP A 60 -0.07 0.16 -15.76
C ASP A 60 -0.24 1.47 -16.53
N LEU A 61 -0.65 2.51 -15.81
CA LEU A 61 -0.86 3.82 -16.43
C LEU A 61 0.41 4.67 -16.35
N LEU A 62 1.14 4.52 -15.25
CA LEU A 62 2.37 5.27 -15.04
C LEU A 62 3.38 4.97 -16.16
N GLU A 63 4.40 5.82 -16.26
CA GLU A 63 5.42 5.66 -17.28
C GLU A 63 6.45 4.61 -16.84
N TYR A 64 6.65 4.49 -15.54
CA TYR A 64 7.61 3.53 -15.00
C TYR A 64 6.89 2.40 -14.28
N GLY A 65 5.71 2.05 -14.78
CA GLY A 65 4.94 0.97 -14.17
C GLY A 65 5.69 -0.35 -14.15
N ASN A 66 6.28 -0.70 -15.29
CA ASN A 66 7.03 -1.95 -15.41
C ASN A 66 8.03 -2.09 -14.26
N GLN A 67 8.45 -0.96 -13.70
CA GLN A 67 9.39 -0.95 -12.59
C GLN A 67 8.70 -1.27 -11.28
N PHE A 68 7.92 -0.32 -10.77
CA PHE A 68 7.20 -0.49 -9.52
C PHE A 68 6.41 -1.80 -9.52
N GLN A 69 6.19 -2.34 -10.72
CA GLN A 69 5.45 -3.59 -10.86
C GLN A 69 6.26 -4.77 -10.35
N ASP A 70 7.57 -4.73 -10.58
CA ASP A 70 8.46 -5.80 -10.14
C ASP A 70 8.85 -5.61 -8.68
N ALA A 71 9.21 -4.39 -8.32
CA ALA A 71 9.61 -4.08 -6.96
C ALA A 71 8.50 -4.43 -5.96
N LEU A 72 7.26 -4.27 -6.39
CA LEU A 72 6.11 -4.57 -5.55
C LEU A 72 5.88 -6.07 -5.48
N TYR A 73 5.85 -6.72 -6.63
CA TYR A 73 5.64 -8.16 -6.70
C TYR A 73 6.51 -8.89 -5.69
N LYS A 74 7.65 -8.29 -5.36
CA LYS A 74 8.59 -8.88 -4.41
C LYS A 74 8.10 -8.69 -2.99
N MET A 75 7.75 -7.46 -2.64
CA MET A 75 7.26 -7.14 -1.30
C MET A 75 5.99 -7.93 -0.99
N THR A 76 5.27 -8.33 -2.03
CA THR A 76 4.04 -9.09 -1.86
C THR A 76 4.25 -10.55 -2.21
N GLY A 77 5.21 -10.83 -3.08
CA GLY A 77 5.50 -12.20 -3.47
C GLY A 77 4.63 -12.66 -4.63
N GLU A 78 3.54 -11.94 -4.88
CA GLU A 78 2.62 -12.29 -5.95
C GLU A 78 2.28 -11.06 -6.80
N ARG A 79 1.88 -11.30 -8.03
CA ARG A 79 1.52 -10.22 -8.95
C ARG A 79 0.01 -10.04 -9.02
N THR A 80 -0.65 -10.17 -7.88
CA THR A 80 -2.10 -10.03 -7.83
C THR A 80 -2.50 -8.61 -7.45
N VAL A 81 -3.26 -7.96 -8.33
CA VAL A 81 -3.71 -6.60 -8.09
C VAL A 81 -5.23 -6.54 -7.94
N PRO A 82 -5.72 -5.46 -7.30
CA PRO A 82 -4.86 -4.39 -6.79
C PRO A 82 -4.03 -4.85 -5.59
N ARG A 83 -3.24 -3.93 -5.04
CA ARG A 83 -2.40 -4.23 -3.89
C ARG A 83 -2.61 -3.22 -2.77
N ILE A 84 -3.17 -3.68 -1.66
CA ILE A 84 -3.44 -2.81 -0.52
C ILE A 84 -2.34 -2.95 0.53
N PHE A 85 -1.86 -1.81 1.03
CA PHE A 85 -0.81 -1.80 2.05
C PHE A 85 -1.21 -0.94 3.23
N VAL A 86 -1.28 -1.54 4.41
CA VAL A 86 -1.65 -0.83 5.63
C VAL A 86 -0.42 -0.55 6.49
N ASN A 87 -0.17 0.73 6.74
CA ASN A 87 0.98 1.14 7.55
C ASN A 87 2.26 0.48 7.06
N GLY A 88 2.37 0.33 5.74
CA GLY A 88 3.55 -0.29 5.17
C GLY A 88 3.60 -1.78 5.41
N THR A 89 2.46 -2.45 5.25
CA THR A 89 2.39 -3.88 5.47
C THR A 89 1.30 -4.51 4.60
N PHE A 90 1.58 -5.70 4.06
CA PHE A 90 0.63 -6.40 3.21
C PHE A 90 -0.36 -7.21 4.05
N ILE A 91 -1.59 -6.70 4.15
CA ILE A 91 -2.63 -7.37 4.91
C ILE A 91 -3.48 -8.27 4.02
N GLY A 92 -3.41 -8.03 2.72
CA GLY A 92 -4.18 -8.83 1.78
C GLY A 92 -4.68 -8.02 0.60
N GLY A 93 -5.06 -8.70 -0.48
CA GLY A 93 -5.56 -8.02 -1.65
C GLY A 93 -6.98 -7.53 -1.49
N ALA A 94 -7.59 -7.11 -2.59
CA ALA A 94 -8.95 -6.62 -2.56
C ALA A 94 -9.83 -7.49 -1.68
N THR A 95 -10.04 -8.74 -2.10
CA THR A 95 -10.86 -9.67 -1.35
C THR A 95 -10.54 -9.62 0.13
N ASP A 96 -9.36 -10.08 0.50
CA ASP A 96 -8.92 -10.09 1.90
C ASP A 96 -9.24 -8.76 2.56
N THR A 97 -8.62 -7.69 2.08
CA THR A 97 -8.85 -6.36 2.64
C THR A 97 -10.32 -6.13 2.95
N HIS A 98 -11.18 -6.55 2.03
CA HIS A 98 -12.62 -6.40 2.21
C HIS A 98 -13.11 -7.21 3.40
N ARG A 99 -12.66 -8.45 3.49
CA ARG A 99 -13.06 -9.34 4.58
C ARG A 99 -12.55 -8.81 5.92
N LEU A 100 -11.30 -8.36 5.94
CA LEU A 100 -10.69 -7.84 7.16
C LEU A 100 -11.62 -6.83 7.83
N HIS A 101 -12.10 -5.86 7.06
CA HIS A 101 -13.00 -4.84 7.57
C HIS A 101 -14.24 -5.47 8.19
N LYS A 102 -14.78 -6.50 7.52
CA LYS A 102 -15.96 -7.19 7.99
C LYS A 102 -15.75 -7.73 9.41
N GLU A 103 -14.80 -8.64 9.55
CA GLU A 103 -14.49 -9.23 10.84
C GLU A 103 -14.03 -8.17 11.84
N GLY A 104 -13.37 -7.14 11.31
CA GLY A 104 -12.87 -6.07 12.17
C GLY A 104 -11.39 -6.18 12.42
N LYS A 105 -10.60 -6.29 11.36
CA LYS A 105 -9.16 -6.39 11.47
C LYS A 105 -8.47 -5.40 10.53
N LEU A 106 -9.25 -4.49 9.96
CA LEU A 106 -8.71 -3.49 9.05
C LEU A 106 -8.74 -2.10 9.69
N LEU A 107 -9.89 -1.74 10.24
CA LEU A 107 -10.04 -0.44 10.89
C LEU A 107 -9.04 -0.27 12.03
N PRO A 108 -8.88 -1.33 12.83
CA PRO A 108 -7.95 -1.33 13.97
C PRO A 108 -6.58 -0.80 13.59
N LEU A 109 -6.27 -0.84 12.29
CA LEU A 109 -4.97 -0.38 11.80
C LEU A 109 -5.10 1.03 11.22
N VAL A 110 -6.15 1.26 10.45
CA VAL A 110 -6.38 2.57 9.84
C VAL A 110 -6.20 3.68 10.86
N HIS A 111 -6.69 3.46 12.07
CA HIS A 111 -6.58 4.45 13.14
C HIS A 111 -5.16 4.52 13.67
N GLN A 112 -4.52 3.36 13.82
CA GLN A 112 -3.16 3.30 14.31
C GLN A 112 -2.26 4.29 13.58
N CYS A 113 -2.68 4.68 12.38
CA CYS A 113 -1.92 5.62 11.57
C CYS A 113 -1.91 7.01 12.21
N TYR A 114 -3.10 7.55 12.45
CA TYR A 114 -3.23 8.87 13.05
C TYR A 114 -2.81 8.83 14.52
N LEU A 115 -2.99 7.69 15.16
CA LEU A 115 -2.63 7.53 16.57
C LEU A 115 -1.30 8.22 16.86
N LYS A 116 -1.33 9.14 17.84
CA LYS A 116 -0.13 9.87 18.23
C LYS A 116 0.69 10.27 17.01
N LYS A 117 0.01 10.87 16.03
CA LYS A 117 0.66 11.31 14.80
C LYS A 117 2.07 11.81 15.09
N SER A 118 3.01 11.46 14.21
CA SER A 118 4.40 11.87 14.37
C SER A 118 4.67 13.18 13.65
N LYS A 119 3.66 14.07 13.65
CA LYS A 119 3.78 15.36 12.99
C LYS A 119 2.71 16.32 13.49
N ARG A 120 2.91 17.62 13.24
CA ARG A 120 1.96 18.64 13.67
C ARG A 120 1.30 19.30 12.46
N LYS A 121 0.19 18.72 12.02
CA LYS A 121 -0.54 19.25 10.88
C LYS A 121 -1.76 20.05 11.34
N GLU A 122 -2.12 21.07 10.57
CA GLU A 122 -3.27 21.91 10.89
C GLU A 122 -4.57 21.21 10.53
N PHE A 123 -5.65 21.58 11.20
CA PHE A 123 -6.96 20.99 10.95
C PHE A 123 -7.82 21.92 10.10
N GLN A 124 -7.84 21.65 8.79
CA GLN A 124 -8.61 22.46 7.87
C GLN A 124 -10.08 22.49 8.28
N SER A 125 -10.71 23.66 8.11
CA SER A 125 -12.11 23.83 8.47
C SER A 125 -12.89 24.48 7.33
N GLY A 126 -13.56 23.66 6.52
CA GLY A 126 -14.32 24.17 5.41
C GLY A 126 -15.79 23.78 5.48
N PRO A 127 -16.08 22.51 5.15
CA PRO A 127 -17.45 21.99 5.17
C PRO A 127 -17.99 21.85 6.59
N SER A 128 -18.69 22.87 7.06
CA SER A 128 -19.25 22.86 8.40
C SER A 128 -20.65 22.22 8.39
N SER A 129 -21.17 21.94 9.58
CA SER A 129 -22.49 21.33 9.71
C SER A 129 -23.54 22.12 8.95
N GLY A 130 -23.66 23.41 9.30
CA GLY A 130 -24.63 24.27 8.64
C GLY A 130 -25.22 25.30 9.57
N GLY A 1 29.17 -6.61 -13.80
CA GLY A 1 29.83 -6.30 -15.06
C GLY A 1 31.06 -5.42 -14.86
N SER A 2 30.83 -4.12 -14.70
CA SER A 2 31.93 -3.18 -14.52
C SER A 2 31.53 -2.07 -13.54
N SER A 3 32.53 -1.31 -13.10
CA SER A 3 32.28 -0.21 -12.16
C SER A 3 31.63 0.97 -12.87
N GLY A 4 30.52 1.45 -12.32
CA GLY A 4 29.82 2.58 -12.90
C GLY A 4 28.88 2.16 -14.02
N SER A 5 28.09 1.12 -13.76
CA SER A 5 27.14 0.63 -14.75
C SER A 5 26.06 -0.23 -14.09
N SER A 6 24.97 -0.47 -14.82
CA SER A 6 23.87 -1.27 -14.30
C SER A 6 24.38 -2.52 -13.60
N GLY A 7 23.64 -3.00 -12.61
CA GLY A 7 24.03 -4.19 -11.88
C GLY A 7 23.81 -4.06 -10.39
N SER A 8 24.89 -3.86 -9.65
CA SER A 8 24.80 -3.71 -8.19
C SER A 8 26.08 -3.09 -7.63
N LEU A 9 25.90 -2.04 -6.83
CA LEU A 9 27.05 -1.36 -6.22
C LEU A 9 26.67 -0.76 -4.87
N GLU A 10 27.68 -0.44 -4.06
CA GLU A 10 27.45 0.13 -2.75
C GLU A 10 26.23 1.05 -2.76
N ASN A 11 26.11 1.86 -3.81
CA ASN A 11 25.00 2.79 -3.94
C ASN A 11 23.66 2.04 -3.93
N LEU A 12 22.61 2.73 -3.50
CA LEU A 12 21.29 2.13 -3.44
C LEU A 12 20.60 2.18 -4.81
N ALA A 13 21.26 2.83 -5.77
CA ALA A 13 20.73 2.94 -7.11
C ALA A 13 19.30 3.48 -7.09
N THR A 14 18.96 4.20 -6.03
CA THR A 14 17.62 4.77 -5.88
C THR A 14 16.57 3.85 -6.48
N ALA A 15 16.68 2.56 -6.17
CA ALA A 15 15.73 1.58 -6.67
C ALA A 15 14.29 2.06 -6.51
N PRO A 16 13.40 1.59 -7.38
CA PRO A 16 11.98 1.96 -7.36
C PRO A 16 11.25 1.38 -6.16
N VAL A 17 11.86 0.39 -5.52
CA VAL A 17 11.27 -0.25 -4.35
C VAL A 17 11.29 0.67 -3.15
N ASN A 18 12.47 1.24 -2.87
CA ASN A 18 12.62 2.15 -1.74
C ASN A 18 11.61 3.29 -1.81
N GLN A 19 11.45 3.86 -3.00
CA GLN A 19 10.51 4.95 -3.21
C GLN A 19 9.12 4.59 -2.68
N ILE A 20 8.77 3.32 -2.79
CA ILE A 20 7.47 2.84 -2.33
C ILE A 20 7.48 2.61 -0.83
N GLN A 21 8.55 2.00 -0.33
CA GLN A 21 8.69 1.72 1.09
C GLN A 21 8.40 2.96 1.92
N GLU A 22 8.85 4.12 1.44
CA GLU A 22 8.64 5.38 2.14
C GLU A 22 7.18 5.82 2.04
N THR A 23 6.61 5.66 0.85
CA THR A 23 5.22 6.05 0.62
C THR A 23 4.27 5.24 1.50
N ILE A 24 4.51 3.93 1.56
CA ILE A 24 3.67 3.04 2.37
C ILE A 24 3.73 3.43 3.84
N SER A 25 4.89 3.88 4.29
CA SER A 25 5.07 4.28 5.68
C SER A 25 4.37 5.60 5.96
N ASP A 26 4.69 6.62 5.16
CA ASP A 26 4.09 7.94 5.32
C ASP A 26 2.57 7.86 5.20
N ASN A 27 2.08 7.52 4.01
CA ASN A 27 0.65 7.42 3.77
C ASN A 27 0.03 6.34 4.65
N CYS A 28 -1.26 6.49 4.94
CA CYS A 28 -1.97 5.52 5.77
C CYS A 28 -2.23 4.23 5.01
N VAL A 29 -2.89 4.35 3.86
CA VAL A 29 -3.19 3.18 3.03
C VAL A 29 -2.86 3.44 1.57
N VAL A 30 -2.05 2.57 0.99
CA VAL A 30 -1.65 2.69 -0.41
C VAL A 30 -2.18 1.53 -1.24
N ILE A 31 -2.89 1.84 -2.31
CA ILE A 31 -3.44 0.81 -3.20
C ILE A 31 -2.81 0.89 -4.58
N PHE A 32 -2.08 -0.16 -4.96
CA PHE A 32 -1.44 -0.20 -6.27
C PHE A 32 -2.24 -1.08 -7.24
N SER A 33 -2.83 -0.44 -8.24
CA SER A 33 -3.62 -1.15 -9.23
C SER A 33 -3.06 -0.95 -10.64
N LYS A 34 -3.23 -1.95 -11.49
CA LYS A 34 -2.74 -1.89 -12.86
C LYS A 34 -3.89 -1.92 -13.86
N THR A 35 -5.03 -1.33 -13.47
CA THR A 35 -6.20 -1.30 -14.33
C THR A 35 -6.30 -2.56 -15.17
N SER A 36 -6.11 -3.71 -14.54
CA SER A 36 -6.17 -5.00 -15.23
C SER A 36 -7.13 -5.94 -14.53
N CYS A 37 -7.02 -6.02 -13.20
CA CYS A 37 -7.87 -6.90 -12.41
C CYS A 37 -9.14 -6.17 -11.97
N SER A 38 -10.28 -6.86 -12.05
CA SER A 38 -11.55 -6.27 -11.66
C SER A 38 -11.52 -5.81 -10.20
N TYR A 39 -10.89 -6.62 -9.36
CA TYR A 39 -10.80 -6.30 -7.94
C TYR A 39 -10.37 -4.84 -7.73
N CYS A 40 -9.74 -4.27 -8.75
CA CYS A 40 -9.28 -2.88 -8.69
C CYS A 40 -10.40 -1.97 -8.18
N THR A 41 -11.60 -2.16 -8.72
CA THR A 41 -12.75 -1.36 -8.32
C THR A 41 -13.23 -1.72 -6.93
N MET A 42 -13.05 -2.98 -6.55
CA MET A 42 -13.47 -3.46 -5.23
C MET A 42 -12.68 -2.75 -4.13
N ALA A 43 -11.38 -2.57 -4.36
CA ALA A 43 -10.52 -1.91 -3.38
C ALA A 43 -10.89 -0.44 -3.24
N LYS A 44 -10.85 0.29 -4.35
CA LYS A 44 -11.17 1.70 -4.35
C LYS A 44 -12.58 1.94 -3.82
N LYS A 45 -13.55 1.25 -4.40
CA LYS A 45 -14.94 1.39 -3.98
C LYS A 45 -15.09 1.12 -2.48
N LEU A 46 -14.40 0.09 -2.00
CA LEU A 46 -14.45 -0.26 -0.58
C LEU A 46 -14.13 0.95 0.29
N PHE A 47 -12.85 1.32 0.32
CA PHE A 47 -12.41 2.47 1.12
C PHE A 47 -13.29 3.69 0.85
N HIS A 48 -13.54 3.96 -0.42
CA HIS A 48 -14.36 5.10 -0.82
C HIS A 48 -15.66 5.13 -0.02
N ASP A 49 -16.25 3.95 0.20
CA ASP A 49 -17.50 3.84 0.94
C ASP A 49 -17.24 3.99 2.44
N MET A 50 -16.11 3.48 2.90
CA MET A 50 -15.76 3.56 4.31
C MET A 50 -15.33 4.97 4.69
N ASN A 51 -15.20 5.84 3.68
CA ASN A 51 -14.79 7.22 3.90
C ASN A 51 -13.41 7.28 4.55
N VAL A 52 -12.56 6.32 4.20
CA VAL A 52 -11.20 6.27 4.75
C VAL A 52 -10.17 6.77 3.75
N ASN A 53 -9.80 8.04 3.87
CA ASN A 53 -8.83 8.65 2.97
C ASN A 53 -7.78 7.63 2.54
N TYR A 54 -7.82 7.25 1.26
CA TYR A 54 -6.87 6.29 0.73
C TYR A 54 -6.04 6.90 -0.39
N LYS A 55 -5.04 6.16 -0.85
CA LYS A 55 -4.17 6.63 -1.92
C LYS A 55 -3.91 5.52 -2.94
N VAL A 56 -4.55 5.63 -4.10
CA VAL A 56 -4.38 4.63 -5.16
C VAL A 56 -3.36 5.11 -6.19
N VAL A 57 -2.61 4.16 -6.75
CA VAL A 57 -1.60 4.47 -7.75
C VAL A 57 -1.70 3.52 -8.94
N GLU A 58 -2.10 4.05 -10.09
CA GLU A 58 -2.24 3.25 -11.30
C GLU A 58 -0.88 3.02 -11.94
N LEU A 59 -0.39 1.78 -11.86
CA LEU A 59 0.89 1.42 -12.44
C LEU A 59 0.79 1.28 -13.96
N ASP A 60 -0.20 0.52 -14.41
CA ASP A 60 -0.41 0.31 -15.83
C ASP A 60 -0.32 1.63 -16.60
N LEU A 61 -0.73 2.70 -15.96
CA LEU A 61 -0.70 4.03 -16.59
C LEU A 61 0.65 4.70 -16.35
N LEU A 62 1.33 4.31 -15.27
CA LEU A 62 2.63 4.87 -14.94
C LEU A 62 3.66 4.52 -16.00
N GLU A 63 4.25 5.54 -16.62
CA GLU A 63 5.25 5.34 -17.65
C GLU A 63 6.29 4.31 -17.21
N TYR A 64 6.61 4.33 -15.91
CA TYR A 64 7.59 3.40 -15.36
C TYR A 64 6.91 2.30 -14.56
N GLY A 65 5.74 1.87 -15.02
CA GLY A 65 5.01 0.83 -14.33
C GLY A 65 5.78 -0.47 -14.26
N ASN A 66 6.39 -0.86 -15.37
CA ASN A 66 7.18 -2.09 -15.42
C ASN A 66 8.26 -2.11 -14.35
N GLN A 67 8.62 -0.91 -13.87
CA GLN A 67 9.64 -0.79 -12.84
C GLN A 67 9.06 -1.04 -11.45
N PHE A 68 8.19 -0.14 -11.01
CA PHE A 68 7.56 -0.27 -9.70
C PHE A 68 6.81 -1.59 -9.59
N GLN A 69 6.39 -2.13 -10.72
CA GLN A 69 5.67 -3.39 -10.74
C GLN A 69 6.53 -4.54 -10.21
N ASP A 70 7.79 -4.57 -10.64
CA ASP A 70 8.72 -5.60 -10.21
C ASP A 70 9.03 -5.45 -8.72
N ALA A 71 9.36 -4.22 -8.31
CA ALA A 71 9.69 -3.95 -6.92
C ALA A 71 8.62 -4.50 -5.98
N LEU A 72 7.36 -4.20 -6.30
CA LEU A 72 6.24 -4.67 -5.48
C LEU A 72 6.16 -6.18 -5.46
N TYR A 73 6.07 -6.79 -6.65
CA TYR A 73 5.99 -8.23 -6.77
C TYR A 73 6.94 -8.91 -5.79
N LYS A 74 8.02 -8.22 -5.43
CA LYS A 74 9.00 -8.75 -4.51
C LYS A 74 8.51 -8.62 -3.06
N MET A 75 8.03 -7.43 -2.71
CA MET A 75 7.53 -7.19 -1.37
C MET A 75 6.21 -7.91 -1.13
N THR A 76 5.55 -8.30 -2.22
CA THR A 76 4.28 -9.00 -2.13
C THR A 76 4.45 -10.49 -2.43
N GLY A 77 5.41 -10.81 -3.30
CA GLY A 77 5.66 -12.19 -3.64
C GLY A 77 4.92 -12.61 -4.90
N GLU A 78 3.75 -12.00 -5.13
CA GLU A 78 2.95 -12.32 -6.30
C GLU A 78 2.52 -11.05 -7.02
N ARG A 79 2.30 -11.18 -8.33
CA ARG A 79 1.89 -10.04 -9.15
C ARG A 79 0.38 -9.91 -9.18
N THR A 80 -0.24 -9.92 -8.00
CA THR A 80 -1.69 -9.80 -7.89
C THR A 80 -2.10 -8.37 -7.63
N VAL A 81 -3.20 -7.94 -8.25
CA VAL A 81 -3.70 -6.59 -8.08
C VAL A 81 -5.23 -6.58 -7.93
N PRO A 82 -5.75 -5.55 -7.27
CA PRO A 82 -4.92 -4.46 -6.71
C PRO A 82 -4.09 -4.93 -5.52
N ARG A 83 -3.26 -4.03 -5.00
CA ARG A 83 -2.41 -4.34 -3.86
C ARG A 83 -2.60 -3.32 -2.74
N ILE A 84 -3.12 -3.78 -1.60
CA ILE A 84 -3.35 -2.92 -0.46
C ILE A 84 -2.24 -3.07 0.58
N PHE A 85 -1.87 -1.95 1.22
CA PHE A 85 -0.83 -1.97 2.23
C PHE A 85 -1.17 -1.03 3.38
N VAL A 86 -1.29 -1.59 4.58
CA VAL A 86 -1.62 -0.79 5.76
C VAL A 86 -0.41 -0.66 6.68
N ASN A 87 0.09 0.56 6.81
CA ASN A 87 1.25 0.82 7.66
C ASN A 87 2.48 0.07 7.16
N GLY A 88 2.51 -0.21 5.86
CA GLY A 88 3.63 -0.91 5.28
C GLY A 88 3.56 -2.41 5.52
N THR A 89 2.37 -2.98 5.36
CA THR A 89 2.18 -4.42 5.56
C THR A 89 1.05 -4.95 4.68
N PHE A 90 1.33 -6.04 3.98
CA PHE A 90 0.35 -6.66 3.10
C PHE A 90 -0.70 -7.41 3.90
N ILE A 91 -1.78 -6.72 4.26
CA ILE A 91 -2.86 -7.33 5.03
C ILE A 91 -3.71 -8.26 4.15
N GLY A 92 -3.59 -8.09 2.83
CA GLY A 92 -4.35 -8.91 1.91
C GLY A 92 -4.80 -8.14 0.69
N GLY A 93 -5.25 -8.87 -0.33
CA GLY A 93 -5.70 -8.23 -1.55
C GLY A 93 -7.06 -7.59 -1.40
N ALA A 94 -7.73 -7.32 -2.52
CA ALA A 94 -9.05 -6.71 -2.49
C ALA A 94 -10.01 -7.51 -1.63
N THR A 95 -10.29 -8.75 -2.03
CA THR A 95 -11.19 -9.61 -1.29
C THR A 95 -10.87 -9.59 0.21
N ASP A 96 -9.70 -10.13 0.55
CA ASP A 96 -9.27 -10.17 1.95
C ASP A 96 -9.50 -8.83 2.63
N THR A 97 -8.89 -7.77 2.09
CA THR A 97 -9.02 -6.44 2.65
C THR A 97 -10.47 -6.11 2.96
N HIS A 98 -11.36 -6.47 2.04
CA HIS A 98 -12.80 -6.22 2.22
C HIS A 98 -13.34 -7.00 3.41
N ARG A 99 -12.87 -8.24 3.56
CA ARG A 99 -13.31 -9.09 4.66
C ARG A 99 -12.81 -8.55 6.00
N LEU A 100 -11.54 -8.17 6.04
CA LEU A 100 -10.93 -7.64 7.26
C LEU A 100 -11.83 -6.60 7.90
N HIS A 101 -12.24 -5.61 7.12
CA HIS A 101 -13.10 -4.55 7.61
C HIS A 101 -14.29 -5.12 8.39
N LYS A 102 -14.89 -6.17 7.84
CA LYS A 102 -16.03 -6.82 8.49
C LYS A 102 -15.60 -7.51 9.78
N GLU A 103 -14.58 -8.36 9.67
CA GLU A 103 -14.07 -9.09 10.83
C GLU A 103 -13.52 -8.13 11.89
N GLY A 104 -13.37 -6.86 11.50
CA GLY A 104 -12.86 -5.87 12.42
C GLY A 104 -11.35 -5.98 12.59
N LYS A 105 -10.67 -6.47 11.57
CA LYS A 105 -9.22 -6.62 11.62
C LYS A 105 -8.54 -5.66 10.65
N LEU A 106 -9.28 -4.62 10.24
CA LEU A 106 -8.75 -3.63 9.31
C LEU A 106 -8.81 -2.23 9.92
N LEU A 107 -9.94 -1.91 10.54
CA LEU A 107 -10.13 -0.62 11.17
C LEU A 107 -9.11 -0.39 12.27
N PRO A 108 -8.87 -1.42 13.10
CA PRO A 108 -7.92 -1.36 14.21
C PRO A 108 -6.58 -0.80 13.78
N LEU A 109 -6.27 -0.90 12.49
CA LEU A 109 -5.01 -0.40 11.95
C LEU A 109 -5.21 0.97 11.31
N VAL A 110 -6.28 1.11 10.53
CA VAL A 110 -6.58 2.37 9.86
C VAL A 110 -6.42 3.56 10.82
N HIS A 111 -6.71 3.31 12.10
CA HIS A 111 -6.59 4.35 13.11
C HIS A 111 -5.15 4.53 13.56
N GLN A 112 -4.52 3.43 13.95
CA GLN A 112 -3.13 3.45 14.41
C GLN A 112 -2.24 4.16 13.39
N CYS A 113 -2.62 4.08 12.12
CA CYS A 113 -1.86 4.72 11.05
C CYS A 113 -1.75 6.22 11.28
N TYR A 114 -2.80 6.81 11.85
CA TYR A 114 -2.81 8.24 12.13
C TYR A 114 -3.34 8.52 13.52
N LEU A 115 -3.02 7.62 14.46
CA LEU A 115 -3.47 7.77 15.84
C LEU A 115 -2.43 8.53 16.67
N LYS A 116 -2.87 9.08 17.79
CA LYS A 116 -1.97 9.83 18.67
C LYS A 116 -1.57 11.16 18.04
N LYS A 117 -2.55 11.86 17.48
CA LYS A 117 -2.30 13.15 16.85
C LYS A 117 -3.32 14.19 17.30
N SER A 118 -3.20 15.40 16.78
CA SER A 118 -4.11 16.48 17.14
C SER A 118 -5.52 15.94 17.38
N LYS A 119 -5.91 14.94 16.61
CA LYS A 119 -7.23 14.33 16.74
C LYS A 119 -7.15 13.03 17.53
N ARG A 120 -7.77 13.02 18.70
CA ARG A 120 -7.77 11.84 19.55
C ARG A 120 -9.15 11.60 20.16
N LYS A 121 -9.75 10.47 19.84
CA LYS A 121 -11.07 10.13 20.36
C LYS A 121 -11.00 9.77 21.84
N GLU A 122 -12.15 9.46 22.43
CA GLU A 122 -12.21 9.10 23.84
C GLU A 122 -12.26 7.59 24.02
N PHE A 123 -11.25 7.04 24.68
CA PHE A 123 -11.16 5.61 24.92
C PHE A 123 -10.04 5.28 25.89
N GLN A 124 -10.15 4.14 26.55
CA GLN A 124 -9.14 3.70 27.51
C GLN A 124 -8.51 2.39 27.07
N SER A 125 -7.42 2.01 27.75
CA SER A 125 -6.72 0.77 27.44
C SER A 125 -5.79 0.37 28.58
N GLY A 126 -5.12 -0.77 28.42
CA GLY A 126 -4.20 -1.24 29.43
C GLY A 126 -2.99 -1.95 28.85
N PRO A 127 -1.91 -1.20 28.63
CA PRO A 127 -0.67 -1.73 28.08
C PRO A 127 0.05 -2.67 29.04
N SER A 128 1.06 -3.36 28.55
CA SER A 128 1.84 -4.28 29.37
C SER A 128 3.26 -3.78 29.57
N SER A 129 4.03 -4.49 30.39
CA SER A 129 5.40 -4.12 30.67
C SER A 129 6.25 -5.35 31.01
N GLY A 130 7.57 -5.18 31.00
CA GLY A 130 8.45 -6.28 31.30
C GLY A 130 8.11 -6.96 32.61
N GLY A 1 20.55 -16.45 -7.91
CA GLY A 1 19.80 -15.42 -7.20
C GLY A 1 20.07 -15.44 -5.70
N SER A 2 19.68 -14.36 -5.03
CA SER A 2 19.88 -14.25 -3.59
C SER A 2 18.89 -13.27 -2.97
N SER A 3 18.44 -13.56 -1.76
CA SER A 3 17.49 -12.71 -1.06
C SER A 3 17.91 -12.49 0.39
N GLY A 4 17.33 -11.47 1.02
CA GLY A 4 17.66 -11.17 2.40
C GLY A 4 19.09 -10.71 2.56
N SER A 5 19.40 -10.14 3.72
CA SER A 5 20.74 -9.64 4.01
C SER A 5 21.01 -9.60 5.51
N SER A 6 22.26 -9.83 5.89
CA SER A 6 22.64 -9.82 7.30
C SER A 6 23.16 -8.45 7.71
N GLY A 7 22.27 -7.59 8.19
CA GLY A 7 22.66 -6.26 8.61
C GLY A 7 22.13 -5.18 7.67
N SER A 8 22.69 -3.99 7.80
CA SER A 8 22.28 -2.86 6.96
C SER A 8 23.46 -1.95 6.64
N LEU A 9 23.43 -1.34 5.45
CA LEU A 9 24.49 -0.44 5.03
C LEU A 9 23.93 0.78 4.31
N GLU A 10 24.75 1.82 4.19
CA GLU A 10 24.32 3.04 3.52
C GLU A 10 24.95 3.15 2.14
N ASN A 11 24.18 3.66 1.18
CA ASN A 11 24.66 3.80 -0.19
C ASN A 11 23.67 4.61 -1.03
N LEU A 12 24.07 4.93 -2.25
CA LEU A 12 23.21 5.69 -3.16
C LEU A 12 22.41 4.77 -4.06
N ALA A 13 21.09 4.93 -4.05
CA ALA A 13 20.21 4.11 -4.88
C ALA A 13 18.76 4.58 -4.78
N THR A 14 18.29 5.25 -5.83
CA THR A 14 16.92 5.76 -5.85
C THR A 14 15.99 4.79 -6.56
N ALA A 15 16.18 3.50 -6.31
CA ALA A 15 15.36 2.46 -6.93
C ALA A 15 13.88 2.76 -6.73
N PRO A 16 13.02 2.08 -7.51
CA PRO A 16 11.57 2.25 -7.43
C PRO A 16 10.98 1.68 -6.14
N VAL A 17 11.42 0.48 -5.77
CA VAL A 17 10.94 -0.17 -4.56
C VAL A 17 11.00 0.78 -3.37
N ASN A 18 12.11 1.50 -3.24
CA ASN A 18 12.29 2.43 -2.14
C ASN A 18 11.12 3.41 -2.06
N GLN A 19 10.75 3.98 -3.20
CA GLN A 19 9.64 4.93 -3.26
C GLN A 19 8.38 4.31 -2.66
N ILE A 20 8.19 3.02 -2.89
CA ILE A 20 7.02 2.32 -2.39
C ILE A 20 7.14 2.05 -0.88
N GLN A 21 8.33 1.63 -0.46
CA GLN A 21 8.58 1.34 0.95
C GLN A 21 8.33 2.58 1.81
N GLU A 22 8.75 3.74 1.31
CA GLU A 22 8.57 4.99 2.03
C GLU A 22 7.10 5.40 2.04
N THR A 23 6.45 5.24 0.89
CA THR A 23 5.03 5.60 0.76
C THR A 23 4.18 4.87 1.79
N ILE A 24 4.34 3.55 1.86
CA ILE A 24 3.59 2.75 2.81
C ILE A 24 3.84 3.19 4.24
N SER A 25 5.09 3.55 4.53
CA SER A 25 5.47 4.00 5.86
C SER A 25 4.85 5.35 6.19
N ASP A 26 4.96 6.29 5.25
CA ASP A 26 4.41 7.62 5.42
C ASP A 26 2.87 7.58 5.45
N ASN A 27 2.28 7.16 4.33
CA ASN A 27 0.83 7.07 4.22
C ASN A 27 0.29 5.94 5.09
N CYS A 28 -1.03 5.85 5.18
CA CYS A 28 -1.68 4.81 5.97
C CYS A 28 -2.01 3.59 5.12
N VAL A 29 -2.66 3.83 3.99
CA VAL A 29 -3.03 2.75 3.07
C VAL A 29 -2.67 3.10 1.63
N VAL A 30 -1.94 2.21 0.98
CA VAL A 30 -1.53 2.42 -0.41
C VAL A 30 -1.97 1.26 -1.30
N ILE A 31 -2.93 1.54 -2.18
CA ILE A 31 -3.43 0.52 -3.09
C ILE A 31 -2.77 0.61 -4.46
N PHE A 32 -2.24 -0.50 -4.93
CA PHE A 32 -1.56 -0.56 -6.22
C PHE A 32 -2.39 -1.35 -7.23
N SER A 33 -2.85 -0.68 -8.28
CA SER A 33 -3.66 -1.32 -9.31
C SER A 33 -3.10 -1.01 -10.69
N LYS A 34 -3.32 -1.93 -11.63
CA LYS A 34 -2.85 -1.76 -13.00
C LYS A 34 -4.02 -1.72 -13.98
N THR A 35 -5.14 -1.15 -13.54
CA THR A 35 -6.33 -1.05 -14.38
C THR A 35 -6.45 -2.25 -15.31
N SER A 36 -6.27 -3.44 -14.75
CA SER A 36 -6.36 -4.67 -15.53
C SER A 36 -7.30 -5.67 -14.87
N CYS A 37 -7.16 -5.83 -13.56
CA CYS A 37 -8.00 -6.77 -12.81
C CYS A 37 -9.20 -6.04 -12.21
N SER A 38 -10.38 -6.59 -12.43
CA SER A 38 -11.62 -6.01 -11.91
C SER A 38 -11.42 -5.50 -10.49
N TYR A 39 -10.92 -6.37 -9.62
CA TYR A 39 -10.69 -6.01 -8.22
C TYR A 39 -10.22 -4.57 -8.09
N CYS A 40 -9.42 -4.13 -9.06
CA CYS A 40 -8.89 -2.77 -9.06
C CYS A 40 -9.93 -1.80 -8.49
N THR A 41 -11.17 -1.96 -8.90
CA THR A 41 -12.25 -1.09 -8.43
C THR A 41 -12.68 -1.47 -7.02
N MET A 42 -12.84 -2.76 -6.78
CA MET A 42 -13.23 -3.25 -5.46
C MET A 42 -12.52 -2.48 -4.35
N ALA A 43 -11.20 -2.38 -4.48
CA ALA A 43 -10.40 -1.67 -3.48
C ALA A 43 -10.85 -0.22 -3.34
N LYS A 44 -10.84 0.51 -4.44
CA LYS A 44 -11.26 1.91 -4.44
C LYS A 44 -12.64 2.07 -3.81
N LYS A 45 -13.61 1.33 -4.33
CA LYS A 45 -14.97 1.39 -3.81
C LYS A 45 -15.00 1.05 -2.33
N LEU A 46 -14.30 -0.01 -1.95
CA LEU A 46 -14.25 -0.44 -0.55
C LEU A 46 -13.92 0.74 0.36
N PHE A 47 -12.74 1.31 0.18
CA PHE A 47 -12.31 2.45 0.99
C PHE A 47 -13.24 3.64 0.79
N HIS A 48 -13.52 3.96 -0.48
CA HIS A 48 -14.40 5.08 -0.80
C HIS A 48 -15.66 5.04 0.06
N ASP A 49 -16.33 3.90 0.07
CA ASP A 49 -17.56 3.74 0.85
C ASP A 49 -17.29 3.93 2.33
N MET A 50 -16.12 3.48 2.79
CA MET A 50 -15.74 3.60 4.18
C MET A 50 -15.28 5.02 4.50
N ASN A 51 -15.08 5.82 3.46
CA ASN A 51 -14.64 7.20 3.64
C ASN A 51 -13.29 7.27 4.33
N VAL A 52 -12.45 6.29 4.05
CA VAL A 52 -11.11 6.24 4.64
C VAL A 52 -10.04 6.69 3.65
N ASN A 53 -9.59 7.93 3.81
CA ASN A 53 -8.58 8.48 2.92
C ASN A 53 -7.58 7.42 2.49
N TYR A 54 -7.64 7.04 1.22
CA TYR A 54 -6.74 6.03 0.68
C TYR A 54 -5.85 6.60 -0.41
N LYS A 55 -4.88 5.81 -0.86
CA LYS A 55 -3.95 6.25 -1.90
C LYS A 55 -3.77 5.16 -2.95
N VAL A 56 -4.38 5.36 -4.12
CA VAL A 56 -4.28 4.41 -5.21
C VAL A 56 -3.23 4.84 -6.23
N VAL A 57 -2.51 3.87 -6.77
CA VAL A 57 -1.47 4.15 -7.76
C VAL A 57 -1.64 3.27 -8.99
N GLU A 58 -1.96 3.90 -10.12
CA GLU A 58 -2.15 3.17 -11.38
C GLU A 58 -0.81 2.87 -12.04
N LEU A 59 -0.35 1.65 -11.90
CA LEU A 59 0.92 1.23 -12.49
C LEU A 59 0.81 1.15 -14.00
N ASP A 60 -0.19 0.45 -14.49
CA ASP A 60 -0.41 0.29 -15.93
C ASP A 60 -0.28 1.64 -16.63
N LEU A 61 -0.94 2.66 -16.09
CA LEU A 61 -0.89 4.00 -16.67
C LEU A 61 0.48 4.64 -16.45
N LEU A 62 1.05 4.45 -15.27
CA LEU A 62 2.35 5.00 -14.95
C LEU A 62 3.37 4.65 -16.03
N GLU A 63 4.10 5.66 -16.49
CA GLU A 63 5.12 5.47 -17.51
C GLU A 63 6.13 4.40 -17.09
N TYR A 64 6.44 4.38 -15.80
CA TYR A 64 7.40 3.42 -15.27
C TYR A 64 6.68 2.28 -14.54
N GLY A 65 5.57 1.83 -15.11
CA GLY A 65 4.80 0.76 -14.49
C GLY A 65 5.62 -0.50 -14.32
N ASN A 66 6.27 -0.94 -15.39
CA ASN A 66 7.09 -2.15 -15.35
C ASN A 66 8.02 -2.12 -14.14
N GLN A 67 8.51 -0.94 -13.80
CA GLN A 67 9.41 -0.78 -12.67
C GLN A 67 8.71 -1.12 -11.36
N PHE A 68 7.81 -0.23 -10.94
CA PHE A 68 7.06 -0.43 -9.70
C PHE A 68 6.31 -1.77 -9.71
N GLN A 69 6.04 -2.26 -10.92
CA GLN A 69 5.33 -3.53 -11.08
C GLN A 69 6.13 -4.68 -10.47
N ASP A 70 7.42 -4.73 -10.77
CA ASP A 70 8.30 -5.78 -10.25
C ASP A 70 8.47 -5.64 -8.74
N ALA A 71 8.88 -4.45 -8.31
CA ALA A 71 9.08 -4.19 -6.89
C ALA A 71 7.98 -4.83 -6.04
N LEU A 72 6.73 -4.53 -6.40
CA LEU A 72 5.59 -5.06 -5.68
C LEU A 72 5.62 -6.59 -5.66
N TYR A 73 5.90 -7.18 -6.82
CA TYR A 73 5.96 -8.63 -6.93
C TYR A 73 6.93 -9.22 -5.91
N LYS A 74 7.96 -8.46 -5.58
CA LYS A 74 8.95 -8.90 -4.60
C LYS A 74 8.45 -8.71 -3.18
N MET A 75 7.97 -7.51 -2.88
CA MET A 75 7.45 -7.20 -1.56
C MET A 75 6.16 -7.98 -1.28
N THR A 76 5.52 -8.44 -2.34
CA THR A 76 4.27 -9.20 -2.21
C THR A 76 4.52 -10.69 -2.40
N GLY A 77 5.40 -11.03 -3.33
CA GLY A 77 5.71 -12.42 -3.58
C GLY A 77 5.10 -12.92 -4.88
N GLU A 78 3.95 -12.36 -5.25
CA GLU A 78 3.26 -12.77 -6.47
C GLU A 78 3.01 -11.56 -7.37
N ARG A 79 2.49 -11.82 -8.57
CA ARG A 79 2.20 -10.75 -9.51
C ARG A 79 0.70 -10.49 -9.61
N THR A 80 0.04 -10.43 -8.46
CA THR A 80 -1.39 -10.19 -8.40
C THR A 80 -1.70 -8.71 -8.20
N VAL A 81 -2.95 -8.33 -8.43
CA VAL A 81 -3.38 -6.94 -8.28
C VAL A 81 -4.90 -6.84 -8.24
N PRO A 82 -5.40 -5.77 -7.62
CA PRO A 82 -4.56 -4.74 -6.98
C PRO A 82 -3.86 -5.27 -5.73
N ARG A 83 -3.09 -4.41 -5.09
CA ARG A 83 -2.36 -4.78 -3.87
C ARG A 83 -2.44 -3.68 -2.82
N ILE A 84 -3.05 -4.01 -1.69
CA ILE A 84 -3.19 -3.04 -0.60
C ILE A 84 -2.14 -3.26 0.48
N PHE A 85 -1.59 -2.17 1.00
CA PHE A 85 -0.58 -2.24 2.03
C PHE A 85 -0.86 -1.25 3.15
N VAL A 86 -1.08 -1.78 4.36
CA VAL A 86 -1.36 -0.93 5.52
C VAL A 86 -0.19 -0.91 6.48
N ASN A 87 0.17 0.29 6.95
CA ASN A 87 1.28 0.45 7.88
C ASN A 87 2.48 -0.37 7.44
N GLY A 88 2.83 -0.28 6.15
CA GLY A 88 3.96 -1.02 5.63
C GLY A 88 3.78 -2.52 5.77
N THR A 89 2.54 -2.97 5.65
CA THR A 89 2.23 -4.40 5.77
C THR A 89 1.13 -4.81 4.81
N PHE A 90 1.25 -6.02 4.26
CA PHE A 90 0.26 -6.52 3.32
C PHE A 90 -0.83 -7.31 4.05
N ILE A 91 -1.86 -6.60 4.50
CA ILE A 91 -2.97 -7.22 5.21
C ILE A 91 -3.70 -8.22 4.33
N GLY A 92 -3.57 -8.04 3.01
CA GLY A 92 -4.23 -8.95 2.07
C GLY A 92 -4.73 -8.22 0.84
N GLY A 93 -5.07 -9.00 -0.19
CA GLY A 93 -5.57 -8.41 -1.42
C GLY A 93 -6.90 -7.73 -1.24
N ALA A 94 -7.50 -7.29 -2.35
CA ALA A 94 -8.79 -6.62 -2.31
C ALA A 94 -9.80 -7.41 -1.48
N THR A 95 -10.04 -8.66 -1.88
CA THR A 95 -10.98 -9.51 -1.17
C THR A 95 -10.67 -9.56 0.32
N ASP A 96 -9.46 -9.99 0.65
CA ASP A 96 -9.03 -10.08 2.04
C ASP A 96 -9.27 -8.77 2.77
N THR A 97 -8.57 -7.73 2.33
CA THR A 97 -8.70 -6.41 2.94
C THR A 97 -10.15 -6.08 3.24
N HIS A 98 -11.04 -6.41 2.29
CA HIS A 98 -12.46 -6.15 2.46
C HIS A 98 -13.02 -6.90 3.66
N ARG A 99 -12.70 -8.18 3.76
CA ARG A 99 -13.17 -9.00 4.87
C ARG A 99 -12.70 -8.43 6.20
N LEU A 100 -11.42 -8.14 6.30
CA LEU A 100 -10.83 -7.60 7.52
C LEU A 100 -11.74 -6.52 8.11
N HIS A 101 -12.04 -5.50 7.30
CA HIS A 101 -12.90 -4.41 7.74
C HIS A 101 -14.13 -4.93 8.44
N LYS A 102 -14.83 -5.87 7.80
CA LYS A 102 -16.03 -6.46 8.37
C LYS A 102 -15.78 -6.97 9.79
N GLU A 103 -14.88 -7.95 9.89
CA GLU A 103 -14.55 -8.53 11.19
C GLU A 103 -13.93 -7.48 12.12
N GLY A 104 -13.38 -6.42 11.52
CA GLY A 104 -12.77 -5.36 12.30
C GLY A 104 -11.27 -5.54 12.44
N LYS A 105 -10.60 -5.78 11.33
CA LYS A 105 -9.15 -5.97 11.33
C LYS A 105 -8.46 -4.95 10.43
N LEU A 106 -9.26 -4.18 9.70
CA LEU A 106 -8.73 -3.17 8.80
C LEU A 106 -8.73 -1.79 9.46
N LEU A 107 -9.88 -1.38 9.96
CA LEU A 107 -10.01 -0.09 10.63
C LEU A 107 -8.99 0.06 11.75
N PRO A 108 -8.84 -1.01 12.55
CA PRO A 108 -7.90 -1.03 13.67
C PRO A 108 -6.52 -0.52 13.28
N LEU A 109 -6.14 -0.77 12.03
CA LEU A 109 -4.84 -0.34 11.53
C LEU A 109 -4.90 1.09 11.00
N VAL A 110 -6.04 1.44 10.41
CA VAL A 110 -6.23 2.79 9.88
C VAL A 110 -6.01 3.84 10.95
N HIS A 111 -6.81 3.79 12.01
CA HIS A 111 -6.71 4.74 13.10
C HIS A 111 -5.27 4.81 13.63
N GLN A 112 -4.72 3.65 13.95
CA GLN A 112 -3.36 3.58 14.48
C GLN A 112 -2.44 4.52 13.71
N CYS A 113 -2.52 4.48 12.38
CA CYS A 113 -1.69 5.33 11.54
C CYS A 113 -1.61 6.75 12.10
N TYR A 114 -2.75 7.26 12.58
CA TYR A 114 -2.80 8.60 13.14
C TYR A 114 -3.53 8.59 14.49
N LEU A 115 -2.82 8.17 15.53
CA LEU A 115 -3.39 8.11 16.87
C LEU A 115 -2.46 8.76 17.89
N LYS A 116 -1.18 8.42 17.79
CA LYS A 116 -0.17 8.97 18.70
C LYS A 116 0.17 10.41 18.33
N LYS A 117 0.39 10.64 17.05
CA LYS A 117 0.74 11.97 16.56
C LYS A 117 -0.22 13.02 17.13
N SER A 118 0.14 14.29 16.97
CA SER A 118 -0.67 15.39 17.47
C SER A 118 -1.56 15.94 16.36
N LYS A 119 -2.64 16.62 16.76
CA LYS A 119 -3.57 17.20 15.81
C LYS A 119 -2.88 18.26 14.95
N ARG A 120 -2.91 18.06 13.63
CA ARG A 120 -2.29 19.01 12.71
C ARG A 120 -3.27 20.09 12.30
N LYS A 121 -3.29 21.19 13.04
CA LYS A 121 -4.19 22.29 12.75
C LYS A 121 -3.93 22.86 11.36
N GLU A 122 -4.88 23.65 10.84
CA GLU A 122 -4.74 24.24 9.52
C GLU A 122 -5.14 25.71 9.55
N PHE A 123 -4.62 26.48 8.58
CA PHE A 123 -4.94 27.90 8.50
C PHE A 123 -5.48 28.26 7.12
N GLN A 124 -5.88 29.51 6.95
CA GLN A 124 -6.43 29.97 5.67
C GLN A 124 -5.46 30.93 4.99
N SER A 125 -5.52 30.99 3.66
CA SER A 125 -4.66 31.86 2.89
C SER A 125 -5.42 33.10 2.40
N GLY A 126 -4.68 34.07 1.89
CA GLY A 126 -5.30 35.29 1.40
C GLY A 126 -5.64 35.22 -0.07
N PRO A 127 -5.51 36.35 -0.77
CA PRO A 127 -5.80 36.44 -2.21
C PRO A 127 -4.78 35.68 -3.06
N SER A 128 -5.28 34.91 -4.01
CA SER A 128 -4.41 34.13 -4.89
C SER A 128 -4.90 34.18 -6.33
N SER A 129 -4.11 33.61 -7.24
CA SER A 129 -4.48 33.60 -8.66
C SER A 129 -4.87 32.20 -9.10
N GLY A 130 -5.88 32.13 -9.97
CA GLY A 130 -6.34 30.84 -10.45
C GLY A 130 -6.74 30.89 -11.92
N GLY A 1 10.15 -13.62 -4.88
CA GLY A 1 11.42 -13.93 -5.50
C GLY A 1 12.06 -15.19 -4.92
N SER A 2 13.35 -15.38 -5.20
CA SER A 2 14.06 -16.55 -4.70
C SER A 2 15.47 -16.17 -4.24
N SER A 3 15.75 -16.43 -2.96
CA SER A 3 17.06 -16.11 -2.40
C SER A 3 17.18 -16.66 -0.98
N GLY A 4 18.40 -17.00 -0.59
CA GLY A 4 18.63 -17.53 0.74
C GLY A 4 20.01 -17.18 1.28
N SER A 5 20.37 -15.91 1.16
CA SER A 5 21.67 -15.44 1.64
C SER A 5 21.53 -14.14 2.43
N SER A 6 22.21 -14.06 3.56
CA SER A 6 22.15 -12.87 4.40
C SER A 6 22.18 -11.61 3.56
N GLY A 7 23.22 -11.46 2.75
CA GLY A 7 23.34 -10.29 1.90
C GLY A 7 24.33 -9.28 2.43
N SER A 8 24.62 -8.25 1.64
CA SER A 8 25.57 -7.21 2.04
C SER A 8 25.03 -5.83 1.71
N LEU A 9 25.63 -4.81 2.31
CA LEU A 9 25.22 -3.43 2.09
C LEU A 9 25.23 -3.09 0.60
N GLU A 10 24.79 -1.88 0.26
CA GLU A 10 24.76 -1.44 -1.13
C GLU A 10 24.46 0.07 -1.20
N ASN A 11 25.20 0.77 -2.06
CA ASN A 11 25.01 2.19 -2.23
C ASN A 11 23.59 2.51 -2.69
N LEU A 12 23.08 3.66 -2.27
CA LEU A 12 21.73 4.08 -2.64
C LEU A 12 21.62 4.27 -4.15
N ALA A 13 21.18 3.23 -4.84
CA ALA A 13 21.03 3.29 -6.30
C ALA A 13 19.64 3.80 -6.68
N THR A 14 19.01 4.54 -5.76
CA THR A 14 17.68 5.07 -6.00
C THR A 14 16.80 4.06 -6.72
N ALA A 15 16.75 2.84 -6.20
CA ALA A 15 15.94 1.78 -6.79
C ALA A 15 14.46 2.14 -6.76
N PRO A 16 13.66 1.42 -7.56
CA PRO A 16 12.21 1.64 -7.65
C PRO A 16 11.49 1.23 -6.37
N VAL A 17 11.88 0.10 -5.80
CA VAL A 17 11.26 -0.40 -4.57
C VAL A 17 11.33 0.65 -3.46
N ASN A 18 12.45 1.36 -3.40
CA ASN A 18 12.64 2.39 -2.38
C ASN A 18 11.58 3.48 -2.51
N GLN A 19 11.41 4.00 -3.72
CA GLN A 19 10.44 5.05 -3.97
C GLN A 19 9.08 4.68 -3.36
N ILE A 20 8.75 3.40 -3.39
CA ILE A 20 7.49 2.92 -2.85
C ILE A 20 7.51 2.92 -1.33
N GLN A 21 8.54 2.31 -0.75
CA GLN A 21 8.67 2.25 0.70
C GLN A 21 8.30 3.59 1.34
N GLU A 22 8.68 4.68 0.67
CA GLU A 22 8.38 6.02 1.19
C GLU A 22 6.90 6.33 1.07
N THR A 23 6.27 5.87 0.00
CA THR A 23 4.86 6.09 -0.23
C THR A 23 4.02 5.49 0.89
N ILE A 24 4.29 4.23 1.22
CA ILE A 24 3.57 3.55 2.28
C ILE A 24 3.74 4.25 3.61
N SER A 25 4.90 4.86 3.81
CA SER A 25 5.20 5.57 5.04
C SER A 25 4.29 6.78 5.21
N ASP A 26 4.35 7.69 4.25
CA ASP A 26 3.52 8.90 4.29
C ASP A 26 2.04 8.54 4.18
N ASN A 27 1.69 7.84 3.11
CA ASN A 27 0.30 7.44 2.89
C ASN A 27 -0.04 6.18 3.68
N CYS A 28 -0.62 6.36 4.86
CA CYS A 28 -0.99 5.24 5.72
C CYS A 28 -1.57 4.10 4.90
N VAL A 29 -2.27 4.45 3.82
CA VAL A 29 -2.87 3.45 2.94
C VAL A 29 -2.51 3.71 1.48
N VAL A 30 -2.02 2.69 0.81
CA VAL A 30 -1.64 2.80 -0.59
C VAL A 30 -2.17 1.62 -1.41
N ILE A 31 -3.03 1.90 -2.38
CA ILE A 31 -3.60 0.87 -3.22
C ILE A 31 -2.97 0.89 -4.62
N PHE A 32 -2.04 -0.03 -4.86
CA PHE A 32 -1.37 -0.11 -6.15
C PHE A 32 -2.14 -1.02 -7.10
N SER A 33 -2.82 -0.42 -8.08
CA SER A 33 -3.60 -1.18 -9.05
C SER A 33 -2.95 -1.11 -10.43
N LYS A 34 -3.42 -1.95 -11.34
CA LYS A 34 -2.89 -1.99 -12.70
C LYS A 34 -3.95 -1.53 -13.71
N THR A 35 -5.09 -1.10 -13.19
CA THR A 35 -6.19 -0.63 -14.04
C THR A 35 -6.46 -1.61 -15.18
N SER A 36 -6.52 -2.89 -14.84
CA SER A 36 -6.77 -3.93 -15.83
C SER A 36 -7.89 -4.86 -15.37
N CYS A 37 -7.96 -5.09 -14.07
CA CYS A 37 -8.98 -5.96 -13.50
C CYS A 37 -9.95 -5.18 -12.63
N SER A 38 -11.13 -5.74 -12.39
CA SER A 38 -12.14 -5.08 -11.58
C SER A 38 -11.66 -4.91 -10.14
N TYR A 39 -10.92 -5.90 -9.65
CA TYR A 39 -10.40 -5.86 -8.29
C TYR A 39 -9.83 -4.49 -7.96
N CYS A 40 -9.18 -3.87 -8.95
CA CYS A 40 -8.60 -2.55 -8.77
C CYS A 40 -9.61 -1.59 -8.14
N THR A 41 -10.86 -1.67 -8.60
CA THR A 41 -11.91 -0.81 -8.08
C THR A 41 -12.46 -1.33 -6.76
N MET A 42 -12.43 -2.64 -6.59
CA MET A 42 -12.91 -3.27 -5.37
C MET A 42 -12.16 -2.76 -4.15
N ALA A 43 -10.84 -2.58 -4.31
CA ALA A 43 -10.01 -2.09 -3.22
C ALA A 43 -10.42 -0.70 -2.80
N LYS A 44 -10.22 0.28 -3.69
CA LYS A 44 -10.58 1.66 -3.40
C LYS A 44 -12.07 1.79 -3.11
N LYS A 45 -12.88 0.95 -3.74
CA LYS A 45 -14.32 0.97 -3.55
C LYS A 45 -14.67 0.66 -2.09
N LEU A 46 -13.94 -0.27 -1.49
CA LEU A 46 -14.17 -0.64 -0.10
C LEU A 46 -13.82 0.50 0.85
N PHE A 47 -12.62 1.04 0.70
CA PHE A 47 -12.17 2.14 1.54
C PHE A 47 -13.04 3.37 1.33
N HIS A 48 -13.42 3.63 0.09
CA HIS A 48 -14.26 4.77 -0.24
C HIS A 48 -15.52 4.80 0.62
N ASP A 49 -16.29 3.71 0.56
CA ASP A 49 -17.51 3.61 1.34
C ASP A 49 -17.24 3.85 2.82
N MET A 50 -16.06 3.43 3.28
CA MET A 50 -15.68 3.60 4.68
C MET A 50 -15.29 5.04 4.96
N ASN A 51 -15.06 5.81 3.91
CA ASN A 51 -14.69 7.22 4.05
C ASN A 51 -13.27 7.34 4.59
N VAL A 52 -12.39 6.43 4.18
CA VAL A 52 -11.00 6.44 4.61
C VAL A 52 -10.08 6.90 3.49
N ASN A 53 -9.64 8.15 3.57
CA ASN A 53 -8.75 8.71 2.56
C ASN A 53 -7.71 7.68 2.13
N TYR A 54 -7.79 7.26 0.86
CA TYR A 54 -6.84 6.28 0.33
C TYR A 54 -6.02 6.89 -0.80
N LYS A 55 -5.02 6.13 -1.26
CA LYS A 55 -4.15 6.59 -2.34
C LYS A 55 -3.96 5.49 -3.38
N VAL A 56 -4.61 5.63 -4.52
CA VAL A 56 -4.50 4.65 -5.60
C VAL A 56 -3.48 5.09 -6.64
N VAL A 57 -2.60 4.16 -7.03
CA VAL A 57 -1.57 4.45 -8.01
C VAL A 57 -1.67 3.49 -9.20
N GLU A 58 -1.97 4.05 -10.37
CA GLU A 58 -2.10 3.24 -11.58
C GLU A 58 -0.72 2.90 -12.16
N LEU A 59 -0.29 1.67 -11.93
CA LEU A 59 1.01 1.23 -12.42
C LEU A 59 0.99 1.06 -13.94
N ASP A 60 -0.02 0.36 -14.44
CA ASP A 60 -0.16 0.13 -15.88
C ASP A 60 -0.08 1.45 -16.64
N LEU A 61 -0.64 2.50 -16.05
CA LEU A 61 -0.64 3.81 -16.69
C LEU A 61 0.74 4.47 -16.56
N LEU A 62 1.39 4.25 -15.43
CA LEU A 62 2.71 4.81 -15.18
C LEU A 62 3.69 4.40 -16.28
N GLU A 63 4.65 5.28 -16.57
CA GLU A 63 5.65 5.01 -17.59
C GLU A 63 6.57 3.86 -17.17
N TYR A 64 6.94 3.84 -15.89
CA TYR A 64 7.81 2.79 -15.36
C TYR A 64 7.00 1.75 -14.59
N GLY A 65 5.81 1.43 -15.11
CA GLY A 65 4.96 0.44 -14.47
C GLY A 65 5.66 -0.90 -14.30
N ASN A 66 6.27 -1.38 -15.37
CA ASN A 66 6.96 -2.66 -15.34
C ASN A 66 8.03 -2.68 -14.25
N GLN A 67 8.40 -1.49 -13.78
CA GLN A 67 9.41 -1.37 -12.73
C GLN A 67 8.79 -1.58 -11.36
N PHE A 68 7.94 -0.65 -10.95
CA PHE A 68 7.29 -0.73 -9.64
C PHE A 68 6.49 -2.01 -9.52
N GLN A 69 5.98 -2.51 -10.65
CA GLN A 69 5.19 -3.74 -10.66
C GLN A 69 5.98 -4.89 -10.08
N ASP A 70 7.21 -5.07 -10.55
CA ASP A 70 8.07 -6.14 -10.06
C ASP A 70 8.47 -5.91 -8.61
N ALA A 71 9.11 -4.76 -8.34
CA ALA A 71 9.54 -4.42 -7.00
C ALA A 71 8.51 -4.85 -5.96
N LEU A 72 7.25 -4.48 -6.21
CA LEU A 72 6.16 -4.83 -5.30
C LEU A 72 6.02 -6.34 -5.16
N TYR A 73 5.82 -7.01 -6.29
CA TYR A 73 5.67 -8.46 -6.30
C TYR A 73 6.68 -9.12 -5.36
N LYS A 74 7.83 -8.48 -5.19
CA LYS A 74 8.88 -9.00 -4.33
C LYS A 74 8.59 -8.67 -2.87
N MET A 75 8.05 -7.48 -2.63
CA MET A 75 7.71 -7.05 -1.28
C MET A 75 6.48 -7.79 -0.75
N THR A 76 5.60 -8.18 -1.67
CA THR A 76 4.39 -8.89 -1.30
C THR A 76 4.57 -10.40 -1.43
N GLY A 77 5.21 -10.82 -2.51
CA GLY A 77 5.44 -12.24 -2.72
C GLY A 77 4.66 -12.78 -3.90
N GLU A 78 3.60 -12.07 -4.29
CA GLU A 78 2.77 -12.48 -5.41
C GLU A 78 2.61 -11.36 -6.43
N ARG A 79 1.81 -11.60 -7.45
CA ARG A 79 1.58 -10.62 -8.49
C ARG A 79 0.14 -10.09 -8.44
N THR A 80 -0.67 -10.71 -7.59
CA THR A 80 -2.07 -10.32 -7.44
C THR A 80 -2.21 -8.80 -7.38
N VAL A 81 -3.44 -8.31 -7.51
CA VAL A 81 -3.71 -6.88 -7.46
C VAL A 81 -5.20 -6.61 -7.33
N PRO A 82 -5.54 -5.40 -6.85
CA PRO A 82 -4.54 -4.38 -6.48
C PRO A 82 -3.77 -4.77 -5.22
N ARG A 83 -2.84 -3.91 -4.81
CA ARG A 83 -2.03 -4.16 -3.62
C ARG A 83 -2.35 -3.14 -2.53
N ILE A 84 -2.92 -3.62 -1.43
CA ILE A 84 -3.27 -2.76 -0.32
C ILE A 84 -2.27 -2.91 0.83
N PHE A 85 -1.74 -1.78 1.30
CA PHE A 85 -0.78 -1.78 2.40
C PHE A 85 -1.25 -0.88 3.54
N VAL A 86 -1.44 -1.47 4.70
CA VAL A 86 -1.88 -0.73 5.88
C VAL A 86 -0.73 -0.49 6.84
N ASN A 87 -0.31 0.78 6.96
CA ASN A 87 0.79 1.14 7.85
C ASN A 87 2.08 0.47 7.41
N GLY A 88 2.27 0.33 6.10
CA GLY A 88 3.47 -0.29 5.57
C GLY A 88 3.49 -1.78 5.80
N THR A 89 2.37 -2.44 5.52
CA THR A 89 2.26 -3.89 5.71
C THR A 89 1.21 -4.47 4.78
N PHE A 90 1.45 -5.70 4.33
CA PHE A 90 0.51 -6.37 3.44
C PHE A 90 -0.50 -7.19 4.23
N ILE A 91 -1.75 -6.73 4.25
CA ILE A 91 -2.82 -7.41 4.96
C ILE A 91 -3.70 -8.21 4.02
N GLY A 92 -3.64 -7.87 2.73
CA GLY A 92 -4.43 -8.57 1.74
C GLY A 92 -4.82 -7.69 0.57
N GLY A 93 -5.38 -8.29 -0.47
CA GLY A 93 -5.79 -7.53 -1.64
C GLY A 93 -7.24 -7.11 -1.59
N ALA A 94 -7.83 -6.87 -2.75
CA ALA A 94 -9.23 -6.46 -2.83
C ALA A 94 -10.11 -7.33 -1.93
N THR A 95 -10.19 -8.61 -2.26
CA THR A 95 -11.00 -9.55 -1.49
C THR A 95 -10.61 -9.52 -0.01
N ASP A 96 -9.42 -10.05 0.28
CA ASP A 96 -8.93 -10.09 1.66
C ASP A 96 -9.23 -8.77 2.38
N THR A 97 -8.56 -7.71 1.96
CA THR A 97 -8.75 -6.40 2.56
C THR A 97 -10.22 -6.14 2.87
N HIS A 98 -11.09 -6.50 1.93
CA HIS A 98 -12.52 -6.31 2.10
C HIS A 98 -13.06 -7.19 3.23
N ARG A 99 -12.70 -8.47 3.19
CA ARG A 99 -13.14 -9.41 4.21
C ARG A 99 -12.67 -8.98 5.60
N LEU A 100 -11.44 -8.48 5.67
CA LEU A 100 -10.86 -8.03 6.93
C LEU A 100 -11.78 -7.03 7.62
N HIS A 101 -12.17 -5.98 6.89
CA HIS A 101 -13.05 -4.95 7.43
C HIS A 101 -14.35 -5.56 7.95
N LYS A 102 -14.84 -6.57 7.23
CA LYS A 102 -16.08 -7.24 7.62
C LYS A 102 -15.95 -7.86 9.01
N GLU A 103 -14.93 -8.70 9.19
CA GLU A 103 -14.72 -9.34 10.47
C GLU A 103 -14.27 -8.34 11.52
N GLY A 104 -13.64 -7.26 11.08
CA GLY A 104 -13.17 -6.23 11.99
C GLY A 104 -11.68 -6.34 12.26
N LYS A 105 -10.92 -6.73 11.25
CA LYS A 105 -9.48 -6.88 11.40
C LYS A 105 -8.74 -5.86 10.53
N LEU A 106 -9.48 -4.92 9.96
CA LEU A 106 -8.89 -3.90 9.11
C LEU A 106 -8.92 -2.54 9.79
N LEU A 107 -10.09 -2.17 10.33
CA LEU A 107 -10.24 -0.90 11.02
C LEU A 107 -9.25 -0.77 12.16
N PRO A 108 -9.10 -1.86 12.95
CA PRO A 108 -8.17 -1.88 14.08
C PRO A 108 -6.78 -1.36 13.73
N LEU A 109 -6.36 -1.61 12.50
CA LEU A 109 -5.06 -1.15 12.02
C LEU A 109 -5.15 0.25 11.45
N VAL A 110 -6.30 0.58 10.88
CA VAL A 110 -6.52 1.90 10.29
C VAL A 110 -6.30 3.01 11.32
N HIS A 111 -7.04 2.94 12.42
CA HIS A 111 -6.93 3.94 13.48
C HIS A 111 -5.46 4.15 13.87
N GLN A 112 -4.71 3.06 13.95
CA GLN A 112 -3.30 3.12 14.30
C GLN A 112 -2.57 4.17 13.48
N CYS A 113 -3.07 4.41 12.27
CA CYS A 113 -2.47 5.40 11.37
C CYS A 113 -2.24 6.73 12.11
N TYR A 114 -3.20 7.10 12.93
CA TYR A 114 -3.10 8.35 13.70
C TYR A 114 -3.45 8.12 15.17
N LEU A 115 -2.57 7.41 15.87
CA LEU A 115 -2.78 7.11 17.28
C LEU A 115 -1.47 7.24 18.06
N LYS A 116 -1.57 7.19 19.38
CA LYS A 116 -0.40 7.31 20.25
C LYS A 116 0.38 8.59 19.95
N LYS A 117 -0.34 9.71 19.94
CA LYS A 117 0.29 11.01 19.69
C LYS A 117 0.43 11.81 20.98
N SER A 118 1.58 11.67 21.63
CA SER A 118 1.84 12.38 22.87
C SER A 118 2.66 13.64 22.62
N LYS A 119 2.75 14.49 23.64
CA LYS A 119 3.50 15.74 23.52
C LYS A 119 4.90 15.48 22.98
N ARG A 120 5.63 14.57 23.64
CA ARG A 120 6.98 14.24 23.24
C ARG A 120 6.99 13.58 21.86
N LYS A 121 8.10 13.72 21.14
CA LYS A 121 8.23 13.14 19.82
C LYS A 121 9.70 13.05 19.40
N GLU A 122 10.06 11.98 18.70
CA GLU A 122 11.43 11.78 18.24
C GLU A 122 11.49 11.78 16.72
N PHE A 123 12.65 12.15 16.18
CA PHE A 123 12.84 12.19 14.73
C PHE A 123 14.33 12.10 14.38
N GLN A 124 14.62 11.67 13.16
CA GLN A 124 16.00 11.54 12.70
C GLN A 124 16.05 11.18 11.22
N SER A 125 16.88 11.88 10.47
CA SER A 125 17.02 11.64 9.04
C SER A 125 18.48 11.72 8.62
N GLY A 126 18.78 11.19 7.44
CA GLY A 126 20.14 11.22 6.93
C GLY A 126 20.23 11.79 5.54
N PRO A 127 20.39 13.12 5.46
CA PRO A 127 20.49 13.84 4.17
C PRO A 127 21.81 13.53 3.45
N SER A 128 21.77 12.56 2.56
CA SER A 128 22.95 12.17 1.80
C SER A 128 23.01 12.89 0.46
N SER A 129 24.21 13.27 0.03
CA SER A 129 24.39 13.97 -1.23
C SER A 129 23.86 13.14 -2.39
N GLY A 130 22.82 13.65 -3.04
CA GLY A 130 22.23 12.94 -4.17
C GLY A 130 21.08 13.71 -4.80
N GLY A 1 12.17 -17.49 2.76
CA GLY A 1 12.71 -18.00 1.50
C GLY A 1 14.20 -17.78 1.38
N SER A 2 14.84 -18.59 0.55
CA SER A 2 16.29 -18.48 0.34
C SER A 2 16.64 -18.50 -1.14
N SER A 3 15.87 -17.75 -1.93
CA SER A 3 16.09 -17.68 -3.36
C SER A 3 16.03 -16.24 -3.86
N GLY A 4 17.16 -15.75 -4.37
CA GLY A 4 17.21 -14.39 -4.86
C GLY A 4 18.46 -13.65 -4.40
N SER A 5 19.24 -13.17 -5.35
CA SER A 5 20.47 -12.45 -5.03
C SER A 5 20.96 -11.64 -6.23
N SER A 6 22.02 -10.87 -6.03
CA SER A 6 22.58 -10.04 -7.09
C SER A 6 24.10 -10.11 -7.08
N GLY A 7 24.72 -9.64 -8.17
CA GLY A 7 26.16 -9.66 -8.27
C GLY A 7 26.69 -8.61 -9.23
N SER A 8 26.92 -7.41 -8.72
CA SER A 8 27.43 -6.32 -9.55
C SER A 8 28.18 -5.30 -8.70
N LEU A 9 28.92 -4.41 -9.36
CA LEU A 9 29.68 -3.38 -8.66
C LEU A 9 29.34 -1.99 -9.19
N GLU A 10 28.40 -1.94 -10.13
CA GLU A 10 27.98 -0.68 -10.72
C GLU A 10 26.45 -0.61 -10.81
N ASN A 11 25.85 0.15 -9.90
CA ASN A 11 24.40 0.31 -9.87
C ASN A 11 23.99 1.43 -8.91
N LEU A 12 22.99 2.20 -9.31
CA LEU A 12 22.51 3.31 -8.50
C LEU A 12 21.67 2.79 -7.33
N ALA A 13 21.81 3.44 -6.18
CA ALA A 13 21.07 3.04 -4.99
C ALA A 13 19.68 3.69 -4.97
N THR A 14 19.20 4.06 -6.15
CA THR A 14 17.89 4.68 -6.28
C THR A 14 16.86 3.70 -6.83
N ALA A 15 16.87 2.48 -6.32
CA ALA A 15 15.94 1.45 -6.77
C ALA A 15 14.51 1.95 -6.68
N PRO A 16 13.61 1.31 -7.45
CA PRO A 16 12.19 1.65 -7.48
C PRO A 16 11.47 1.30 -6.18
N VAL A 17 11.81 0.14 -5.63
CA VAL A 17 11.20 -0.32 -4.38
C VAL A 17 11.33 0.74 -3.29
N ASN A 18 12.51 1.36 -3.21
CA ASN A 18 12.76 2.39 -2.21
C ASN A 18 11.71 3.49 -2.29
N GLN A 19 11.38 3.91 -3.51
CA GLN A 19 10.40 4.96 -3.73
C GLN A 19 9.04 4.56 -3.15
N ILE A 20 8.76 3.26 -3.17
CA ILE A 20 7.49 2.75 -2.64
C ILE A 20 7.53 2.63 -1.13
N GLN A 21 8.60 2.01 -0.62
CA GLN A 21 8.76 1.84 0.82
C GLN A 21 8.49 3.13 1.57
N GLU A 22 8.89 4.26 0.97
CA GLU A 22 8.67 5.56 1.58
C GLU A 22 7.22 6.00 1.46
N THR A 23 6.63 5.76 0.30
CA THR A 23 5.25 6.13 0.05
C THR A 23 4.31 5.45 1.05
N ILE A 24 4.45 4.14 1.19
CA ILE A 24 3.63 3.38 2.12
C ILE A 24 3.83 3.85 3.56
N SER A 25 5.00 4.40 3.83
CA SER A 25 5.33 4.90 5.16
C SER A 25 4.65 6.24 5.42
N ASP A 26 4.94 7.21 4.58
CA ASP A 26 4.35 8.55 4.71
C ASP A 26 2.83 8.47 4.71
N ASN A 27 2.28 7.82 3.69
CA ASN A 27 0.83 7.68 3.56
C ASN A 27 0.31 6.59 4.50
N CYS A 28 -0.99 6.63 4.75
CA CYS A 28 -1.62 5.64 5.63
C CYS A 28 -1.97 4.37 4.86
N VAL A 29 -2.66 4.53 3.74
CA VAL A 29 -3.05 3.39 2.92
C VAL A 29 -2.69 3.63 1.45
N VAL A 30 -2.22 2.58 0.78
CA VAL A 30 -1.85 2.68 -0.62
C VAL A 30 -2.46 1.53 -1.43
N ILE A 31 -2.98 1.86 -2.61
CA ILE A 31 -3.59 0.87 -3.47
C ILE A 31 -2.94 0.87 -4.86
N PHE A 32 -2.13 -0.14 -5.13
CA PHE A 32 -1.44 -0.25 -6.41
C PHE A 32 -2.27 -1.08 -7.39
N SER A 33 -2.85 -0.41 -8.38
CA SER A 33 -3.68 -1.08 -9.38
C SER A 33 -3.03 -0.98 -10.76
N LYS A 34 -3.58 -1.73 -11.71
CA LYS A 34 -3.06 -1.74 -13.08
C LYS A 34 -4.19 -1.56 -14.09
N THR A 35 -5.25 -0.87 -13.67
CA THR A 35 -6.39 -0.63 -14.54
C THR A 35 -6.59 -1.78 -15.52
N SER A 36 -6.54 -3.00 -15.01
CA SER A 36 -6.71 -4.19 -15.84
C SER A 36 -7.69 -5.16 -15.19
N CYS A 37 -7.59 -5.33 -13.88
CA CYS A 37 -8.46 -6.22 -13.15
C CYS A 37 -9.71 -5.50 -12.66
N SER A 38 -10.70 -6.27 -12.22
CA SER A 38 -11.95 -5.70 -11.73
C SER A 38 -11.86 -5.34 -10.25
N TYR A 39 -11.21 -6.21 -9.48
CA TYR A 39 -11.05 -5.98 -8.05
C TYR A 39 -10.57 -4.56 -7.77
N CYS A 40 -9.88 -3.98 -8.74
CA CYS A 40 -9.35 -2.62 -8.60
C CYS A 40 -10.45 -1.68 -8.12
N THR A 41 -11.70 -2.04 -8.37
CA THR A 41 -12.83 -1.22 -7.95
C THR A 41 -13.34 -1.64 -6.58
N MET A 42 -13.29 -2.94 -6.30
CA MET A 42 -13.75 -3.47 -5.03
C MET A 42 -12.95 -2.87 -3.87
N ALA A 43 -11.64 -2.74 -4.06
CA ALA A 43 -10.77 -2.17 -3.04
C ALA A 43 -11.00 -0.66 -2.90
N LYS A 44 -10.84 0.05 -4.01
CA LYS A 44 -11.03 1.50 -4.01
C LYS A 44 -12.40 1.88 -3.47
N LYS A 45 -13.41 1.12 -3.87
CA LYS A 45 -14.78 1.38 -3.42
C LYS A 45 -14.96 0.98 -1.97
N LEU A 46 -14.29 -0.10 -1.57
CA LEU A 46 -14.37 -0.59 -0.19
C LEU A 46 -14.02 0.52 0.79
N PHE A 47 -12.87 1.14 0.59
CA PHE A 47 -12.42 2.22 1.46
C PHE A 47 -13.30 3.45 1.31
N HIS A 48 -13.57 3.84 0.06
CA HIS A 48 -14.39 4.99 -0.23
C HIS A 48 -15.68 4.97 0.60
N ASP A 49 -16.39 3.85 0.54
CA ASP A 49 -17.64 3.69 1.29
C ASP A 49 -17.39 3.84 2.78
N MET A 50 -16.23 3.39 3.23
CA MET A 50 -15.87 3.47 4.65
C MET A 50 -15.49 4.89 5.03
N ASN A 51 -15.24 5.73 4.03
CA ASN A 51 -14.87 7.12 4.26
C ASN A 51 -13.45 7.22 4.82
N VAL A 52 -12.61 6.27 4.43
CA VAL A 52 -11.22 6.24 4.90
C VAL A 52 -10.27 6.71 3.81
N ASN A 53 -9.87 7.99 3.89
CA ASN A 53 -8.96 8.57 2.91
C ASN A 53 -7.93 7.54 2.44
N TYR A 54 -7.99 7.19 1.16
CA TYR A 54 -7.07 6.21 0.59
C TYR A 54 -6.19 6.86 -0.48
N LYS A 55 -5.21 6.11 -0.96
CA LYS A 55 -4.30 6.60 -1.98
C LYS A 55 -4.04 5.53 -3.04
N VAL A 56 -4.63 5.72 -4.22
CA VAL A 56 -4.46 4.77 -5.31
C VAL A 56 -3.31 5.18 -6.22
N VAL A 57 -2.65 4.18 -6.81
CA VAL A 57 -1.52 4.44 -7.70
C VAL A 57 -1.45 3.40 -8.82
N GLU A 58 -1.86 3.80 -10.02
CA GLU A 58 -1.84 2.91 -11.17
C GLU A 58 -0.43 2.76 -11.73
N LEU A 59 0.10 1.55 -11.65
CA LEU A 59 1.45 1.28 -12.15
C LEU A 59 1.44 1.11 -13.67
N ASP A 60 0.46 0.39 -14.18
CA ASP A 60 0.34 0.16 -15.61
C ASP A 60 0.15 1.47 -16.35
N LEU A 61 -0.11 2.54 -15.61
CA LEU A 61 -0.31 3.86 -16.20
C LEU A 61 0.98 4.68 -16.14
N LEU A 62 1.68 4.58 -15.01
CA LEU A 62 2.92 5.31 -14.81
C LEU A 62 3.92 5.00 -15.93
N GLU A 63 4.92 5.87 -16.09
CA GLU A 63 5.94 5.69 -17.11
C GLU A 63 6.88 4.54 -16.75
N TYR A 64 7.16 4.40 -15.45
CA TYR A 64 8.05 3.36 -14.96
C TYR A 64 7.26 2.25 -14.27
N GLY A 65 6.06 1.99 -14.77
CA GLY A 65 5.23 0.94 -14.19
C GLY A 65 5.92 -0.40 -14.16
N ASN A 66 6.56 -0.76 -15.26
CA ASN A 66 7.26 -2.04 -15.35
C ASN A 66 8.26 -2.19 -14.21
N GLN A 67 8.70 -1.07 -13.65
CA GLN A 67 9.65 -1.09 -12.55
C GLN A 67 8.95 -1.30 -11.22
N PHE A 68 8.20 -0.30 -10.78
CA PHE A 68 7.46 -0.38 -9.52
C PHE A 68 6.61 -1.64 -9.47
N GLN A 69 6.32 -2.21 -10.64
CA GLN A 69 5.51 -3.41 -10.73
C GLN A 69 6.27 -4.61 -10.18
N ASP A 70 7.54 -4.71 -10.55
CA ASP A 70 8.39 -5.82 -10.09
C ASP A 70 8.69 -5.70 -8.60
N ALA A 71 9.06 -4.49 -8.18
CA ALA A 71 9.38 -4.24 -6.78
C ALA A 71 8.23 -4.69 -5.87
N LEU A 72 7.01 -4.35 -6.26
CA LEU A 72 5.83 -4.71 -5.48
C LEU A 72 5.62 -6.22 -5.48
N TYR A 73 5.71 -6.82 -6.65
CA TYR A 73 5.53 -8.26 -6.79
C TYR A 73 6.42 -9.02 -5.80
N LYS A 74 7.50 -8.38 -5.39
CA LYS A 74 8.44 -8.98 -4.45
C LYS A 74 7.98 -8.77 -3.02
N MET A 75 7.68 -7.52 -2.68
CA MET A 75 7.22 -7.18 -1.33
C MET A 75 5.94 -7.92 -0.99
N THR A 76 5.24 -8.39 -2.02
CA THR A 76 3.99 -9.12 -1.83
C THR A 76 4.19 -10.62 -2.03
N GLY A 77 4.93 -10.97 -3.08
CA GLY A 77 5.18 -12.37 -3.36
C GLY A 77 4.38 -12.87 -4.55
N GLU A 78 3.29 -12.19 -4.85
CA GLU A 78 2.43 -12.58 -5.97
C GLU A 78 2.17 -11.39 -6.88
N ARG A 79 1.78 -11.67 -8.13
CA ARG A 79 1.49 -10.62 -9.10
C ARG A 79 -0.01 -10.38 -9.21
N THR A 80 -0.66 -10.20 -8.05
CA THR A 80 -2.10 -9.96 -8.02
C THR A 80 -2.41 -8.48 -7.89
N VAL A 81 -3.68 -8.13 -7.95
CA VAL A 81 -4.12 -6.74 -7.84
C VAL A 81 -5.62 -6.64 -7.62
N PRO A 82 -6.05 -5.54 -7.01
CA PRO A 82 -5.15 -4.47 -6.55
C PRO A 82 -4.29 -4.90 -5.38
N ARG A 83 -3.45 -3.99 -4.90
CA ARG A 83 -2.57 -4.28 -3.78
C ARG A 83 -2.78 -3.27 -2.64
N ILE A 84 -3.27 -3.76 -1.52
CA ILE A 84 -3.52 -2.90 -0.35
C ILE A 84 -2.40 -3.04 0.67
N PHE A 85 -1.99 -1.91 1.25
CA PHE A 85 -0.93 -1.90 2.25
C PHE A 85 -1.27 -0.95 3.38
N VAL A 86 -1.35 -1.49 4.60
CA VAL A 86 -1.67 -0.69 5.77
C VAL A 86 -0.41 -0.39 6.60
N ASN A 87 -0.06 0.88 6.69
CA ASN A 87 1.12 1.29 7.45
C ASN A 87 2.36 0.52 6.99
N GLY A 88 2.48 0.34 5.68
CA GLY A 88 3.62 -0.37 5.14
C GLY A 88 3.59 -1.84 5.47
N THR A 89 2.43 -2.45 5.36
CA THR A 89 2.27 -3.87 5.65
C THR A 89 1.19 -4.51 4.77
N PHE A 90 1.53 -5.62 4.15
CA PHE A 90 0.59 -6.32 3.27
C PHE A 90 -0.42 -7.12 4.09
N ILE A 91 -1.53 -6.47 4.44
CA ILE A 91 -2.57 -7.11 5.23
C ILE A 91 -3.24 -8.23 4.44
N GLY A 92 -3.18 -8.14 3.11
CA GLY A 92 -3.79 -9.15 2.27
C GLY A 92 -4.26 -8.60 0.95
N GLY A 93 -4.57 -9.49 0.00
CA GLY A 93 -5.03 -9.06 -1.30
C GLY A 93 -6.42 -8.45 -1.25
N ALA A 94 -6.84 -7.83 -2.34
CA ALA A 94 -8.15 -7.20 -2.43
C ALA A 94 -9.19 -8.01 -1.64
N THR A 95 -9.40 -9.25 -2.06
CA THR A 95 -10.36 -10.12 -1.40
C THR A 95 -10.15 -10.14 0.11
N ASP A 96 -9.04 -10.72 0.54
CA ASP A 96 -8.71 -10.81 1.96
C ASP A 96 -9.05 -9.50 2.68
N THR A 97 -8.47 -8.41 2.20
CA THR A 97 -8.71 -7.10 2.81
C THR A 97 -10.19 -6.90 3.10
N HIS A 98 -11.02 -7.08 2.08
CA HIS A 98 -12.46 -6.93 2.22
C HIS A 98 -12.98 -7.71 3.42
N ARG A 99 -12.43 -8.91 3.63
CA ARG A 99 -12.83 -9.76 4.74
C ARG A 99 -12.46 -9.12 6.07
N LEU A 100 -11.25 -8.58 6.14
CA LEU A 100 -10.76 -7.94 7.37
C LEU A 100 -11.81 -6.98 7.92
N HIS A 101 -12.30 -6.10 7.08
CA HIS A 101 -13.32 -5.12 7.49
C HIS A 101 -14.51 -5.82 8.13
N LYS A 102 -15.18 -6.67 7.36
CA LYS A 102 -16.34 -7.40 7.85
C LYS A 102 -16.09 -7.91 9.27
N GLU A 103 -14.94 -8.53 9.47
CA GLU A 103 -14.59 -9.07 10.79
C GLU A 103 -14.19 -7.95 11.74
N GLY A 104 -13.67 -6.86 11.19
CA GLY A 104 -13.27 -5.74 12.01
C GLY A 104 -11.79 -5.77 12.35
N LYS A 105 -10.96 -6.02 11.35
CA LYS A 105 -9.52 -6.09 11.54
C LYS A 105 -8.80 -5.16 10.55
N LEU A 106 -9.57 -4.35 9.84
CA LEU A 106 -9.00 -3.42 8.86
C LEU A 106 -8.96 -2.01 9.42
N LEU A 107 -10.12 -1.48 9.78
CA LEU A 107 -10.20 -0.14 10.33
C LEU A 107 -9.29 0.02 11.54
N PRO A 108 -9.28 -0.98 12.42
CA PRO A 108 -8.46 -0.99 13.63
C PRO A 108 -7.00 -0.61 13.33
N LEU A 109 -6.55 -0.92 12.12
CA LEU A 109 -5.18 -0.61 11.72
C LEU A 109 -5.12 0.75 11.04
N VAL A 110 -6.11 1.05 10.21
CA VAL A 110 -6.17 2.33 9.51
C VAL A 110 -5.90 3.49 10.45
N HIS A 111 -6.51 3.45 11.63
CA HIS A 111 -6.34 4.50 12.62
C HIS A 111 -4.90 4.53 13.14
N GLN A 112 -4.34 3.35 13.37
CA GLN A 112 -2.96 3.24 13.86
C GLN A 112 -2.06 4.26 13.18
N CYS A 113 -2.30 4.50 11.89
CA CYS A 113 -1.50 5.45 11.13
C CYS A 113 -1.42 6.79 11.84
N TYR A 114 -2.58 7.29 12.28
CA TYR A 114 -2.64 8.57 12.98
C TYR A 114 -3.40 8.43 14.30
N LEU A 115 -3.03 7.43 15.09
CA LEU A 115 -3.67 7.18 16.37
C LEU A 115 -3.13 8.12 17.44
N LYS A 116 -3.82 8.19 18.56
CA LYS A 116 -3.42 9.07 19.67
C LYS A 116 -3.60 10.53 19.29
N LYS A 117 -4.76 10.86 18.76
CA LYS A 117 -5.06 12.24 18.36
C LYS A 117 -6.05 12.88 19.35
N SER A 118 -5.90 14.19 19.54
CA SER A 118 -6.77 14.93 20.45
C SER A 118 -8.23 14.58 20.20
N LYS A 119 -8.72 13.56 20.90
CA LYS A 119 -10.10 13.13 20.76
C LYS A 119 -10.45 12.03 21.77
N ARG A 120 -11.70 11.58 21.75
CA ARG A 120 -12.15 10.54 22.66
C ARG A 120 -11.60 9.18 22.23
N LYS A 121 -10.79 8.57 23.09
CA LYS A 121 -10.20 7.27 22.81
C LYS A 121 -9.96 6.48 24.09
N GLU A 122 -9.72 5.18 23.95
CA GLU A 122 -9.47 4.32 25.10
C GLU A 122 -7.97 4.30 25.45
N PHE A 123 -7.49 5.40 26.01
CA PHE A 123 -6.08 5.51 26.39
C PHE A 123 -5.63 4.26 27.15
N GLN A 124 -4.57 3.63 26.65
CA GLN A 124 -4.03 2.43 27.27
C GLN A 124 -2.74 2.00 26.61
N SER A 125 -1.75 1.61 27.42
CA SER A 125 -0.46 1.18 26.90
C SER A 125 -0.08 -0.18 27.47
N GLY A 126 1.00 -0.75 26.95
CA GLY A 126 1.46 -2.05 27.42
C GLY A 126 2.97 -2.20 27.35
N PRO A 127 3.69 -1.39 28.14
CA PRO A 127 5.15 -1.42 28.18
C PRO A 127 5.69 -2.69 28.81
N SER A 128 6.04 -3.67 27.97
CA SER A 128 6.57 -4.93 28.45
C SER A 128 8.07 -4.84 28.72
N SER A 129 8.42 -4.30 29.89
CA SER A 129 9.82 -4.14 30.26
C SER A 129 10.65 -5.34 29.80
N GLY A 130 11.84 -5.06 29.30
CA GLY A 130 12.72 -6.12 28.82
C GLY A 130 13.48 -6.79 29.95
N GLY A 1 17.62 -15.90 7.67
CA GLY A 1 17.71 -15.37 6.33
C GLY A 1 18.61 -14.15 6.25
N SER A 2 19.88 -14.37 5.95
CA SER A 2 20.85 -13.27 5.86
C SER A 2 20.98 -12.79 4.41
N SER A 3 20.99 -11.48 4.23
CA SER A 3 21.10 -10.88 2.91
C SER A 3 21.77 -9.51 2.98
N GLY A 4 22.79 -9.31 2.15
CA GLY A 4 23.50 -8.05 2.13
C GLY A 4 24.88 -8.17 1.51
N SER A 5 25.47 -7.02 1.18
CA SER A 5 26.80 -7.00 0.57
C SER A 5 27.82 -6.38 1.52
N SER A 6 29.09 -6.72 1.31
CA SER A 6 30.17 -6.19 2.15
C SER A 6 31.19 -5.42 1.30
N GLY A 7 31.32 -4.13 1.59
CA GLY A 7 32.27 -3.30 0.85
C GLY A 7 31.75 -2.92 -0.52
N SER A 8 30.47 -2.54 -0.58
CA SER A 8 29.86 -2.16 -1.85
C SER A 8 29.90 -0.64 -2.03
N LEU A 9 30.85 -0.18 -2.85
CA LEU A 9 31.00 1.24 -3.12
C LEU A 9 30.60 1.58 -4.55
N GLU A 10 30.32 0.55 -5.33
CA GLU A 10 29.93 0.73 -6.72
C GLU A 10 28.62 0.01 -7.02
N ASN A 11 27.68 0.09 -6.07
CA ASN A 11 26.38 -0.56 -6.23
C ASN A 11 25.26 0.48 -6.22
N LEU A 12 24.25 0.26 -7.05
CA LEU A 12 23.12 1.17 -7.14
C LEU A 12 22.09 0.87 -6.05
N ALA A 13 22.08 1.71 -5.02
CA ALA A 13 21.15 1.54 -3.91
C ALA A 13 19.87 2.36 -4.14
N THR A 14 19.60 2.69 -5.40
CA THR A 14 18.42 3.46 -5.75
C THR A 14 17.38 2.59 -6.44
N ALA A 15 17.23 1.36 -5.97
CA ALA A 15 16.26 0.43 -6.55
C ALA A 15 14.86 1.03 -6.54
N PRO A 16 13.96 0.42 -7.33
CA PRO A 16 12.57 0.88 -7.44
C PRO A 16 11.77 0.62 -6.17
N VAL A 17 11.97 -0.56 -5.58
CA VAL A 17 11.27 -0.94 -4.35
C VAL A 17 11.44 0.13 -3.28
N ASN A 18 12.66 0.60 -3.10
CA ASN A 18 12.95 1.62 -2.10
C ASN A 18 12.06 2.85 -2.31
N GLN A 19 12.04 3.36 -3.53
CA GLN A 19 11.22 4.52 -3.86
C GLN A 19 9.77 4.32 -3.41
N ILE A 20 9.28 3.10 -3.55
CA ILE A 20 7.92 2.77 -3.16
C ILE A 20 7.77 2.76 -1.65
N GLN A 21 8.60 1.97 -0.98
CA GLN A 21 8.56 1.87 0.48
C GLN A 21 8.31 3.24 1.11
N GLU A 22 8.97 4.26 0.57
CA GLU A 22 8.83 5.62 1.08
C GLU A 22 7.39 6.10 0.93
N THR A 23 6.77 5.76 -0.19
CA THR A 23 5.39 6.16 -0.46
C THR A 23 4.43 5.54 0.56
N ILE A 24 4.56 4.23 0.78
CA ILE A 24 3.71 3.53 1.72
C ILE A 24 3.99 3.98 3.15
N SER A 25 5.25 4.27 3.44
CA SER A 25 5.65 4.72 4.77
C SER A 25 4.92 6.00 5.16
N ASP A 26 4.78 6.91 4.20
CA ASP A 26 4.11 8.18 4.44
C ASP A 26 2.61 7.97 4.62
N ASN A 27 1.96 7.50 3.56
CA ASN A 27 0.52 7.25 3.60
C ASN A 27 0.19 6.01 4.43
N CYS A 28 -1.04 5.93 4.91
CA CYS A 28 -1.48 4.80 5.71
C CYS A 28 -1.96 3.66 4.82
N VAL A 29 -2.87 3.96 3.92
CA VAL A 29 -3.41 2.95 3.01
C VAL A 29 -3.04 3.27 1.57
N VAL A 30 -2.23 2.40 0.97
CA VAL A 30 -1.80 2.58 -0.42
C VAL A 30 -2.34 1.47 -1.31
N ILE A 31 -3.28 1.84 -2.19
CA ILE A 31 -3.87 0.87 -3.10
C ILE A 31 -3.27 0.99 -4.50
N PHE A 32 -2.34 0.09 -4.81
CA PHE A 32 -1.69 0.08 -6.11
C PHE A 32 -2.49 -0.73 -7.12
N SER A 33 -2.98 -0.06 -8.15
CA SER A 33 -3.77 -0.72 -9.19
C SER A 33 -3.12 -0.53 -10.56
N LYS A 34 -3.37 -1.48 -11.46
CA LYS A 34 -2.81 -1.42 -12.81
C LYS A 34 -3.93 -1.40 -13.85
N THR A 35 -5.09 -0.88 -13.45
CA THR A 35 -6.24 -0.81 -14.35
C THR A 35 -6.26 -1.99 -15.32
N SER A 36 -6.12 -3.19 -14.77
CA SER A 36 -6.11 -4.41 -15.58
C SER A 36 -7.08 -5.45 -15.01
N CYS A 37 -7.03 -5.63 -13.70
CA CYS A 37 -7.90 -6.59 -13.03
C CYS A 37 -9.21 -5.94 -12.61
N SER A 38 -10.15 -6.76 -12.15
CA SER A 38 -11.46 -6.26 -11.72
C SER A 38 -11.40 -5.72 -10.30
N TYR A 39 -10.70 -6.44 -9.43
CA TYR A 39 -10.56 -6.04 -8.04
C TYR A 39 -10.17 -4.57 -7.93
N CYS A 40 -9.59 -4.04 -9.01
CA CYS A 40 -9.16 -2.65 -9.03
C CYS A 40 -10.32 -1.72 -8.65
N THR A 41 -11.54 -2.20 -8.82
CA THR A 41 -12.72 -1.42 -8.50
C THR A 41 -13.23 -1.73 -7.10
N MET A 42 -13.19 -3.01 -6.73
CA MET A 42 -13.65 -3.45 -5.42
C MET A 42 -12.90 -2.70 -4.32
N ALA A 43 -11.59 -2.52 -4.50
CA ALA A 43 -10.76 -1.83 -3.53
C ALA A 43 -11.21 -0.37 -3.36
N LYS A 44 -11.24 0.35 -4.47
CA LYS A 44 -11.64 1.75 -4.46
C LYS A 44 -13.01 1.92 -3.80
N LYS A 45 -13.96 1.11 -4.23
CA LYS A 45 -15.32 1.16 -3.68
C LYS A 45 -15.31 0.76 -2.20
N LEU A 46 -14.46 -0.19 -1.85
CA LEU A 46 -14.37 -0.66 -0.47
C LEU A 46 -14.05 0.50 0.47
N PHE A 47 -12.87 1.09 0.32
CA PHE A 47 -12.46 2.20 1.16
C PHE A 47 -13.35 3.41 0.93
N HIS A 48 -13.65 3.69 -0.34
CA HIS A 48 -14.50 4.82 -0.68
C HIS A 48 -15.80 4.79 0.09
N ASP A 49 -16.50 3.65 0.04
CA ASP A 49 -17.76 3.50 0.75
C ASP A 49 -17.56 3.64 2.25
N MET A 50 -16.40 3.24 2.73
CA MET A 50 -16.08 3.31 4.15
C MET A 50 -15.70 4.75 4.55
N ASN A 51 -15.51 5.59 3.54
CA ASN A 51 -15.14 6.99 3.79
C ASN A 51 -13.78 7.09 4.48
N VAL A 52 -12.89 6.16 4.14
CA VAL A 52 -11.55 6.14 4.71
C VAL A 52 -10.52 6.64 3.72
N ASN A 53 -10.12 7.89 3.86
CA ASN A 53 -9.13 8.49 2.97
C ASN A 53 -8.07 7.46 2.56
N TYR A 54 -8.06 7.12 1.27
CA TYR A 54 -7.11 6.15 0.76
C TYR A 54 -6.19 6.79 -0.28
N LYS A 55 -5.17 6.04 -0.70
CA LYS A 55 -4.22 6.54 -1.69
C LYS A 55 -4.02 5.52 -2.81
N VAL A 56 -4.60 5.80 -3.98
CA VAL A 56 -4.48 4.91 -5.12
C VAL A 56 -3.40 5.40 -6.09
N VAL A 57 -2.66 4.46 -6.66
CA VAL A 57 -1.60 4.78 -7.60
C VAL A 57 -1.65 3.89 -8.82
N GLU A 58 -2.11 4.44 -9.94
CA GLU A 58 -2.22 3.68 -11.18
C GLU A 58 -0.84 3.47 -11.79
N LEU A 59 -0.28 2.27 -11.59
CA LEU A 59 1.03 1.93 -12.13
C LEU A 59 0.96 1.76 -13.64
N ASP A 60 0.04 0.94 -14.10
CA ASP A 60 -0.12 0.69 -15.54
C ASP A 60 -0.04 1.99 -16.33
N LEU A 61 -0.79 2.99 -15.88
CA LEU A 61 -0.81 4.29 -16.55
C LEU A 61 0.48 5.06 -16.27
N LEU A 62 0.98 4.97 -15.03
CA LEU A 62 2.20 5.64 -14.65
C LEU A 62 3.37 5.23 -15.53
N GLU A 63 4.26 6.16 -15.81
CA GLU A 63 5.43 5.89 -16.65
C GLU A 63 6.38 4.94 -15.94
N TYR A 64 6.33 4.92 -14.61
CA TYR A 64 7.19 4.06 -13.82
C TYR A 64 6.39 2.90 -13.20
N GLY A 65 5.41 2.41 -13.95
CA GLY A 65 4.58 1.33 -13.45
C GLY A 65 5.24 -0.03 -13.64
N ASN A 66 5.85 -0.23 -14.81
CA ASN A 66 6.52 -1.48 -15.13
C ASN A 66 7.69 -1.73 -14.19
N GLN A 67 8.09 -0.68 -13.46
CA GLN A 67 9.21 -0.78 -12.54
C GLN A 67 8.71 -1.08 -11.12
N PHE A 68 7.69 -0.35 -10.69
CA PHE A 68 7.13 -0.53 -9.36
C PHE A 68 6.21 -1.74 -9.32
N GLN A 69 5.83 -2.23 -10.50
CA GLN A 69 4.95 -3.39 -10.60
C GLN A 69 5.69 -4.67 -10.22
N ASP A 70 6.97 -4.75 -10.58
CA ASP A 70 7.78 -5.91 -10.27
C ASP A 70 8.20 -5.92 -8.80
N ALA A 71 8.75 -4.79 -8.36
CA ALA A 71 9.20 -4.66 -6.98
C ALA A 71 8.07 -4.99 -6.00
N LEU A 72 6.85 -4.58 -6.33
CA LEU A 72 5.70 -4.83 -5.49
C LEU A 72 5.43 -6.33 -5.39
N TYR A 73 5.33 -7.00 -6.53
CA TYR A 73 5.08 -8.43 -6.57
C TYR A 73 5.98 -9.17 -5.59
N LYS A 74 7.15 -8.60 -5.33
CA LYS A 74 8.10 -9.20 -4.41
C LYS A 74 7.73 -8.90 -2.96
N MET A 75 7.44 -7.64 -2.68
CA MET A 75 7.06 -7.23 -1.34
C MET A 75 5.74 -7.86 -0.92
N THR A 76 4.96 -8.30 -1.91
CA THR A 76 3.67 -8.93 -1.64
C THR A 76 3.78 -10.45 -1.66
N GLY A 77 4.36 -10.98 -2.73
CA GLY A 77 4.51 -12.42 -2.86
C GLY A 77 3.79 -12.98 -4.07
N GLU A 78 2.88 -12.19 -4.64
CA GLU A 78 2.12 -12.62 -5.80
C GLU A 78 1.80 -11.44 -6.70
N ARG A 79 1.21 -11.73 -7.86
CA ARG A 79 0.86 -10.68 -8.82
C ARG A 79 -0.63 -10.38 -8.76
N THR A 80 -1.17 -10.30 -7.54
CA THR A 80 -2.59 -10.01 -7.36
C THR A 80 -2.82 -8.53 -7.09
N VAL A 81 -3.56 -7.87 -7.98
CA VAL A 81 -3.85 -6.45 -7.83
C VAL A 81 -5.36 -6.22 -7.74
N PRO A 82 -5.73 -5.07 -7.16
CA PRO A 82 -4.78 -4.09 -6.64
C PRO A 82 -4.07 -4.60 -5.38
N ARG A 83 -3.18 -3.78 -4.85
CA ARG A 83 -2.42 -4.14 -3.66
C ARG A 83 -2.63 -3.11 -2.54
N ILE A 84 -3.15 -3.58 -1.41
CA ILE A 84 -3.40 -2.70 -0.28
C ILE A 84 -2.30 -2.83 0.78
N PHE A 85 -1.84 -1.70 1.28
CA PHE A 85 -0.79 -1.67 2.30
C PHE A 85 -1.16 -0.75 3.46
N VAL A 86 -1.19 -1.31 4.67
CA VAL A 86 -1.53 -0.54 5.85
C VAL A 86 -0.28 -0.22 6.67
N ASN A 87 0.13 1.04 6.64
CA ASN A 87 1.30 1.48 7.38
C ASN A 87 2.57 0.84 6.82
N GLY A 88 2.56 0.58 5.52
CA GLY A 88 3.72 -0.03 4.88
C GLY A 88 3.82 -1.53 5.16
N THR A 89 2.68 -2.21 5.11
CA THR A 89 2.65 -3.64 5.37
C THR A 89 1.55 -4.31 4.54
N PHE A 90 1.94 -5.36 3.81
CA PHE A 90 0.98 -6.10 2.98
C PHE A 90 0.09 -6.99 3.82
N ILE A 91 -1.03 -6.44 4.27
CA ILE A 91 -1.98 -7.18 5.09
C ILE A 91 -2.74 -8.22 4.26
N GLY A 92 -2.82 -7.97 2.95
CA GLY A 92 -3.51 -8.90 2.08
C GLY A 92 -3.99 -8.23 0.80
N GLY A 93 -4.25 -9.04 -0.22
CA GLY A 93 -4.71 -8.51 -1.49
C GLY A 93 -6.14 -8.00 -1.42
N ALA A 94 -6.61 -7.38 -2.50
CA ALA A 94 -7.96 -6.84 -2.55
C ALA A 94 -8.93 -7.74 -1.79
N THR A 95 -9.04 -8.99 -2.22
CA THR A 95 -9.95 -9.94 -1.57
C THR A 95 -9.75 -9.93 -0.06
N ASP A 96 -8.57 -10.34 0.39
CA ASP A 96 -8.26 -10.37 1.81
C ASP A 96 -8.68 -9.07 2.50
N THR A 97 -8.10 -7.96 2.03
CA THR A 97 -8.41 -6.65 2.59
C THR A 97 -9.90 -6.50 2.86
N HIS A 98 -10.72 -6.94 1.91
CA HIS A 98 -12.17 -6.86 2.05
C HIS A 98 -12.64 -7.64 3.27
N ARG A 99 -12.06 -8.82 3.47
CA ARG A 99 -12.43 -9.67 4.59
C ARG A 99 -12.02 -9.03 5.92
N LEU A 100 -10.77 -8.59 5.99
CA LEU A 100 -10.25 -7.95 7.19
C LEU A 100 -11.27 -7.00 7.79
N HIS A 101 -11.70 -6.03 6.99
CA HIS A 101 -12.69 -5.05 7.44
C HIS A 101 -13.86 -5.73 8.12
N LYS A 102 -14.30 -6.85 7.56
CA LYS A 102 -15.42 -7.61 8.11
C LYS A 102 -15.02 -8.29 9.42
N GLU A 103 -13.93 -9.03 9.38
CA GLU A 103 -13.45 -9.73 10.57
C GLU A 103 -13.00 -8.73 11.65
N GLY A 104 -12.79 -7.48 11.24
CA GLY A 104 -12.36 -6.46 12.17
C GLY A 104 -10.86 -6.46 12.38
N LYS A 105 -10.11 -6.51 11.29
CA LYS A 105 -8.65 -6.52 11.36
C LYS A 105 -8.06 -5.50 10.40
N LEU A 106 -8.89 -4.58 9.91
CA LEU A 106 -8.44 -3.56 8.98
C LEU A 106 -8.59 -2.17 9.59
N LEU A 107 -9.82 -1.82 9.97
CA LEU A 107 -10.09 -0.51 10.56
C LEU A 107 -9.21 -0.29 11.79
N PRO A 108 -9.08 -1.32 12.63
CA PRO A 108 -8.27 -1.26 13.85
C PRO A 108 -6.88 -0.68 13.60
N LEU A 109 -6.42 -0.81 12.35
CA LEU A 109 -5.10 -0.30 11.97
C LEU A 109 -5.22 1.10 11.36
N VAL A 110 -6.27 1.30 10.58
CA VAL A 110 -6.51 2.58 9.92
C VAL A 110 -6.60 3.71 10.95
N HIS A 111 -7.16 3.40 12.10
CA HIS A 111 -7.30 4.39 13.17
C HIS A 111 -6.13 4.32 14.14
N GLN A 112 -4.93 4.13 13.60
CA GLN A 112 -3.73 4.04 14.42
C GLN A 112 -2.63 4.92 13.85
N CYS A 113 -2.50 4.95 12.53
CA CYS A 113 -1.49 5.75 11.87
C CYS A 113 -1.67 7.24 12.18
N TYR A 114 -2.83 7.77 11.79
CA TYR A 114 -3.14 9.18 12.03
C TYR A 114 -3.79 9.37 13.41
N LEU A 115 -3.59 8.40 14.29
CA LEU A 115 -4.15 8.46 15.62
C LEU A 115 -3.60 9.66 16.40
N LYS A 116 -4.30 10.05 17.47
CA LYS A 116 -3.88 11.17 18.28
C LYS A 116 -4.06 12.49 17.54
N LYS A 117 -5.28 12.72 17.03
CA LYS A 117 -5.58 13.94 16.30
C LYS A 117 -6.34 14.92 17.19
N SER A 118 -5.84 16.15 17.24
CA SER A 118 -6.46 17.19 18.06
C SER A 118 -7.98 17.06 18.03
N LYS A 119 -8.55 16.76 19.19
CA LYS A 119 -10.00 16.61 19.31
C LYS A 119 -10.45 16.83 20.76
N ARG A 120 -11.62 17.45 20.92
CA ARG A 120 -12.16 17.71 22.25
C ARG A 120 -12.84 16.47 22.82
N LYS A 121 -12.17 15.33 22.67
CA LYS A 121 -12.71 14.07 23.18
C LYS A 121 -11.60 13.25 23.85
N GLU A 122 -11.99 12.50 24.88
CA GLU A 122 -11.04 11.67 25.61
C GLU A 122 -10.11 10.92 24.66
N PHE A 123 -8.94 10.55 25.15
CA PHE A 123 -7.96 9.84 24.34
C PHE A 123 -6.94 9.12 25.21
N GLN A 124 -6.40 8.02 24.71
CA GLN A 124 -5.42 7.24 25.44
C GLN A 124 -4.05 7.91 25.40
N SER A 125 -3.10 7.35 26.15
CA SER A 125 -1.75 7.90 26.21
C SER A 125 -0.93 7.46 25.00
N GLY A 126 0.16 8.17 24.74
CA GLY A 126 1.01 7.84 23.61
C GLY A 126 2.48 7.89 23.97
N PRO A 127 3.18 6.76 23.77
CA PRO A 127 4.61 6.64 24.06
C PRO A 127 5.46 7.46 23.09
N SER A 128 5.01 7.56 21.85
CA SER A 128 5.74 8.30 20.83
C SER A 128 5.48 9.81 20.96
N SER A 129 6.23 10.60 20.21
CA SER A 129 6.09 12.04 20.25
C SER A 129 5.87 12.60 18.85
N GLY A 130 4.65 13.05 18.57
CA GLY A 130 4.33 13.61 17.27
C GLY A 130 4.67 15.08 17.16
N GLY A 1 11.22 -11.41 -25.88
CA GLY A 1 11.33 -10.37 -24.88
C GLY A 1 12.56 -9.50 -25.07
N SER A 2 13.70 -10.14 -25.32
CA SER A 2 14.95 -9.42 -25.52
C SER A 2 15.17 -8.40 -24.40
N SER A 3 14.89 -8.81 -23.18
CA SER A 3 15.06 -7.95 -22.02
C SER A 3 16.09 -8.51 -21.05
N GLY A 4 16.96 -7.65 -20.53
CA GLY A 4 17.98 -8.09 -19.60
C GLY A 4 19.20 -7.20 -19.62
N SER A 5 18.98 -5.89 -19.69
CA SER A 5 20.08 -4.93 -19.73
C SER A 5 20.66 -4.73 -18.33
N SER A 6 21.58 -5.61 -17.94
CA SER A 6 22.21 -5.54 -16.64
C SER A 6 23.12 -4.31 -16.54
N GLY A 7 24.06 -4.20 -17.48
CA GLY A 7 24.97 -3.08 -17.49
C GLY A 7 26.40 -3.49 -17.16
N SER A 8 27.25 -2.51 -16.90
CA SER A 8 28.65 -2.78 -16.58
C SER A 8 28.89 -2.67 -15.08
N LEU A 9 28.37 -1.61 -14.47
CA LEU A 9 28.53 -1.39 -13.04
C LEU A 9 27.36 -0.59 -12.48
N GLU A 10 26.58 -1.23 -11.60
CA GLU A 10 25.43 -0.57 -10.99
C GLU A 10 25.85 0.30 -9.81
N ASN A 11 25.53 1.58 -9.89
CA ASN A 11 25.87 2.52 -8.82
C ASN A 11 24.66 3.32 -8.39
N LEU A 12 23.47 2.79 -8.66
CA LEU A 12 22.23 3.46 -8.29
C LEU A 12 21.39 2.60 -7.36
N ALA A 13 21.41 2.93 -6.08
CA ALA A 13 20.66 2.19 -5.08
C ALA A 13 19.27 2.79 -4.87
N THR A 14 18.80 3.53 -5.88
CA THR A 14 17.50 4.17 -5.82
C THR A 14 16.45 3.35 -6.55
N ALA A 15 16.41 2.05 -6.27
CA ALA A 15 15.45 1.15 -6.90
C ALA A 15 14.03 1.71 -6.79
N PRO A 16 13.12 1.15 -7.61
CA PRO A 16 11.71 1.58 -7.63
C PRO A 16 10.97 1.17 -6.37
N VAL A 17 11.21 -0.06 -5.91
CA VAL A 17 10.56 -0.58 -4.72
C VAL A 17 10.73 0.38 -3.54
N ASN A 18 11.90 1.03 -3.48
CA ASN A 18 12.19 1.97 -2.40
C ASN A 18 11.22 3.16 -2.45
N GLN A 19 11.01 3.71 -3.64
CA GLN A 19 10.11 4.84 -3.81
C GLN A 19 8.72 4.51 -3.29
N ILE A 20 8.35 3.24 -3.36
CA ILE A 20 7.04 2.78 -2.90
C ILE A 20 7.04 2.58 -1.39
N GLN A 21 8.12 2.00 -0.87
CA GLN A 21 8.23 1.74 0.56
C GLN A 21 8.07 3.04 1.36
N GLU A 22 8.67 4.11 0.87
CA GLU A 22 8.58 5.41 1.52
C GLU A 22 7.16 5.94 1.51
N THR A 23 6.42 5.61 0.45
CA THR A 23 5.03 6.05 0.32
C THR A 23 4.13 5.36 1.34
N ILE A 24 4.21 4.03 1.38
CA ILE A 24 3.40 3.26 2.31
C ILE A 24 3.78 3.56 3.76
N SER A 25 5.06 3.82 3.98
CA SER A 25 5.55 4.13 5.32
C SER A 25 4.99 5.45 5.82
N ASP A 26 4.89 6.42 4.93
CA ASP A 26 4.35 7.74 5.28
C ASP A 26 2.83 7.73 5.26
N ASN A 27 2.26 7.41 4.10
CA ASN A 27 0.81 7.38 3.94
C ASN A 27 0.21 6.26 4.80
N CYS A 28 -1.12 6.29 4.93
CA CYS A 28 -1.82 5.29 5.72
C CYS A 28 -2.20 4.08 4.86
N VAL A 29 -2.80 4.35 3.71
CA VAL A 29 -3.22 3.29 2.80
C VAL A 29 -2.83 3.62 1.36
N VAL A 30 -2.18 2.66 0.70
CA VAL A 30 -1.75 2.85 -0.68
C VAL A 30 -2.21 1.69 -1.56
N ILE A 31 -3.15 1.97 -2.45
CA ILE A 31 -3.68 0.94 -3.35
C ILE A 31 -3.01 1.03 -4.72
N PHE A 32 -2.23 0.00 -5.05
CA PHE A 32 -1.53 -0.05 -6.33
C PHE A 32 -2.30 -0.92 -7.34
N SER A 33 -2.88 -0.26 -8.34
CA SER A 33 -3.65 -0.97 -9.36
C SER A 33 -3.02 -0.78 -10.73
N LYS A 34 -3.25 -1.74 -11.62
CA LYS A 34 -2.70 -1.68 -12.97
C LYS A 34 -3.81 -1.65 -14.02
N THR A 35 -4.93 -1.02 -13.65
CA THR A 35 -6.06 -0.91 -14.55
C THR A 35 -6.15 -2.11 -15.49
N SER A 36 -5.98 -3.30 -14.92
CA SER A 36 -6.04 -4.53 -15.70
C SER A 36 -7.10 -5.48 -15.17
N CYS A 37 -7.13 -5.65 -13.85
CA CYS A 37 -8.10 -6.52 -13.21
C CYS A 37 -9.30 -5.73 -12.71
N SER A 38 -10.41 -6.43 -12.47
CA SER A 38 -11.62 -5.79 -11.99
C SER A 38 -11.49 -5.37 -10.53
N TYR A 39 -10.65 -6.10 -9.80
CA TYR A 39 -10.43 -5.81 -8.38
C TYR A 39 -9.97 -4.37 -8.18
N CYS A 40 -9.53 -3.75 -9.27
CA CYS A 40 -9.06 -2.37 -9.22
C CYS A 40 -10.12 -1.45 -8.63
N THR A 41 -11.38 -1.72 -8.94
CA THR A 41 -12.49 -0.93 -8.44
C THR A 41 -12.88 -1.35 -7.04
N MET A 42 -12.86 -2.66 -6.79
CA MET A 42 -13.23 -3.20 -5.48
C MET A 42 -12.50 -2.45 -4.37
N ALA A 43 -11.18 -2.36 -4.49
CA ALA A 43 -10.36 -1.67 -3.49
C ALA A 43 -10.84 -0.23 -3.30
N LYS A 44 -11.04 0.47 -4.40
CA LYS A 44 -11.50 1.86 -4.35
C LYS A 44 -12.85 1.96 -3.65
N LYS A 45 -13.86 1.28 -4.21
CA LYS A 45 -15.19 1.29 -3.65
C LYS A 45 -15.18 0.80 -2.19
N LEU A 46 -14.23 -0.07 -1.89
CA LEU A 46 -14.10 -0.62 -0.54
C LEU A 46 -13.75 0.48 0.46
N PHE A 47 -12.58 1.08 0.29
CA PHE A 47 -12.13 2.13 1.18
C PHE A 47 -13.05 3.36 1.09
N HIS A 48 -13.38 3.74 -0.13
CA HIS A 48 -14.25 4.90 -0.35
C HIS A 48 -15.54 4.77 0.47
N ASP A 49 -16.25 3.66 0.28
CA ASP A 49 -17.49 3.41 1.00
C ASP A 49 -17.26 3.47 2.52
N MET A 50 -16.05 3.11 2.94
CA MET A 50 -15.71 3.12 4.36
C MET A 50 -15.34 4.53 4.81
N ASN A 51 -15.12 5.42 3.85
CA ASN A 51 -14.76 6.80 4.16
C ASN A 51 -13.37 6.89 4.77
N VAL A 52 -12.49 6.00 4.31
CA VAL A 52 -11.11 5.97 4.81
C VAL A 52 -10.14 6.54 3.78
N ASN A 53 -9.73 7.79 3.99
CA ASN A 53 -8.79 8.45 3.09
C ASN A 53 -7.75 7.46 2.57
N TYR A 54 -7.83 7.15 1.28
CA TYR A 54 -6.89 6.22 0.66
C TYR A 54 -6.11 6.91 -0.45
N LYS A 55 -5.11 6.20 -0.98
CA LYS A 55 -4.27 6.74 -2.05
C LYS A 55 -3.99 5.67 -3.11
N VAL A 56 -4.63 5.78 -4.26
CA VAL A 56 -4.44 4.83 -5.34
C VAL A 56 -3.34 5.29 -6.29
N VAL A 57 -2.49 4.35 -6.69
CA VAL A 57 -1.38 4.65 -7.60
C VAL A 57 -1.38 3.70 -8.79
N GLU A 58 -1.87 4.18 -9.92
CA GLU A 58 -1.92 3.37 -11.14
C GLU A 58 -0.51 3.13 -11.69
N LEU A 59 -0.22 1.87 -11.99
CA LEU A 59 1.08 1.49 -12.53
C LEU A 59 1.02 1.24 -14.03
N ASP A 60 -0.03 0.55 -14.46
CA ASP A 60 -0.21 0.24 -15.87
C ASP A 60 -0.19 1.51 -16.71
N LEU A 61 -0.56 2.63 -16.09
CA LEU A 61 -0.58 3.92 -16.78
C LEU A 61 0.73 4.67 -16.57
N LEU A 62 1.25 4.62 -15.35
CA LEU A 62 2.51 5.30 -15.02
C LEU A 62 3.56 5.03 -16.08
N GLU A 63 4.70 5.72 -15.97
CA GLU A 63 5.78 5.55 -16.92
C GLU A 63 6.61 4.30 -16.60
N TYR A 64 7.13 4.25 -15.38
CA TYR A 64 7.94 3.12 -14.95
C TYR A 64 7.07 2.06 -14.28
N GLY A 65 5.88 1.85 -14.82
CA GLY A 65 4.97 0.86 -14.26
C GLY A 65 5.62 -0.52 -14.15
N ASN A 66 6.23 -0.97 -15.24
CA ASN A 66 6.88 -2.28 -15.26
C ASN A 66 7.82 -2.43 -14.07
N GLN A 67 8.29 -1.31 -13.54
CA GLN A 67 9.20 -1.33 -12.39
C GLN A 67 8.41 -1.45 -11.08
N PHE A 68 7.66 -0.41 -10.76
CA PHE A 68 6.88 -0.40 -9.52
C PHE A 68 5.94 -1.61 -9.47
N GLN A 69 5.76 -2.26 -10.61
CA GLN A 69 4.89 -3.43 -10.69
C GLN A 69 5.55 -4.63 -10.05
N ASP A 70 6.78 -4.94 -10.47
CA ASP A 70 7.53 -6.07 -9.93
C ASP A 70 7.87 -5.84 -8.47
N ALA A 71 8.43 -4.67 -8.17
CA ALA A 71 8.81 -4.34 -6.80
C ALA A 71 7.74 -4.79 -5.81
N LEU A 72 6.50 -4.40 -6.05
CA LEU A 72 5.40 -4.77 -5.17
C LEU A 72 5.39 -6.27 -4.91
N TYR A 73 5.27 -7.05 -5.97
CA TYR A 73 5.24 -8.50 -5.86
C TYR A 73 6.28 -8.98 -4.85
N LYS A 74 7.37 -8.23 -4.73
CA LYS A 74 8.44 -8.58 -3.81
C LYS A 74 8.15 -8.02 -2.42
N MET A 75 7.63 -6.80 -2.36
CA MET A 75 7.31 -6.17 -1.09
C MET A 75 6.27 -6.98 -0.32
N THR A 76 5.41 -7.68 -1.05
CA THR A 76 4.38 -8.50 -0.43
C THR A 76 4.59 -9.98 -0.74
N GLY A 77 4.74 -10.31 -2.02
CA GLY A 77 4.95 -11.68 -2.42
C GLY A 77 3.89 -12.17 -3.38
N GLU A 78 2.82 -11.40 -3.54
CA GLU A 78 1.73 -11.76 -4.43
C GLU A 78 1.69 -10.84 -5.65
N ARG A 79 1.22 -11.37 -6.76
CA ARG A 79 1.13 -10.60 -8.01
C ARG A 79 -0.23 -9.96 -8.15
N THR A 80 -1.26 -10.65 -7.66
CA THR A 80 -2.63 -10.14 -7.73
C THR A 80 -2.67 -8.63 -7.52
N VAL A 81 -3.69 -8.00 -8.09
CA VAL A 81 -3.85 -6.55 -7.96
C VAL A 81 -5.32 -6.16 -7.86
N PRO A 82 -5.58 -4.95 -7.33
CA PRO A 82 -4.53 -4.06 -6.86
C PRO A 82 -3.84 -4.58 -5.61
N ARG A 83 -2.89 -3.80 -5.10
CA ARG A 83 -2.15 -4.17 -3.89
C ARG A 83 -2.49 -3.26 -2.73
N ILE A 84 -2.94 -3.85 -1.62
CA ILE A 84 -3.30 -3.08 -0.45
C ILE A 84 -2.23 -3.19 0.64
N PHE A 85 -1.84 -2.05 1.21
CA PHE A 85 -0.83 -2.02 2.25
C PHE A 85 -1.25 -1.10 3.40
N VAL A 86 -1.05 -1.56 4.63
CA VAL A 86 -1.39 -0.77 5.80
C VAL A 86 -0.17 -0.49 6.67
N ASN A 87 0.27 0.76 6.67
CA ASN A 87 1.43 1.16 7.46
C ASN A 87 2.70 0.50 6.93
N GLY A 88 2.78 0.36 5.61
CA GLY A 88 3.95 -0.26 4.99
C GLY A 88 4.03 -1.75 5.27
N THR A 89 2.87 -2.40 5.35
CA THR A 89 2.83 -3.83 5.61
C THR A 89 1.67 -4.49 4.88
N PHE A 90 1.99 -5.45 4.03
CA PHE A 90 0.98 -6.17 3.25
C PHE A 90 0.02 -6.92 4.17
N ILE A 91 -1.27 -6.81 3.90
CA ILE A 91 -2.29 -7.47 4.69
C ILE A 91 -3.19 -8.35 3.82
N GLY A 92 -3.11 -8.14 2.51
CA GLY A 92 -3.92 -8.91 1.60
C GLY A 92 -4.34 -8.11 0.36
N GLY A 93 -4.83 -8.80 -0.65
CA GLY A 93 -5.26 -8.13 -1.86
C GLY A 93 -6.65 -7.56 -1.76
N ALA A 94 -7.27 -7.27 -2.90
CA ALA A 94 -8.61 -6.71 -2.93
C ALA A 94 -9.56 -7.52 -2.05
N THR A 95 -9.63 -8.83 -2.32
CA THR A 95 -10.50 -9.72 -1.55
C THR A 95 -10.13 -9.70 -0.07
N ASP A 96 -8.96 -10.25 0.25
CA ASP A 96 -8.49 -10.31 1.63
C ASP A 96 -8.80 -9.00 2.35
N THR A 97 -8.31 -7.89 1.79
CA THR A 97 -8.53 -6.58 2.38
C THR A 97 -10.00 -6.34 2.71
N HIS A 98 -10.87 -6.69 1.76
CA HIS A 98 -12.30 -6.54 1.95
C HIS A 98 -12.79 -7.33 3.16
N ARG A 99 -12.27 -8.54 3.31
CA ARG A 99 -12.65 -9.40 4.42
C ARG A 99 -12.22 -8.79 5.76
N LEU A 100 -10.96 -8.42 5.85
CA LEU A 100 -10.43 -7.81 7.07
C LEU A 100 -11.42 -6.83 7.68
N HIS A 101 -11.86 -5.87 6.87
CA HIS A 101 -12.81 -4.87 7.33
C HIS A 101 -14.04 -5.53 7.96
N LYS A 102 -14.40 -6.69 7.44
CA LYS A 102 -15.56 -7.43 7.95
C LYS A 102 -15.20 -8.14 9.26
N GLU A 103 -14.18 -8.98 9.21
CA GLU A 103 -13.74 -9.72 10.39
C GLU A 103 -13.35 -8.76 11.51
N GLY A 104 -12.95 -7.55 11.15
CA GLY A 104 -12.56 -6.56 12.14
C GLY A 104 -11.07 -6.55 12.38
N LYS A 105 -10.29 -6.64 11.30
CA LYS A 105 -8.85 -6.64 11.41
C LYS A 105 -8.23 -5.61 10.46
N LEU A 106 -9.07 -4.72 9.94
CA LEU A 106 -8.62 -3.69 9.01
C LEU A 106 -8.73 -2.31 9.64
N LEU A 107 -9.88 -2.04 10.26
CA LEU A 107 -10.12 -0.76 10.90
C LEU A 107 -9.18 -0.55 12.09
N PRO A 108 -9.01 -1.62 12.90
CA PRO A 108 -8.13 -1.58 14.07
C PRO A 108 -6.76 -0.98 13.75
N LEU A 109 -6.33 -1.13 12.50
CA LEU A 109 -5.04 -0.61 12.07
C LEU A 109 -5.18 0.79 11.50
N VAL A 110 -6.20 1.00 10.68
CA VAL A 110 -6.46 2.31 10.08
C VAL A 110 -6.45 3.41 11.14
N HIS A 111 -6.93 3.07 12.33
CA HIS A 111 -6.98 4.05 13.42
C HIS A 111 -5.71 3.98 14.27
N GLN A 112 -4.58 3.78 13.60
CA GLN A 112 -3.29 3.70 14.30
C GLN A 112 -2.26 4.63 13.65
N CYS A 113 -2.26 4.67 12.32
CA CYS A 113 -1.32 5.51 11.59
C CYS A 113 -1.61 6.98 11.85
N TYR A 114 -2.89 7.33 11.94
CA TYR A 114 -3.28 8.71 12.18
C TYR A 114 -3.02 9.11 13.63
N LEU A 115 -3.18 8.15 14.54
CA LEU A 115 -2.95 8.40 15.95
C LEU A 115 -1.63 9.11 16.18
N LYS A 116 -1.51 9.76 17.34
CA LYS A 116 -0.29 10.49 17.68
C LYS A 116 0.95 9.72 17.25
N LYS A 117 1.87 10.40 16.57
CA LYS A 117 3.10 9.78 16.10
C LYS A 117 4.29 10.72 16.28
N SER A 118 5.47 10.28 15.85
CA SER A 118 6.67 11.08 15.97
C SER A 118 6.90 11.90 14.70
N LYS A 119 7.74 12.92 14.82
CA LYS A 119 8.06 13.79 13.69
C LYS A 119 8.75 13.00 12.57
N ARG A 120 8.81 13.60 11.38
CA ARG A 120 9.44 12.95 10.24
C ARG A 120 10.36 13.92 9.51
N LYS A 121 11.47 13.40 9.00
CA LYS A 121 12.44 14.23 8.28
C LYS A 121 11.99 14.46 6.84
N GLU A 122 12.34 15.62 6.29
CA GLU A 122 11.97 15.96 4.92
C GLU A 122 13.18 15.88 3.99
N PHE A 123 12.92 15.61 2.72
CA PHE A 123 13.98 15.51 1.72
C PHE A 123 13.46 15.81 0.33
N GLN A 124 14.22 16.59 -0.43
CA GLN A 124 13.84 16.96 -1.78
C GLN A 124 14.84 16.43 -2.80
N SER A 125 14.37 16.21 -4.02
CA SER A 125 15.22 15.69 -5.09
C SER A 125 15.27 16.66 -6.27
N GLY A 126 16.47 17.11 -6.61
CA GLY A 126 16.63 18.03 -7.72
C GLY A 126 17.93 17.82 -8.47
N PRO A 127 18.41 18.88 -9.14
CA PRO A 127 19.66 18.83 -9.91
C PRO A 127 20.89 18.69 -9.02
N SER A 128 21.94 18.09 -9.57
CA SER A 128 23.19 17.89 -8.83
C SER A 128 24.37 17.82 -9.78
N SER A 129 25.49 18.43 -9.38
CA SER A 129 26.69 18.44 -10.20
C SER A 129 27.31 17.05 -10.24
N GLY A 130 28.24 16.85 -11.19
CA GLY A 130 28.90 15.56 -11.33
C GLY A 130 30.21 15.51 -10.59
N GLY A 1 32.29 -14.96 21.44
CA GLY A 1 31.93 -15.79 20.30
C GLY A 1 31.91 -15.00 19.00
N SER A 2 31.12 -15.47 18.04
CA SER A 2 31.03 -14.81 16.74
C SER A 2 30.18 -13.55 16.84
N SER A 3 30.12 -12.80 15.74
CA SER A 3 29.34 -11.57 15.70
C SER A 3 27.90 -11.82 16.11
N GLY A 4 27.20 -10.75 16.46
CA GLY A 4 25.81 -10.87 16.88
C GLY A 4 24.85 -10.31 15.85
N SER A 5 24.66 -11.04 14.75
CA SER A 5 23.76 -10.61 13.69
C SER A 5 24.27 -9.32 13.04
N SER A 6 25.58 -9.26 12.80
CA SER A 6 26.19 -8.10 12.20
C SER A 6 26.42 -8.31 10.70
N GLY A 7 26.04 -7.33 9.89
CA GLY A 7 26.22 -7.43 8.45
C GLY A 7 25.21 -6.60 7.69
N SER A 8 25.06 -5.34 8.09
CA SER A 8 24.12 -4.43 7.45
C SER A 8 24.75 -3.80 6.22
N LEU A 9 24.68 -4.51 5.09
CA LEU A 9 25.24 -4.02 3.84
C LEU A 9 24.15 -3.47 2.93
N GLU A 10 24.09 -2.14 2.83
CA GLU A 10 23.09 -1.48 2.00
C GLU A 10 23.69 -0.30 1.25
N ASN A 11 23.21 -0.06 0.04
CA ASN A 11 23.71 1.04 -0.78
C ASN A 11 22.55 1.82 -1.40
N LEU A 12 22.80 3.08 -1.74
CA LEU A 12 21.79 3.93 -2.35
C LEU A 12 21.90 3.92 -3.87
N ALA A 13 20.89 3.37 -4.53
CA ALA A 13 20.88 3.31 -5.98
C ALA A 13 19.54 3.80 -6.55
N THR A 14 18.83 4.58 -5.75
CA THR A 14 17.54 5.12 -6.16
C THR A 14 16.67 4.04 -6.79
N ALA A 15 16.60 2.89 -6.14
CA ALA A 15 15.80 1.78 -6.63
C ALA A 15 14.31 2.11 -6.61
N PRO A 16 13.52 1.35 -7.38
CA PRO A 16 12.06 1.55 -7.46
C PRO A 16 11.35 1.16 -6.16
N VAL A 17 11.76 0.03 -5.59
CA VAL A 17 11.15 -0.46 -4.35
C VAL A 17 11.19 0.62 -3.28
N ASN A 18 12.30 1.34 -3.20
CA ASN A 18 12.46 2.41 -2.21
C ASN A 18 11.38 3.47 -2.38
N GLN A 19 11.17 3.91 -3.61
CA GLN A 19 10.16 4.92 -3.91
C GLN A 19 8.80 4.52 -3.35
N ILE A 20 8.60 3.22 -3.16
CA ILE A 20 7.34 2.70 -2.64
C ILE A 20 7.37 2.67 -1.11
N GLN A 21 8.49 2.21 -0.55
CA GLN A 21 8.64 2.12 0.90
C GLN A 21 8.43 3.48 1.55
N GLU A 22 8.64 4.54 0.77
CA GLU A 22 8.47 5.90 1.27
C GLU A 22 7.01 6.34 1.18
N THR A 23 6.37 5.98 0.07
CA THR A 23 4.98 6.35 -0.15
C THR A 23 4.07 5.71 0.90
N ILE A 24 4.40 4.49 1.30
CA ILE A 24 3.62 3.76 2.29
C ILE A 24 3.87 4.31 3.70
N SER A 25 5.09 4.79 3.93
CA SER A 25 5.47 5.34 5.22
C SER A 25 4.87 6.73 5.41
N ASP A 26 5.22 7.65 4.52
CA ASP A 26 4.73 9.02 4.59
C ASP A 26 3.21 9.03 4.70
N ASN A 27 2.54 8.27 3.84
CA ASN A 27 1.09 8.20 3.83
C ASN A 27 0.59 7.15 4.83
N CYS A 28 -0.72 6.94 4.85
CA CYS A 28 -1.32 5.97 5.75
C CYS A 28 -1.66 4.67 5.01
N VAL A 29 -2.29 4.81 3.84
CA VAL A 29 -2.66 3.65 3.03
C VAL A 29 -2.35 3.89 1.56
N VAL A 30 -1.71 2.91 0.93
CA VAL A 30 -1.35 3.01 -0.48
C VAL A 30 -1.82 1.78 -1.25
N ILE A 31 -2.81 1.98 -2.12
CA ILE A 31 -3.34 0.89 -2.93
C ILE A 31 -2.68 0.84 -4.30
N PHE A 32 -1.71 -0.07 -4.44
CA PHE A 32 -0.99 -0.22 -5.71
C PHE A 32 -1.73 -1.18 -6.63
N SER A 33 -2.39 -0.65 -7.64
CA SER A 33 -3.13 -1.45 -8.60
C SER A 33 -2.97 -0.92 -10.02
N LYS A 34 -3.46 -1.68 -10.99
CA LYS A 34 -3.37 -1.28 -12.38
C LYS A 34 -4.76 -1.20 -13.02
N THR A 35 -4.79 -0.97 -14.33
CA THR A 35 -6.05 -0.87 -15.05
C THR A 35 -6.27 -2.08 -15.96
N SER A 36 -6.31 -3.26 -15.35
CA SER A 36 -6.50 -4.50 -16.09
C SER A 36 -7.56 -5.38 -15.42
N CYS A 37 -7.52 -5.42 -14.09
CA CYS A 37 -8.47 -6.23 -13.33
C CYS A 37 -9.65 -5.38 -12.86
N SER A 38 -10.75 -6.04 -12.53
CA SER A 38 -11.95 -5.35 -12.06
C SER A 38 -11.81 -4.95 -10.60
N TYR A 39 -11.33 -5.87 -9.77
CA TYR A 39 -11.16 -5.61 -8.36
C TYR A 39 -10.48 -4.26 -8.12
N CYS A 40 -9.55 -3.92 -9.00
CA CYS A 40 -8.83 -2.67 -8.89
C CYS A 40 -9.76 -1.53 -8.49
N THR A 41 -11.05 -1.69 -8.80
CA THR A 41 -12.05 -0.69 -8.47
C THR A 41 -12.72 -1.00 -7.14
N MET A 42 -12.97 -2.28 -6.89
CA MET A 42 -13.61 -2.71 -5.65
C MET A 42 -12.83 -2.19 -4.43
N ALA A 43 -11.52 -2.35 -4.47
CA ALA A 43 -10.67 -1.91 -3.37
C ALA A 43 -10.88 -0.43 -3.08
N LYS A 44 -10.77 0.39 -4.13
CA LYS A 44 -10.96 1.83 -3.99
C LYS A 44 -12.31 2.15 -3.38
N LYS A 45 -13.37 1.60 -3.96
CA LYS A 45 -14.73 1.83 -3.46
C LYS A 45 -14.85 1.39 -2.01
N LEU A 46 -14.32 0.22 -1.69
CA LEU A 46 -14.38 -0.31 -0.33
C LEU A 46 -14.07 0.78 0.69
N PHE A 47 -12.80 1.18 0.74
CA PHE A 47 -12.37 2.22 1.68
C PHE A 47 -13.20 3.48 1.51
N HIS A 48 -13.54 3.80 0.26
CA HIS A 48 -14.34 4.99 -0.03
C HIS A 48 -15.58 5.04 0.87
N ASP A 49 -16.30 3.94 0.94
CA ASP A 49 -17.50 3.87 1.76
C ASP A 49 -17.16 3.99 3.25
N MET A 50 -15.94 3.58 3.60
CA MET A 50 -15.49 3.65 4.99
C MET A 50 -14.99 5.05 5.32
N ASN A 51 -14.85 5.88 4.30
CA ASN A 51 -14.38 7.25 4.49
C ASN A 51 -12.95 7.26 5.00
N VAL A 52 -12.13 6.33 4.51
CA VAL A 52 -10.73 6.23 4.92
C VAL A 52 -9.80 6.70 3.81
N ASN A 53 -9.40 7.97 3.88
CA ASN A 53 -8.51 8.55 2.89
C ASN A 53 -7.51 7.51 2.39
N TYR A 54 -7.62 7.16 1.11
CA TYR A 54 -6.72 6.18 0.51
C TYR A 54 -5.97 6.78 -0.68
N LYS A 55 -4.93 6.08 -1.12
CA LYS A 55 -4.13 6.54 -2.24
C LYS A 55 -3.90 5.41 -3.25
N VAL A 56 -4.60 5.48 -4.38
CA VAL A 56 -4.48 4.46 -5.42
C VAL A 56 -3.51 4.91 -6.51
N VAL A 57 -2.59 4.02 -6.88
CA VAL A 57 -1.60 4.32 -7.91
C VAL A 57 -1.72 3.36 -9.08
N GLU A 58 -1.92 3.91 -10.27
CA GLU A 58 -2.06 3.10 -11.49
C GLU A 58 -0.70 2.79 -12.09
N LEU A 59 -0.25 1.56 -11.92
CA LEU A 59 1.04 1.12 -12.44
C LEU A 59 0.98 0.97 -13.96
N ASP A 60 -0.22 0.87 -14.50
CA ASP A 60 -0.42 0.72 -15.94
C ASP A 60 0.04 1.98 -16.67
N LEU A 61 -0.54 3.12 -16.31
CA LEU A 61 -0.20 4.39 -16.94
C LEU A 61 1.23 4.79 -16.60
N LEU A 62 1.71 4.34 -15.45
CA LEU A 62 3.06 4.65 -15.00
C LEU A 62 4.10 4.15 -16.00
N GLU A 63 4.72 5.07 -16.73
CA GLU A 63 5.73 4.71 -17.71
C GLU A 63 6.63 3.59 -17.20
N TYR A 64 6.99 3.67 -15.92
CA TYR A 64 7.85 2.67 -15.30
C TYR A 64 7.02 1.66 -14.50
N GLY A 65 5.87 1.27 -15.05
CA GLY A 65 5.02 0.32 -14.38
C GLY A 65 5.66 -1.04 -14.22
N ASN A 66 6.17 -1.58 -15.32
CA ASN A 66 6.81 -2.88 -15.31
C ASN A 66 7.91 -2.94 -14.25
N GLN A 67 8.37 -1.77 -13.82
CA GLN A 67 9.41 -1.68 -12.80
C GLN A 67 8.83 -1.89 -11.41
N PHE A 68 8.06 -0.90 -10.94
CA PHE A 68 7.44 -0.97 -9.63
C PHE A 68 6.63 -2.24 -9.47
N GLN A 69 6.24 -2.84 -10.60
CA GLN A 69 5.45 -4.06 -10.60
C GLN A 69 6.24 -5.21 -9.99
N ASP A 70 7.52 -5.29 -10.32
CA ASP A 70 8.39 -6.34 -9.82
C ASP A 70 8.70 -6.13 -8.34
N ALA A 71 9.08 -4.90 -8.01
CA ALA A 71 9.41 -4.55 -6.63
C ALA A 71 8.29 -4.97 -5.68
N LEU A 72 7.06 -4.67 -6.06
CA LEU A 72 5.89 -5.01 -5.24
C LEU A 72 5.72 -6.53 -5.16
N TYR A 73 5.72 -7.18 -6.31
CA TYR A 73 5.55 -8.63 -6.37
C TYR A 73 6.50 -9.33 -5.39
N LYS A 74 7.53 -8.61 -4.96
CA LYS A 74 8.50 -9.15 -4.02
C LYS A 74 8.06 -8.91 -2.58
N MET A 75 7.67 -7.67 -2.27
CA MET A 75 7.22 -7.33 -0.93
C MET A 75 5.88 -7.97 -0.63
N THR A 76 5.21 -8.46 -1.67
CA THR A 76 3.92 -9.11 -1.51
C THR A 76 4.02 -10.62 -1.70
N GLY A 77 4.82 -11.02 -2.68
CA GLY A 77 4.99 -12.45 -2.95
C GLY A 77 4.22 -12.91 -4.17
N GLU A 78 3.29 -12.07 -4.63
CA GLU A 78 2.48 -12.40 -5.78
C GLU A 78 2.12 -11.15 -6.57
N ARG A 79 1.77 -11.32 -7.84
CA ARG A 79 1.40 -10.21 -8.70
C ARG A 79 -0.11 -10.15 -8.91
N THR A 80 -0.86 -10.18 -7.81
CA THR A 80 -2.31 -10.14 -7.86
C THR A 80 -2.85 -8.78 -7.42
N VAL A 81 -3.33 -8.00 -8.37
CA VAL A 81 -3.87 -6.67 -8.07
C VAL A 81 -5.38 -6.72 -7.91
N PRO A 82 -5.94 -5.70 -7.25
CA PRO A 82 -5.15 -4.58 -6.70
C PRO A 82 -4.29 -5.01 -5.52
N ARG A 83 -3.59 -4.05 -4.93
CA ARG A 83 -2.71 -4.32 -3.80
C ARG A 83 -2.88 -3.24 -2.72
N ILE A 84 -3.39 -3.65 -1.56
CA ILE A 84 -3.59 -2.73 -0.45
C ILE A 84 -2.43 -2.80 0.54
N PHE A 85 -2.00 -1.65 1.03
CA PHE A 85 -0.91 -1.58 1.99
C PHE A 85 -1.25 -0.63 3.14
N VAL A 86 -1.30 -1.18 4.36
CA VAL A 86 -1.61 -0.39 5.54
C VAL A 86 -0.38 -0.20 6.42
N ASN A 87 -0.25 0.98 6.99
CA ASN A 87 0.88 1.29 7.85
C ASN A 87 2.15 0.59 7.37
N GLY A 88 2.42 0.70 6.06
CA GLY A 88 3.59 0.07 5.50
C GLY A 88 3.58 -1.44 5.64
N THR A 89 2.40 -2.04 5.46
CA THR A 89 2.25 -3.48 5.58
C THR A 89 1.56 -4.07 4.35
N PHE A 90 1.34 -5.37 4.37
CA PHE A 90 0.68 -6.05 3.25
C PHE A 90 -0.43 -6.97 3.77
N ILE A 91 -1.52 -6.37 4.22
CA ILE A 91 -2.66 -7.14 4.73
C ILE A 91 -3.19 -8.09 3.67
N GLY A 92 -2.86 -7.83 2.41
CA GLY A 92 -3.30 -8.68 1.32
C GLY A 92 -3.80 -7.88 0.13
N GLY A 93 -4.67 -8.49 -0.67
CA GLY A 93 -5.21 -7.82 -1.83
C GLY A 93 -6.63 -7.33 -1.62
N ALA A 94 -7.34 -7.08 -2.71
CA ALA A 94 -8.72 -6.61 -2.64
C ALA A 94 -9.58 -7.55 -1.80
N THR A 95 -9.85 -8.74 -2.35
CA THR A 95 -10.67 -9.72 -1.65
C THR A 95 -10.35 -9.75 -0.16
N ASP A 96 -9.16 -10.22 0.17
CA ASP A 96 -8.73 -10.29 1.56
C ASP A 96 -9.09 -9.02 2.32
N THR A 97 -8.53 -7.90 1.88
CA THR A 97 -8.78 -6.61 2.51
C THR A 97 -10.26 -6.47 2.87
N HIS A 98 -11.13 -6.85 1.94
CA HIS A 98 -12.57 -6.76 2.16
C HIS A 98 -12.99 -7.62 3.35
N ARG A 99 -12.59 -8.88 3.35
CA ARG A 99 -12.92 -9.80 4.43
C ARG A 99 -12.39 -9.27 5.76
N LEU A 100 -11.18 -8.74 5.75
CA LEU A 100 -10.56 -8.21 6.95
C LEU A 100 -11.50 -7.24 7.67
N HIS A 101 -11.97 -6.23 6.94
CA HIS A 101 -12.87 -5.24 7.50
C HIS A 101 -14.08 -5.91 8.15
N LYS A 102 -14.62 -6.91 7.46
CA LYS A 102 -15.78 -7.64 7.97
C LYS A 102 -15.51 -8.20 9.35
N GLU A 103 -14.59 -9.17 9.44
CA GLU A 103 -14.25 -9.79 10.70
C GLU A 103 -13.78 -8.75 11.71
N GLY A 104 -13.31 -7.61 11.20
CA GLY A 104 -12.84 -6.55 12.08
C GLY A 104 -11.35 -6.63 12.34
N LYS A 105 -10.59 -7.00 11.32
CA LYS A 105 -9.14 -7.11 11.45
C LYS A 105 -8.43 -6.00 10.67
N LEU A 106 -9.22 -5.18 9.98
CA LEU A 106 -8.67 -4.08 9.20
C LEU A 106 -8.80 -2.75 9.96
N LEU A 107 -9.90 -2.62 10.70
CA LEU A 107 -10.14 -1.41 11.47
C LEU A 107 -9.06 -1.20 12.52
N PRO A 108 -8.69 -2.28 13.21
CA PRO A 108 -7.66 -2.25 14.25
C PRO A 108 -6.41 -1.52 13.80
N LEU A 109 -6.17 -1.51 12.49
CA LEU A 109 -5.00 -0.84 11.92
C LEU A 109 -5.35 0.57 11.46
N VAL A 110 -6.50 0.70 10.80
CA VAL A 110 -6.94 2.00 10.31
C VAL A 110 -6.89 3.05 11.41
N HIS A 111 -7.22 2.65 12.63
CA HIS A 111 -7.22 3.56 13.76
C HIS A 111 -5.79 3.93 14.16
N GLN A 112 -4.84 3.09 13.76
CA GLN A 112 -3.43 3.32 14.06
C GLN A 112 -2.85 4.40 13.16
N CYS A 113 -3.58 4.74 12.10
CA CYS A 113 -3.14 5.76 11.17
C CYS A 113 -3.27 7.16 11.78
N TYR A 114 -4.47 7.50 12.23
CA TYR A 114 -4.73 8.79 12.83
C TYR A 114 -3.97 8.94 14.15
N LEU A 115 -3.78 7.82 14.84
CA LEU A 115 -3.07 7.83 16.11
C LEU A 115 -1.89 8.79 16.08
N LYS A 116 -1.50 9.29 17.25
CA LYS A 116 -0.39 10.22 17.36
C LYS A 116 0.70 9.88 16.34
N LYS A 117 1.14 8.62 16.35
CA LYS A 117 2.17 8.18 15.42
C LYS A 117 3.26 9.24 15.26
N SER A 118 3.76 9.74 16.39
CA SER A 118 4.79 10.77 16.38
C SER A 118 5.77 10.53 15.22
N LYS A 119 5.95 11.55 14.40
CA LYS A 119 6.87 11.46 13.25
C LYS A 119 7.29 12.84 12.79
N ARG A 120 8.16 12.89 11.78
CA ARG A 120 8.63 14.15 11.23
C ARG A 120 7.50 14.93 10.58
N LYS A 121 7.59 16.25 10.64
CA LYS A 121 6.57 17.12 10.05
C LYS A 121 7.09 17.78 8.79
N GLU A 122 6.80 17.19 7.64
CA GLU A 122 7.24 17.73 6.36
C GLU A 122 6.12 18.51 5.68
N PHE A 123 5.18 19.00 6.49
CA PHE A 123 4.05 19.76 5.96
C PHE A 123 4.40 21.24 5.85
N GLN A 124 3.51 22.00 5.22
CA GLN A 124 3.73 23.44 5.04
C GLN A 124 2.43 24.13 4.65
N SER A 125 2.46 25.46 4.66
CA SER A 125 1.29 26.25 4.30
C SER A 125 1.06 26.26 2.79
N GLY A 126 -0.20 26.24 2.39
CA GLY A 126 -0.53 26.25 0.97
C GLY A 126 -1.96 25.81 0.71
N PRO A 127 -2.73 26.66 0.01
CA PRO A 127 -4.12 26.37 -0.31
C PRO A 127 -4.25 25.26 -1.34
N SER A 128 -3.12 24.76 -1.82
CA SER A 128 -3.12 23.69 -2.82
C SER A 128 -4.25 22.70 -2.57
N SER A 129 -5.17 22.60 -3.53
CA SER A 129 -6.31 21.70 -3.41
C SER A 129 -6.10 20.45 -4.27
N GLY A 130 -5.50 20.64 -5.44
CA GLY A 130 -5.26 19.51 -6.32
C GLY A 130 -6.54 18.90 -6.85
N GLY A 1 22.29 -32.61 -4.34
CA GLY A 1 22.77 -32.09 -3.07
C GLY A 1 23.26 -30.65 -3.18
N SER A 2 22.85 -29.82 -2.23
CA SER A 2 23.25 -28.41 -2.24
C SER A 2 22.76 -27.70 -0.98
N SER A 3 23.41 -26.60 -0.63
CA SER A 3 23.04 -25.83 0.55
C SER A 3 23.84 -24.53 0.63
N GLY A 4 23.43 -23.65 1.53
CA GLY A 4 24.11 -22.38 1.68
C GLY A 4 23.19 -21.19 1.47
N SER A 5 23.38 -20.15 2.27
CA SER A 5 22.56 -18.94 2.16
C SER A 5 23.10 -17.84 3.06
N SER A 6 23.65 -16.80 2.43
CA SER A 6 24.21 -15.68 3.19
C SER A 6 24.35 -14.44 2.28
N GLY A 7 24.46 -13.28 2.90
CA GLY A 7 24.59 -12.05 2.16
C GLY A 7 23.54 -11.02 2.53
N SER A 8 23.98 -9.89 3.08
CA SER A 8 23.07 -8.83 3.49
C SER A 8 23.85 -7.60 3.95
N LEU A 9 23.86 -6.57 3.12
CA LEU A 9 24.56 -5.33 3.44
C LEU A 9 23.80 -4.11 2.91
N GLU A 10 24.27 -2.92 3.26
CA GLU A 10 23.64 -1.69 2.81
C GLU A 10 24.59 -0.86 1.97
N ASN A 11 24.04 -0.16 0.98
CA ASN A 11 24.84 0.67 0.09
C ASN A 11 23.97 1.69 -0.64
N LEU A 12 24.60 2.51 -1.47
CA LEU A 12 23.88 3.53 -2.23
C LEU A 12 23.09 2.90 -3.37
N ALA A 13 21.79 3.16 -3.41
CA ALA A 13 20.92 2.62 -4.44
C ALA A 13 19.50 3.17 -4.32
N THR A 14 19.15 4.10 -5.21
CA THR A 14 17.84 4.71 -5.20
C THR A 14 16.82 3.82 -5.92
N ALA A 15 16.95 2.51 -5.74
CA ALA A 15 16.04 1.56 -6.36
C ALA A 15 14.59 2.03 -6.24
N PRO A 16 13.73 1.50 -7.12
CA PRO A 16 12.30 1.84 -7.13
C PRO A 16 11.56 1.29 -5.92
N VAL A 17 11.85 0.04 -5.57
CA VAL A 17 11.21 -0.60 -4.43
C VAL A 17 11.30 0.27 -3.18
N ASN A 18 12.39 1.02 -3.07
CA ASN A 18 12.60 1.90 -1.92
C ASN A 18 11.54 3.00 -1.89
N GLN A 19 11.32 3.63 -3.04
CA GLN A 19 10.33 4.71 -3.14
C GLN A 19 8.96 4.24 -2.63
N ILE A 20 8.68 2.95 -2.82
CA ILE A 20 7.40 2.38 -2.39
C ILE A 20 7.39 2.18 -0.88
N GLN A 21 8.51 1.73 -0.33
CA GLN A 21 8.62 1.48 1.10
C GLN A 21 8.39 2.78 1.89
N GLU A 22 8.95 3.88 1.39
CA GLU A 22 8.80 5.17 2.05
C GLU A 22 7.39 5.72 1.86
N THR A 23 6.82 5.48 0.69
CA THR A 23 5.48 5.95 0.37
C THR A 23 4.44 5.29 1.28
N ILE A 24 4.44 3.97 1.31
CA ILE A 24 3.51 3.22 2.15
C ILE A 24 3.55 3.71 3.59
N SER A 25 4.73 4.12 4.03
CA SER A 25 4.90 4.61 5.40
C SER A 25 4.24 5.97 5.58
N ASP A 26 4.72 6.96 4.85
CA ASP A 26 4.17 8.31 4.92
C ASP A 26 2.64 8.28 4.87
N ASN A 27 2.10 7.71 3.81
CA ASN A 27 0.65 7.62 3.64
C ASN A 27 0.08 6.49 4.49
N CYS A 28 -1.17 6.65 4.89
CA CYS A 28 -1.84 5.64 5.71
C CYS A 28 -2.13 4.38 4.91
N VAL A 29 -2.79 4.55 3.77
CA VAL A 29 -3.11 3.42 2.90
C VAL A 29 -2.73 3.70 1.45
N VAL A 30 -2.20 2.69 0.78
CA VAL A 30 -1.80 2.82 -0.61
C VAL A 30 -2.27 1.64 -1.45
N ILE A 31 -3.00 1.93 -2.52
CA ILE A 31 -3.51 0.89 -3.40
C ILE A 31 -2.90 0.99 -4.79
N PHE A 32 -2.16 -0.04 -5.19
CA PHE A 32 -1.51 -0.05 -6.50
C PHE A 32 -2.27 -0.97 -7.45
N SER A 33 -2.98 -0.36 -8.40
CA SER A 33 -3.76 -1.12 -9.38
C SER A 33 -3.24 -0.86 -10.79
N LYS A 34 -3.30 -1.89 -11.63
CA LYS A 34 -2.83 -1.78 -13.01
C LYS A 34 -4.02 -1.81 -13.98
N THR A 35 -5.14 -1.23 -13.56
CA THR A 35 -6.34 -1.20 -14.38
C THR A 35 -6.44 -2.44 -15.26
N SER A 36 -6.15 -3.59 -14.68
CA SER A 36 -6.21 -4.85 -15.41
C SER A 36 -7.21 -5.80 -14.77
N CYS A 37 -7.14 -5.94 -13.45
CA CYS A 37 -8.04 -6.81 -12.72
C CYS A 37 -9.24 -6.03 -12.18
N SER A 38 -10.44 -6.55 -12.42
CA SER A 38 -11.65 -5.91 -11.95
C SER A 38 -11.52 -5.47 -10.49
N TYR A 39 -11.09 -6.39 -9.64
CA TYR A 39 -10.92 -6.10 -8.23
C TYR A 39 -10.39 -4.69 -8.02
N CYS A 40 -9.59 -4.21 -8.97
CA CYS A 40 -9.01 -2.88 -8.89
C CYS A 40 -10.03 -1.88 -8.35
N THR A 41 -11.28 -1.99 -8.80
CA THR A 41 -12.34 -1.11 -8.35
C THR A 41 -12.82 -1.47 -6.95
N MET A 42 -12.88 -2.78 -6.68
CA MET A 42 -13.32 -3.26 -5.38
C MET A 42 -12.56 -2.56 -4.25
N ALA A 43 -11.24 -2.64 -4.30
CA ALA A 43 -10.39 -2.02 -3.29
C ALA A 43 -10.90 -0.62 -2.95
N LYS A 44 -10.87 0.27 -3.94
CA LYS A 44 -11.33 1.65 -3.74
C LYS A 44 -12.77 1.67 -3.26
N LYS A 45 -13.60 0.81 -3.82
CA LYS A 45 -15.01 0.73 -3.44
C LYS A 45 -15.16 0.43 -1.96
N LEU A 46 -14.23 -0.35 -1.42
CA LEU A 46 -14.26 -0.72 -0.01
C LEU A 46 -13.91 0.48 0.86
N PHE A 47 -12.76 1.08 0.61
CA PHE A 47 -12.32 2.24 1.38
C PHE A 47 -13.27 3.41 1.19
N HIS A 48 -13.52 3.78 -0.05
CA HIS A 48 -14.43 4.89 -0.37
C HIS A 48 -15.68 4.82 0.48
N ASP A 49 -16.25 3.62 0.58
CA ASP A 49 -17.47 3.43 1.37
C ASP A 49 -17.20 3.66 2.85
N MET A 50 -16.00 3.31 3.30
CA MET A 50 -15.63 3.49 4.70
C MET A 50 -15.25 4.93 4.97
N ASN A 51 -15.17 5.73 3.92
CA ASN A 51 -14.83 7.15 4.05
C ASN A 51 -13.43 7.31 4.64
N VAL A 52 -12.53 6.40 4.28
CA VAL A 52 -11.16 6.45 4.77
C VAL A 52 -10.20 6.95 3.69
N ASN A 53 -9.79 8.20 3.80
CA ASN A 53 -8.87 8.80 2.84
C ASN A 53 -7.82 7.79 2.39
N TYR A 54 -7.92 7.36 1.13
CA TYR A 54 -6.98 6.39 0.58
C TYR A 54 -6.18 7.00 -0.57
N LYS A 55 -5.17 6.27 -1.04
CA LYS A 55 -4.33 6.73 -2.13
C LYS A 55 -4.09 5.61 -3.14
N VAL A 56 -4.68 5.75 -4.33
CA VAL A 56 -4.52 4.75 -5.38
C VAL A 56 -3.52 5.23 -6.43
N VAL A 57 -2.70 4.30 -6.92
CA VAL A 57 -1.70 4.62 -7.94
C VAL A 57 -1.80 3.66 -9.11
N GLU A 58 -2.18 4.20 -10.27
CA GLU A 58 -2.32 3.39 -11.48
C GLU A 58 -0.95 3.14 -12.12
N LEU A 59 -0.40 1.97 -11.87
CA LEU A 59 0.91 1.60 -12.43
C LEU A 59 0.81 1.36 -13.93
N ASP A 60 -0.15 0.55 -14.34
CA ASP A 60 -0.35 0.24 -15.76
C ASP A 60 -0.24 1.51 -16.60
N LEU A 61 -0.92 2.56 -16.17
CA LEU A 61 -0.90 3.83 -16.89
C LEU A 61 0.46 4.51 -16.77
N LEU A 62 1.06 4.43 -15.59
CA LEU A 62 2.36 5.02 -15.35
C LEU A 62 3.39 4.54 -16.38
N GLU A 63 4.19 5.47 -16.88
CA GLU A 63 5.21 5.14 -17.87
C GLU A 63 6.16 4.07 -17.33
N TYR A 64 6.54 4.20 -16.07
CA TYR A 64 7.45 3.25 -15.44
C TYR A 64 6.67 2.23 -14.61
N GLY A 65 5.51 1.82 -15.11
CA GLY A 65 4.70 0.85 -14.42
C GLY A 65 5.41 -0.47 -14.22
N ASN A 66 5.87 -1.07 -15.32
CA ASN A 66 6.58 -2.34 -15.27
C ASN A 66 7.64 -2.33 -14.18
N GLN A 67 8.20 -1.15 -13.92
CA GLN A 67 9.23 -1.00 -12.90
C GLN A 67 8.67 -1.27 -11.50
N PHE A 68 7.87 -0.34 -11.00
CA PHE A 68 7.27 -0.47 -9.68
C PHE A 68 6.45 -1.76 -9.58
N GLN A 69 5.97 -2.23 -10.74
CA GLN A 69 5.17 -3.45 -10.78
C GLN A 69 5.97 -4.64 -10.27
N ASP A 70 7.18 -4.79 -10.77
CA ASP A 70 8.05 -5.90 -10.37
C ASP A 70 8.42 -5.78 -8.90
N ALA A 71 9.03 -4.66 -8.53
CA ALA A 71 9.43 -4.42 -7.15
C ALA A 71 8.36 -4.89 -6.18
N LEU A 72 7.13 -4.44 -6.39
CA LEU A 72 6.01 -4.82 -5.53
C LEU A 72 5.86 -6.33 -5.47
N TYR A 73 5.82 -6.97 -6.64
CA TYR A 73 5.68 -8.41 -6.71
C TYR A 73 6.65 -9.11 -5.76
N LYS A 74 7.78 -8.46 -5.52
CA LYS A 74 8.80 -9.02 -4.63
C LYS A 74 8.42 -8.80 -3.16
N MET A 75 7.97 -7.58 -2.85
CA MET A 75 7.58 -7.24 -1.48
C MET A 75 6.29 -7.95 -1.10
N THR A 76 5.48 -8.29 -2.11
CA THR A 76 4.21 -8.96 -1.88
C THR A 76 4.34 -10.47 -2.12
N GLY A 77 5.10 -10.84 -3.13
CA GLY A 77 5.29 -12.24 -3.45
C GLY A 77 4.55 -12.67 -4.70
N GLU A 78 3.38 -12.07 -4.93
CA GLU A 78 2.57 -12.39 -6.10
C GLU A 78 2.29 -11.14 -6.92
N ARG A 79 2.05 -11.33 -8.21
CA ARG A 79 1.76 -10.22 -9.11
C ARG A 79 0.28 -9.86 -9.08
N THR A 80 -0.41 -10.32 -8.04
CA THR A 80 -1.84 -10.06 -7.90
C THR A 80 -2.10 -8.57 -7.71
N VAL A 81 -3.33 -8.14 -8.00
CA VAL A 81 -3.71 -6.74 -7.86
C VAL A 81 -5.21 -6.60 -7.66
N PRO A 82 -5.63 -5.46 -7.09
CA PRO A 82 -4.70 -4.40 -6.67
C PRO A 82 -3.85 -4.81 -5.48
N ARG A 83 -3.00 -3.88 -5.02
CA ARG A 83 -2.13 -4.15 -3.88
C ARG A 83 -2.40 -3.15 -2.76
N ILE A 84 -2.94 -3.65 -1.64
CA ILE A 84 -3.24 -2.81 -0.50
C ILE A 84 -2.17 -2.94 0.58
N PHE A 85 -1.76 -1.82 1.15
CA PHE A 85 -0.75 -1.80 2.19
C PHE A 85 -1.15 -0.88 3.34
N VAL A 86 -1.30 -1.46 4.53
CA VAL A 86 -1.69 -0.69 5.70
C VAL A 86 -0.48 -0.36 6.57
N ASN A 87 -0.23 0.93 6.78
CA ASN A 87 0.89 1.38 7.59
C ASN A 87 2.18 0.68 7.16
N GLY A 88 2.35 0.51 5.85
CA GLY A 88 3.54 -0.13 5.33
C GLY A 88 3.57 -1.62 5.64
N THR A 89 2.41 -2.26 5.62
CA THR A 89 2.31 -3.68 5.90
C THR A 89 1.24 -4.34 5.03
N PHE A 90 1.63 -5.40 4.33
CA PHE A 90 0.72 -6.12 3.46
C PHE A 90 -0.24 -6.97 4.27
N ILE A 91 -1.53 -6.61 4.24
CA ILE A 91 -2.55 -7.34 4.97
C ILE A 91 -3.36 -8.23 4.04
N GLY A 92 -3.48 -7.81 2.79
CA GLY A 92 -4.23 -8.58 1.82
C GLY A 92 -4.61 -7.78 0.59
N GLY A 93 -5.06 -8.47 -0.46
CA GLY A 93 -5.44 -7.78 -1.68
C GLY A 93 -6.83 -7.20 -1.62
N ALA A 94 -7.44 -6.99 -2.78
CA ALA A 94 -8.80 -6.45 -2.85
C ALA A 94 -9.75 -7.24 -1.96
N THR A 95 -9.87 -8.53 -2.23
CA THR A 95 -10.75 -9.40 -1.46
C THR A 95 -10.37 -9.40 0.02
N ASP A 96 -9.25 -10.02 0.34
CA ASP A 96 -8.78 -10.09 1.72
C ASP A 96 -9.05 -8.77 2.44
N THR A 97 -8.45 -7.69 1.95
CA THR A 97 -8.62 -6.37 2.55
C THR A 97 -10.07 -6.15 2.96
N HIS A 98 -10.99 -6.42 2.05
CA HIS A 98 -12.41 -6.25 2.31
C HIS A 98 -12.84 -7.05 3.54
N ARG A 99 -12.55 -8.35 3.52
CA ARG A 99 -12.90 -9.24 4.62
C ARG A 99 -12.40 -8.67 5.94
N LEU A 100 -11.12 -8.37 6.00
CA LEU A 100 -10.50 -7.82 7.22
C LEU A 100 -11.43 -6.81 7.87
N HIS A 101 -11.79 -5.77 7.13
CA HIS A 101 -12.68 -4.73 7.64
C HIS A 101 -13.94 -5.34 8.23
N LYS A 102 -14.55 -6.25 7.49
CA LYS A 102 -15.77 -6.91 7.94
C LYS A 102 -15.60 -7.49 9.34
N GLU A 103 -14.71 -8.46 9.47
CA GLU A 103 -14.45 -9.09 10.75
C GLU A 103 -13.94 -8.07 11.77
N GLY A 104 -13.26 -7.04 11.27
CA GLY A 104 -12.73 -6.01 12.15
C GLY A 104 -11.24 -6.17 12.39
N LYS A 105 -10.48 -6.26 11.31
CA LYS A 105 -9.03 -6.41 11.40
C LYS A 105 -8.31 -5.34 10.58
N LEU A 106 -9.08 -4.59 9.80
CA LEU A 106 -8.52 -3.53 8.97
C LEU A 106 -8.59 -2.18 9.67
N LEU A 107 -9.81 -1.80 10.08
CA LEU A 107 -10.01 -0.54 10.78
C LEU A 107 -9.07 -0.41 11.97
N PRO A 108 -8.97 -1.49 12.75
CA PRO A 108 -8.10 -1.53 13.93
C PRO A 108 -6.71 -0.99 13.65
N LEU A 109 -6.22 -1.22 12.44
CA LEU A 109 -4.90 -0.75 12.04
C LEU A 109 -4.96 0.66 11.49
N VAL A 110 -6.03 0.96 10.73
CA VAL A 110 -6.21 2.28 10.15
C VAL A 110 -6.01 3.38 11.19
N HIS A 111 -6.74 3.27 12.30
CA HIS A 111 -6.64 4.25 13.38
C HIS A 111 -5.19 4.42 13.83
N GLN A 112 -4.48 3.31 13.95
CA GLN A 112 -3.09 3.33 14.37
C GLN A 112 -2.26 4.24 13.48
N CYS A 113 -2.30 3.98 12.17
CA CYS A 113 -1.55 4.78 11.20
C CYS A 113 -1.62 6.26 11.55
N TYR A 114 -2.80 6.72 11.97
CA TYR A 114 -2.99 8.11 12.33
C TYR A 114 -3.71 8.23 13.67
N LEU A 115 -3.28 7.42 14.64
CA LEU A 115 -3.88 7.44 15.96
C LEU A 115 -3.69 8.80 16.64
N LYS A 116 -4.40 9.01 17.74
CA LYS A 116 -4.30 10.27 18.48
C LYS A 116 -2.88 10.82 18.42
N LYS A 117 -2.71 11.91 17.67
CA LYS A 117 -1.40 12.54 17.54
C LYS A 117 -1.53 13.93 16.91
N SER A 118 -0.51 14.75 17.10
CA SER A 118 -0.51 16.11 16.57
C SER A 118 -1.25 16.17 15.23
N LYS A 119 -2.42 16.78 15.24
CA LYS A 119 -3.23 16.90 14.03
C LYS A 119 -3.94 18.26 13.99
N ARG A 120 -4.45 18.62 12.81
CA ARG A 120 -5.17 19.88 12.65
C ARG A 120 -6.64 19.64 12.34
N LYS A 121 -7.50 20.43 12.96
CA LYS A 121 -8.94 20.31 12.75
C LYS A 121 -9.28 20.28 11.26
N GLU A 122 -10.34 19.56 10.91
CA GLU A 122 -10.76 19.45 9.52
C GLU A 122 -12.24 19.12 9.43
N PHE A 123 -12.82 19.35 8.25
CA PHE A 123 -14.25 19.07 8.04
C PHE A 123 -14.50 18.67 6.59
N GLN A 124 -15.75 18.33 6.29
CA GLN A 124 -16.13 17.92 4.94
C GLN A 124 -17.64 17.96 4.76
N SER A 125 -18.08 18.28 3.55
CA SER A 125 -19.51 18.36 3.26
C SER A 125 -19.92 17.29 2.24
N GLY A 126 -21.21 17.20 1.97
CA GLY A 126 -21.70 16.22 1.01
C GLY A 126 -23.04 16.62 0.42
N PRO A 127 -23.25 16.25 -0.86
CA PRO A 127 -24.49 16.56 -1.57
C PRO A 127 -25.67 15.76 -1.04
N SER A 128 -26.81 15.87 -1.72
CA SER A 128 -28.02 15.15 -1.32
C SER A 128 -28.95 14.96 -2.51
N SER A 129 -30.05 14.26 -2.28
CA SER A 129 -31.04 14.00 -3.33
C SER A 129 -32.44 14.40 -2.88
N GLY A 130 -33.40 14.30 -3.80
CA GLY A 130 -34.77 14.65 -3.48
C GLY A 130 -35.75 14.18 -4.53
N GLY A 1 10.47 -13.01 -18.38
CA GLY A 1 9.98 -12.82 -17.03
C GLY A 1 10.38 -13.95 -16.11
N SER A 2 11.51 -13.79 -15.43
CA SER A 2 12.00 -14.80 -14.51
C SER A 2 10.96 -15.10 -13.43
N SER A 3 10.89 -16.37 -13.03
CA SER A 3 9.93 -16.80 -12.02
C SER A 3 10.63 -17.03 -10.68
N GLY A 4 10.39 -16.12 -9.73
CA GLY A 4 11.00 -16.24 -8.42
C GLY A 4 11.19 -14.90 -7.75
N SER A 5 11.57 -14.93 -6.48
CA SER A 5 11.77 -13.70 -5.71
C SER A 5 13.24 -13.55 -5.31
N SER A 6 13.95 -12.67 -6.01
CA SER A 6 15.37 -12.44 -5.73
C SER A 6 15.78 -11.03 -6.14
N GLY A 7 16.33 -10.28 -5.18
CA GLY A 7 16.75 -8.92 -5.46
C GLY A 7 17.46 -8.28 -4.29
N SER A 8 18.75 -8.57 -4.16
CA SER A 8 19.55 -8.02 -3.07
C SER A 8 20.76 -7.26 -3.61
N LEU A 9 21.00 -6.07 -3.05
CA LEU A 9 22.13 -5.25 -3.48
C LEU A 9 22.80 -4.58 -2.27
N GLU A 10 24.04 -4.16 -2.46
CA GLU A 10 24.78 -3.51 -1.38
C GLU A 10 25.17 -2.09 -1.79
N ASN A 11 24.23 -1.37 -2.39
CA ASN A 11 24.48 0.00 -2.84
C ASN A 11 23.16 0.72 -3.13
N LEU A 12 23.13 2.01 -2.82
CA LEU A 12 21.93 2.82 -3.07
C LEU A 12 21.77 3.12 -4.55
N ALA A 13 21.01 2.27 -5.25
CA ALA A 13 20.77 2.46 -6.67
C ALA A 13 19.40 3.08 -6.92
N THR A 14 18.87 3.77 -5.92
CA THR A 14 17.57 4.41 -6.03
C THR A 14 16.57 3.49 -6.71
N ALA A 15 16.62 2.21 -6.38
CA ALA A 15 15.72 1.22 -6.97
C ALA A 15 14.28 1.71 -6.91
N PRO A 16 13.41 1.10 -7.74
CA PRO A 16 11.98 1.45 -7.80
C PRO A 16 11.24 1.03 -6.54
N VAL A 17 11.58 -0.14 -6.01
CA VAL A 17 10.93 -0.65 -4.81
C VAL A 17 11.03 0.35 -3.66
N ASN A 18 12.17 1.03 -3.57
CA ASN A 18 12.39 2.02 -2.52
C ASN A 18 11.38 3.15 -2.63
N GLN A 19 11.20 3.67 -3.84
CA GLN A 19 10.27 4.77 -4.07
C GLN A 19 8.89 4.45 -3.49
N ILE A 20 8.60 3.15 -3.36
CA ILE A 20 7.32 2.71 -2.82
C ILE A 20 7.38 2.59 -1.31
N GLN A 21 8.53 2.19 -0.79
CA GLN A 21 8.71 2.03 0.65
C GLN A 21 8.54 3.37 1.37
N GLU A 22 9.00 4.44 0.72
CA GLU A 22 8.91 5.77 1.31
C GLU A 22 7.45 6.25 1.32
N THR A 23 6.72 5.92 0.26
CA THR A 23 5.32 6.32 0.14
C THR A 23 4.47 5.66 1.23
N ILE A 24 4.60 4.33 1.34
CA ILE A 24 3.85 3.58 2.33
C ILE A 24 4.13 4.09 3.73
N SER A 25 5.35 4.55 3.96
CA SER A 25 5.76 5.07 5.26
C SER A 25 5.00 6.35 5.60
N ASP A 26 5.17 7.35 4.75
CA ASP A 26 4.50 8.64 4.96
C ASP A 26 2.99 8.46 5.09
N ASN A 27 2.39 7.83 4.08
CA ASN A 27 0.95 7.59 4.09
C ASN A 27 0.59 6.40 4.96
N CYS A 28 -0.69 6.17 5.15
CA CYS A 28 -1.16 5.06 5.97
C CYS A 28 -1.54 3.87 5.10
N VAL A 29 -2.45 4.09 4.15
CA VAL A 29 -2.90 3.03 3.25
C VAL A 29 -2.61 3.39 1.80
N VAL A 30 -1.90 2.51 1.11
CA VAL A 30 -1.55 2.74 -0.30
C VAL A 30 -1.99 1.56 -1.16
N ILE A 31 -2.96 1.80 -2.04
CA ILE A 31 -3.47 0.77 -2.93
C ILE A 31 -2.84 0.89 -4.32
N PHE A 32 -1.99 -0.05 -4.66
CA PHE A 32 -1.33 -0.05 -5.96
C PHE A 32 -2.12 -0.89 -6.97
N SER A 33 -2.78 -0.22 -7.91
CA SER A 33 -3.57 -0.89 -8.93
C SER A 33 -2.96 -0.69 -10.31
N LYS A 34 -3.50 -1.41 -11.30
CA LYS A 34 -3.01 -1.33 -12.67
C LYS A 34 -4.16 -1.12 -13.64
N THR A 35 -5.26 -0.55 -13.15
CA THR A 35 -6.42 -0.30 -13.98
C THR A 35 -6.56 -1.36 -15.07
N SER A 36 -6.40 -2.62 -14.68
CA SER A 36 -6.51 -3.73 -15.62
C SER A 36 -7.34 -4.87 -15.03
N CYS A 37 -7.14 -5.14 -13.75
CA CYS A 37 -7.87 -6.21 -13.07
C CYS A 37 -9.14 -5.66 -12.43
N SER A 38 -10.18 -6.49 -12.40
CA SER A 38 -11.46 -6.09 -11.83
C SER A 38 -11.31 -5.76 -10.35
N TYR A 39 -10.33 -6.40 -9.70
CA TYR A 39 -10.09 -6.18 -8.28
C TYR A 39 -9.64 -4.75 -8.02
N CYS A 40 -9.24 -4.06 -9.09
CA CYS A 40 -8.78 -2.68 -8.98
C CYS A 40 -9.86 -1.80 -8.36
N THR A 41 -11.05 -1.82 -8.97
CA THR A 41 -12.18 -1.02 -8.48
C THR A 41 -12.66 -1.53 -7.13
N MET A 42 -12.50 -2.83 -6.90
CA MET A 42 -12.92 -3.44 -5.64
C MET A 42 -12.32 -2.70 -4.45
N ALA A 43 -10.99 -2.62 -4.41
CA ALA A 43 -10.30 -1.94 -3.32
C ALA A 43 -10.77 -0.50 -3.19
N LYS A 44 -10.56 0.29 -4.25
CA LYS A 44 -10.96 1.69 -4.25
C LYS A 44 -12.38 1.84 -3.72
N LYS A 45 -13.25 0.91 -4.07
CA LYS A 45 -14.65 0.94 -3.63
C LYS A 45 -14.75 0.63 -2.14
N LEU A 46 -14.10 -0.46 -1.72
CA LEU A 46 -14.13 -0.86 -0.32
C LEU A 46 -13.86 0.33 0.60
N PHE A 47 -12.65 0.86 0.54
CA PHE A 47 -12.27 2.01 1.36
C PHE A 47 -13.21 3.19 1.12
N HIS A 48 -13.59 3.40 -0.15
CA HIS A 48 -14.49 4.49 -0.52
C HIS A 48 -15.74 4.46 0.33
N ASP A 49 -16.46 3.34 0.31
CA ASP A 49 -17.68 3.19 1.08
C ASP A 49 -17.43 3.43 2.56
N MET A 50 -16.24 3.05 3.02
CA MET A 50 -15.87 3.22 4.42
C MET A 50 -15.50 4.67 4.71
N ASN A 51 -15.38 5.47 3.65
CA ASN A 51 -15.04 6.88 3.80
C ASN A 51 -13.69 7.04 4.47
N VAL A 52 -12.76 6.15 4.15
CA VAL A 52 -11.42 6.19 4.73
C VAL A 52 -10.40 6.69 3.72
N ASN A 53 -9.99 7.95 3.86
CA ASN A 53 -9.02 8.55 2.96
C ASN A 53 -7.95 7.52 2.57
N TYR A 54 -7.97 7.11 1.31
CA TYR A 54 -7.00 6.13 0.82
C TYR A 54 -6.13 6.75 -0.29
N LYS A 55 -5.09 6.01 -0.69
CA LYS A 55 -4.19 6.48 -1.73
C LYS A 55 -3.99 5.41 -2.80
N VAL A 56 -4.63 5.62 -3.96
CA VAL A 56 -4.52 4.67 -5.06
C VAL A 56 -3.51 5.15 -6.11
N VAL A 57 -2.74 4.21 -6.66
CA VAL A 57 -1.74 4.54 -7.66
C VAL A 57 -1.78 3.54 -8.82
N GLU A 58 -2.32 3.96 -9.95
CA GLU A 58 -2.41 3.11 -11.12
C GLU A 58 -1.06 2.99 -11.82
N LEU A 59 -0.36 1.90 -11.58
CA LEU A 59 0.95 1.67 -12.17
C LEU A 59 0.85 1.70 -13.70
N ASP A 60 -0.12 0.96 -14.24
CA ASP A 60 -0.32 0.91 -15.68
C ASP A 60 -0.24 2.30 -16.30
N LEU A 61 -0.78 3.28 -15.59
CA LEU A 61 -0.77 4.66 -16.07
C LEU A 61 0.63 5.26 -15.99
N LEU A 62 1.36 4.90 -14.94
CA LEU A 62 2.73 5.40 -14.74
C LEU A 62 3.61 5.03 -15.94
N GLU A 63 4.74 5.73 -16.06
CA GLU A 63 5.67 5.48 -17.14
C GLU A 63 6.56 4.28 -16.84
N TYR A 64 7.01 4.18 -15.61
CA TYR A 64 7.86 3.08 -15.18
C TYR A 64 7.05 2.02 -14.45
N GLY A 65 5.85 1.75 -14.94
CA GLY A 65 5.00 0.75 -14.31
C GLY A 65 5.65 -0.61 -14.24
N ASN A 66 6.30 -1.01 -15.33
CA ASN A 66 6.97 -2.30 -15.39
C ASN A 66 8.01 -2.44 -14.28
N GLN A 67 8.42 -1.31 -13.72
CA GLN A 67 9.40 -1.30 -12.65
C GLN A 67 8.74 -1.52 -11.29
N PHE A 68 7.91 -0.57 -10.88
CA PHE A 68 7.21 -0.67 -9.61
C PHE A 68 6.34 -1.93 -9.55
N GLN A 69 5.93 -2.40 -10.73
CA GLN A 69 5.10 -3.60 -10.82
C GLN A 69 5.84 -4.81 -10.26
N ASP A 70 7.08 -4.99 -10.69
CA ASP A 70 7.89 -6.11 -10.24
C ASP A 70 8.21 -6.00 -8.76
N ALA A 71 8.61 -4.80 -8.34
CA ALA A 71 8.94 -4.54 -6.95
C ALA A 71 7.80 -4.96 -6.02
N LEU A 72 6.59 -4.58 -6.38
CA LEU A 72 5.41 -4.92 -5.57
C LEU A 72 5.26 -6.43 -5.44
N TYR A 73 5.45 -7.14 -6.56
CA TYR A 73 5.33 -8.59 -6.57
C TYR A 73 6.29 -9.22 -5.57
N LYS A 74 7.40 -8.53 -5.31
CA LYS A 74 8.40 -9.02 -4.37
C LYS A 74 8.03 -8.66 -2.93
N MET A 75 7.61 -7.41 -2.73
CA MET A 75 7.22 -6.94 -1.41
C MET A 75 5.97 -7.65 -0.93
N THR A 76 5.19 -8.18 -1.87
CA THR A 76 3.96 -8.90 -1.53
C THR A 76 4.16 -10.41 -1.59
N GLY A 77 4.78 -10.88 -2.68
CA GLY A 77 5.02 -12.29 -2.84
C GLY A 77 4.25 -12.88 -4.00
N GLU A 78 3.14 -12.24 -4.36
CA GLU A 78 2.30 -12.71 -5.46
C GLU A 78 1.97 -11.58 -6.42
N ARG A 79 1.53 -11.93 -7.63
CA ARG A 79 1.17 -10.95 -8.63
C ARG A 79 -0.32 -10.67 -8.62
N THR A 80 -0.86 -10.37 -7.45
CA THR A 80 -2.28 -10.09 -7.31
C THR A 80 -2.53 -8.61 -7.05
N VAL A 81 -3.24 -7.96 -7.96
CA VAL A 81 -3.55 -6.54 -7.83
C VAL A 81 -5.05 -6.31 -7.67
N PRO A 82 -5.42 -5.17 -7.08
CA PRO A 82 -4.44 -4.18 -6.61
C PRO A 82 -3.65 -4.66 -5.40
N ARG A 83 -2.77 -3.81 -4.90
CA ARG A 83 -1.94 -4.16 -3.73
C ARG A 83 -2.25 -3.23 -2.56
N ILE A 84 -2.81 -3.80 -1.50
CA ILE A 84 -3.16 -3.02 -0.32
C ILE A 84 -2.09 -3.17 0.76
N PHE A 85 -1.66 -2.05 1.32
CA PHE A 85 -0.64 -2.07 2.37
C PHE A 85 -1.05 -1.16 3.53
N VAL A 86 -1.14 -1.74 4.72
CA VAL A 86 -1.51 -0.99 5.91
C VAL A 86 -0.30 -0.69 6.77
N ASN A 87 0.02 0.61 6.90
CA ASN A 87 1.17 1.04 7.69
C ASN A 87 2.45 0.36 7.21
N GLY A 88 2.62 0.30 5.90
CA GLY A 88 3.80 -0.33 5.33
C GLY A 88 3.86 -1.82 5.58
N THR A 89 2.71 -2.47 5.48
CA THR A 89 2.62 -3.91 5.71
C THR A 89 1.53 -4.53 4.86
N PHE A 90 1.79 -5.72 4.32
CA PHE A 90 0.82 -6.42 3.50
C PHE A 90 -0.12 -7.25 4.35
N ILE A 91 -1.42 -6.96 4.24
CA ILE A 91 -2.43 -7.68 5.01
C ILE A 91 -3.26 -8.58 4.11
N GLY A 92 -3.32 -8.25 2.82
CA GLY A 92 -4.08 -9.04 1.88
C GLY A 92 -4.48 -8.24 0.64
N GLY A 93 -4.92 -8.95 -0.39
CA GLY A 93 -5.34 -8.29 -1.61
C GLY A 93 -6.78 -7.81 -1.56
N ALA A 94 -7.25 -7.27 -2.68
CA ALA A 94 -8.63 -6.77 -2.76
C ALA A 94 -9.57 -7.64 -1.92
N THR A 95 -9.66 -8.91 -2.27
CA THR A 95 -10.53 -9.84 -1.56
C THR A 95 -10.24 -9.82 -0.06
N ASP A 96 -9.04 -10.25 0.31
CA ASP A 96 -8.64 -10.28 1.71
C ASP A 96 -9.00 -8.98 2.41
N THR A 97 -8.31 -7.90 2.03
CA THR A 97 -8.56 -6.59 2.61
C THR A 97 -10.05 -6.36 2.84
N HIS A 98 -10.86 -6.70 1.84
CA HIS A 98 -12.31 -6.54 1.94
C HIS A 98 -12.87 -7.36 3.10
N ARG A 99 -12.39 -8.58 3.25
CA ARG A 99 -12.84 -9.46 4.31
C ARG A 99 -12.42 -8.93 5.67
N LEU A 100 -11.14 -8.55 5.78
CA LEU A 100 -10.61 -8.03 7.03
C LEU A 100 -11.60 -7.08 7.69
N HIS A 101 -12.08 -6.10 6.93
CA HIS A 101 -13.03 -5.12 7.44
C HIS A 101 -14.24 -5.82 8.04
N LYS A 102 -14.75 -6.83 7.34
CA LYS A 102 -15.92 -7.58 7.81
C LYS A 102 -15.71 -8.08 9.24
N GLU A 103 -14.63 -8.83 9.45
CA GLU A 103 -14.33 -9.36 10.77
C GLU A 103 -13.95 -8.23 11.74
N GLY A 104 -13.36 -7.17 11.20
CA GLY A 104 -12.98 -6.05 12.03
C GLY A 104 -11.49 -6.03 12.31
N LYS A 105 -10.68 -6.25 11.28
CA LYS A 105 -9.23 -6.26 11.42
C LYS A 105 -8.59 -5.27 10.45
N LEU A 106 -9.41 -4.48 9.79
CA LEU A 106 -8.92 -3.49 8.83
C LEU A 106 -8.97 -2.09 9.43
N LEU A 107 -10.15 -1.65 9.82
CA LEU A 107 -10.33 -0.33 10.41
C LEU A 107 -9.39 -0.14 11.60
N PRO A 108 -9.30 -1.16 12.46
CA PRO A 108 -8.45 -1.14 13.65
C PRO A 108 -7.03 -0.65 13.33
N LEU A 109 -6.58 -0.91 12.10
CA LEU A 109 -5.25 -0.49 11.67
C LEU A 109 -5.29 0.90 11.06
N VAL A 110 -6.36 1.19 10.33
CA VAL A 110 -6.51 2.49 9.68
C VAL A 110 -6.47 3.62 10.71
N HIS A 111 -7.15 3.41 11.83
CA HIS A 111 -7.18 4.41 12.90
C HIS A 111 -6.05 4.17 13.90
N GLN A 112 -4.82 4.14 13.42
CA GLN A 112 -3.66 3.91 14.27
C GLN A 112 -2.54 4.89 13.94
N CYS A 113 -2.33 5.11 12.66
CA CYS A 113 -1.28 6.03 12.19
C CYS A 113 -1.54 7.44 12.70
N TYR A 114 -2.73 7.96 12.39
CA TYR A 114 -3.09 9.31 12.80
C TYR A 114 -3.85 9.28 14.13
N LEU A 115 -3.57 8.26 14.93
CA LEU A 115 -4.22 8.13 16.23
C LEU A 115 -3.56 9.03 17.28
N LYS A 116 -2.23 9.05 17.26
CA LYS A 116 -1.47 9.87 18.20
C LYS A 116 -2.02 11.30 18.25
N LYS A 117 -1.64 12.05 19.28
CA LYS A 117 -2.09 13.42 19.44
C LYS A 117 -2.23 14.10 18.07
N SER A 118 -3.37 14.77 17.87
CA SER A 118 -3.63 15.46 16.61
C SER A 118 -4.74 16.50 16.79
N LYS A 119 -5.09 17.17 15.69
CA LYS A 119 -6.13 18.18 15.71
C LYS A 119 -7.51 17.54 15.61
N ARG A 120 -8.13 17.28 16.76
CA ARG A 120 -9.45 16.67 16.79
C ARG A 120 -10.06 16.76 18.19
N LYS A 121 -11.31 16.35 18.32
CA LYS A 121 -12.01 16.38 19.59
C LYS A 121 -11.05 16.06 20.74
N GLU A 122 -11.18 16.79 21.84
CA GLU A 122 -10.33 16.58 23.00
C GLU A 122 -10.49 15.16 23.55
N PHE A 123 -9.37 14.46 23.67
CA PHE A 123 -9.39 13.09 24.17
C PHE A 123 -8.02 12.69 24.74
N GLN A 124 -8.00 11.60 25.50
CA GLN A 124 -6.76 11.13 26.09
C GLN A 124 -6.71 9.60 26.12
N SER A 125 -5.51 9.04 26.20
CA SER A 125 -5.34 7.60 26.23
C SER A 125 -4.14 7.22 27.09
N GLY A 126 -3.93 5.92 27.27
CA GLY A 126 -2.82 5.43 28.07
C GLY A 126 -1.73 4.81 27.23
N PRO A 127 -0.83 5.65 26.71
CA PRO A 127 0.30 5.21 25.88
C PRO A 127 1.34 4.43 26.67
N SER A 128 2.40 4.00 26.00
CA SER A 128 3.46 3.24 26.64
C SER A 128 4.46 4.18 27.32
N SER A 129 4.85 3.83 28.54
CA SER A 129 5.81 4.64 29.30
C SER A 129 6.72 3.75 30.13
N GLY A 130 8.01 3.78 29.83
CA GLY A 130 8.97 2.98 30.57
C GLY A 130 9.39 1.73 29.81
N GLY A 1 10.01 -25.73 -8.76
CA GLY A 1 8.74 -25.51 -8.12
C GLY A 1 8.89 -24.82 -6.76
N SER A 2 9.65 -23.74 -6.73
CA SER A 2 9.87 -23.01 -5.49
C SER A 2 10.54 -21.67 -5.77
N SER A 3 10.26 -20.68 -4.93
CA SER A 3 10.83 -19.34 -5.09
C SER A 3 12.34 -19.42 -5.24
N GLY A 4 12.94 -18.32 -5.68
CA GLY A 4 14.38 -18.28 -5.87
C GLY A 4 14.85 -16.99 -6.51
N SER A 5 15.06 -15.97 -5.69
CA SER A 5 15.51 -14.67 -6.18
C SER A 5 15.83 -13.73 -5.02
N SER A 6 17.01 -13.12 -5.07
CA SER A 6 17.43 -12.19 -4.02
C SER A 6 17.59 -10.78 -4.59
N GLY A 7 17.68 -9.80 -3.69
CA GLY A 7 17.84 -8.42 -4.10
C GLY A 7 18.49 -7.57 -3.04
N SER A 8 19.80 -7.33 -3.19
CA SER A 8 20.55 -6.53 -2.24
C SER A 8 21.72 -5.83 -2.92
N LEU A 9 22.02 -4.62 -2.46
CA LEU A 9 23.12 -3.83 -3.02
C LEU A 9 23.91 -3.14 -1.93
N GLU A 10 25.10 -2.65 -2.28
CA GLU A 10 25.95 -1.96 -1.33
C GLU A 10 26.17 -0.50 -1.74
N ASN A 11 25.35 -0.03 -2.67
CA ASN A 11 25.44 1.34 -3.15
C ASN A 11 24.07 1.89 -3.48
N LEU A 12 23.90 3.20 -3.29
CA LEU A 12 22.62 3.85 -3.56
C LEU A 12 22.42 4.03 -5.05
N ALA A 13 21.42 3.34 -5.59
CA ALA A 13 21.10 3.42 -7.02
C ALA A 13 19.69 3.94 -7.24
N THR A 14 19.13 4.60 -6.23
CA THR A 14 17.79 5.14 -6.32
C THR A 14 16.82 4.13 -6.90
N ALA A 15 16.76 2.94 -6.28
CA ALA A 15 15.88 1.88 -6.74
C ALA A 15 14.41 2.28 -6.56
N PRO A 16 13.53 1.66 -7.35
CA PRO A 16 12.10 1.93 -7.29
C PRO A 16 11.45 1.39 -6.01
N VAL A 17 11.75 0.14 -5.69
CA VAL A 17 11.20 -0.48 -4.49
C VAL A 17 11.25 0.47 -3.30
N ASN A 18 12.38 1.14 -3.14
CA ASN A 18 12.56 2.09 -2.04
C ASN A 18 11.51 3.19 -2.09
N GLN A 19 11.36 3.79 -3.28
CA GLN A 19 10.38 4.86 -3.46
C GLN A 19 9.03 4.48 -2.87
N ILE A 20 8.71 3.19 -2.92
CA ILE A 20 7.45 2.70 -2.40
C ILE A 20 7.48 2.61 -0.87
N GLN A 21 8.54 2.01 -0.34
CA GLN A 21 8.70 1.87 1.10
C GLN A 21 8.49 3.21 1.81
N GLU A 22 8.87 4.29 1.14
CA GLU A 22 8.72 5.63 1.70
C GLU A 22 7.29 6.14 1.53
N THR A 23 6.65 5.73 0.44
CA THR A 23 5.28 6.15 0.16
C THR A 23 4.29 5.43 1.07
N ILE A 24 4.57 4.16 1.36
CA ILE A 24 3.70 3.37 2.23
C ILE A 24 3.90 3.73 3.69
N SER A 25 5.01 4.41 3.97
CA SER A 25 5.32 4.82 5.34
C SER A 25 4.71 6.18 5.65
N ASP A 26 4.57 7.01 4.63
CA ASP A 26 4.00 8.34 4.79
C ASP A 26 2.47 8.27 4.81
N ASN A 27 1.88 7.78 3.72
CA ASN A 27 0.44 7.66 3.62
C ASN A 27 -0.07 6.48 4.43
N CYS A 28 -1.33 6.56 4.86
CA CYS A 28 -1.93 5.49 5.64
C CYS A 28 -1.95 4.18 4.87
N VAL A 29 -2.75 4.12 3.81
CA VAL A 29 -2.84 2.94 2.97
C VAL A 29 -2.42 3.23 1.54
N VAL A 30 -1.85 2.22 0.88
CA VAL A 30 -1.39 2.37 -0.49
C VAL A 30 -1.99 1.28 -1.39
N ILE A 31 -2.91 1.69 -2.26
CA ILE A 31 -3.56 0.75 -3.18
C ILE A 31 -2.90 0.79 -4.56
N PHE A 32 -2.11 -0.24 -4.85
CA PHE A 32 -1.43 -0.32 -6.14
C PHE A 32 -2.30 -1.04 -7.17
N SER A 33 -2.83 -0.27 -8.12
CA SER A 33 -3.69 -0.83 -9.16
C SER A 33 -3.10 -0.56 -10.55
N LYS A 34 -3.42 -1.43 -11.49
CA LYS A 34 -2.93 -1.29 -12.86
C LYS A 34 -4.08 -1.16 -13.85
N THR A 35 -5.20 -0.62 -13.37
CA THR A 35 -6.38 -0.43 -14.21
C THR A 35 -6.51 -1.57 -15.23
N SER A 36 -6.38 -2.81 -14.76
CA SER A 36 -6.48 -3.97 -15.63
C SER A 36 -7.50 -4.97 -15.08
N CYS A 37 -7.41 -5.23 -13.78
CA CYS A 37 -8.33 -6.17 -13.13
C CYS A 37 -9.55 -5.45 -12.57
N SER A 38 -10.71 -6.07 -12.71
CA SER A 38 -11.96 -5.48 -12.22
C SER A 38 -11.87 -5.21 -10.72
N TYR A 39 -11.27 -6.14 -9.99
CA TYR A 39 -11.12 -5.99 -8.55
C TYR A 39 -10.49 -4.65 -8.19
N CYS A 40 -9.74 -4.09 -9.13
CA CYS A 40 -9.08 -2.80 -8.92
C CYS A 40 -10.09 -1.71 -8.58
N THR A 41 -11.36 -1.99 -8.86
CA THR A 41 -12.43 -1.04 -8.60
C THR A 41 -13.09 -1.32 -7.24
N MET A 42 -13.09 -2.59 -6.84
CA MET A 42 -13.69 -3.00 -5.58
C MET A 42 -12.97 -2.33 -4.40
N ALA A 43 -11.64 -2.38 -4.43
CA ALA A 43 -10.83 -1.79 -3.37
C ALA A 43 -11.19 -0.31 -3.17
N LYS A 44 -11.19 0.44 -4.27
CA LYS A 44 -11.52 1.86 -4.22
C LYS A 44 -12.88 2.09 -3.58
N LYS A 45 -13.88 1.35 -4.05
CA LYS A 45 -15.23 1.47 -3.53
C LYS A 45 -15.30 1.03 -2.07
N LEU A 46 -14.48 0.04 -1.72
CA LEU A 46 -14.43 -0.46 -0.35
C LEU A 46 -14.08 0.64 0.63
N PHE A 47 -12.87 1.19 0.49
CA PHE A 47 -12.41 2.26 1.38
C PHE A 47 -13.25 3.52 1.18
N HIS A 48 -13.66 3.76 -0.07
CA HIS A 48 -14.46 4.94 -0.39
C HIS A 48 -15.71 5.00 0.48
N ASP A 49 -16.51 3.94 0.44
CA ASP A 49 -17.74 3.87 1.22
C ASP A 49 -17.43 3.96 2.71
N MET A 50 -16.30 3.39 3.12
CA MET A 50 -15.89 3.40 4.52
C MET A 50 -15.46 4.81 4.94
N ASN A 51 -15.26 5.68 3.96
CA ASN A 51 -14.84 7.05 4.23
C ASN A 51 -13.41 7.09 4.79
N VAL A 52 -12.59 6.15 4.35
CA VAL A 52 -11.21 6.07 4.79
C VAL A 52 -10.25 6.58 3.72
N ASN A 53 -9.61 7.71 3.99
CA ASN A 53 -8.67 8.30 3.05
C ASN A 53 -7.62 7.28 2.61
N TYR A 54 -7.61 6.96 1.33
CA TYR A 54 -6.66 6.00 0.78
C TYR A 54 -5.78 6.64 -0.28
N LYS A 55 -4.77 5.90 -0.73
CA LYS A 55 -3.86 6.41 -1.76
C LYS A 55 -3.70 5.38 -2.88
N VAL A 56 -4.31 5.65 -4.02
CA VAL A 56 -4.22 4.75 -5.17
C VAL A 56 -3.12 5.18 -6.12
N VAL A 57 -2.39 4.21 -6.65
CA VAL A 57 -1.30 4.49 -7.58
C VAL A 57 -1.41 3.63 -8.84
N GLU A 58 -1.86 4.24 -9.93
CA GLU A 58 -2.01 3.52 -11.18
C GLU A 58 -0.66 3.22 -11.81
N LEU A 59 -0.23 1.96 -11.70
CA LEU A 59 1.06 1.54 -12.24
C LEU A 59 1.00 1.47 -13.77
N ASP A 60 -0.02 0.80 -14.29
CA ASP A 60 -0.19 0.67 -15.73
C ASP A 60 -0.02 2.01 -16.43
N LEU A 61 -0.53 3.08 -15.81
CA LEU A 61 -0.43 4.42 -16.37
C LEU A 61 0.95 5.01 -16.10
N LEU A 62 1.56 4.61 -14.99
CA LEU A 62 2.88 5.11 -14.62
C LEU A 62 3.92 4.69 -15.66
N GLU A 63 4.76 5.65 -16.05
CA GLU A 63 5.81 5.38 -17.03
C GLU A 63 6.71 4.24 -16.58
N TYR A 64 6.94 4.17 -15.27
CA TYR A 64 7.79 3.13 -14.70
C TYR A 64 6.95 2.06 -14.00
N GLY A 65 5.80 1.75 -14.59
CA GLY A 65 4.92 0.74 -14.01
C GLY A 65 5.57 -0.63 -13.97
N ASN A 66 6.07 -1.10 -15.10
CA ASN A 66 6.71 -2.40 -15.18
C ASN A 66 7.76 -2.56 -14.08
N GLN A 67 8.19 -1.43 -13.52
CA GLN A 67 9.20 -1.44 -12.47
C GLN A 67 8.55 -1.62 -11.10
N PHE A 68 7.75 -0.64 -10.70
CA PHE A 68 7.06 -0.69 -9.41
C PHE A 68 6.18 -1.93 -9.31
N GLN A 69 5.93 -2.57 -10.45
CA GLN A 69 5.10 -3.76 -10.49
C GLN A 69 5.83 -4.96 -9.92
N ASP A 70 7.05 -5.19 -10.40
CA ASP A 70 7.87 -6.30 -9.93
C ASP A 70 8.37 -6.05 -8.51
N ALA A 71 8.84 -4.83 -8.25
CA ALA A 71 9.34 -4.47 -6.94
C ALA A 71 8.39 -4.92 -5.84
N LEU A 72 7.10 -4.71 -6.06
CA LEU A 72 6.09 -5.10 -5.09
C LEU A 72 6.03 -6.61 -4.93
N TYR A 73 5.99 -7.32 -6.05
CA TYR A 73 5.93 -8.77 -6.04
C TYR A 73 7.07 -9.35 -5.20
N LYS A 74 8.13 -8.57 -5.03
CA LYS A 74 9.29 -9.00 -4.25
C LYS A 74 9.05 -8.78 -2.76
N MET A 75 8.40 -7.68 -2.43
CA MET A 75 8.11 -7.34 -1.04
C MET A 75 6.84 -8.05 -0.57
N THR A 76 6.07 -8.57 -1.52
CA THR A 76 4.82 -9.27 -1.20
C THR A 76 4.90 -10.73 -1.63
N GLY A 77 5.57 -10.98 -2.75
CA GLY A 77 5.70 -12.34 -3.25
C GLY A 77 4.64 -12.69 -4.27
N GLU A 78 3.54 -11.93 -4.27
CA GLU A 78 2.44 -12.16 -5.20
C GLU A 78 2.45 -11.12 -6.31
N ARG A 79 1.73 -11.41 -7.39
CA ARG A 79 1.65 -10.50 -8.52
C ARG A 79 0.20 -10.24 -8.91
N THR A 80 -0.69 -10.35 -7.94
CA THR A 80 -2.12 -10.12 -8.18
C THR A 80 -2.52 -8.70 -7.82
N VAL A 81 -3.58 -8.21 -8.44
CA VAL A 81 -4.06 -6.85 -8.19
C VAL A 81 -5.58 -6.83 -8.03
N PRO A 82 -6.10 -5.78 -7.37
CA PRO A 82 -5.26 -4.71 -6.83
C PRO A 82 -4.43 -5.16 -5.63
N ARG A 83 -3.67 -4.24 -5.06
CA ARG A 83 -2.83 -4.54 -3.92
C ARG A 83 -2.99 -3.50 -2.82
N ILE A 84 -3.48 -3.94 -1.66
CA ILE A 84 -3.69 -3.04 -0.53
C ILE A 84 -2.52 -3.11 0.46
N PHE A 85 -2.00 -1.95 0.83
CA PHE A 85 -0.88 -1.89 1.77
C PHE A 85 -1.23 -1.01 2.97
N VAL A 86 -1.23 -1.62 4.15
CA VAL A 86 -1.55 -0.89 5.38
C VAL A 86 -0.30 -0.69 6.23
N ASN A 87 -0.04 0.56 6.60
CA ASN A 87 1.12 0.88 7.43
C ASN A 87 2.37 0.15 6.92
N GLY A 88 2.59 0.22 5.61
CA GLY A 88 3.74 -0.44 5.02
C GLY A 88 3.74 -1.94 5.26
N THR A 89 2.56 -2.54 5.17
CA THR A 89 2.42 -3.98 5.38
C THR A 89 1.36 -4.57 4.45
N PHE A 90 1.57 -5.82 4.05
CA PHE A 90 0.63 -6.50 3.15
C PHE A 90 -0.36 -7.35 3.95
N ILE A 91 -1.47 -6.73 4.34
CA ILE A 91 -2.51 -7.42 5.11
C ILE A 91 -3.31 -8.37 4.21
N GLY A 92 -3.22 -8.16 2.91
CA GLY A 92 -3.95 -9.00 1.97
C GLY A 92 -4.35 -8.26 0.72
N GLY A 93 -4.84 -9.00 -0.27
CA GLY A 93 -5.26 -8.39 -1.52
C GLY A 93 -6.65 -7.79 -1.44
N ALA A 94 -7.27 -7.58 -2.59
CA ALA A 94 -8.61 -7.02 -2.65
C ALA A 94 -9.58 -7.80 -1.77
N THR A 95 -9.77 -9.08 -2.10
CA THR A 95 -10.66 -9.95 -1.34
C THR A 95 -10.39 -9.85 0.16
N ASP A 96 -9.19 -10.26 0.56
CA ASP A 96 -8.81 -10.21 1.96
C ASP A 96 -9.22 -8.89 2.60
N THR A 97 -8.65 -7.80 2.11
CA THR A 97 -8.96 -6.47 2.62
C THR A 97 -10.44 -6.32 2.89
N HIS A 98 -11.27 -6.75 1.93
CA HIS A 98 -12.72 -6.66 2.07
C HIS A 98 -13.19 -7.42 3.31
N ARG A 99 -12.67 -8.63 3.49
CA ARG A 99 -13.05 -9.45 4.63
C ARG A 99 -12.56 -8.84 5.93
N LEU A 100 -11.26 -8.53 5.98
CA LEU A 100 -10.66 -7.94 7.18
C LEU A 100 -11.62 -6.95 7.83
N HIS A 101 -12.14 -6.02 7.03
CA HIS A 101 -13.07 -5.02 7.53
C HIS A 101 -14.30 -5.67 8.16
N LYS A 102 -14.74 -6.77 7.56
CA LYS A 102 -15.90 -7.50 8.07
C LYS A 102 -15.65 -8.02 9.49
N GLU A 103 -14.64 -8.87 9.63
CA GLU A 103 -14.30 -9.43 10.92
C GLU A 103 -13.93 -8.34 11.92
N GLY A 104 -13.30 -7.28 11.40
CA GLY A 104 -12.90 -6.18 12.26
C GLY A 104 -11.40 -6.16 12.52
N LYS A 105 -10.61 -6.44 11.48
CA LYS A 105 -9.17 -6.45 11.60
C LYS A 105 -8.52 -5.47 10.62
N LEU A 106 -9.34 -4.57 10.09
CA LEU A 106 -8.86 -3.57 9.14
C LEU A 106 -8.92 -2.17 9.74
N LEU A 107 -10.05 -1.84 10.36
CA LEU A 107 -10.23 -0.54 10.99
C LEU A 107 -9.19 -0.30 12.07
N PRO A 108 -8.94 -1.34 12.89
CA PRO A 108 -7.96 -1.27 13.99
C PRO A 108 -6.63 -0.69 13.54
N LEU A 109 -6.30 -0.90 12.27
CA LEU A 109 -5.04 -0.40 11.72
C LEU A 109 -5.24 0.98 11.10
N VAL A 110 -6.30 1.14 10.32
CA VAL A 110 -6.60 2.41 9.68
C VAL A 110 -6.53 3.55 10.67
N HIS A 111 -6.78 3.25 11.94
CA HIS A 111 -6.75 4.26 12.99
C HIS A 111 -5.45 4.17 13.79
N GLN A 112 -4.38 3.73 13.13
CA GLN A 112 -3.08 3.59 13.78
C GLN A 112 -2.02 4.39 13.02
N CYS A 113 -2.27 4.67 11.75
CA CYS A 113 -1.34 5.41 10.93
C CYS A 113 -1.42 6.91 11.23
N TYR A 114 -2.60 7.37 11.61
CA TYR A 114 -2.81 8.77 11.92
C TYR A 114 -3.45 8.93 13.31
N LEU A 115 -3.20 7.96 14.18
CA LEU A 115 -3.75 7.99 15.53
C LEU A 115 -3.20 9.17 16.31
N LYS A 116 -3.80 9.44 17.47
CA LYS A 116 -3.36 10.54 18.32
C LYS A 116 -3.05 11.78 17.49
N LYS A 117 -3.80 11.95 16.40
CA LYS A 117 -3.62 13.11 15.53
C LYS A 117 -4.84 13.32 14.64
N SER A 118 -5.61 14.36 14.94
CA SER A 118 -6.81 14.66 14.18
C SER A 118 -7.24 16.11 14.41
N LYS A 119 -8.23 16.56 13.64
CA LYS A 119 -8.74 17.92 13.76
C LYS A 119 -9.15 18.22 15.20
N ARG A 120 -9.34 19.50 15.50
CA ARG A 120 -9.73 19.92 16.84
C ARG A 120 -10.77 18.97 17.42
N LYS A 121 -10.33 18.07 18.30
CA LYS A 121 -11.22 17.11 18.93
C LYS A 121 -10.48 16.29 19.98
N GLU A 122 -11.19 15.91 21.04
CA GLU A 122 -10.61 15.13 22.12
C GLU A 122 -10.58 13.65 21.76
N PHE A 123 -9.38 13.10 21.63
CA PHE A 123 -9.21 11.68 21.29
C PHE A 123 -8.25 11.00 22.26
N GLN A 124 -8.82 10.36 23.28
CA GLN A 124 -8.04 9.66 24.29
C GLN A 124 -7.97 8.17 23.98
N SER A 125 -6.99 7.79 23.16
CA SER A 125 -6.82 6.39 22.79
C SER A 125 -5.38 6.11 22.37
N GLY A 126 -4.76 5.11 23.00
CA GLY A 126 -3.39 4.77 22.68
C GLY A 126 -2.39 5.73 23.29
N PRO A 127 -1.31 5.18 23.86
CA PRO A 127 -0.26 5.98 24.49
C PRO A 127 0.56 6.77 23.48
N SER A 128 1.04 6.08 22.45
CA SER A 128 1.84 6.72 21.41
C SER A 128 2.12 5.75 20.27
N SER A 129 2.44 6.30 19.10
CA SER A 129 2.72 5.48 17.92
C SER A 129 3.23 6.35 16.78
N GLY A 130 3.86 5.70 15.80
CA GLY A 130 4.39 6.42 14.66
C GLY A 130 5.23 5.54 13.75
N GLY A 1 21.54 -8.57 -16.32
CA GLY A 1 21.46 -9.17 -14.99
C GLY A 1 22.67 -8.85 -14.14
N SER A 2 23.37 -9.88 -13.69
CA SER A 2 24.55 -9.70 -12.85
C SER A 2 24.23 -8.83 -11.65
N SER A 3 23.07 -9.05 -11.04
CA SER A 3 22.65 -8.28 -9.88
C SER A 3 22.99 -9.01 -8.59
N GLY A 4 24.16 -8.71 -8.04
CA GLY A 4 24.59 -9.34 -6.80
C GLY A 4 25.84 -10.17 -6.98
N SER A 5 26.92 -9.52 -7.41
CA SER A 5 28.19 -10.21 -7.62
C SER A 5 29.11 -10.04 -6.42
N SER A 6 29.37 -11.13 -5.71
CA SER A 6 30.23 -11.11 -4.54
C SER A 6 29.92 -9.89 -3.67
N GLY A 7 28.63 -9.60 -3.50
CA GLY A 7 28.24 -8.46 -2.70
C GLY A 7 26.73 -8.32 -2.61
N SER A 8 26.28 -7.29 -1.89
CA SER A 8 24.84 -7.05 -1.73
C SER A 8 24.49 -5.62 -2.14
N LEU A 9 25.21 -4.66 -1.57
CA LEU A 9 24.97 -3.25 -1.88
C LEU A 9 26.21 -2.41 -1.58
N GLU A 10 26.82 -1.88 -2.64
CA GLU A 10 28.02 -1.06 -2.48
C GLU A 10 27.65 0.39 -2.24
N ASN A 11 26.71 0.90 -3.04
CA ASN A 11 26.27 2.29 -2.91
C ASN A 11 24.77 2.40 -3.14
N LEU A 12 24.25 3.61 -3.00
CA LEU A 12 22.81 3.85 -3.20
C LEU A 12 22.52 4.25 -4.64
N ALA A 13 21.41 3.75 -5.17
CA ALA A 13 21.01 4.05 -6.54
C ALA A 13 19.55 4.46 -6.60
N THR A 14 19.07 5.10 -5.54
CA THR A 14 17.68 5.54 -5.48
C THR A 14 16.77 4.58 -6.21
N ALA A 15 16.90 3.30 -5.91
CA ALA A 15 16.08 2.26 -6.54
C ALA A 15 14.60 2.62 -6.45
N PRO A 16 13.80 2.03 -7.35
CA PRO A 16 12.35 2.28 -7.40
C PRO A 16 11.63 1.66 -6.21
N VAL A 17 12.01 0.44 -5.85
CA VAL A 17 11.40 -0.26 -4.73
C VAL A 17 11.47 0.56 -3.46
N ASN A 18 12.51 1.39 -3.35
CA ASN A 18 12.69 2.23 -2.18
C ASN A 18 11.62 3.32 -2.12
N GLN A 19 11.41 4.01 -3.23
CA GLN A 19 10.42 5.07 -3.31
C GLN A 19 9.08 4.59 -2.74
N ILE A 20 8.82 3.29 -2.86
CA ILE A 20 7.58 2.71 -2.36
C ILE A 20 7.66 2.45 -0.86
N GLN A 21 8.79 1.89 -0.43
CA GLN A 21 8.98 1.59 0.99
C GLN A 21 8.61 2.78 1.86
N GLU A 22 9.00 3.97 1.42
CA GLU A 22 8.71 5.19 2.15
C GLU A 22 7.23 5.57 2.04
N THR A 23 6.69 5.44 0.82
CA THR A 23 5.30 5.76 0.57
C THR A 23 4.37 4.94 1.45
N ILE A 24 4.50 3.63 1.36
CA ILE A 24 3.67 2.72 2.16
C ILE A 24 3.65 3.14 3.62
N SER A 25 4.79 3.60 4.11
CA SER A 25 4.91 4.03 5.50
C SER A 25 4.22 5.37 5.71
N ASP A 26 4.69 6.39 5.00
CA ASP A 26 4.11 7.73 5.12
C ASP A 26 2.59 7.68 5.03
N ASN A 27 2.09 7.24 3.88
CA ASN A 27 0.64 7.14 3.65
C ASN A 27 0.04 6.03 4.51
N CYS A 28 -1.16 6.27 5.03
CA CYS A 28 -1.84 5.30 5.87
C CYS A 28 -2.17 4.05 5.07
N VAL A 29 -2.66 4.23 3.85
CA VAL A 29 -3.01 3.11 2.98
C VAL A 29 -2.66 3.40 1.54
N VAL A 30 -2.14 2.39 0.84
CA VAL A 30 -1.76 2.55 -0.56
C VAL A 30 -2.30 1.40 -1.40
N ILE A 31 -2.94 1.74 -2.51
CA ILE A 31 -3.51 0.75 -3.40
C ILE A 31 -2.85 0.79 -4.78
N PHE A 32 -2.15 -0.28 -5.13
CA PHE A 32 -1.48 -0.35 -6.42
C PHE A 32 -2.29 -1.15 -7.42
N SER A 33 -2.92 -0.46 -8.36
CA SER A 33 -3.74 -1.11 -9.37
C SER A 33 -3.15 -0.91 -10.77
N LYS A 34 -3.51 -1.79 -11.69
CA LYS A 34 -3.01 -1.71 -13.06
C LYS A 34 -4.16 -1.66 -14.06
N THR A 35 -5.29 -1.11 -13.62
CA THR A 35 -6.46 -1.00 -14.48
C THR A 35 -6.59 -2.21 -15.40
N SER A 36 -6.52 -3.40 -14.82
CA SER A 36 -6.62 -4.63 -15.60
C SER A 36 -7.61 -5.60 -14.95
N CYS A 37 -7.51 -5.76 -13.64
CA CYS A 37 -8.39 -6.65 -12.90
C CYS A 37 -9.53 -5.87 -12.25
N SER A 38 -10.76 -6.29 -12.53
CA SER A 38 -11.94 -5.62 -11.97
C SER A 38 -11.77 -5.40 -10.46
N TYR A 39 -11.12 -6.35 -9.80
CA TYR A 39 -10.90 -6.25 -8.36
C TYR A 39 -10.44 -4.85 -7.98
N CYS A 40 -9.52 -4.30 -8.77
CA CYS A 40 -8.99 -2.96 -8.51
C CYS A 40 -10.12 -1.99 -8.19
N THR A 41 -11.25 -2.15 -8.85
CA THR A 41 -12.40 -1.28 -8.64
C THR A 41 -13.04 -1.54 -7.27
N MET A 42 -12.94 -2.78 -6.81
CA MET A 42 -13.51 -3.17 -5.53
C MET A 42 -12.75 -2.50 -4.38
N ALA A 43 -11.43 -2.69 -4.35
CA ALA A 43 -10.60 -2.10 -3.31
C ALA A 43 -10.86 -0.61 -3.18
N LYS A 44 -10.90 0.08 -4.32
CA LYS A 44 -11.15 1.52 -4.33
C LYS A 44 -12.50 1.85 -3.70
N LYS A 45 -13.55 1.25 -4.22
CA LYS A 45 -14.90 1.48 -3.71
C LYS A 45 -14.98 1.15 -2.21
N LEU A 46 -14.30 0.07 -1.82
CA LEU A 46 -14.30 -0.34 -0.42
C LEU A 46 -13.94 0.82 0.50
N PHE A 47 -12.71 1.31 0.37
CA PHE A 47 -12.24 2.43 1.18
C PHE A 47 -13.15 3.65 1.00
N HIS A 48 -13.41 4.00 -0.25
CA HIS A 48 -14.25 5.15 -0.57
C HIS A 48 -15.54 5.12 0.26
N ASP A 49 -16.23 3.99 0.22
CA ASP A 49 -17.47 3.83 0.97
C ASP A 49 -17.24 4.01 2.46
N MET A 50 -16.10 3.51 2.94
CA MET A 50 -15.75 3.63 4.35
C MET A 50 -15.36 5.06 4.72
N ASN A 51 -15.01 5.84 3.69
CA ASN A 51 -14.60 7.22 3.90
C ASN A 51 -13.23 7.30 4.55
N VAL A 52 -12.38 6.32 4.24
CA VAL A 52 -11.04 6.28 4.80
C VAL A 52 -10.01 6.78 3.79
N ASN A 53 -9.55 8.01 3.98
CA ASN A 53 -8.57 8.62 3.09
C ASN A 53 -7.60 7.56 2.57
N TYR A 54 -7.74 7.21 1.29
CA TYR A 54 -6.87 6.22 0.68
C TYR A 54 -6.05 6.84 -0.45
N LYS A 55 -5.11 6.06 -0.98
CA LYS A 55 -4.26 6.53 -2.07
C LYS A 55 -4.05 5.43 -3.11
N VAL A 56 -4.66 5.60 -4.27
CA VAL A 56 -4.54 4.62 -5.35
C VAL A 56 -3.53 5.07 -6.40
N VAL A 57 -2.71 4.14 -6.88
CA VAL A 57 -1.70 4.45 -7.88
C VAL A 57 -1.82 3.51 -9.08
N GLU A 58 -2.16 4.08 -10.23
CA GLU A 58 -2.30 3.28 -11.45
C GLU A 58 -0.94 3.00 -12.08
N LEU A 59 -0.45 1.78 -11.89
CA LEU A 59 0.84 1.38 -12.44
C LEU A 59 0.75 1.19 -13.95
N ASP A 60 -0.18 0.36 -14.39
CA ASP A 60 -0.38 0.10 -15.81
C ASP A 60 -0.18 1.38 -16.63
N LEU A 61 -0.70 2.49 -16.11
CA LEU A 61 -0.58 3.77 -16.79
C LEU A 61 0.79 4.39 -16.55
N LEU A 62 1.27 4.30 -15.31
CA LEU A 62 2.57 4.86 -14.96
C LEU A 62 3.63 4.44 -15.98
N GLU A 63 4.33 5.44 -16.53
CA GLU A 63 5.37 5.19 -17.51
C GLU A 63 6.33 4.11 -17.01
N TYR A 64 6.62 4.14 -15.72
CA TYR A 64 7.54 3.17 -15.12
C TYR A 64 6.76 2.09 -14.36
N GLY A 65 5.63 1.67 -14.93
CA GLY A 65 4.82 0.65 -14.29
C GLY A 65 5.55 -0.66 -14.12
N ASN A 66 6.06 -1.20 -15.24
CA ASN A 66 6.80 -2.46 -15.22
C ASN A 66 7.87 -2.44 -14.13
N GLN A 67 8.33 -1.25 -13.78
CA GLN A 67 9.36 -1.10 -12.76
C GLN A 67 8.77 -1.28 -11.36
N PHE A 68 7.99 -0.30 -10.93
CA PHE A 68 7.36 -0.36 -9.61
C PHE A 68 6.57 -1.65 -9.43
N GLN A 69 6.06 -2.17 -10.54
CA GLN A 69 5.28 -3.41 -10.50
C GLN A 69 6.10 -4.56 -9.92
N ASP A 70 7.31 -4.74 -10.45
CA ASP A 70 8.19 -5.80 -9.98
C ASP A 70 8.59 -5.57 -8.52
N ALA A 71 9.04 -4.36 -8.22
CA ALA A 71 9.45 -4.02 -6.86
C ALA A 71 8.48 -4.59 -5.83
N LEU A 72 7.20 -4.29 -6.01
CA LEU A 72 6.17 -4.78 -5.09
C LEU A 72 6.08 -6.30 -5.13
N TYR A 73 6.13 -6.86 -6.34
CA TYR A 73 6.05 -8.30 -6.53
C TYR A 73 7.16 -9.01 -5.76
N LYS A 74 8.27 -8.30 -5.55
CA LYS A 74 9.41 -8.86 -4.82
C LYS A 74 9.19 -8.79 -3.32
N MET A 75 8.65 -7.66 -2.86
CA MET A 75 8.39 -7.47 -1.44
C MET A 75 7.21 -8.31 -0.99
N THR A 76 6.26 -8.53 -1.89
CA THR A 76 5.08 -9.32 -1.57
C THR A 76 5.28 -10.78 -1.97
N GLY A 77 5.85 -11.00 -3.15
CA GLY A 77 6.09 -12.36 -3.62
C GLY A 77 5.17 -12.75 -4.76
N GLU A 78 3.99 -12.13 -4.80
CA GLU A 78 3.02 -12.41 -5.85
C GLU A 78 2.69 -11.16 -6.65
N ARG A 79 1.74 -11.27 -7.56
CA ARG A 79 1.33 -10.16 -8.40
C ARG A 79 -0.19 -10.07 -8.48
N THR A 80 -0.85 -10.21 -7.34
CA THR A 80 -2.31 -10.15 -7.29
C THR A 80 -2.79 -8.73 -7.03
N VAL A 81 -3.39 -8.11 -8.04
CA VAL A 81 -3.89 -6.75 -7.92
C VAL A 81 -5.40 -6.74 -7.67
N PRO A 82 -5.88 -5.68 -6.99
CA PRO A 82 -5.03 -4.59 -6.52
C PRO A 82 -4.11 -5.02 -5.38
N ARG A 83 -3.36 -4.07 -4.85
CA ARG A 83 -2.44 -4.35 -3.75
C ARG A 83 -2.64 -3.35 -2.60
N ILE A 84 -3.14 -3.86 -1.48
CA ILE A 84 -3.38 -3.01 -0.31
C ILE A 84 -2.24 -3.14 0.69
N PHE A 85 -1.76 -1.99 1.17
CA PHE A 85 -0.67 -1.97 2.14
C PHE A 85 -1.04 -1.13 3.35
N VAL A 86 -1.08 -1.77 4.52
CA VAL A 86 -1.42 -1.08 5.76
C VAL A 86 -0.18 -0.85 6.62
N ASN A 87 0.22 0.40 6.76
CA ASN A 87 1.39 0.75 7.55
C ASN A 87 2.62 -0.02 7.08
N GLY A 88 2.81 -0.08 5.77
CA GLY A 88 3.94 -0.77 5.21
C GLY A 88 3.90 -2.27 5.49
N THR A 89 2.71 -2.85 5.38
CA THR A 89 2.53 -4.28 5.62
C THR A 89 1.42 -4.85 4.76
N PHE A 90 1.66 -6.02 4.19
CA PHE A 90 0.67 -6.69 3.33
C PHE A 90 -0.37 -7.41 4.18
N ILE A 91 -1.63 -7.03 4.03
CA ILE A 91 -2.72 -7.65 4.77
C ILE A 91 -3.63 -8.46 3.85
N GLY A 92 -3.64 -8.10 2.57
CA GLY A 92 -4.45 -8.81 1.60
C GLY A 92 -4.82 -7.95 0.41
N GLY A 93 -5.63 -8.51 -0.50
CA GLY A 93 -6.04 -7.77 -1.67
C GLY A 93 -7.43 -7.20 -1.54
N ALA A 94 -8.09 -6.98 -2.69
CA ALA A 94 -9.44 -6.43 -2.69
C ALA A 94 -10.35 -7.21 -1.76
N THR A 95 -10.58 -8.48 -2.09
CA THR A 95 -11.44 -9.33 -1.28
C THR A 95 -11.00 -9.35 0.17
N ASP A 96 -9.85 -9.98 0.43
CA ASP A 96 -9.31 -10.06 1.78
C ASP A 96 -9.49 -8.75 2.52
N THR A 97 -8.86 -7.70 2.00
CA THR A 97 -8.94 -6.38 2.62
C THR A 97 -10.38 -6.03 2.99
N HIS A 98 -11.31 -6.34 2.09
CA HIS A 98 -12.72 -6.07 2.32
C HIS A 98 -13.26 -6.93 3.46
N ARG A 99 -12.78 -8.16 3.54
CA ARG A 99 -13.21 -9.10 4.58
C ARG A 99 -12.69 -8.66 5.95
N LEU A 100 -11.45 -8.20 5.98
CA LEU A 100 -10.83 -7.75 7.22
C LEU A 100 -11.69 -6.70 7.92
N HIS A 101 -12.05 -5.65 7.18
CA HIS A 101 -12.87 -4.58 7.73
C HIS A 101 -14.12 -5.15 8.40
N LYS A 102 -14.77 -6.09 7.72
CA LYS A 102 -15.97 -6.72 8.26
C LYS A 102 -15.72 -7.31 9.63
N GLU A 103 -14.85 -8.32 9.69
CA GLU A 103 -14.51 -8.97 10.96
C GLU A 103 -13.91 -7.97 11.94
N GLY A 104 -13.29 -6.93 11.41
CA GLY A 104 -12.69 -5.92 12.27
C GLY A 104 -11.20 -6.10 12.41
N LYS A 105 -10.50 -6.21 11.28
CA LYS A 105 -9.05 -6.40 11.28
C LYS A 105 -8.37 -5.38 10.37
N LEU A 106 -9.18 -4.55 9.71
CA LEU A 106 -8.66 -3.53 8.81
C LEU A 106 -8.65 -2.16 9.48
N LEU A 107 -9.81 -1.75 9.97
CA LEU A 107 -9.94 -0.45 10.63
C LEU A 107 -8.98 -0.36 11.82
N PRO A 108 -8.88 -1.44 12.60
CA PRO A 108 -8.01 -1.49 13.77
C PRO A 108 -6.60 -1.00 13.47
N LEU A 109 -6.20 -1.10 12.20
CA LEU A 109 -4.88 -0.65 11.78
C LEU A 109 -4.92 0.80 11.30
N VAL A 110 -5.98 1.14 10.57
CA VAL A 110 -6.14 2.49 10.05
C VAL A 110 -5.97 3.53 11.16
N HIS A 111 -6.75 3.38 12.22
CA HIS A 111 -6.70 4.30 13.36
C HIS A 111 -5.25 4.49 13.83
N GLN A 112 -4.56 3.36 14.06
CA GLN A 112 -3.19 3.41 14.52
C GLN A 112 -2.38 4.45 13.75
N CYS A 113 -2.49 4.40 12.42
CA CYS A 113 -1.77 5.33 11.56
C CYS A 113 -1.87 6.75 12.10
N TYR A 114 -3.09 7.29 12.13
CA TYR A 114 -3.33 8.64 12.62
C TYR A 114 -4.00 8.61 14.00
N LEU A 115 -3.64 7.62 14.80
CA LEU A 115 -4.20 7.48 16.14
C LEU A 115 -4.02 8.76 16.94
N LYS A 116 -4.69 8.83 18.09
CA LYS A 116 -4.60 10.01 18.94
C LYS A 116 -3.27 10.04 19.71
N LYS A 117 -2.19 9.86 18.97
CA LYS A 117 -0.85 9.87 19.57
C LYS A 117 -0.26 11.28 19.57
N SER A 118 -0.49 12.01 18.49
CA SER A 118 0.03 13.37 18.35
C SER A 118 -1.06 14.32 17.87
N LYS A 119 -0.94 15.59 18.23
CA LYS A 119 -1.90 16.60 17.82
C LYS A 119 -2.01 16.68 16.30
N ARG A 120 -3.02 16.03 15.75
CA ARG A 120 -3.23 16.02 14.30
C ARG A 120 -4.71 15.95 13.97
N LYS A 121 -5.21 16.95 13.24
CA LYS A 121 -6.61 16.98 12.86
C LYS A 121 -6.75 17.34 11.37
N GLU A 122 -7.86 16.91 10.77
CA GLU A 122 -8.11 17.18 9.36
C GLU A 122 -9.56 16.86 9.00
N PHE A 123 -10.12 17.62 8.07
CA PHE A 123 -11.49 17.43 7.64
C PHE A 123 -11.70 17.94 6.21
N GLN A 124 -12.80 17.52 5.59
CA GLN A 124 -13.10 17.93 4.22
C GLN A 124 -14.60 18.03 4.01
N SER A 125 -15.00 18.80 3.00
CA SER A 125 -16.41 18.99 2.70
C SER A 125 -16.88 17.99 1.64
N GLY A 126 -18.17 17.65 1.69
CA GLY A 126 -18.72 16.71 0.73
C GLY A 126 -20.05 17.16 0.17
N PRO A 127 -20.24 16.98 -1.15
CA PRO A 127 -21.49 17.36 -1.83
C PRO A 127 -22.66 16.48 -1.43
N SER A 128 -23.81 16.72 -2.05
CA SER A 128 -25.02 15.96 -1.77
C SER A 128 -26.11 16.25 -2.78
N SER A 129 -27.14 15.41 -2.81
CA SER A 129 -28.25 15.58 -3.74
C SER A 129 -29.59 15.45 -3.02
N GLY A 130 -29.81 14.29 -2.41
CA GLY A 130 -31.05 14.06 -1.68
C GLY A 130 -31.53 12.62 -1.79
N GLY A 1 23.00 -18.99 -7.75
CA GLY A 1 23.12 -19.67 -6.47
C GLY A 1 22.32 -18.99 -5.38
N SER A 2 22.49 -17.68 -5.23
CA SER A 2 21.78 -16.93 -4.21
C SER A 2 21.66 -17.74 -2.92
N SER A 3 22.74 -18.41 -2.54
CA SER A 3 22.76 -19.22 -1.33
C SER A 3 22.93 -18.35 -0.09
N GLY A 4 23.93 -17.46 -0.14
CA GLY A 4 24.18 -16.58 0.98
C GLY A 4 25.12 -15.45 0.62
N SER A 5 24.87 -14.79 -0.50
CA SER A 5 25.70 -13.69 -0.96
C SER A 5 24.94 -12.37 -0.92
N SER A 6 25.62 -11.30 -0.50
CA SER A 6 25.00 -9.99 -0.42
C SER A 6 25.91 -8.92 -1.01
N GLY A 7 25.37 -8.16 -1.96
CA GLY A 7 26.14 -7.11 -2.60
C GLY A 7 25.67 -5.72 -2.22
N SER A 8 25.53 -4.85 -3.21
CA SER A 8 25.08 -3.48 -2.98
C SER A 8 26.07 -2.73 -2.10
N LEU A 9 27.36 -2.85 -2.44
CA LEU A 9 28.41 -2.17 -1.67
C LEU A 9 28.90 -0.93 -2.40
N GLU A 10 27.98 -0.21 -3.04
CA GLU A 10 28.32 0.99 -3.78
C GLU A 10 27.23 2.05 -3.60
N ASN A 11 27.47 3.24 -4.16
CA ASN A 11 26.53 4.34 -4.07
C ASN A 11 25.09 3.84 -4.26
N LEU A 12 24.14 4.56 -3.68
CA LEU A 12 22.73 4.18 -3.79
C LEU A 12 22.21 4.42 -5.20
N ALA A 13 21.67 3.37 -5.82
CA ALA A 13 21.14 3.46 -7.17
C ALA A 13 19.69 3.95 -7.15
N THR A 14 19.32 4.64 -6.08
CA THR A 14 17.96 5.17 -5.94
C THR A 14 16.94 4.19 -6.50
N ALA A 15 16.99 2.94 -6.02
CA ALA A 15 16.06 1.91 -6.47
C ALA A 15 14.62 2.37 -6.29
N PRO A 16 13.69 1.71 -7.02
CA PRO A 16 12.27 2.03 -6.97
C PRO A 16 11.64 1.62 -5.63
N VAL A 17 11.86 0.38 -5.23
CA VAL A 17 11.32 -0.12 -3.98
C VAL A 17 11.35 0.94 -2.89
N ASN A 18 12.47 1.67 -2.81
CA ASN A 18 12.63 2.72 -1.82
C ASN A 18 11.56 3.80 -1.99
N GLN A 19 11.41 4.28 -3.21
CA GLN A 19 10.41 5.31 -3.51
C GLN A 19 9.04 4.91 -2.98
N ILE A 20 8.83 3.61 -2.81
CA ILE A 20 7.56 3.10 -2.31
C ILE A 20 7.53 3.10 -0.78
N GLN A 21 8.62 2.61 -0.18
CA GLN A 21 8.72 2.55 1.27
C GLN A 21 8.46 3.92 1.89
N GLU A 22 8.91 4.97 1.21
CA GLU A 22 8.73 6.33 1.69
C GLU A 22 7.29 6.78 1.54
N THR A 23 6.63 6.31 0.47
CA THR A 23 5.25 6.67 0.20
C THR A 23 4.30 5.95 1.16
N ILE A 24 4.48 4.64 1.30
CA ILE A 24 3.65 3.84 2.17
C ILE A 24 3.83 4.26 3.62
N SER A 25 4.98 4.84 3.94
CA SER A 25 5.28 5.28 5.29
C SER A 25 4.47 6.51 5.65
N ASP A 26 4.33 7.43 4.70
CA ASP A 26 3.57 8.65 4.92
C ASP A 26 2.08 8.40 4.74
N ASN A 27 1.71 7.85 3.60
CA ASN A 27 0.31 7.55 3.31
C ASN A 27 -0.21 6.43 4.19
N CYS A 28 -1.49 6.49 4.55
CA CYS A 28 -2.10 5.49 5.39
C CYS A 28 -2.38 4.21 4.59
N VAL A 29 -2.97 4.36 3.42
CA VAL A 29 -3.27 3.21 2.56
C VAL A 29 -2.90 3.50 1.11
N VAL A 30 -2.08 2.62 0.53
CA VAL A 30 -1.66 2.78 -0.85
C VAL A 30 -2.23 1.67 -1.74
N ILE A 31 -3.16 2.03 -2.60
CA ILE A 31 -3.78 1.07 -3.51
C ILE A 31 -3.16 1.13 -4.89
N PHE A 32 -2.33 0.14 -5.21
CA PHE A 32 -1.66 0.09 -6.51
C PHE A 32 -2.45 -0.78 -7.49
N SER A 33 -3.04 -0.14 -8.49
CA SER A 33 -3.83 -0.85 -9.49
C SER A 33 -3.15 -0.80 -10.85
N LYS A 34 -3.61 -1.65 -11.76
CA LYS A 34 -3.05 -1.71 -13.11
C LYS A 34 -4.15 -1.74 -14.16
N THR A 35 -5.27 -1.09 -13.85
CA THR A 35 -6.40 -1.03 -14.77
C THR A 35 -6.49 -2.31 -15.60
N SER A 36 -6.34 -3.45 -14.94
CA SER A 36 -6.39 -4.74 -15.63
C SER A 36 -7.45 -5.64 -15.00
N CYS A 37 -7.45 -5.71 -13.67
CA CYS A 37 -8.40 -6.53 -12.93
C CYS A 37 -9.64 -5.73 -12.58
N SER A 38 -10.70 -6.43 -12.17
CA SER A 38 -11.95 -5.79 -11.79
C SER A 38 -11.94 -5.37 -10.33
N TYR A 39 -11.24 -6.16 -9.51
CA TYR A 39 -11.15 -5.89 -8.08
C TYR A 39 -10.62 -4.47 -7.83
N CYS A 40 -10.01 -3.89 -8.85
CA CYS A 40 -9.45 -2.55 -8.75
C CYS A 40 -10.52 -1.55 -8.31
N THR A 41 -11.78 -1.88 -8.61
CA THR A 41 -12.89 -1.01 -8.24
C THR A 41 -13.45 -1.38 -6.87
N MET A 42 -13.48 -2.67 -6.58
CA MET A 42 -14.00 -3.15 -5.30
C MET A 42 -13.17 -2.60 -4.14
N ALA A 43 -11.85 -2.58 -4.32
CA ALA A 43 -10.96 -2.07 -3.28
C ALA A 43 -11.12 -0.56 -3.12
N LYS A 44 -10.88 0.18 -4.19
CA LYS A 44 -11.00 1.63 -4.16
C LYS A 44 -12.36 2.06 -3.60
N LYS A 45 -13.39 1.29 -3.95
CA LYS A 45 -14.75 1.59 -3.50
C LYS A 45 -14.92 1.22 -2.03
N LEU A 46 -14.29 0.12 -1.63
CA LEU A 46 -14.37 -0.35 -0.24
C LEU A 46 -14.01 0.78 0.73
N PHE A 47 -12.84 1.37 0.53
CA PHE A 47 -12.37 2.46 1.39
C PHE A 47 -13.23 3.70 1.20
N HIS A 48 -13.66 3.94 -0.04
CA HIS A 48 -14.48 5.10 -0.36
C HIS A 48 -15.73 5.14 0.52
N ASP A 49 -16.49 4.04 0.49
CA ASP A 49 -17.71 3.96 1.29
C ASP A 49 -17.41 4.12 2.78
N MET A 50 -16.20 3.74 3.17
CA MET A 50 -15.78 3.84 4.56
C MET A 50 -15.35 5.27 4.90
N ASN A 51 -15.21 6.10 3.87
CA ASN A 51 -14.81 7.49 4.05
C ASN A 51 -13.41 7.57 4.65
N VAL A 52 -12.53 6.68 4.21
CA VAL A 52 -11.15 6.66 4.70
C VAL A 52 -10.18 7.10 3.61
N ASN A 53 -9.78 8.37 3.66
CA ASN A 53 -8.85 8.92 2.68
C ASN A 53 -7.83 7.85 2.26
N TYR A 54 -7.85 7.50 0.98
CA TYR A 54 -6.93 6.50 0.45
C TYR A 54 -6.07 7.08 -0.67
N LYS A 55 -5.07 6.33 -1.10
CA LYS A 55 -4.18 6.77 -2.16
C LYS A 55 -4.05 5.71 -3.25
N VAL A 56 -4.70 5.94 -4.39
CA VAL A 56 -4.66 5.00 -5.51
C VAL A 56 -3.59 5.41 -6.52
N VAL A 57 -2.76 4.45 -6.91
CA VAL A 57 -1.71 4.71 -7.89
C VAL A 57 -1.71 3.66 -8.99
N GLU A 58 -2.29 4.01 -10.13
CA GLU A 58 -2.36 3.10 -11.26
C GLU A 58 -1.00 2.97 -11.95
N LEU A 59 -0.39 1.79 -11.82
CA LEU A 59 0.92 1.54 -12.42
C LEU A 59 0.78 1.29 -13.92
N ASP A 60 -0.19 0.46 -14.29
CA ASP A 60 -0.42 0.14 -15.69
C ASP A 60 -0.23 1.38 -16.58
N LEU A 61 -0.52 2.54 -16.02
CA LEU A 61 -0.39 3.80 -16.75
C LEU A 61 0.97 4.42 -16.51
N LEU A 62 1.39 4.47 -15.25
CA LEU A 62 2.69 5.05 -14.89
C LEU A 62 3.79 4.49 -15.78
N GLU A 63 4.86 5.27 -15.94
CA GLU A 63 5.99 4.86 -16.76
C GLU A 63 6.87 3.86 -16.02
N TYR A 64 6.85 3.94 -14.68
CA TYR A 64 7.65 3.06 -13.85
C TYR A 64 6.84 1.84 -13.41
N GLY A 65 5.75 1.57 -14.13
CA GLY A 65 4.90 0.44 -13.79
C GLY A 65 5.68 -0.86 -13.69
N ASN A 66 6.26 -1.29 -14.80
CA ASN A 66 7.03 -2.53 -14.82
C ASN A 66 8.07 -2.54 -13.71
N GLN A 67 8.46 -1.35 -13.25
CA GLN A 67 9.45 -1.23 -12.19
C GLN A 67 8.81 -1.46 -10.83
N PHE A 68 7.96 -0.53 -10.40
CA PHE A 68 7.29 -0.63 -9.12
C PHE A 68 6.49 -1.93 -9.03
N GLN A 69 6.12 -2.47 -10.18
CA GLN A 69 5.35 -3.71 -10.23
C GLN A 69 6.14 -4.86 -9.61
N ASP A 70 7.38 -5.01 -10.04
CA ASP A 70 8.24 -6.08 -9.54
C ASP A 70 8.64 -5.80 -8.09
N ALA A 71 9.07 -4.57 -7.82
CA ALA A 71 9.48 -4.19 -6.48
C ALA A 71 8.45 -4.61 -5.44
N LEU A 72 7.18 -4.33 -5.72
CA LEU A 72 6.10 -4.68 -4.81
C LEU A 72 5.96 -6.20 -4.69
N TYR A 73 5.84 -6.87 -5.83
CA TYR A 73 5.71 -8.32 -5.85
C TYR A 73 6.74 -8.98 -4.93
N LYS A 74 7.81 -8.25 -4.64
CA LYS A 74 8.86 -8.75 -3.78
C LYS A 74 8.53 -8.51 -2.31
N MET A 75 8.07 -7.30 -2.01
CA MET A 75 7.72 -6.94 -0.63
C MET A 75 6.47 -7.70 -0.18
N THR A 76 5.74 -8.25 -1.15
CA THR A 76 4.52 -9.00 -0.85
C THR A 76 4.68 -10.47 -1.21
N GLY A 77 5.33 -10.74 -2.33
CA GLY A 77 5.54 -12.11 -2.76
C GLY A 77 4.50 -12.57 -3.75
N GLU A 78 3.37 -11.85 -3.82
CA GLU A 78 2.30 -12.19 -4.73
C GLU A 78 2.21 -11.17 -5.87
N ARG A 79 1.60 -11.58 -6.97
CA ARG A 79 1.45 -10.70 -8.13
C ARG A 79 -0.02 -10.51 -8.47
N THR A 80 -0.83 -10.21 -7.47
CA THR A 80 -2.26 -10.00 -7.66
C THR A 80 -2.64 -8.54 -7.45
N VAL A 81 -3.67 -8.09 -8.15
CA VAL A 81 -4.14 -6.71 -8.03
C VAL A 81 -5.65 -6.66 -7.88
N PRO A 82 -6.15 -5.57 -7.27
CA PRO A 82 -5.29 -4.49 -6.76
C PRO A 82 -4.46 -4.92 -5.55
N ARG A 83 -3.64 -4.02 -5.04
CA ARG A 83 -2.80 -4.31 -3.89
C ARG A 83 -2.96 -3.24 -2.81
N ILE A 84 -3.46 -3.65 -1.65
CA ILE A 84 -3.66 -2.73 -0.54
C ILE A 84 -2.50 -2.80 0.45
N PHE A 85 -1.95 -1.63 0.78
CA PHE A 85 -0.84 -1.57 1.72
C PHE A 85 -1.19 -0.67 2.90
N VAL A 86 -1.19 -1.26 4.09
CA VAL A 86 -1.51 -0.53 5.31
C VAL A 86 -0.28 -0.39 6.21
N ASN A 87 0.25 0.83 6.30
CA ASN A 87 1.42 1.09 7.11
C ASN A 87 2.61 0.25 6.65
N GLY A 88 2.82 0.19 5.35
CA GLY A 88 3.92 -0.57 4.79
C GLY A 88 3.79 -2.06 5.10
N THR A 89 2.59 -2.59 4.93
CA THR A 89 2.35 -4.01 5.19
C THR A 89 1.26 -4.55 4.26
N PHE A 90 1.43 -5.80 3.83
CA PHE A 90 0.47 -6.43 2.94
C PHE A 90 -0.61 -7.16 3.74
N ILE A 91 -1.58 -6.41 4.24
CA ILE A 91 -2.67 -6.98 5.02
C ILE A 91 -3.49 -7.97 4.19
N GLY A 92 -3.32 -7.91 2.87
CA GLY A 92 -4.04 -8.79 1.98
C GLY A 92 -4.46 -8.11 0.70
N GLY A 93 -4.87 -8.91 -0.29
CA GLY A 93 -5.29 -8.36 -1.57
C GLY A 93 -6.66 -7.72 -1.50
N ALA A 94 -7.34 -7.65 -2.63
CA ALA A 94 -8.67 -7.06 -2.70
C ALA A 94 -9.65 -7.80 -1.79
N THR A 95 -9.95 -9.04 -2.14
CA THR A 95 -10.87 -9.85 -1.35
C THR A 95 -10.50 -9.84 0.12
N ASP A 96 -9.31 -10.37 0.43
CA ASP A 96 -8.83 -10.41 1.81
C ASP A 96 -9.18 -9.13 2.55
N THR A 97 -8.66 -8.01 2.07
CA THR A 97 -8.91 -6.71 2.69
C THR A 97 -10.39 -6.55 3.02
N HIS A 98 -11.24 -6.86 2.05
CA HIS A 98 -12.68 -6.74 2.23
C HIS A 98 -13.16 -7.60 3.40
N ARG A 99 -12.65 -8.83 3.47
CA ARG A 99 -13.02 -9.74 4.54
C ARG A 99 -12.68 -9.16 5.91
N LEU A 100 -11.49 -8.55 6.01
CA LEU A 100 -11.05 -7.94 7.26
C LEU A 100 -12.13 -7.04 7.85
N HIS A 101 -12.44 -5.96 7.14
CA HIS A 101 -13.46 -5.03 7.59
C HIS A 101 -14.65 -5.76 8.20
N LYS A 102 -15.28 -6.61 7.40
CA LYS A 102 -16.43 -7.39 7.87
C LYS A 102 -16.19 -7.95 9.27
N GLU A 103 -15.18 -8.82 9.38
CA GLU A 103 -14.85 -9.42 10.66
C GLU A 103 -14.35 -8.37 11.65
N GLY A 104 -13.98 -7.21 11.11
CA GLY A 104 -13.48 -6.14 11.97
C GLY A 104 -11.98 -6.23 12.19
N LYS A 105 -11.24 -6.52 11.12
CA LYS A 105 -9.79 -6.64 11.21
C LYS A 105 -9.11 -5.72 10.20
N LEU A 106 -9.81 -4.67 9.78
CA LEU A 106 -9.28 -3.73 8.81
C LEU A 106 -8.99 -2.38 9.46
N LEU A 107 -10.03 -1.80 10.07
CA LEU A 107 -9.90 -0.51 10.74
C LEU A 107 -8.79 -0.55 11.78
N PRO A 108 -8.76 -1.64 12.57
CA PRO A 108 -7.75 -1.82 13.62
C PRO A 108 -6.34 -1.53 13.13
N LEU A 109 -6.08 -1.86 11.87
CA LEU A 109 -4.77 -1.63 11.27
C LEU A 109 -4.63 -0.20 10.77
N VAL A 110 -5.66 0.28 10.08
CA VAL A 110 -5.65 1.63 9.55
C VAL A 110 -5.11 2.62 10.57
N HIS A 111 -5.71 2.63 11.76
CA HIS A 111 -5.28 3.53 12.82
C HIS A 111 -3.78 3.44 13.04
N GLN A 112 -3.27 2.22 13.13
CA GLN A 112 -1.85 1.99 13.35
C GLN A 112 -1.02 2.78 12.34
N CYS A 113 -1.68 3.21 11.25
CA CYS A 113 -1.00 3.97 10.20
C CYS A 113 -0.67 5.38 10.69
N TYR A 114 -1.63 6.01 11.35
CA TYR A 114 -1.44 7.37 11.86
C TYR A 114 -1.94 7.49 13.29
N LEU A 115 -1.64 6.48 14.10
CA LEU A 115 -2.05 6.47 15.50
C LEU A 115 -1.56 7.71 16.23
N LYS A 116 -1.80 7.77 17.53
CA LYS A 116 -1.38 8.91 18.34
C LYS A 116 -0.06 9.47 17.83
N LYS A 117 0.13 10.78 18.02
CA LYS A 117 1.36 11.44 17.58
C LYS A 117 1.45 11.47 16.06
N SER A 118 0.40 11.96 15.41
CA SER A 118 0.37 12.04 13.96
C SER A 118 -0.68 13.05 13.50
N LYS A 119 -0.75 13.25 12.19
CA LYS A 119 -1.71 14.19 11.61
C LYS A 119 -3.14 13.67 11.74
N ARG A 120 -3.74 13.88 12.90
CA ARG A 120 -5.11 13.42 13.16
C ARG A 120 -5.65 14.02 14.45
N LYS A 121 -6.92 13.76 14.73
CA LYS A 121 -7.56 14.26 15.94
C LYS A 121 -8.19 13.12 16.73
N GLU A 122 -8.17 13.24 18.05
CA GLU A 122 -8.74 12.23 18.92
C GLU A 122 -9.02 12.78 20.32
N PHE A 123 -9.88 12.11 21.06
CA PHE A 123 -10.22 12.53 22.41
C PHE A 123 -9.66 11.56 23.45
N GLN A 124 -9.76 11.94 24.72
CA GLN A 124 -9.25 11.11 25.80
C GLN A 124 -10.06 11.35 27.09
N SER A 125 -10.26 10.28 27.85
CA SER A 125 -11.02 10.37 29.10
C SER A 125 -10.22 9.76 30.26
N GLY A 126 -9.77 8.53 30.06
CA GLY A 126 -9.01 7.86 31.10
C GLY A 126 -9.44 6.41 31.28
N PRO A 127 -8.67 5.48 30.69
CA PRO A 127 -8.96 4.05 30.77
C PRO A 127 -8.72 3.49 32.17
N SER A 128 -9.80 3.15 32.87
CA SER A 128 -9.70 2.61 34.21
C SER A 128 -9.15 1.19 34.19
N SER A 129 -8.95 0.63 35.38
CA SER A 129 -8.41 -0.72 35.50
C SER A 129 -9.19 -1.53 36.55
N GLY A 130 -9.96 -2.50 36.08
CA GLY A 130 -10.74 -3.32 36.99
C GLY A 130 -11.89 -2.56 37.63
N GLY A 1 22.25 -15.96 -17.35
CA GLY A 1 23.60 -16.43 -17.07
C GLY A 1 24.18 -15.78 -15.83
N SER A 2 24.33 -14.46 -15.86
CA SER A 2 24.88 -13.73 -14.73
C SER A 2 23.95 -12.58 -14.32
N SER A 3 23.32 -12.71 -13.17
CA SER A 3 22.42 -11.70 -12.67
C SER A 3 22.81 -11.24 -11.27
N GLY A 4 22.88 -12.20 -10.34
CA GLY A 4 23.25 -11.88 -8.98
C GLY A 4 24.56 -12.54 -8.56
N SER A 5 25.66 -11.81 -8.74
CA SER A 5 26.97 -12.33 -8.40
C SER A 5 27.66 -11.42 -7.38
N SER A 6 27.94 -11.96 -6.20
CA SER A 6 28.59 -11.20 -5.14
C SER A 6 28.09 -9.76 -5.13
N GLY A 7 26.79 -9.58 -5.31
CA GLY A 7 26.21 -8.25 -5.32
C GLY A 7 26.48 -7.50 -4.03
N SER A 8 27.29 -6.45 -4.12
CA SER A 8 27.63 -5.64 -2.95
C SER A 8 26.67 -4.47 -2.79
N LEU A 9 26.64 -3.88 -1.61
CA LEU A 9 25.76 -2.75 -1.33
C LEU A 9 26.43 -1.44 -1.73
N GLU A 10 26.18 -1.00 -2.96
CA GLU A 10 26.77 0.23 -3.46
C GLU A 10 25.86 1.42 -3.16
N ASN A 11 26.33 2.62 -3.49
CA ASN A 11 25.56 3.84 -3.25
C ASN A 11 24.09 3.63 -3.60
N LEU A 12 23.21 4.29 -2.85
CA LEU A 12 21.78 4.19 -3.08
C LEU A 12 21.44 4.53 -4.53
N ALA A 13 20.93 3.54 -5.26
CA ALA A 13 20.55 3.74 -6.66
C ALA A 13 19.13 4.26 -6.77
N THR A 14 18.65 4.91 -5.72
CA THR A 14 17.30 5.47 -5.70
C THR A 14 16.34 4.56 -6.46
N ALA A 15 16.53 3.26 -6.33
CA ALA A 15 15.67 2.28 -7.01
C ALA A 15 14.20 2.67 -6.87
N PRO A 16 13.34 2.03 -7.68
CA PRO A 16 11.90 2.29 -7.67
C PRO A 16 11.23 1.77 -6.40
N VAL A 17 11.63 0.58 -5.98
CA VAL A 17 11.07 -0.03 -4.77
C VAL A 17 11.16 0.91 -3.58
N ASN A 18 12.29 1.59 -3.46
CA ASN A 18 12.50 2.53 -2.36
C ASN A 18 11.39 3.58 -2.31
N GLN A 19 11.02 4.08 -3.48
CA GLN A 19 9.97 5.09 -3.58
C GLN A 19 8.65 4.55 -3.03
N ILE A 20 8.41 3.26 -3.23
CA ILE A 20 7.19 2.63 -2.74
C ILE A 20 7.26 2.36 -1.24
N GLN A 21 8.39 1.83 -0.79
CA GLN A 21 8.59 1.53 0.62
C GLN A 21 8.41 2.79 1.47
N GLU A 22 8.83 3.93 0.93
CA GLU A 22 8.71 5.20 1.64
C GLU A 22 7.28 5.73 1.57
N THR A 23 6.61 5.45 0.46
CA THR A 23 5.23 5.90 0.26
C THR A 23 4.29 5.24 1.25
N ILE A 24 4.48 3.94 1.48
CA ILE A 24 3.65 3.18 2.41
C ILE A 24 3.86 3.66 3.84
N SER A 25 5.10 4.01 4.16
CA SER A 25 5.43 4.48 5.50
C SER A 25 4.67 5.75 5.84
N ASP A 26 4.72 6.73 4.93
CA ASP A 26 4.02 7.99 5.13
C ASP A 26 2.51 7.81 5.07
N ASN A 27 2.03 7.33 3.92
CA ASN A 27 0.60 7.12 3.73
C ASN A 27 0.10 5.99 4.64
N CYS A 28 -1.19 6.03 4.97
CA CYS A 28 -1.79 5.01 5.82
C CYS A 28 -2.14 3.76 5.02
N VAL A 29 -2.72 3.96 3.84
CA VAL A 29 -3.09 2.85 2.98
C VAL A 29 -2.76 3.15 1.51
N VAL A 30 -2.00 2.25 0.89
CA VAL A 30 -1.60 2.42 -0.50
C VAL A 30 -2.12 1.27 -1.35
N ILE A 31 -2.90 1.61 -2.38
CA ILE A 31 -3.46 0.61 -3.28
C ILE A 31 -2.86 0.73 -4.68
N PHE A 32 -2.11 -0.29 -5.08
CA PHE A 32 -1.48 -0.30 -6.40
C PHE A 32 -2.30 -1.13 -7.39
N SER A 33 -2.91 -0.45 -8.35
CA SER A 33 -3.73 -1.12 -9.35
C SER A 33 -3.10 -1.01 -10.74
N LYS A 34 -3.61 -1.79 -11.69
CA LYS A 34 -3.09 -1.78 -13.05
C LYS A 34 -4.23 -1.76 -14.06
N THR A 35 -5.31 -1.05 -13.72
CA THR A 35 -6.46 -0.94 -14.60
C THR A 35 -6.60 -2.18 -15.48
N SER A 36 -6.50 -3.35 -14.86
CA SER A 36 -6.60 -4.61 -15.60
C SER A 36 -7.49 -5.60 -14.85
N CYS A 37 -7.31 -5.69 -13.54
CA CYS A 37 -8.10 -6.59 -12.72
C CYS A 37 -9.35 -5.89 -12.19
N SER A 38 -10.52 -6.49 -12.42
CA SER A 38 -11.78 -5.92 -11.97
C SER A 38 -11.66 -5.41 -10.54
N TYR A 39 -11.19 -6.27 -9.64
CA TYR A 39 -11.03 -5.91 -8.24
C TYR A 39 -10.46 -4.50 -8.10
N CYS A 40 -9.54 -4.16 -8.99
CA CYS A 40 -8.91 -2.84 -8.97
C CYS A 40 -9.91 -1.77 -8.56
N THR A 41 -11.18 -1.98 -8.91
CA THR A 41 -12.23 -1.03 -8.57
C THR A 41 -12.79 -1.30 -7.18
N MET A 42 -12.96 -2.58 -6.85
CA MET A 42 -13.49 -2.97 -5.56
C MET A 42 -12.72 -2.29 -4.43
N ALA A 43 -11.39 -2.27 -4.56
CA ALA A 43 -10.54 -1.66 -3.55
C ALA A 43 -10.90 -0.20 -3.34
N LYS A 44 -10.96 0.56 -4.43
CA LYS A 44 -11.31 1.97 -4.36
C LYS A 44 -12.69 2.17 -3.75
N LYS A 45 -13.68 1.51 -4.34
CA LYS A 45 -15.05 1.61 -3.85
C LYS A 45 -15.13 1.27 -2.37
N LEU A 46 -14.48 0.20 -1.98
CA LEU A 46 -14.48 -0.23 -0.58
C LEU A 46 -14.16 0.94 0.35
N PHE A 47 -12.90 1.38 0.34
CA PHE A 47 -12.47 2.49 1.18
C PHE A 47 -13.34 3.72 0.94
N HIS A 48 -13.53 4.06 -0.33
CA HIS A 48 -14.34 5.23 -0.69
C HIS A 48 -15.66 5.23 0.09
N ASP A 49 -16.29 4.06 0.17
CA ASP A 49 -17.56 3.93 0.87
C ASP A 49 -17.36 4.12 2.38
N MET A 50 -16.21 3.68 2.88
CA MET A 50 -15.91 3.81 4.30
C MET A 50 -15.45 5.23 4.63
N ASN A 51 -15.25 6.04 3.60
CA ASN A 51 -14.81 7.42 3.79
C ASN A 51 -13.43 7.47 4.42
N VAL A 52 -12.60 6.48 4.11
CA VAL A 52 -11.25 6.42 4.66
C VAL A 52 -10.22 6.84 3.62
N ASN A 53 -9.76 8.08 3.71
CA ASN A 53 -8.78 8.62 2.79
C ASN A 53 -7.79 7.54 2.36
N TYR A 54 -7.82 7.17 1.08
CA TYR A 54 -6.93 6.15 0.55
C TYR A 54 -6.00 6.73 -0.50
N LYS A 55 -5.02 5.94 -0.91
CA LYS A 55 -4.05 6.37 -1.92
C LYS A 55 -3.85 5.30 -2.98
N VAL A 56 -4.43 5.52 -4.16
CA VAL A 56 -4.32 4.59 -5.26
C VAL A 56 -3.22 5.01 -6.24
N VAL A 57 -2.42 4.06 -6.68
CA VAL A 57 -1.34 4.33 -7.62
C VAL A 57 -1.36 3.34 -8.78
N GLU A 58 -1.91 3.78 -9.92
CA GLU A 58 -1.99 2.93 -11.10
C GLU A 58 -0.62 2.80 -11.76
N LEU A 59 -0.21 1.56 -12.00
CA LEU A 59 1.08 1.29 -12.63
C LEU A 59 0.93 1.18 -14.14
N ASP A 60 -0.09 0.45 -14.58
CA ASP A 60 -0.34 0.27 -16.01
C ASP A 60 -0.47 1.62 -16.71
N LEU A 61 -0.71 2.66 -15.93
CA LEU A 61 -0.85 4.01 -16.48
C LEU A 61 0.44 4.80 -16.35
N LEU A 62 1.20 4.51 -15.30
CA LEU A 62 2.47 5.19 -15.06
C LEU A 62 3.45 4.92 -16.20
N GLU A 63 4.53 5.70 -16.24
CA GLU A 63 5.55 5.53 -17.27
C GLU A 63 6.52 4.42 -16.90
N TYR A 64 6.84 4.32 -15.61
CA TYR A 64 7.76 3.30 -15.13
C TYR A 64 7.01 2.18 -14.42
N GLY A 65 5.83 1.85 -14.94
CA GLY A 65 5.04 0.79 -14.34
C GLY A 65 5.82 -0.49 -14.16
N ASN A 66 6.53 -0.91 -15.20
CA ASN A 66 7.33 -2.13 -15.15
C ASN A 66 8.26 -2.12 -13.95
N GLN A 67 8.73 -0.94 -13.57
CA GLN A 67 9.63 -0.80 -12.43
C GLN A 67 8.90 -1.05 -11.12
N PHE A 68 8.01 -0.14 -10.75
CA PHE A 68 7.24 -0.28 -9.51
C PHE A 68 6.48 -1.60 -9.49
N GLN A 69 6.30 -2.20 -10.66
CA GLN A 69 5.59 -3.47 -10.77
C GLN A 69 6.43 -4.61 -10.22
N ASP A 70 7.70 -4.64 -10.58
CA ASP A 70 8.61 -5.68 -10.12
C ASP A 70 8.84 -5.57 -8.62
N ALA A 71 9.23 -4.37 -8.18
CA ALA A 71 9.49 -4.12 -6.76
C ALA A 71 8.38 -4.72 -5.89
N LEU A 72 7.16 -4.25 -6.10
CA LEU A 72 6.02 -4.74 -5.33
C LEU A 72 6.06 -6.26 -5.20
N TYR A 73 6.17 -6.94 -6.33
CA TYR A 73 6.22 -8.40 -6.35
C TYR A 73 7.22 -8.93 -5.32
N LYS A 74 8.45 -8.44 -5.39
CA LYS A 74 9.50 -8.85 -4.47
C LYS A 74 9.10 -8.55 -3.03
N MET A 75 8.09 -7.70 -2.87
CA MET A 75 7.61 -7.33 -1.53
C MET A 75 6.45 -8.22 -1.12
N THR A 76 5.61 -8.58 -2.07
CA THR A 76 4.45 -9.44 -1.80
C THR A 76 4.79 -10.91 -2.05
N GLY A 77 5.13 -11.23 -3.29
CA GLY A 77 5.46 -12.61 -3.63
C GLY A 77 4.30 -13.34 -4.26
N GLU A 78 3.25 -12.60 -4.61
CA GLU A 78 2.07 -13.20 -5.22
C GLU A 78 1.79 -12.58 -6.59
N ARG A 79 1.93 -11.26 -6.67
CA ARG A 79 1.69 -10.55 -7.92
C ARG A 79 0.21 -10.54 -8.27
N THR A 80 -0.62 -10.24 -7.28
CA THR A 80 -2.07 -10.19 -7.48
C THR A 80 -2.62 -8.80 -7.19
N VAL A 81 -3.14 -8.14 -8.22
CA VAL A 81 -3.70 -6.81 -8.08
C VAL A 81 -5.22 -6.87 -7.92
N PRO A 82 -5.78 -5.86 -7.23
CA PRO A 82 -5.01 -4.76 -6.66
C PRO A 82 -4.15 -5.22 -5.48
N ARG A 83 -3.40 -4.28 -4.90
CA ARG A 83 -2.54 -4.59 -3.76
C ARG A 83 -2.66 -3.51 -2.68
N ILE A 84 -3.16 -3.90 -1.52
CA ILE A 84 -3.34 -2.97 -0.41
C ILE A 84 -2.20 -3.12 0.61
N PHE A 85 -1.74 -2.00 1.13
CA PHE A 85 -0.65 -2.01 2.11
C PHE A 85 -0.97 -1.07 3.27
N VAL A 86 -1.08 -1.63 4.47
CA VAL A 86 -1.37 -0.84 5.66
C VAL A 86 -0.15 -0.72 6.56
N ASN A 87 0.24 0.51 6.86
CA ASN A 87 1.39 0.77 7.72
C ASN A 87 2.60 -0.03 7.24
N GLY A 88 2.70 -0.24 5.93
CA GLY A 88 3.81 -0.98 5.36
C GLY A 88 3.70 -2.47 5.63
N THR A 89 2.49 -3.02 5.50
CA THR A 89 2.26 -4.43 5.74
C THR A 89 1.11 -4.95 4.87
N PHE A 90 1.34 -6.10 4.23
CA PHE A 90 0.33 -6.70 3.38
C PHE A 90 -0.74 -7.41 4.21
N ILE A 91 -1.76 -6.66 4.60
CA ILE A 91 -2.85 -7.21 5.41
C ILE A 91 -3.67 -8.20 4.59
N GLY A 92 -3.64 -8.06 3.27
CA GLY A 92 -4.39 -8.94 2.41
C GLY A 92 -4.77 -8.30 1.09
N GLY A 93 -4.98 -9.12 0.07
CA GLY A 93 -5.34 -8.58 -1.24
C GLY A 93 -6.67 -7.86 -1.22
N ALA A 94 -7.14 -7.47 -2.40
CA ALA A 94 -8.41 -6.75 -2.51
C ALA A 94 -9.51 -7.47 -1.75
N THR A 95 -9.77 -8.72 -2.11
CA THR A 95 -10.81 -9.51 -1.46
C THR A 95 -10.56 -9.61 0.04
N ASP A 96 -9.35 -10.02 0.40
CA ASP A 96 -8.99 -10.16 1.81
C ASP A 96 -9.27 -8.86 2.57
N THR A 97 -8.56 -7.81 2.22
CA THR A 97 -8.73 -6.52 2.87
C THR A 97 -10.20 -6.23 3.14
N HIS A 98 -11.04 -6.46 2.13
CA HIS A 98 -12.47 -6.22 2.26
C HIS A 98 -13.05 -7.02 3.44
N ARG A 99 -12.67 -8.29 3.53
CA ARG A 99 -13.16 -9.16 4.59
C ARG A 99 -12.69 -8.65 5.95
N LEU A 100 -11.40 -8.35 6.06
CA LEU A 100 -10.82 -7.86 7.30
C LEU A 100 -11.72 -6.81 7.95
N HIS A 101 -12.03 -5.76 7.18
CA HIS A 101 -12.89 -4.69 7.67
C HIS A 101 -14.14 -5.25 8.32
N LYS A 102 -14.79 -6.19 7.63
CA LYS A 102 -16.01 -6.82 8.14
C LYS A 102 -15.79 -7.36 9.55
N GLU A 103 -14.94 -8.37 9.66
CA GLU A 103 -14.64 -8.98 10.95
C GLU A 103 -14.09 -7.95 11.93
N GLY A 104 -13.45 -6.91 11.39
CA GLY A 104 -12.88 -5.88 12.23
C GLY A 104 -11.39 -6.03 12.41
N LYS A 105 -10.68 -6.21 11.30
CA LYS A 105 -9.22 -6.38 11.36
C LYS A 105 -8.54 -5.40 10.40
N LEU A 106 -9.33 -4.55 9.77
CA LEU A 106 -8.80 -3.56 8.83
C LEU A 106 -8.75 -2.18 9.47
N LEU A 107 -9.89 -1.71 9.97
CA LEU A 107 -9.97 -0.41 10.61
C LEU A 107 -8.99 -0.30 11.76
N PRO A 108 -8.90 -1.38 12.57
CA PRO A 108 -7.99 -1.43 13.72
C PRO A 108 -6.58 -0.98 13.36
N LEU A 109 -6.18 -1.20 12.11
CA LEU A 109 -4.86 -0.82 11.64
C LEU A 109 -4.88 0.59 11.05
N VAL A 110 -6.02 0.95 10.46
CA VAL A 110 -6.17 2.27 9.85
C VAL A 110 -5.98 3.38 10.87
N HIS A 111 -6.65 3.23 12.02
CA HIS A 111 -6.55 4.23 13.09
C HIS A 111 -5.11 4.35 13.58
N GLN A 112 -4.43 3.22 13.71
CA GLN A 112 -3.05 3.21 14.18
C GLN A 112 -2.23 4.28 13.47
N CYS A 113 -2.55 4.52 12.20
CA CYS A 113 -1.84 5.52 11.41
C CYS A 113 -1.83 6.88 12.13
N TYR A 114 -2.96 7.24 12.70
CA TYR A 114 -3.09 8.51 13.41
C TYR A 114 -3.71 8.30 14.79
N LEU A 115 -2.89 7.90 15.75
CA LEU A 115 -3.36 7.67 17.11
C LEU A 115 -2.48 8.40 18.12
N LYS A 116 -1.17 8.34 17.90
CA LYS A 116 -0.22 8.99 18.79
C LYS A 116 -0.63 8.82 20.25
N LYS A 117 -1.10 7.63 20.59
CA LYS A 117 -1.53 7.33 21.96
C LYS A 117 -0.64 8.05 22.97
N SER A 118 0.65 7.80 22.90
CA SER A 118 1.60 8.43 23.81
C SER A 118 1.59 9.95 23.66
N LYS A 119 1.99 10.65 24.71
CA LYS A 119 2.01 12.11 24.70
C LYS A 119 2.96 12.62 23.62
N ARG A 120 2.62 13.77 23.04
CA ARG A 120 3.43 14.36 21.99
C ARG A 120 3.42 15.88 22.09
N LYS A 121 4.58 16.50 21.84
CA LYS A 121 4.70 17.95 21.91
C LYS A 121 3.70 18.63 20.96
N GLU A 122 2.50 18.90 21.47
CA GLU A 122 1.46 19.54 20.67
C GLU A 122 0.26 19.89 21.54
N PHE A 123 -0.45 20.96 21.15
CA PHE A 123 -1.63 21.40 21.89
C PHE A 123 -2.84 20.54 21.54
N GLN A 124 -2.92 19.36 22.13
CA GLN A 124 -4.03 18.44 21.88
C GLN A 124 -4.55 17.85 23.18
N SER A 125 -5.87 17.92 23.37
CA SER A 125 -6.49 17.39 24.59
C SER A 125 -6.63 15.88 24.51
N GLY A 126 -5.88 15.18 25.37
CA GLY A 126 -5.93 13.74 25.39
C GLY A 126 -5.56 13.16 26.74
N PRO A 127 -6.55 13.09 27.65
CA PRO A 127 -6.34 12.56 29.00
C PRO A 127 -6.10 11.06 29.00
N SER A 128 -4.83 10.66 28.98
CA SER A 128 -4.48 9.25 28.97
C SER A 128 -3.06 9.05 29.52
N SER A 129 -2.91 8.09 30.43
CA SER A 129 -1.62 7.81 31.03
C SER A 129 -0.72 7.06 30.05
N GLY A 130 0.41 7.67 29.71
CA GLY A 130 1.34 7.06 28.78
C GLY A 130 2.59 6.55 29.47
N GLY A 1 3.51 4.01 -21.47
CA GLY A 1 4.26 3.24 -22.46
C GLY A 1 5.68 3.77 -22.63
N SER A 2 6.65 2.97 -22.21
CA SER A 2 8.05 3.36 -22.34
C SER A 2 8.52 3.29 -23.79
N SER A 3 9.07 4.39 -24.29
CA SER A 3 9.55 4.45 -25.66
C SER A 3 10.97 3.93 -25.76
N GLY A 4 11.20 3.04 -26.72
CA GLY A 4 12.53 2.47 -26.90
C GLY A 4 13.23 2.20 -25.59
N SER A 5 14.47 2.66 -25.48
CA SER A 5 15.26 2.47 -24.27
C SER A 5 14.40 2.64 -23.02
N SER A 6 14.11 1.54 -22.35
CA SER A 6 13.28 1.58 -21.15
C SER A 6 14.15 1.51 -19.89
N GLY A 7 14.52 2.68 -19.37
CA GLY A 7 15.35 2.72 -18.18
C GLY A 7 16.79 3.10 -18.49
N SER A 8 17.65 3.01 -17.48
CA SER A 8 19.05 3.35 -17.65
C SER A 8 19.90 2.72 -16.53
N LEU A 9 21.21 2.69 -16.75
CA LEU A 9 22.13 2.12 -15.76
C LEU A 9 21.65 2.39 -14.35
N GLU A 10 21.12 1.37 -13.69
CA GLU A 10 20.63 1.49 -12.33
C GLU A 10 21.77 1.40 -11.32
N ASN A 11 22.83 2.16 -11.56
CA ASN A 11 23.99 2.15 -10.68
C ASN A 11 23.83 3.16 -9.55
N LEU A 12 22.58 3.52 -9.26
CA LEU A 12 22.28 4.48 -8.21
C LEU A 12 21.54 3.81 -7.05
N ALA A 13 21.37 4.54 -5.96
CA ALA A 13 20.67 4.02 -4.80
C ALA A 13 19.25 4.57 -4.71
N THR A 14 18.70 4.98 -5.85
CA THR A 14 17.36 5.52 -5.91
C THR A 14 16.40 4.54 -6.58
N ALA A 15 16.60 3.25 -6.31
CA ALA A 15 15.74 2.22 -6.88
C ALA A 15 14.27 2.54 -6.69
N PRO A 16 13.41 1.91 -7.49
CA PRO A 16 11.96 2.12 -7.43
C PRO A 16 11.35 1.54 -6.16
N VAL A 17 11.80 0.35 -5.77
CA VAL A 17 11.30 -0.31 -4.57
C VAL A 17 11.44 0.60 -3.35
N ASN A 18 12.54 1.34 -3.28
CA ASN A 18 12.79 2.23 -2.17
C ASN A 18 11.69 3.29 -2.06
N GLN A 19 11.27 3.82 -3.20
CA GLN A 19 10.22 4.83 -3.24
C GLN A 19 8.94 4.31 -2.59
N ILE A 20 8.68 3.01 -2.76
CA ILE A 20 7.49 2.39 -2.20
C ILE A 20 7.63 2.21 -0.69
N GLN A 21 8.80 1.73 -0.26
CA GLN A 21 9.06 1.51 1.15
C GLN A 21 8.84 2.79 1.95
N GLU A 22 9.28 3.91 1.40
CA GLU A 22 9.14 5.20 2.06
C GLU A 22 7.71 5.71 1.96
N THR A 23 7.09 5.49 0.79
CA THR A 23 5.72 5.93 0.56
C THR A 23 4.75 5.22 1.49
N ILE A 24 4.83 3.89 1.53
CA ILE A 24 3.95 3.10 2.39
C ILE A 24 4.10 3.52 3.85
N SER A 25 5.30 3.93 4.23
CA SER A 25 5.57 4.35 5.60
C SER A 25 4.91 5.69 5.89
N ASP A 26 5.25 6.70 5.09
CA ASP A 26 4.70 8.03 5.26
C ASP A 26 3.17 8.00 5.20
N ASN A 27 2.64 7.53 4.08
CA ASN A 27 1.20 7.46 3.89
C ASN A 27 0.56 6.54 4.94
N CYS A 28 -0.76 6.61 5.05
CA CYS A 28 -1.49 5.79 6.01
C CYS A 28 -2.06 4.55 5.34
N VAL A 29 -2.41 4.69 4.06
CA VAL A 29 -2.98 3.58 3.30
C VAL A 29 -2.68 3.72 1.81
N VAL A 30 -2.02 2.71 1.25
CA VAL A 30 -1.67 2.73 -0.16
C VAL A 30 -2.24 1.51 -0.88
N ILE A 31 -2.98 1.75 -1.97
CA ILE A 31 -3.57 0.67 -2.74
C ILE A 31 -3.07 0.69 -4.17
N PHE A 32 -2.20 -0.28 -4.50
CA PHE A 32 -1.65 -0.39 -5.85
C PHE A 32 -2.52 -1.27 -6.73
N SER A 33 -3.28 -0.64 -7.63
CA SER A 33 -4.16 -1.37 -8.53
C SER A 33 -3.77 -1.12 -9.98
N LYS A 34 -4.09 -2.08 -10.84
CA LYS A 34 -3.78 -1.97 -12.27
C LYS A 34 -5.06 -1.92 -13.10
N THR A 35 -5.07 -1.05 -14.11
CA THR A 35 -6.22 -0.90 -14.98
C THR A 35 -6.51 -2.20 -15.73
N SER A 36 -5.47 -2.94 -16.04
CA SER A 36 -5.60 -4.20 -16.76
C SER A 36 -6.62 -5.10 -16.08
N CYS A 37 -6.72 -4.99 -14.76
CA CYS A 37 -7.65 -5.79 -13.98
C CYS A 37 -8.84 -4.96 -13.53
N SER A 38 -9.91 -5.63 -13.11
CA SER A 38 -11.13 -4.95 -12.66
C SER A 38 -11.11 -4.77 -11.15
N TYR A 39 -10.72 -5.82 -10.43
CA TYR A 39 -10.67 -5.79 -8.98
C TYR A 39 -10.11 -4.46 -8.49
N CYS A 40 -9.33 -3.80 -9.34
CA CYS A 40 -8.73 -2.52 -9.00
C CYS A 40 -9.77 -1.58 -8.39
N THR A 41 -10.98 -1.61 -8.92
CA THR A 41 -12.06 -0.76 -8.43
C THR A 41 -12.60 -1.28 -7.11
N MET A 42 -12.76 -2.60 -7.03
CA MET A 42 -13.29 -3.22 -5.81
C MET A 42 -12.64 -2.62 -4.56
N ALA A 43 -11.33 -2.81 -4.43
CA ALA A 43 -10.59 -2.28 -3.28
C ALA A 43 -10.98 -0.84 -3.00
N LYS A 44 -11.09 -0.04 -4.06
CA LYS A 44 -11.46 1.36 -3.93
C LYS A 44 -12.85 1.50 -3.33
N LYS A 45 -13.78 0.69 -3.81
CA LYS A 45 -15.15 0.72 -3.32
C LYS A 45 -15.20 0.47 -1.82
N LEU A 46 -14.43 -0.50 -1.35
CA LEU A 46 -14.38 -0.83 0.07
C LEU A 46 -14.06 0.40 0.90
N PHE A 47 -12.87 0.96 0.69
CA PHE A 47 -12.44 2.15 1.42
C PHE A 47 -13.35 3.34 1.12
N HIS A 48 -13.48 3.67 -0.16
CA HIS A 48 -14.32 4.78 -0.58
C HIS A 48 -15.65 4.78 0.18
N ASP A 49 -16.26 3.60 0.27
CA ASP A 49 -17.54 3.46 0.97
C ASP A 49 -17.36 3.70 2.47
N MET A 50 -16.22 3.28 3.00
CA MET A 50 -15.93 3.44 4.42
C MET A 50 -15.56 4.89 4.73
N ASN A 51 -15.27 5.66 3.69
CA ASN A 51 -14.89 7.06 3.85
C ASN A 51 -13.52 7.18 4.49
N VAL A 52 -12.67 6.18 4.26
CA VAL A 52 -11.32 6.18 4.82
C VAL A 52 -10.31 6.70 3.82
N ASN A 53 -9.91 7.97 3.98
CA ASN A 53 -8.94 8.59 3.09
C ASN A 53 -7.84 7.60 2.70
N TYR A 54 -7.85 7.18 1.44
CA TYR A 54 -6.86 6.24 0.94
C TYR A 54 -6.11 6.81 -0.25
N LYS A 55 -5.07 6.11 -0.69
CA LYS A 55 -4.27 6.55 -1.82
C LYS A 55 -4.08 5.42 -2.83
N VAL A 56 -4.69 5.56 -4.00
CA VAL A 56 -4.59 4.54 -5.04
C VAL A 56 -3.59 4.97 -6.11
N VAL A 57 -2.79 4.01 -6.59
CA VAL A 57 -1.80 4.28 -7.62
C VAL A 57 -1.94 3.30 -8.78
N GLU A 58 -2.45 3.80 -9.90
CA GLU A 58 -2.62 2.97 -11.09
C GLU A 58 -1.28 2.65 -11.73
N LEU A 59 -0.79 1.44 -11.49
CA LEU A 59 0.48 1.00 -12.05
C LEU A 59 0.41 0.91 -13.56
N ASP A 60 -0.63 0.27 -14.07
CA ASP A 60 -0.83 0.11 -15.51
C ASP A 60 -0.62 1.44 -16.23
N LEU A 61 -1.04 2.52 -15.59
CA LEU A 61 -0.91 3.85 -16.18
C LEU A 61 0.52 4.38 -15.99
N LEU A 62 1.07 4.18 -14.80
CA LEU A 62 2.43 4.62 -14.50
C LEU A 62 3.38 4.25 -15.63
N GLU A 63 3.96 5.25 -16.27
CA GLU A 63 4.90 5.03 -17.36
C GLU A 63 5.89 3.92 -17.01
N TYR A 64 6.37 3.94 -15.77
CA TYR A 64 7.32 2.94 -15.31
C TYR A 64 6.62 1.84 -14.52
N GLY A 65 5.41 1.48 -14.95
CA GLY A 65 4.66 0.45 -14.27
C GLY A 65 5.46 -0.83 -14.09
N ASN A 66 6.02 -1.33 -15.18
CA ASN A 66 6.82 -2.55 -15.13
C ASN A 66 7.86 -2.48 -14.02
N GLN A 67 8.31 -1.27 -13.71
CA GLN A 67 9.31 -1.07 -12.67
C GLN A 67 8.71 -1.32 -11.29
N PHE A 68 7.86 -0.40 -10.84
CA PHE A 68 7.22 -0.51 -9.54
C PHE A 68 6.47 -1.83 -9.42
N GLN A 69 6.06 -2.38 -10.55
CA GLN A 69 5.33 -3.65 -10.59
C GLN A 69 6.19 -4.78 -10.06
N ASP A 70 7.45 -4.81 -10.49
CA ASP A 70 8.37 -5.85 -10.05
C ASP A 70 8.70 -5.71 -8.57
N ALA A 71 9.14 -4.51 -8.18
CA ALA A 71 9.49 -4.26 -6.79
C ALA A 71 8.45 -4.84 -5.83
N LEU A 72 7.18 -4.56 -6.12
CA LEU A 72 6.09 -5.06 -5.29
C LEU A 72 6.01 -6.58 -5.36
N TYR A 73 6.25 -7.13 -6.55
CA TYR A 73 6.21 -8.58 -6.74
C TYR A 73 7.24 -9.28 -5.87
N LYS A 74 8.33 -8.59 -5.58
CA LYS A 74 9.39 -9.14 -4.75
C LYS A 74 9.04 -9.05 -3.27
N MET A 75 8.46 -7.92 -2.88
CA MET A 75 8.07 -7.69 -1.50
C MET A 75 6.79 -8.47 -1.16
N THR A 76 6.01 -8.78 -2.19
CA THR A 76 4.77 -9.52 -2.00
C THR A 76 4.94 -10.98 -2.41
N GLY A 77 5.73 -11.21 -3.45
CA GLY A 77 5.95 -12.56 -3.93
C GLY A 77 5.13 -12.89 -5.16
N GLU A 78 3.97 -12.25 -5.28
CA GLU A 78 3.08 -12.48 -6.41
C GLU A 78 2.77 -11.18 -7.14
N ARG A 79 2.12 -11.28 -8.29
CA ARG A 79 1.77 -10.11 -9.08
C ARG A 79 0.26 -9.92 -9.11
N THR A 80 -0.38 -10.03 -7.95
CA THR A 80 -1.83 -9.86 -7.84
C THR A 80 -2.20 -8.40 -7.60
N VAL A 81 -3.40 -8.03 -8.04
CA VAL A 81 -3.87 -6.66 -7.87
C VAL A 81 -5.40 -6.60 -7.83
N PRO A 82 -5.94 -5.58 -7.16
CA PRO A 82 -5.13 -4.55 -6.49
C PRO A 82 -4.40 -5.09 -5.27
N ARG A 83 -3.66 -4.21 -4.59
CA ARG A 83 -2.91 -4.60 -3.40
C ARG A 83 -3.00 -3.52 -2.33
N ILE A 84 -3.46 -3.91 -1.14
CA ILE A 84 -3.60 -2.98 -0.03
C ILE A 84 -2.40 -3.07 0.91
N PHE A 85 -1.98 -1.92 1.44
CA PHE A 85 -0.84 -1.87 2.36
C PHE A 85 -1.15 -0.97 3.54
N VAL A 86 -1.15 -1.54 4.74
CA VAL A 86 -1.43 -0.79 5.95
C VAL A 86 -0.17 -0.65 6.81
N ASN A 87 0.15 0.58 7.19
CA ASN A 87 1.32 0.84 8.02
C ASN A 87 2.56 0.15 7.44
N GLY A 88 2.70 0.21 6.11
CA GLY A 88 3.83 -0.41 5.45
C GLY A 88 3.88 -1.91 5.67
N THR A 89 2.71 -2.55 5.59
CA THR A 89 2.63 -3.99 5.77
C THR A 89 1.47 -4.59 4.98
N PHE A 90 1.68 -5.79 4.46
CA PHE A 90 0.64 -6.47 3.67
C PHE A 90 -0.34 -7.20 4.58
N ILE A 91 -1.62 -6.92 4.41
CA ILE A 91 -2.66 -7.55 5.21
C ILE A 91 -3.62 -8.35 4.34
N GLY A 92 -3.79 -7.91 3.10
CA GLY A 92 -4.68 -8.60 2.18
C GLY A 92 -4.97 -7.79 0.93
N GLY A 93 -5.56 -8.42 -0.08
CA GLY A 93 -5.87 -7.74 -1.31
C GLY A 93 -7.31 -7.23 -1.36
N ALA A 94 -7.80 -6.95 -2.55
CA ALA A 94 -9.16 -6.45 -2.72
C ALA A 94 -10.16 -7.32 -1.97
N THR A 95 -10.06 -8.62 -2.17
CA THR A 95 -10.96 -9.57 -1.52
C THR A 95 -10.72 -9.60 -0.01
N ASP A 96 -9.57 -10.11 0.39
CA ASP A 96 -9.23 -10.19 1.81
C ASP A 96 -9.53 -8.87 2.52
N THR A 97 -8.91 -7.80 2.04
CA THR A 97 -9.11 -6.48 2.63
C THR A 97 -10.59 -6.20 2.86
N HIS A 98 -11.43 -6.58 1.89
CA HIS A 98 -12.87 -6.36 2.00
C HIS A 98 -13.45 -7.14 3.17
N ARG A 99 -12.96 -8.36 3.37
CA ARG A 99 -13.43 -9.21 4.46
C ARG A 99 -12.93 -8.69 5.81
N LEU A 100 -11.66 -8.29 5.84
CA LEU A 100 -11.05 -7.77 7.05
C LEU A 100 -11.94 -6.70 7.69
N HIS A 101 -12.33 -5.72 6.90
CA HIS A 101 -13.17 -4.62 7.38
C HIS A 101 -14.39 -5.18 8.12
N LYS A 102 -15.02 -6.20 7.54
CA LYS A 102 -16.19 -6.81 8.15
C LYS A 102 -15.83 -7.52 9.45
N GLU A 103 -14.83 -8.39 9.39
CA GLU A 103 -14.39 -9.12 10.58
C GLU A 103 -13.95 -8.16 11.67
N GLY A 104 -13.45 -7.00 11.26
CA GLY A 104 -12.99 -6.01 12.23
C GLY A 104 -11.51 -6.09 12.49
N LYS A 105 -10.74 -6.30 11.43
CA LYS A 105 -9.29 -6.40 11.53
C LYS A 105 -8.59 -5.43 10.58
N LEU A 106 -9.37 -4.51 10.04
CA LEU A 106 -8.84 -3.52 9.10
C LEU A 106 -8.80 -2.13 9.74
N LEU A 107 -9.96 -1.69 10.24
CA LEU A 107 -10.06 -0.38 10.87
C LEU A 107 -9.02 -0.23 11.98
N PRO A 108 -8.87 -1.29 12.79
CA PRO A 108 -7.91 -1.29 13.91
C PRO A 108 -6.53 -0.82 13.47
N LEU A 109 -6.21 -1.01 12.20
CA LEU A 109 -4.92 -0.60 11.66
C LEU A 109 -5.01 0.79 11.03
N VAL A 110 -6.19 1.13 10.53
CA VAL A 110 -6.41 2.43 9.90
C VAL A 110 -6.31 3.56 10.92
N HIS A 111 -6.74 3.27 12.15
CA HIS A 111 -6.70 4.27 13.21
C HIS A 111 -5.32 4.29 13.89
N GLN A 112 -4.30 3.86 13.15
CA GLN A 112 -2.94 3.83 13.68
C GLN A 112 -2.04 4.78 12.90
N CYS A 113 -1.89 4.53 11.61
CA CYS A 113 -1.05 5.36 10.76
C CYS A 113 -1.29 6.83 11.03
N TYR A 114 -2.50 7.31 10.71
CA TYR A 114 -2.85 8.70 10.93
C TYR A 114 -3.37 8.92 12.35
N LEU A 115 -2.85 8.15 13.28
CA LEU A 115 -3.26 8.25 14.68
C LEU A 115 -2.57 9.44 15.36
N LYS A 116 -3.13 9.88 16.48
CA LYS A 116 -2.58 11.00 17.22
C LYS A 116 -1.05 11.02 17.14
N LYS A 117 -0.46 9.83 17.13
CA LYS A 117 1.00 9.71 17.05
C LYS A 117 1.48 9.89 15.62
N SER A 118 0.97 10.92 14.96
CA SER A 118 1.34 11.20 13.58
C SER A 118 0.71 12.51 13.10
N LYS A 119 1.12 12.95 11.91
CA LYS A 119 0.59 14.19 11.33
C LYS A 119 -0.92 14.26 11.48
N ARG A 120 -1.41 15.34 12.07
CA ARG A 120 -2.84 15.53 12.28
C ARG A 120 -3.56 15.69 10.94
N LYS A 121 -4.85 15.40 10.93
CA LYS A 121 -5.65 15.51 9.72
C LYS A 121 -7.13 15.72 10.06
N GLU A 122 -7.76 16.68 9.39
CA GLU A 122 -9.16 16.97 9.62
C GLU A 122 -10.04 16.28 8.58
N PHE A 123 -11.34 16.19 8.88
CA PHE A 123 -12.28 15.55 7.96
C PHE A 123 -13.72 15.78 8.43
N GLN A 124 -14.65 15.78 7.48
CA GLN A 124 -16.06 15.99 7.78
C GLN A 124 -16.92 14.90 7.15
N SER A 125 -18.19 14.85 7.56
CA SER A 125 -19.11 13.85 7.03
C SER A 125 -20.55 14.36 7.10
N GLY A 126 -21.47 13.61 6.49
CA GLY A 126 -22.86 14.00 6.50
C GLY A 126 -23.80 12.82 6.38
N PRO A 127 -23.94 12.06 7.48
CA PRO A 127 -24.80 10.87 7.53
C PRO A 127 -26.28 11.24 7.49
N SER A 128 -27.13 10.22 7.44
CA SER A 128 -28.57 10.43 7.39
C SER A 128 -29.33 9.13 7.66
N SER A 129 -30.61 9.26 7.98
CA SER A 129 -31.44 8.09 8.26
C SER A 129 -32.92 8.41 8.08
N GLY A 130 -33.76 7.40 8.20
CA GLY A 130 -35.19 7.60 8.04
C GLY A 130 -36.00 6.38 8.44
N GLY A 1 5.54 -24.27 -12.45
CA GLY A 1 6.89 -24.17 -11.93
C GLY A 1 7.57 -22.86 -12.31
N SER A 2 8.30 -22.29 -11.37
CA SER A 2 9.00 -21.03 -11.61
C SER A 2 10.10 -20.81 -10.58
N SER A 3 11.23 -20.29 -11.03
CA SER A 3 12.37 -20.04 -10.15
C SER A 3 13.46 -19.26 -10.88
N GLY A 4 14.23 -18.48 -10.13
CA GLY A 4 15.29 -17.69 -10.71
C GLY A 4 15.47 -16.34 -10.03
N SER A 5 14.35 -15.65 -9.81
CA SER A 5 14.39 -14.34 -9.17
C SER A 5 15.25 -14.37 -7.91
N SER A 6 16.47 -13.86 -8.03
CA SER A 6 17.40 -13.83 -6.90
C SER A 6 18.50 -12.80 -7.13
N GLY A 7 18.63 -11.85 -6.20
CA GLY A 7 19.65 -10.83 -6.33
C GLY A 7 19.64 -9.86 -5.15
N SER A 8 20.71 -9.09 -5.02
CA SER A 8 20.82 -8.12 -3.93
C SER A 8 21.50 -6.84 -4.41
N LEU A 9 21.60 -5.86 -3.52
CA LEU A 9 22.22 -4.59 -3.85
C LEU A 9 23.19 -4.16 -2.76
N GLU A 10 24.47 -4.07 -3.11
CA GLU A 10 25.50 -3.68 -2.16
C GLU A 10 25.54 -2.17 -2.00
N ASN A 11 25.80 -1.46 -3.09
CA ASN A 11 25.87 -0.01 -3.07
C ASN A 11 24.47 0.60 -3.23
N LEU A 12 24.38 1.91 -3.04
CA LEU A 12 23.10 2.61 -3.17
C LEU A 12 22.76 2.86 -4.63
N ALA A 13 21.88 2.02 -5.18
CA ALA A 13 21.47 2.15 -6.57
C ALA A 13 20.12 2.84 -6.68
N THR A 14 19.75 3.60 -5.65
CA THR A 14 18.48 4.29 -5.62
C THR A 14 17.37 3.45 -6.25
N ALA A 15 17.35 2.17 -5.90
CA ALA A 15 16.34 1.25 -6.41
C ALA A 15 14.95 1.85 -6.32
N PRO A 16 14.03 1.38 -7.17
CA PRO A 16 12.64 1.85 -7.21
C PRO A 16 11.86 1.45 -5.97
N VAL A 17 12.08 0.21 -5.52
CA VAL A 17 11.39 -0.31 -4.34
C VAL A 17 11.47 0.68 -3.18
N ASN A 18 12.64 1.29 -3.00
CA ASN A 18 12.86 2.25 -1.94
C ASN A 18 11.89 3.42 -2.06
N GLN A 19 11.71 3.92 -3.28
CA GLN A 19 10.81 5.03 -3.53
C GLN A 19 9.40 4.72 -3.05
N ILE A 20 9.02 3.45 -3.14
CA ILE A 20 7.69 3.03 -2.72
C ILE A 20 7.60 2.95 -1.19
N GLN A 21 8.56 2.24 -0.59
CA GLN A 21 8.59 2.09 0.86
C GLN A 21 8.30 3.43 1.55
N GLU A 22 8.76 4.52 0.94
CA GLU A 22 8.55 5.85 1.49
C GLU A 22 7.08 6.24 1.43
N THR A 23 6.43 5.91 0.32
CA THR A 23 5.01 6.24 0.14
C THR A 23 4.16 5.55 1.20
N ILE A 24 4.45 4.28 1.46
CA ILE A 24 3.70 3.51 2.46
C ILE A 24 4.02 3.99 3.87
N SER A 25 5.24 4.44 4.08
CA SER A 25 5.67 4.93 5.38
C SER A 25 5.04 6.28 5.69
N ASP A 26 5.16 7.20 4.75
CA ASP A 26 4.59 8.54 4.92
C ASP A 26 3.07 8.49 4.99
N ASN A 27 2.46 7.89 3.97
CA ASN A 27 1.00 7.77 3.92
C ASN A 27 0.51 6.75 4.94
N CYS A 28 -0.81 6.54 4.97
CA CYS A 28 -1.41 5.59 5.90
C CYS A 28 -1.85 4.32 5.17
N VAL A 29 -2.56 4.50 4.06
CA VAL A 29 -3.04 3.37 3.27
C VAL A 29 -2.75 3.57 1.78
N VAL A 30 -1.88 2.74 1.24
CA VAL A 30 -1.51 2.82 -0.17
C VAL A 30 -2.05 1.62 -0.95
N ILE A 31 -2.94 1.90 -1.91
CA ILE A 31 -3.52 0.85 -2.72
C ILE A 31 -2.92 0.84 -4.13
N PHE A 32 -1.97 -0.05 -4.35
CA PHE A 32 -1.32 -0.17 -5.66
C PHE A 32 -2.06 -1.16 -6.55
N SER A 33 -2.81 -0.62 -7.51
CA SER A 33 -3.57 -1.46 -8.44
C SER A 33 -3.28 -1.07 -9.88
N LYS A 34 -3.82 -1.85 -10.82
CA LYS A 34 -3.63 -1.59 -12.23
C LYS A 34 -4.97 -1.44 -12.96
N THR A 35 -4.91 -1.31 -14.28
CA THR A 35 -6.13 -1.16 -15.08
C THR A 35 -6.31 -2.34 -16.02
N SER A 36 -6.18 -3.55 -15.48
CA SER A 36 -6.33 -4.76 -16.27
C SER A 36 -7.33 -5.71 -15.63
N CYS A 37 -7.45 -5.63 -14.31
CA CYS A 37 -8.37 -6.49 -13.58
C CYS A 37 -9.56 -5.68 -13.05
N SER A 38 -10.57 -6.39 -12.55
CA SER A 38 -11.77 -5.74 -12.02
C SER A 38 -11.62 -5.47 -10.53
N TYR A 39 -10.88 -6.34 -9.85
CA TYR A 39 -10.67 -6.20 -8.41
C TYR A 39 -10.09 -4.83 -8.07
N CYS A 40 -9.60 -4.14 -9.09
CA CYS A 40 -9.01 -2.81 -8.91
C CYS A 40 -10.02 -1.85 -8.30
N THR A 41 -11.24 -1.85 -8.84
CA THR A 41 -12.30 -0.98 -8.36
C THR A 41 -12.80 -1.43 -7.00
N MET A 42 -12.68 -2.73 -6.73
CA MET A 42 -13.13 -3.29 -5.46
C MET A 42 -12.43 -2.61 -4.29
N ALA A 43 -11.09 -2.61 -4.33
CA ALA A 43 -10.30 -1.99 -3.27
C ALA A 43 -10.65 -0.51 -3.13
N LYS A 44 -10.44 0.26 -4.19
CA LYS A 44 -10.73 1.68 -4.17
C LYS A 44 -12.14 1.95 -3.67
N LYS A 45 -13.12 1.29 -4.27
CA LYS A 45 -14.51 1.44 -3.87
C LYS A 45 -14.70 1.10 -2.40
N LEU A 46 -14.13 -0.02 -1.98
CA LEU A 46 -14.24 -0.48 -0.59
C LEU A 46 -13.92 0.66 0.37
N PHE A 47 -12.68 1.13 0.33
CA PHE A 47 -12.23 2.22 1.20
C PHE A 47 -13.10 3.46 0.99
N HIS A 48 -13.36 3.78 -0.27
CA HIS A 48 -14.17 4.95 -0.61
C HIS A 48 -15.49 4.93 0.15
N ASP A 49 -16.17 3.78 0.13
CA ASP A 49 -17.44 3.63 0.81
C ASP A 49 -17.28 3.81 2.32
N MET A 50 -16.15 3.34 2.85
CA MET A 50 -15.87 3.45 4.27
C MET A 50 -15.52 4.88 4.65
N ASN A 51 -15.21 5.70 3.64
CA ASN A 51 -14.85 7.09 3.87
C ASN A 51 -13.49 7.20 4.56
N VAL A 52 -12.61 6.26 4.26
CA VAL A 52 -11.27 6.25 4.85
C VAL A 52 -10.22 6.74 3.85
N ASN A 53 -9.74 7.96 4.07
CA ASN A 53 -8.74 8.55 3.19
C ASN A 53 -7.75 7.49 2.70
N TYR A 54 -7.79 7.20 1.41
CA TYR A 54 -6.90 6.21 0.81
C TYR A 54 -6.08 6.81 -0.32
N LYS A 55 -5.04 6.11 -0.74
CA LYS A 55 -4.18 6.56 -1.82
C LYS A 55 -3.97 5.47 -2.85
N VAL A 56 -4.62 5.60 -4.00
CA VAL A 56 -4.49 4.62 -5.08
C VAL A 56 -3.48 5.07 -6.12
N VAL A 57 -2.75 4.12 -6.68
CA VAL A 57 -1.75 4.41 -7.69
C VAL A 57 -1.79 3.40 -8.83
N GLU A 58 -2.31 3.82 -9.98
CA GLU A 58 -2.42 2.95 -11.14
C GLU A 58 -1.06 2.78 -11.82
N LEU A 59 -0.46 1.62 -11.62
CA LEU A 59 0.84 1.33 -12.22
C LEU A 59 0.73 1.15 -13.73
N ASP A 60 -0.40 0.61 -14.17
CA ASP A 60 -0.65 0.38 -15.59
C ASP A 60 -0.64 1.71 -16.36
N LEU A 61 -1.32 2.70 -15.81
CA LEU A 61 -1.39 4.02 -16.44
C LEU A 61 -0.03 4.72 -16.40
N LEU A 62 0.73 4.45 -15.35
CA LEU A 62 2.06 5.06 -15.19
C LEU A 62 2.98 4.63 -16.33
N GLU A 63 3.97 5.46 -16.62
CA GLU A 63 4.94 5.16 -17.69
C GLU A 63 5.90 4.05 -17.26
N TYR A 64 6.53 4.24 -16.10
CA TYR A 64 7.48 3.27 -15.59
C TYR A 64 6.76 2.22 -14.74
N GLY A 65 5.49 1.98 -15.03
CA GLY A 65 4.72 1.00 -14.29
C GLY A 65 5.43 -0.34 -14.18
N ASN A 66 5.93 -0.84 -15.30
CA ASN A 66 6.62 -2.12 -15.33
C ASN A 66 7.74 -2.14 -14.29
N GLN A 67 8.17 -0.96 -13.88
CA GLN A 67 9.24 -0.85 -12.88
C GLN A 67 8.70 -1.06 -11.47
N PHE A 68 7.93 -0.10 -10.98
CA PHE A 68 7.35 -0.18 -9.65
C PHE A 68 6.54 -1.46 -9.49
N GLN A 69 6.07 -2.00 -10.61
CA GLN A 69 5.27 -3.22 -10.58
C GLN A 69 6.11 -4.41 -10.12
N ASP A 70 7.36 -4.44 -10.56
CA ASP A 70 8.26 -5.53 -10.19
C ASP A 70 8.64 -5.44 -8.72
N ALA A 71 9.32 -4.36 -8.35
CA ALA A 71 9.74 -4.17 -6.96
C ALA A 71 8.65 -4.60 -5.99
N LEU A 72 7.43 -4.15 -6.24
CA LEU A 72 6.30 -4.48 -5.38
C LEU A 72 6.05 -5.99 -5.39
N TYR A 73 6.09 -6.59 -6.58
CA TYR A 73 5.87 -8.02 -6.71
C TYR A 73 6.79 -8.81 -5.78
N LYS A 74 7.96 -8.25 -5.50
CA LYS A 74 8.92 -8.89 -4.61
C LYS A 74 8.51 -8.74 -3.15
N MET A 75 8.19 -7.51 -2.75
CA MET A 75 7.79 -7.23 -1.39
C MET A 75 6.67 -8.18 -0.95
N THR A 76 5.97 -8.75 -1.93
CA THR A 76 4.88 -9.67 -1.64
C THR A 76 5.23 -11.10 -2.07
N GLY A 77 5.50 -11.27 -3.36
CA GLY A 77 5.84 -12.58 -3.87
C GLY A 77 4.91 -13.03 -4.98
N GLU A 78 4.06 -12.13 -5.43
CA GLU A 78 3.10 -12.45 -6.49
C GLU A 78 2.65 -11.18 -7.22
N ARG A 79 2.13 -11.36 -8.42
CA ARG A 79 1.66 -10.23 -9.23
C ARG A 79 0.14 -10.13 -9.18
N THR A 80 -0.41 -10.10 -7.97
CA THR A 80 -1.85 -9.99 -7.79
C THR A 80 -2.26 -8.57 -7.45
N VAL A 81 -3.38 -8.13 -8.02
CA VAL A 81 -3.89 -6.78 -7.76
C VAL A 81 -5.39 -6.81 -7.50
N PRO A 82 -5.89 -5.74 -6.86
CA PRO A 82 -5.05 -4.61 -6.42
C PRO A 82 -4.13 -4.99 -5.28
N ARG A 83 -3.37 -4.01 -4.79
CA ARG A 83 -2.43 -4.24 -3.70
C ARG A 83 -2.66 -3.24 -2.57
N ILE A 84 -3.11 -3.73 -1.42
CA ILE A 84 -3.37 -2.88 -0.28
C ILE A 84 -2.29 -3.05 0.79
N PHE A 85 -1.77 -1.94 1.29
CA PHE A 85 -0.73 -1.96 2.31
C PHE A 85 -1.11 -1.06 3.48
N VAL A 86 -1.25 -1.65 4.66
CA VAL A 86 -1.60 -0.90 5.86
C VAL A 86 -0.39 -0.75 6.78
N ASN A 87 0.13 0.47 6.86
CA ASN A 87 1.28 0.75 7.71
C ASN A 87 2.51 -0.03 7.24
N GLY A 88 2.58 -0.29 5.94
CA GLY A 88 3.69 -1.03 5.38
C GLY A 88 3.56 -2.53 5.58
N THR A 89 2.32 -3.02 5.51
CA THR A 89 2.06 -4.44 5.69
C THR A 89 1.04 -4.94 4.66
N PHE A 90 1.29 -6.12 4.13
CA PHE A 90 0.39 -6.72 3.14
C PHE A 90 -0.71 -7.52 3.81
N ILE A 91 -1.67 -6.81 4.41
CA ILE A 91 -2.79 -7.45 5.10
C ILE A 91 -3.61 -8.29 4.12
N GLY A 92 -3.33 -8.15 2.83
CA GLY A 92 -4.05 -8.91 1.82
C GLY A 92 -4.47 -8.05 0.65
N GLY A 93 -5.25 -8.64 -0.26
CA GLY A 93 -5.70 -7.90 -1.43
C GLY A 93 -7.12 -7.39 -1.27
N ALA A 94 -7.76 -7.07 -2.39
CA ALA A 94 -9.12 -6.56 -2.37
C ALA A 94 -10.04 -7.49 -1.58
N THR A 95 -10.11 -8.74 -1.99
CA THR A 95 -10.96 -9.72 -1.32
C THR A 95 -10.63 -9.80 0.17
N ASP A 96 -9.42 -10.25 0.48
CA ASP A 96 -8.98 -10.38 1.86
C ASP A 96 -9.26 -9.09 2.64
N THR A 97 -8.64 -8.00 2.20
CA THR A 97 -8.82 -6.70 2.84
C THR A 97 -10.29 -6.42 3.10
N HIS A 98 -11.14 -6.76 2.13
CA HIS A 98 -12.58 -6.54 2.26
C HIS A 98 -13.15 -7.35 3.42
N ARG A 99 -12.71 -8.59 3.55
CA ARG A 99 -13.17 -9.46 4.62
C ARG A 99 -12.75 -8.93 5.98
N LEU A 100 -11.52 -8.45 6.07
CA LEU A 100 -10.99 -7.90 7.32
C LEU A 100 -11.96 -6.90 7.93
N HIS A 101 -12.26 -5.84 7.17
CA HIS A 101 -13.18 -4.81 7.64
C HIS A 101 -14.44 -5.43 8.26
N LYS A 102 -14.96 -6.47 7.60
CA LYS A 102 -16.15 -7.14 8.08
C LYS A 102 -15.90 -7.78 9.45
N GLU A 103 -14.95 -8.70 9.51
CA GLU A 103 -14.62 -9.38 10.76
C GLU A 103 -14.14 -8.38 11.81
N GLY A 104 -13.67 -7.23 11.35
CA GLY A 104 -13.19 -6.20 12.25
C GLY A 104 -11.70 -6.31 12.51
N LYS A 105 -10.93 -6.48 11.43
CA LYS A 105 -9.48 -6.60 11.54
C LYS A 105 -8.78 -5.61 10.61
N LEU A 106 -9.56 -4.69 10.05
CA LEU A 106 -9.02 -3.69 9.13
C LEU A 106 -9.06 -2.30 9.76
N LEU A 107 -10.23 -1.91 10.26
CA LEU A 107 -10.41 -0.61 10.89
C LEU A 107 -9.47 -0.45 12.09
N PRO A 108 -9.36 -1.52 12.89
CA PRO A 108 -8.51 -1.53 14.09
C PRO A 108 -7.10 -1.02 13.79
N LEU A 109 -6.73 -1.04 12.51
CA LEU A 109 -5.41 -0.58 12.09
C LEU A 109 -5.47 0.85 11.56
N VAL A 110 -6.42 1.09 10.66
CA VAL A 110 -6.59 2.42 10.08
C VAL A 110 -6.50 3.50 11.15
N HIS A 111 -7.03 3.21 12.33
CA HIS A 111 -7.00 4.16 13.44
C HIS A 111 -5.70 4.05 14.22
N GLN A 112 -4.60 3.86 13.50
CA GLN A 112 -3.29 3.74 14.13
C GLN A 112 -2.26 4.61 13.43
N CYS A 113 -2.42 4.77 12.11
CA CYS A 113 -1.50 5.58 11.32
C CYS A 113 -1.64 7.05 11.70
N TYR A 114 -2.84 7.59 11.55
CA TYR A 114 -3.10 8.99 11.87
C TYR A 114 -3.55 9.15 13.32
N LEU A 115 -3.35 8.11 14.12
CA LEU A 115 -3.74 8.13 15.52
C LEU A 115 -3.14 9.34 16.23
N LYS A 116 -3.58 9.56 17.47
CA LYS A 116 -3.09 10.69 18.25
C LYS A 116 -1.58 10.83 18.12
N LYS A 117 -0.89 9.69 18.05
CA LYS A 117 0.56 9.68 17.91
C LYS A 117 0.99 9.88 16.47
N SER A 118 0.28 10.76 15.76
CA SER A 118 0.57 11.04 14.36
C SER A 118 -0.27 12.21 13.85
N LYS A 119 0.10 12.72 12.68
CA LYS A 119 -0.62 13.83 12.07
C LYS A 119 -2.12 13.52 11.96
N ARG A 120 -2.94 14.37 12.57
CA ARG A 120 -4.39 14.19 12.53
C ARG A 120 -5.05 15.31 11.74
N LYS A 121 -6.30 15.08 11.34
CA LYS A 121 -7.06 16.07 10.59
C LYS A 121 -8.51 15.62 10.40
N GLU A 122 -9.41 16.59 10.28
CA GLU A 122 -10.83 16.30 10.10
C GLU A 122 -11.42 17.14 8.98
N PHE A 123 -12.66 16.84 8.61
CA PHE A 123 -13.35 17.57 7.55
C PHE A 123 -14.86 17.43 7.68
N GLN A 124 -15.57 18.52 7.43
CA GLN A 124 -17.03 18.52 7.51
C GLN A 124 -17.66 18.60 6.13
N SER A 125 -18.87 18.07 6.00
CA SER A 125 -19.57 18.08 4.72
C SER A 125 -21.08 17.94 4.93
N GLY A 126 -21.84 18.19 3.88
CA GLY A 126 -23.29 18.09 3.97
C GLY A 126 -23.92 17.58 2.69
N PRO A 127 -24.67 16.46 2.79
CA PRO A 127 -25.33 15.86 1.64
C PRO A 127 -26.50 16.70 1.12
N SER A 128 -27.26 16.15 0.20
CA SER A 128 -28.40 16.85 -0.38
C SER A 128 -29.59 15.91 -0.54
N SER A 129 -30.80 16.47 -0.42
CA SER A 129 -32.01 15.69 -0.55
C SER A 129 -32.87 16.21 -1.69
N GLY A 130 -33.88 15.42 -2.07
CA GLY A 130 -34.76 15.82 -3.15
C GLY A 130 -35.01 14.71 -4.15
N GLY A 1 10.47 -17.14 -14.36
CA GLY A 1 11.15 -18.37 -14.03
C GLY A 1 10.69 -18.97 -12.73
N SER A 2 11.55 -19.75 -12.09
CA SER A 2 11.21 -20.40 -10.83
C SER A 2 12.20 -20.00 -9.73
N SER A 3 13.48 -20.34 -9.95
CA SER A 3 14.52 -20.02 -8.99
C SER A 3 14.69 -18.51 -8.84
N GLY A 4 13.84 -17.89 -8.03
CA GLY A 4 13.92 -16.45 -7.83
C GLY A 4 14.99 -16.07 -6.83
N SER A 5 15.67 -14.96 -7.09
CA SER A 5 16.73 -14.49 -6.21
C SER A 5 16.54 -13.00 -5.89
N SER A 6 16.18 -12.71 -4.64
CA SER A 6 15.98 -11.35 -4.20
C SER A 6 16.93 -10.98 -3.07
N GLY A 7 17.30 -9.71 -3.01
CA GLY A 7 18.22 -9.25 -1.97
C GLY A 7 19.56 -8.81 -2.53
N SER A 8 19.66 -7.54 -2.88
CA SER A 8 20.90 -7.00 -3.42
C SER A 8 21.32 -5.73 -2.69
N LEU A 9 22.44 -5.81 -1.97
CA LEU A 9 22.95 -4.68 -1.22
C LEU A 9 23.77 -3.76 -2.11
N GLU A 10 23.11 -2.78 -2.73
CA GLU A 10 23.78 -1.83 -3.60
C GLU A 10 23.36 -0.40 -3.29
N ASN A 11 24.17 0.56 -3.72
CA ASN A 11 23.88 1.97 -3.48
C ASN A 11 22.40 2.26 -3.66
N LEU A 12 21.88 3.18 -2.85
CA LEU A 12 20.47 3.55 -2.91
C LEU A 12 20.01 3.68 -4.36
N ALA A 13 20.87 4.21 -5.21
CA ALA A 13 20.56 4.38 -6.63
C ALA A 13 19.10 4.78 -6.82
N THR A 14 18.54 5.44 -5.80
CA THR A 14 17.15 5.88 -5.86
C THR A 14 16.29 4.90 -6.63
N ALA A 15 16.32 3.63 -6.21
CA ALA A 15 15.54 2.59 -6.87
C ALA A 15 14.05 2.82 -6.67
N PRO A 16 13.24 2.10 -7.46
CA PRO A 16 11.77 2.21 -7.40
C PRO A 16 11.20 1.65 -6.10
N VAL A 17 11.67 0.47 -5.71
CA VAL A 17 11.21 -0.18 -4.48
C VAL A 17 11.26 0.79 -3.31
N ASN A 18 12.33 1.56 -3.21
CA ASN A 18 12.49 2.52 -2.13
C ASN A 18 11.39 3.57 -2.18
N GLN A 19 11.04 4.01 -3.38
CA GLN A 19 10.00 5.02 -3.57
C GLN A 19 8.66 4.52 -3.03
N ILE A 20 8.52 3.21 -2.94
CA ILE A 20 7.29 2.60 -2.45
C ILE A 20 7.35 2.38 -0.94
N GLN A 21 8.53 2.02 -0.45
CA GLN A 21 8.73 1.77 0.98
C GLN A 21 8.47 3.04 1.78
N GLU A 22 8.77 4.19 1.18
CA GLU A 22 8.57 5.47 1.84
C GLU A 22 7.08 5.84 1.87
N THR A 23 6.39 5.53 0.79
CA THR A 23 4.96 5.83 0.70
C THR A 23 4.16 5.06 1.74
N ILE A 24 4.37 3.75 1.79
CA ILE A 24 3.67 2.90 2.75
C ILE A 24 3.97 3.34 4.19
N SER A 25 5.10 4.02 4.38
CA SER A 25 5.48 4.49 5.70
C SER A 25 4.71 5.75 6.08
N ASP A 26 4.84 6.79 5.27
CA ASP A 26 4.15 8.05 5.51
C ASP A 26 2.65 7.88 5.36
N ASN A 27 2.22 7.40 4.20
CA ASN A 27 0.79 7.19 3.93
C ASN A 27 0.27 5.99 4.70
N CYS A 28 -0.96 6.10 5.18
CA CYS A 28 -1.60 5.03 5.94
C CYS A 28 -1.87 3.82 5.05
N VAL A 29 -2.61 4.05 3.96
CA VAL A 29 -2.94 2.98 3.03
C VAL A 29 -2.52 3.34 1.61
N VAL A 30 -1.85 2.41 0.95
CA VAL A 30 -1.39 2.63 -0.42
C VAL A 30 -1.84 1.50 -1.34
N ILE A 31 -2.76 1.81 -2.25
CA ILE A 31 -3.27 0.81 -3.18
C ILE A 31 -2.54 0.90 -4.52
N PHE A 32 -2.22 -0.26 -5.08
CA PHE A 32 -1.53 -0.31 -6.37
C PHE A 32 -2.27 -1.21 -7.35
N SER A 33 -2.83 -0.60 -8.39
CA SER A 33 -3.58 -1.34 -9.40
C SER A 33 -2.97 -1.14 -10.78
N LYS A 34 -3.47 -1.89 -11.76
CA LYS A 34 -2.97 -1.80 -13.13
C LYS A 34 -4.12 -1.54 -14.10
N THR A 35 -5.28 -1.20 -13.56
CA THR A 35 -6.46 -0.93 -14.39
C THR A 35 -6.68 -2.04 -15.40
N SER A 36 -6.36 -3.27 -15.02
CA SER A 36 -6.53 -4.42 -15.90
C SER A 36 -7.56 -5.38 -15.35
N CYS A 37 -7.51 -5.62 -14.04
CA CYS A 37 -8.45 -6.52 -13.39
C CYS A 37 -9.62 -5.74 -12.78
N SER A 38 -10.69 -6.47 -12.45
CA SER A 38 -11.87 -5.86 -11.87
C SER A 38 -11.69 -5.61 -10.38
N TYR A 39 -10.91 -6.48 -9.74
CA TYR A 39 -10.66 -6.36 -8.31
C TYR A 39 -10.24 -4.93 -7.94
N CYS A 40 -9.55 -4.28 -8.87
CA CYS A 40 -9.10 -2.91 -8.64
C CYS A 40 -10.27 -1.99 -8.30
N THR A 41 -11.42 -2.26 -8.93
CA THR A 41 -12.61 -1.45 -8.70
C THR A 41 -13.22 -1.74 -7.33
N MET A 42 -12.88 -2.91 -6.78
CA MET A 42 -13.39 -3.30 -5.48
C MET A 42 -12.66 -2.57 -4.36
N ALA A 43 -11.34 -2.70 -4.33
CA ALA A 43 -10.53 -2.05 -3.31
C ALA A 43 -10.91 -0.58 -3.16
N LYS A 44 -10.87 0.15 -4.28
CA LYS A 44 -11.22 1.57 -4.27
C LYS A 44 -12.56 1.80 -3.59
N LYS A 45 -13.62 1.24 -4.17
CA LYS A 45 -14.96 1.37 -3.61
C LYS A 45 -14.96 1.07 -2.12
N LEU A 46 -14.44 -0.10 -1.76
CA LEU A 46 -14.38 -0.51 -0.36
C LEU A 46 -14.03 0.67 0.54
N PHE A 47 -12.79 1.15 0.41
CA PHE A 47 -12.32 2.28 1.22
C PHE A 47 -13.20 3.51 0.98
N HIS A 48 -13.53 3.76 -0.28
CA HIS A 48 -14.37 4.90 -0.63
C HIS A 48 -15.59 4.99 0.28
N ASP A 49 -16.35 3.90 0.34
CA ASP A 49 -17.55 3.85 1.16
C ASP A 49 -17.19 4.03 2.64
N MET A 50 -16.00 3.60 3.01
CA MET A 50 -15.55 3.71 4.39
C MET A 50 -15.09 5.13 4.70
N ASN A 51 -15.04 5.97 3.67
CA ASN A 51 -14.62 7.36 3.84
C ASN A 51 -13.23 7.44 4.46
N VAL A 52 -12.38 6.48 4.13
CA VAL A 52 -11.02 6.44 4.65
C VAL A 52 -10.02 6.91 3.60
N ASN A 53 -9.57 8.16 3.73
CA ASN A 53 -8.60 8.72 2.80
C ASN A 53 -7.57 7.69 2.40
N TYR A 54 -7.63 7.25 1.14
CA TYR A 54 -6.69 6.26 0.63
C TYR A 54 -5.86 6.83 -0.51
N LYS A 55 -4.86 6.07 -0.95
CA LYS A 55 -3.98 6.50 -2.03
C LYS A 55 -3.82 5.41 -3.08
N VAL A 56 -4.47 5.58 -4.22
CA VAL A 56 -4.40 4.61 -5.30
C VAL A 56 -3.35 5.00 -6.33
N VAL A 57 -2.67 4.01 -6.88
CA VAL A 57 -1.64 4.25 -7.88
C VAL A 57 -1.74 3.26 -9.03
N GLU A 58 -1.94 3.80 -10.24
CA GLU A 58 -2.07 2.97 -11.43
C GLU A 58 -0.72 2.75 -12.08
N LEU A 59 -0.17 1.54 -11.92
CA LEU A 59 1.12 1.20 -12.49
C LEU A 59 1.04 1.14 -14.01
N ASP A 60 0.01 0.47 -14.52
CA ASP A 60 -0.18 0.34 -15.96
C ASP A 60 -0.11 1.70 -16.65
N LEU A 61 -0.78 2.69 -16.05
CA LEU A 61 -0.79 4.03 -16.61
C LEU A 61 0.57 4.71 -16.46
N LEU A 62 1.20 4.49 -15.32
CA LEU A 62 2.52 5.06 -15.05
C LEU A 62 3.47 4.80 -16.20
N GLU A 63 4.54 5.59 -16.28
CA GLU A 63 5.53 5.44 -17.33
C GLU A 63 6.49 4.29 -17.01
N TYR A 64 6.95 4.23 -15.77
CA TYR A 64 7.87 3.19 -15.34
C TYR A 64 7.13 2.08 -14.62
N GLY A 65 5.89 1.85 -15.00
CA GLY A 65 5.08 0.82 -14.38
C GLY A 65 5.83 -0.51 -14.27
N ASN A 66 6.34 -0.99 -15.40
CA ASN A 66 7.07 -2.25 -15.43
C ASN A 66 8.07 -2.32 -14.28
N GLN A 67 8.52 -1.15 -13.81
CA GLN A 67 9.48 -1.08 -12.72
C GLN A 67 8.80 -1.30 -11.38
N PHE A 68 7.99 -0.34 -10.96
CA PHE A 68 7.27 -0.43 -9.70
C PHE A 68 6.42 -1.69 -9.65
N GLN A 69 6.22 -2.32 -10.80
CA GLN A 69 5.42 -3.53 -10.89
C GLN A 69 6.19 -4.73 -10.32
N ASP A 70 7.46 -4.85 -10.71
CA ASP A 70 8.30 -5.94 -10.24
C ASP A 70 8.73 -5.72 -8.79
N ALA A 71 9.17 -4.51 -8.49
CA ALA A 71 9.61 -4.16 -7.14
C ALA A 71 8.60 -4.63 -6.10
N LEU A 72 7.33 -4.36 -6.34
CA LEU A 72 6.27 -4.75 -5.43
C LEU A 72 6.18 -6.27 -5.32
N TYR A 73 6.12 -6.94 -6.47
CA TYR A 73 6.05 -8.39 -6.49
C TYR A 73 7.03 -9.02 -5.51
N LYS A 74 8.16 -8.34 -5.31
CA LYS A 74 9.18 -8.84 -4.38
C LYS A 74 8.74 -8.62 -2.93
N MET A 75 8.23 -7.43 -2.64
CA MET A 75 7.77 -7.11 -1.29
C MET A 75 6.44 -7.78 -0.99
N THR A 76 5.78 -8.28 -2.03
CA THR A 76 4.50 -8.94 -1.88
C THR A 76 4.63 -10.45 -2.06
N GLY A 77 5.66 -10.86 -2.80
CA GLY A 77 5.88 -12.28 -3.04
C GLY A 77 4.84 -12.87 -3.98
N GLU A 78 4.20 -12.02 -4.77
CA GLU A 78 3.18 -12.48 -5.71
C GLU A 78 2.81 -11.37 -6.69
N ARG A 79 1.87 -11.66 -7.57
CA ARG A 79 1.42 -10.69 -8.56
C ARG A 79 -0.10 -10.54 -8.55
N THR A 80 -0.67 -10.52 -7.35
CA THR A 80 -2.13 -10.39 -7.20
C THR A 80 -2.51 -8.95 -6.90
N VAL A 81 -3.19 -8.32 -7.84
CA VAL A 81 -3.63 -6.93 -7.70
C VAL A 81 -5.14 -6.85 -7.50
N PRO A 82 -5.60 -5.74 -6.91
CA PRO A 82 -4.72 -4.64 -6.49
C PRO A 82 -3.85 -5.03 -5.29
N ARG A 83 -3.03 -4.10 -4.84
CA ARG A 83 -2.14 -4.34 -3.70
C ARG A 83 -2.41 -3.33 -2.59
N ILE A 84 -2.95 -3.82 -1.47
CA ILE A 84 -3.25 -2.97 -0.33
C ILE A 84 -2.22 -3.14 0.77
N PHE A 85 -1.70 -2.02 1.27
CA PHE A 85 -0.70 -2.05 2.34
C PHE A 85 -1.14 -1.19 3.52
N VAL A 86 -1.29 -1.82 4.69
CA VAL A 86 -1.71 -1.11 5.89
C VAL A 86 -0.56 -1.00 6.88
N ASN A 87 -0.02 0.21 7.00
CA ASN A 87 1.09 0.46 7.92
C ASN A 87 2.36 -0.26 7.45
N GLY A 88 2.51 -0.37 6.14
CA GLY A 88 3.68 -1.04 5.58
C GLY A 88 3.60 -2.54 5.71
N THR A 89 2.39 -3.08 5.62
CA THR A 89 2.18 -4.53 5.73
C THR A 89 1.13 -5.00 4.72
N PHE A 90 1.33 -6.22 4.22
CA PHE A 90 0.40 -6.80 3.25
C PHE A 90 -0.73 -7.55 3.95
N ILE A 91 -1.77 -6.83 4.33
CA ILE A 91 -2.91 -7.43 5.01
C ILE A 91 -3.72 -8.30 4.06
N GLY A 92 -3.56 -8.06 2.76
CA GLY A 92 -4.28 -8.83 1.77
C GLY A 92 -4.67 -8.00 0.56
N GLY A 93 -5.28 -8.64 -0.42
CA GLY A 93 -5.70 -7.94 -1.62
C GLY A 93 -7.10 -7.37 -1.51
N ALA A 94 -7.78 -7.25 -2.64
CA ALA A 94 -9.15 -6.72 -2.66
C ALA A 94 -10.05 -7.51 -1.71
N THR A 95 -10.27 -8.78 -2.03
CA THR A 95 -11.12 -9.62 -1.21
C THR A 95 -10.72 -9.56 0.26
N ASP A 96 -9.56 -10.13 0.57
CA ASP A 96 -9.06 -10.13 1.94
C ASP A 96 -9.35 -8.81 2.63
N THR A 97 -8.67 -7.75 2.20
CA THR A 97 -8.86 -6.43 2.78
C THR A 97 -10.34 -6.14 3.03
N HIS A 98 -11.17 -6.44 2.02
CA HIS A 98 -12.61 -6.21 2.14
C HIS A 98 -13.20 -7.07 3.25
N ARG A 99 -12.72 -8.31 3.35
CA ARG A 99 -13.22 -9.23 4.37
C ARG A 99 -12.85 -8.75 5.78
N LEU A 100 -11.68 -8.11 5.88
CA LEU A 100 -11.21 -7.60 7.16
C LEU A 100 -12.23 -6.65 7.78
N HIS A 101 -12.55 -5.58 7.06
CA HIS A 101 -13.52 -4.60 7.53
C HIS A 101 -14.72 -5.28 8.17
N LYS A 102 -15.26 -6.29 7.47
CA LYS A 102 -16.42 -7.02 7.97
C LYS A 102 -16.11 -7.67 9.31
N GLU A 103 -14.95 -8.32 9.41
CA GLU A 103 -14.55 -8.98 10.65
C GLU A 103 -14.12 -7.95 11.70
N GLY A 104 -13.82 -6.74 11.24
CA GLY A 104 -13.39 -5.68 12.15
C GLY A 104 -11.89 -5.68 12.36
N LYS A 105 -11.16 -6.29 11.44
CA LYS A 105 -9.70 -6.35 11.53
C LYS A 105 -9.06 -5.48 10.46
N LEU A 106 -9.75 -4.40 10.08
CA LEU A 106 -9.24 -3.48 9.07
C LEU A 106 -9.14 -2.07 9.61
N LEU A 107 -10.16 -1.66 10.36
CA LEU A 107 -10.19 -0.32 10.95
C LEU A 107 -9.15 -0.19 12.06
N PRO A 108 -9.06 -1.22 12.92
CA PRO A 108 -8.11 -1.24 14.03
C PRO A 108 -6.70 -0.85 13.59
N LEU A 109 -6.45 -0.92 12.29
CA LEU A 109 -5.13 -0.59 11.75
C LEU A 109 -5.12 0.86 11.27
N VAL A 110 -6.16 1.26 10.56
CA VAL A 110 -6.26 2.62 10.04
C VAL A 110 -6.21 3.65 11.16
N HIS A 111 -6.68 3.24 12.34
CA HIS A 111 -6.69 4.13 13.50
C HIS A 111 -5.39 4.00 14.30
N GLN A 112 -4.34 3.53 13.62
CA GLN A 112 -3.05 3.34 14.27
C GLN A 112 -1.95 4.09 13.51
N CYS A 113 -2.14 4.23 12.19
CA CYS A 113 -1.18 4.93 11.35
C CYS A 113 -1.08 6.40 11.74
N TYR A 114 -2.22 7.07 11.76
CA TYR A 114 -2.27 8.49 12.10
C TYR A 114 -2.45 8.68 13.60
N LEU A 115 -2.07 7.66 14.37
CA LEU A 115 -2.20 7.71 15.83
C LEU A 115 -0.97 8.37 16.45
N LYS A 116 -1.00 8.52 17.77
CA LYS A 116 0.11 9.14 18.49
C LYS A 116 1.44 8.81 17.82
N LYS A 117 2.17 9.85 17.43
CA LYS A 117 3.47 9.66 16.77
C LYS A 117 4.56 9.40 17.81
N SER A 118 4.97 8.14 17.91
CA SER A 118 6.00 7.74 18.86
C SER A 118 7.34 8.40 18.52
N LYS A 119 8.36 8.11 19.32
CA LYS A 119 9.68 8.68 19.09
C LYS A 119 10.54 7.76 18.22
N ARG A 120 9.96 7.31 17.11
CA ARG A 120 10.67 6.44 16.20
C ARG A 120 11.42 7.23 15.13
N LYS A 121 12.28 6.55 14.38
CA LYS A 121 13.06 7.20 13.32
C LYS A 121 12.26 7.29 12.03
N GLU A 122 12.51 8.33 11.26
CA GLU A 122 11.80 8.53 9.99
C GLU A 122 12.64 9.38 9.04
N PHE A 123 12.61 9.02 7.76
CA PHE A 123 13.36 9.75 6.74
C PHE A 123 12.44 10.30 5.67
N GLN A 124 12.49 11.61 5.47
CA GLN A 124 11.64 12.26 4.47
C GLN A 124 12.28 12.17 3.08
N SER A 125 11.45 12.10 2.05
CA SER A 125 11.93 12.01 0.67
C SER A 125 10.78 12.12 -0.31
N GLY A 126 11.00 12.86 -1.40
CA GLY A 126 9.98 13.03 -2.41
C GLY A 126 10.15 14.31 -3.19
N PRO A 127 10.48 14.18 -4.49
CA PRO A 127 10.68 15.33 -5.37
C PRO A 127 9.37 16.06 -5.69
N SER A 128 9.47 17.33 -6.05
CA SER A 128 8.29 18.12 -6.38
C SER A 128 8.37 18.66 -7.81
N SER A 129 7.49 18.15 -8.67
CA SER A 129 7.46 18.58 -10.07
C SER A 129 6.19 18.10 -10.75
N GLY A 130 5.96 18.57 -11.97
CA GLY A 130 4.78 18.16 -12.72
C GLY A 130 5.04 17.02 -13.67
#